data_6XCM
#
_entry.id   6XCM
#
_cell.length_a   1.00
_cell.length_b   1.00
_cell.length_c   1.00
_cell.angle_alpha   90.00
_cell.angle_beta   90.00
_cell.angle_gamma   90.00
#
_symmetry.space_group_name_H-M   'P 1'
#
loop_
_entity.id
_entity.type
_entity.pdbx_description
1 polymer 'Spike glycoprotein'
2 polymer 'C105 Fab Heavy Chain'
3 polymer 'C105 Fab Light Chain'
4 branched 2-acetamido-2-deoxy-beta-D-glucopyranose-(1-4)-2-acetamido-2-deoxy-beta-D-glucopyranose
5 branched alpha-L-fucopyranose-(1-6)-2-acetamido-2-deoxy-beta-D-glucopyranose
6 branched 2-acetamido-2-deoxy-beta-D-glucopyranose-(1-4)-[alpha-L-fucopyranose-(1-6)]2-acetamido-2-deoxy-beta-D-glucopyranose
7 branched beta-D-mannopyranose-(1-4)-2-acetamido-2-deoxy-beta-D-glucopyranose-(1-4)-2-acetamido-2-deoxy-beta-D-glucopyranose
8 non-polymer 2-acetamido-2-deoxy-beta-D-glucopyranose
#
loop_
_entity_poly.entity_id
_entity_poly.type
_entity_poly.pdbx_seq_one_letter_code
_entity_poly.pdbx_strand_id
1 'polypeptide(L)'
;MFVFLVLLPLVSSQCVNLTTRTQLPPAYTNSFTRGVYYPDKVFRSSVLHSTQDLFLPFFSNVTWFHAIHVSGTNGTKRFD
NPVLPFNDGVYFASTEKSNIIRGWIFGTTLDSKTQSLLIVNNATNVVIKVCEFQFCNDPFLGVYYHKNNKSWMESEFRVY
SSANNCTFEYVSQPFLMDLEGKQGNFKNLREFVFKNIDGYFKIYSKHTPINLVRDLPQGFSALEPLVDLPIGINITRFQT
LLALHRSYLTPGDSSSGWTAGAAAYYVGYLQPRTFLLKYNENGTITDAVDCALDPLSETKCTLKSFTVEKGIYQTSNFRV
QPTESIVRFPNITNLCPFGEVFNATRFASVYAWNRKRISNCVADYSVLYNSASFSTFKCYGVSPTKLNDLCFTNVYADSF
VIRGDEVRQIAPGQTGKIADYNYKLPDDFTGCVIAWNSNNLDSKVGGNYNYLYRLFRKSNLKPFERDISTEIYQAGSTPC
NGVEGFNCYFPLQSYGFQPTNGVGYQPYRVVVLSFELLHAPATVCGPKKSTNLVKNKCVNFNFNGLTGTGVLTESNKKFL
PFQQFGRDIADTTDAVRDPQTLEILDITPCSFGGVSVITPGTNTSNEVAVLYQDVNCTEVPVAIHADQLTPTWRVYSTGS
NVFQTRAGCLIGAEHVNNSYECDIPIGAGICASYQTQTNSPRRARSVASQSIIAYTMSLGAENSVAYSNNSIAIPTNFTI
SVTTEILPVSMTKTSVDCTMYICGDSTECSNLLLQYGSFCTQLNRALTGIAVEQDKNTQEVFAQVKQIYKTPPIKDFGGF
NFSQILPDPSKPSKRSFIEDLLFNKVTLADAGFIKQYGDCLGDIAARDLICAQKFNGLTVLPPLLTDEMIAQYTSALLAG
TITSGWTFGAGAALQIPFAMQMAYRFNGIGVTQNVLYENQKLIANQFNSAIGKIQDSLSSTASALGKLQDVVNQNAQALN
TLVKQLSSNFGAISSVLNDILSRLDPPEAEVQIDRLITGRLQSLQTYVTQQLIRAAEIRASANLAATKMSECVLGQSKRV
DFCGKGYHLMSFPQSAPHGVVFLHVTYVPAQEKNFTTAPAICHDGKAHFPREGVFVSNGTHWFVTQRNFYEPQIITTDNT
FVSGNCDVVIGIVNNTVYDPLQPELDSFKEELDKYFKNHTSPDVDLGDISGINASVVNIQKEIDRLNEVAKNLNESLIDL
QELGKYEQYIKWPSGRLVPRGSPGSGYIPEAPRDGQAYVRKDGEWVLLSTFLGHHHHHH
;
A,B,C
2 'polypeptide(L)'
;QVQLVESGGGLIQPGGSLRLSCAASGFTVSSNYMSWVRQAPGKGLEWVSVIYSGGSTYYADSVKGRFTISRDNSKNTLYL
QMNSLRAEDTAVYYCARGEGWELPYDYWGQGTLVTVSSASTKGPSVFPLAPSSKSTSGGTAALGCLVKDYFPEPVTVSWN
SGALTSGVHTFPAVLQSS(UNK)LYSLSSVVTVPSSSLGTQTYICNVNHKPSNTKVDKRVEPKSCDKTHHHHHH
;
H,N
3 'polypeptide(L)'
;QSALTQPPSASGSPGQSVTISCTGTSSDVGGYKYVSWYQQHPGKAPKLMIYEVSKRPSGVPDRFSGSKSGNTASLTVSGL
QAEDEADYYCSSYEGSNNFVVFGGGTKLTVLGQPKAAPSVTLFPPSSEELQANKATLVCLISDFYPGAVTVAWKADSSPV
KAGVETTTPSKQSNNKYAASSYLSLTPEQWKSHRSYSCQVTHEGSTVEKTVAPTECS
;
L,S
#
loop_
_chem_comp.id
_chem_comp.type
_chem_comp.name
_chem_comp.formula
BMA D-saccharide, beta linking beta-D-mannopyranose 'C6 H12 O6'
FUC L-saccharide, alpha linking alpha-L-fucopyranose 'C6 H12 O5'
NAG D-saccharide, beta linking 2-acetamido-2-deoxy-beta-D-glucopyranose 'C8 H15 N O6'
#
# COMPACT_ATOMS: atom_id res chain seq x y z
N ALA A 27 52.63 -18.31 21.17
CA ALA A 27 52.75 -18.70 19.77
C ALA A 27 51.39 -18.60 19.09
N TYR A 28 51.34 -18.91 17.80
CA TYR A 28 50.10 -18.86 17.04
C TYR A 28 50.07 -20.04 16.08
N THR A 29 48.93 -20.21 15.42
CA THR A 29 48.76 -21.27 14.43
C THR A 29 47.59 -20.87 13.52
N ASN A 30 47.12 -21.81 12.71
CA ASN A 30 46.10 -21.55 11.71
C ASN A 30 44.89 -22.44 11.98
N SER A 31 43.71 -21.85 11.83
CA SER A 31 42.44 -22.57 11.95
C SER A 31 41.83 -22.58 10.56
N PHE A 32 42.14 -23.62 9.79
CA PHE A 32 41.85 -23.62 8.38
C PHE A 32 40.36 -23.51 8.06
N THR A 33 39.60 -24.56 8.36
CA THR A 33 38.17 -24.54 8.08
C THR A 33 37.37 -25.07 9.26
N ARG A 34 37.94 -25.07 10.44
CA ARG A 34 37.25 -25.63 11.59
C ARG A 34 36.27 -24.61 12.16
N GLY A 35 35.32 -25.12 12.94
CA GLY A 35 34.46 -24.26 13.72
C GLY A 35 33.20 -23.85 13.00
N VAL A 36 32.60 -24.76 12.25
CA VAL A 36 31.30 -24.55 11.63
C VAL A 36 30.31 -25.43 12.35
N TYR A 37 29.38 -24.82 13.07
CA TYR A 37 28.40 -25.54 13.86
C TYR A 37 27.05 -25.48 13.17
N TYR A 38 26.18 -26.42 13.49
CA TYR A 38 24.85 -26.34 12.96
C TYR A 38 24.16 -25.14 13.58
N PRO A 39 23.86 -24.09 12.83
CA PRO A 39 23.36 -22.86 13.45
C PRO A 39 22.00 -22.99 14.09
N ASP A 40 21.26 -24.06 13.83
CA ASP A 40 19.98 -24.28 14.48
C ASP A 40 19.61 -25.75 14.36
N LYS A 41 18.38 -26.09 14.72
CA LYS A 41 17.94 -27.48 14.80
C LYS A 41 17.07 -27.88 13.62
N VAL A 42 17.28 -27.26 12.48
CA VAL A 42 16.50 -27.53 11.27
C VAL A 42 17.23 -28.55 10.42
N PHE A 43 16.47 -29.47 9.83
CA PHE A 43 17.01 -30.51 8.96
C PHE A 43 16.88 -30.08 7.51
N ARG A 44 17.95 -30.24 6.75
CA ARG A 44 17.96 -29.93 5.33
C ARG A 44 18.77 -30.99 4.62
N SER A 45 18.32 -31.40 3.45
CA SER A 45 18.94 -32.52 2.74
C SER A 45 19.37 -32.08 1.36
N SER A 46 20.65 -32.23 1.06
CA SER A 46 21.21 -31.96 -0.26
C SER A 46 20.81 -30.57 -0.75
N VAL A 47 21.12 -29.57 0.06
CA VAL A 47 20.70 -28.21 -0.24
C VAL A 47 21.68 -27.22 0.38
N LEU A 48 22.17 -26.29 -0.43
CA LEU A 48 23.13 -25.29 0.03
C LEU A 48 22.39 -24.16 0.72
N HIS A 49 22.55 -24.05 2.03
CA HIS A 49 21.92 -23.01 2.82
C HIS A 49 22.94 -21.95 3.18
N SER A 50 22.51 -20.69 3.20
CA SER A 50 23.39 -19.54 3.36
C SER A 50 22.92 -18.72 4.54
N THR A 51 23.52 -18.93 5.70
CA THR A 51 23.10 -18.27 6.93
C THR A 51 24.09 -17.20 7.34
N GLN A 52 23.64 -16.30 8.19
CA GLN A 52 24.44 -15.17 8.66
C GLN A 52 24.50 -15.25 10.18
N ASP A 53 25.67 -15.59 10.71
CA ASP A 53 25.78 -15.90 12.14
C ASP A 53 27.24 -15.82 12.51
N LEU A 54 27.50 -15.97 13.80
CA LEU A 54 28.87 -15.90 14.31
C LEU A 54 29.56 -17.22 14.09
N PHE A 55 30.51 -17.27 13.16
CA PHE A 55 31.38 -18.42 13.00
C PHE A 55 32.82 -17.96 13.07
N LEU A 56 33.70 -18.85 13.44
CA LEU A 56 35.13 -18.54 13.39
C LEU A 56 35.54 -18.41 11.94
N PRO A 57 35.98 -17.24 11.49
CA PRO A 57 36.24 -17.05 10.06
C PRO A 57 37.29 -18.03 9.56
N PHE A 58 37.09 -18.50 8.33
CA PHE A 58 38.02 -19.44 7.73
C PHE A 58 39.43 -18.86 7.71
N PHE A 59 40.41 -19.72 7.89
CA PHE A 59 41.82 -19.36 7.75
C PHE A 59 42.15 -18.14 8.59
N SER A 60 42.03 -18.29 9.91
CA SER A 60 42.20 -17.19 10.83
C SER A 60 43.40 -17.45 11.74
N ASN A 61 43.53 -16.58 12.73
CA ASN A 61 44.66 -16.57 13.65
C ASN A 61 44.17 -17.04 15.01
N VAL A 62 44.44 -18.30 15.34
CA VAL A 62 44.07 -18.85 16.62
C VAL A 62 45.33 -19.15 17.43
N THR A 63 45.27 -18.84 18.71
CA THR A 63 46.39 -18.98 19.62
C THR A 63 46.76 -20.45 19.77
N TRP A 64 47.84 -20.73 20.50
CA TRP A 64 48.25 -22.12 20.72
C TRP A 64 48.97 -22.16 22.07
N PHE A 65 48.21 -22.42 23.13
CA PHE A 65 48.80 -22.46 24.45
C PHE A 65 49.44 -23.81 24.71
N HIS A 66 49.96 -24.00 25.91
CA HIS A 66 50.77 -25.18 26.19
C HIS A 66 50.60 -25.61 27.63
N ALA A 67 50.96 -26.86 27.89
CA ALA A 67 50.85 -27.46 29.20
C ALA A 67 52.11 -28.23 29.55
N ILE A 68 53.27 -27.58 29.34
CA ILE A 68 54.56 -28.17 29.68
C ILE A 68 55.45 -27.11 30.30
N HIS A 69 56.31 -27.55 31.23
CA HIS A 69 57.27 -26.68 31.90
C HIS A 69 56.62 -25.44 32.49
N PRO A 82 45.53 -18.97 32.40
CA PRO A 82 45.76 -17.95 31.37
C PRO A 82 44.48 -17.24 30.97
N VAL A 83 44.17 -16.13 31.64
CA VAL A 83 42.94 -15.37 31.40
C VAL A 83 42.87 -14.94 29.95
N LEU A 84 41.65 -14.77 29.42
CA LEU A 84 41.42 -14.43 28.03
C LEU A 84 40.22 -13.50 27.92
N PRO A 85 39.94 -12.94 26.77
CA PRO A 85 38.66 -12.25 26.58
C PRO A 85 37.58 -13.15 26.00
N PHE A 86 36.39 -12.60 25.82
CA PHE A 86 35.22 -13.32 25.30
C PHE A 86 34.42 -12.43 24.36
N ASN A 87 35.12 -11.82 23.39
CA ASN A 87 34.54 -10.74 22.60
C ASN A 87 33.09 -11.01 22.18
N ASP A 88 32.87 -12.06 21.40
CA ASP A 88 31.51 -12.50 21.08
C ASP A 88 31.33 -13.99 21.18
N GLY A 89 32.40 -14.77 21.22
CA GLY A 89 32.30 -16.21 21.31
C GLY A 89 33.69 -16.78 21.37
N VAL A 90 33.77 -18.11 21.34
CA VAL A 90 35.06 -18.77 21.41
C VAL A 90 34.94 -20.10 20.71
N TYR A 91 35.92 -20.41 19.88
CA TYR A 91 36.09 -21.75 19.35
C TYR A 91 37.27 -22.34 20.10
N PHE A 92 36.99 -23.27 21.00
CA PHE A 92 38.01 -23.90 21.83
C PHE A 92 38.16 -25.34 21.35
N ALA A 93 39.39 -25.76 21.07
CA ALA A 93 39.57 -27.08 20.46
C ALA A 93 40.87 -27.67 20.98
N SER A 94 40.80 -28.38 22.09
CA SER A 94 41.97 -28.87 22.78
C SER A 94 42.23 -30.31 22.40
N THR A 95 43.33 -30.55 21.71
CA THR A 95 43.81 -31.92 21.61
C THR A 95 44.16 -32.42 23.00
N GLU A 96 44.25 -33.74 23.15
CA GLU A 96 44.59 -34.29 24.45
C GLU A 96 45.41 -35.55 24.26
N LYS A 97 46.18 -35.87 25.30
CA LYS A 97 46.94 -37.11 25.36
C LYS A 97 46.75 -37.87 26.66
N SER A 98 46.32 -37.20 27.73
CA SER A 98 46.02 -37.87 28.99
C SER A 98 44.76 -37.30 29.63
N ASN A 99 43.85 -36.78 28.81
CA ASN A 99 42.61 -36.16 29.29
C ASN A 99 42.92 -35.12 30.35
N ILE A 100 43.64 -34.08 29.93
CA ILE A 100 44.15 -33.09 30.87
C ILE A 100 43.22 -31.89 30.95
N ILE A 101 43.03 -31.21 29.83
CA ILE A 101 42.25 -29.97 29.85
C ILE A 101 40.80 -30.34 30.17
N ARG A 102 40.34 -29.97 31.36
CA ARG A 102 39.04 -30.39 31.85
C ARG A 102 38.03 -29.26 31.92
N GLY A 103 38.34 -28.21 32.69
CA GLY A 103 37.33 -27.29 33.14
C GLY A 103 37.22 -26.03 32.30
N TRP A 104 36.37 -25.14 32.78
CA TRP A 104 36.25 -23.80 32.26
C TRP A 104 35.85 -22.91 33.42
N ILE A 105 35.88 -21.60 33.19
CA ILE A 105 35.38 -20.61 34.12
C ILE A 105 35.00 -19.40 33.28
N PHE A 106 33.92 -18.73 33.64
CA PHE A 106 33.44 -17.64 32.81
C PHE A 106 33.12 -16.46 33.72
N GLY A 107 32.40 -15.49 33.18
CA GLY A 107 31.89 -14.40 33.99
C GLY A 107 32.33 -13.02 33.55
N THR A 108 32.33 -12.08 34.49
CA THR A 108 32.78 -10.72 34.20
C THR A 108 33.78 -10.18 35.20
N THR A 109 33.85 -10.73 36.39
CA THR A 109 34.82 -10.35 37.40
C THR A 109 35.65 -11.55 37.87
N LEU A 110 35.03 -12.71 37.98
CA LEU A 110 35.69 -13.97 38.34
C LEU A 110 36.28 -13.93 39.75
N ASP A 111 35.81 -13.01 40.59
CA ASP A 111 36.21 -12.96 41.99
C ASP A 111 35.03 -12.42 42.79
N SER A 112 34.27 -13.32 43.40
CA SER A 112 33.16 -12.99 44.29
C SER A 112 32.09 -12.15 43.62
N LYS A 113 32.09 -12.09 42.29
CA LYS A 113 31.06 -11.33 41.58
C LYS A 113 30.93 -11.78 40.14
N SER A 116 28.95 -15.39 36.70
CA SER A 116 30.02 -16.36 36.56
C SER A 116 29.47 -17.73 36.23
N LEU A 117 30.33 -18.60 35.71
CA LEU A 117 29.96 -19.97 35.39
C LEU A 117 30.99 -20.92 35.95
N LEU A 118 30.93 -22.17 35.52
CA LEU A 118 31.97 -23.15 35.77
C LEU A 118 31.63 -24.43 35.03
N ILE A 119 32.60 -25.15 34.49
CA ILE A 119 32.33 -26.50 34.04
C ILE A 119 33.44 -27.44 34.50
N VAL A 120 33.30 -27.99 35.70
CA VAL A 120 34.29 -28.96 36.16
C VAL A 120 34.06 -30.27 35.41
N ASN A 121 35.07 -31.12 35.41
CA ASN A 121 34.94 -32.46 34.89
C ASN A 121 35.72 -33.41 35.79
N ASN A 122 35.51 -33.33 37.10
CA ASN A 122 36.48 -33.90 38.04
C ASN A 122 36.51 -35.42 38.02
N ALA A 123 36.82 -35.98 36.84
CA ALA A 123 37.28 -37.35 36.67
C ALA A 123 36.20 -38.40 36.86
N THR A 124 35.04 -38.01 37.37
CA THR A 124 33.98 -38.98 37.59
C THR A 124 32.60 -38.53 37.10
N ASN A 125 32.38 -37.23 36.95
CA ASN A 125 31.03 -36.72 36.82
C ASN A 125 31.09 -35.29 36.29
N VAL A 126 30.56 -35.07 35.09
CA VAL A 126 30.47 -33.70 34.60
C VAL A 126 29.73 -32.84 35.61
N VAL A 127 30.23 -31.63 35.83
CA VAL A 127 29.62 -30.70 36.77
C VAL A 127 29.40 -29.40 36.03
N ILE A 128 28.48 -28.59 36.55
CA ILE A 128 28.33 -27.20 36.14
C ILE A 128 28.03 -26.46 37.43
N LYS A 129 27.83 -25.14 37.35
CA LYS A 129 27.33 -24.30 38.43
C LYS A 129 27.24 -22.90 37.85
N VAL A 130 26.52 -22.03 38.55
CA VAL A 130 26.50 -20.61 38.24
C VAL A 130 26.71 -19.87 39.56
N CYS A 131 27.11 -20.61 40.58
CA CYS A 131 27.32 -20.00 41.88
C CYS A 131 28.48 -19.03 41.78
N GLU A 132 28.34 -17.87 42.44
CA GLU A 132 29.34 -16.81 42.37
C GLU A 132 30.56 -17.32 43.11
N PHE A 133 31.22 -18.29 42.46
CA PHE A 133 32.33 -19.03 43.02
C PHE A 133 33.46 -18.10 43.40
N GLN A 134 34.36 -18.61 44.22
CA GLN A 134 35.66 -17.99 44.45
C GLN A 134 36.69 -19.09 44.18
N PHE A 135 37.07 -19.24 42.90
CA PHE A 135 38.16 -20.11 42.52
C PHE A 135 39.47 -19.33 42.61
N CYS A 136 40.55 -20.05 42.87
CA CYS A 136 41.84 -19.39 43.07
C CYS A 136 42.25 -18.64 41.82
N ASN A 137 43.19 -17.71 41.99
CA ASN A 137 43.77 -17.03 40.83
C ASN A 137 44.62 -17.96 39.98
N ASP A 138 44.93 -19.15 40.46
CA ASP A 138 45.64 -20.19 39.71
C ASP A 138 44.84 -21.48 39.77
N PRO A 139 43.70 -21.54 39.07
CA PRO A 139 42.87 -22.74 39.13
C PRO A 139 43.56 -23.91 38.46
N PHE A 140 43.53 -25.06 39.12
CA PHE A 140 44.01 -26.28 38.51
C PHE A 140 43.47 -27.46 39.31
N LEU A 141 43.28 -28.59 38.61
CA LEU A 141 42.76 -29.80 39.23
C LEU A 141 43.92 -30.76 39.48
N GLY A 142 44.11 -31.16 40.72
CA GLY A 142 45.23 -31.98 41.09
C GLY A 142 45.14 -33.40 40.57
N VAL A 143 45.79 -34.34 41.25
CA VAL A 143 45.73 -35.73 40.85
C VAL A 143 45.50 -36.60 42.09
N CYS A 166 24.34 -19.60 42.91
CA CYS A 166 24.09 -20.87 42.22
C CYS A 166 22.64 -21.10 41.92
N THR A 167 22.19 -20.40 40.88
CA THR A 167 20.93 -20.64 40.23
C THR A 167 21.00 -21.76 39.22
N PHE A 168 21.91 -22.71 39.40
CA PHE A 168 22.04 -23.82 38.47
C PHE A 168 22.88 -24.91 39.12
N GLU A 169 22.87 -26.07 38.50
CA GLU A 169 23.77 -27.17 38.85
C GLU A 169 23.55 -28.27 37.83
N TYR A 170 24.36 -29.32 37.95
CA TYR A 170 24.28 -30.48 37.08
C TYR A 170 25.29 -31.50 37.58
N VAL A 171 24.99 -32.79 37.48
CA VAL A 171 25.97 -33.83 37.78
C VAL A 171 25.71 -34.95 36.77
N SER A 172 26.46 -36.05 36.86
CA SER A 172 26.19 -37.23 36.06
C SER A 172 26.91 -38.44 36.62
N PHE A 186 49.23 -36.44 19.96
CA PHE A 186 47.97 -36.54 20.69
C PHE A 186 47.06 -37.56 20.04
N LYS A 187 45.90 -37.81 20.66
CA LYS A 187 44.99 -38.86 20.19
C LYS A 187 43.54 -38.43 20.07
N ASN A 188 43.10 -37.38 20.75
CA ASN A 188 41.72 -36.93 20.67
C ASN A 188 41.68 -35.41 20.57
N LEU A 189 40.68 -34.89 19.86
CA LEU A 189 40.53 -33.46 19.64
C LEU A 189 39.11 -33.08 20.02
N ARG A 190 38.94 -32.54 21.23
CA ARG A 190 37.63 -32.26 21.80
C ARG A 190 37.26 -30.81 21.49
N GLU A 191 36.83 -30.55 20.27
CA GLU A 191 36.48 -29.18 19.90
C GLU A 191 35.29 -28.69 20.70
N PHE A 192 34.99 -27.40 20.57
CA PHE A 192 33.85 -26.80 21.24
C PHE A 192 33.50 -25.51 20.53
N VAL A 193 32.43 -24.86 20.98
CA VAL A 193 32.06 -23.49 20.64
C VAL A 193 31.16 -22.99 21.76
N PHE A 194 31.44 -21.81 22.28
CA PHE A 194 30.61 -21.19 23.29
C PHE A 194 30.13 -19.85 22.77
N LYS A 195 28.83 -19.62 22.77
CA LYS A 195 28.33 -18.29 22.50
C LYS A 195 27.11 -18.03 23.36
N ASN A 196 27.14 -16.94 24.10
CA ASN A 196 26.06 -16.57 25.00
C ASN A 196 25.39 -15.33 24.44
N ILE A 197 24.35 -15.54 23.64
CA ILE A 197 23.57 -14.46 23.07
C ILE A 197 22.13 -14.59 23.58
N ASP A 198 21.59 -13.50 24.08
CA ASP A 198 20.24 -13.45 24.62
C ASP A 198 20.09 -14.44 25.79
N GLY A 199 21.00 -14.31 26.76
CA GLY A 199 20.91 -15.06 28.00
C GLY A 199 21.11 -16.56 27.88
N TYR A 200 21.08 -17.11 26.68
CA TYR A 200 21.27 -18.55 26.50
C TYR A 200 22.72 -18.84 26.18
N PHE A 201 23.29 -19.82 26.86
CA PHE A 201 24.72 -20.15 26.73
C PHE A 201 24.83 -21.50 26.04
N LYS A 202 24.89 -21.48 24.71
CA LYS A 202 24.91 -22.69 23.92
C LYS A 202 26.32 -23.21 23.74
N ILE A 203 26.49 -24.52 23.80
CA ILE A 203 27.80 -25.16 23.83
C ILE A 203 27.80 -26.26 22.77
N TYR A 204 28.18 -25.92 21.55
CA TYR A 204 28.32 -26.94 20.54
C TYR A 204 29.59 -27.74 20.80
N SER A 205 29.73 -28.88 20.14
CA SER A 205 30.90 -29.71 20.41
C SER A 205 31.10 -30.74 19.32
N LYS A 206 32.26 -31.42 19.40
CA LYS A 206 32.56 -32.60 18.60
C LYS A 206 33.83 -33.26 19.11
N HIS A 207 33.78 -34.54 19.45
CA HIS A 207 34.96 -35.24 19.97
C HIS A 207 35.64 -36.01 18.85
N THR A 208 36.00 -35.28 17.83
CA THR A 208 36.61 -35.97 16.69
C THR A 208 38.02 -36.42 17.05
N PRO A 209 38.39 -37.65 16.68
CA PRO A 209 39.72 -38.16 17.00
C PRO A 209 40.72 -37.92 15.88
N ILE A 210 41.99 -38.02 16.26
CA ILE A 210 43.12 -37.81 15.35
C ILE A 210 44.30 -38.62 15.88
N ASN A 211 45.31 -38.79 15.03
CA ASN A 211 46.62 -39.27 15.45
C ASN A 211 47.63 -38.24 14.94
N LEU A 212 47.82 -37.18 15.72
CA LEU A 212 48.66 -36.07 15.32
C LEU A 212 49.38 -35.56 16.55
N VAL A 213 50.50 -34.88 16.34
CA VAL A 213 51.36 -34.52 17.46
C VAL A 213 51.74 -33.04 17.43
N ARG A 214 51.44 -32.35 16.33
CA ARG A 214 51.92 -30.97 16.20
C ARG A 214 50.85 -29.93 16.52
N ASP A 215 49.76 -29.89 15.76
CA ASP A 215 48.83 -28.77 15.90
C ASP A 215 47.53 -29.12 15.19
N LEU A 216 46.67 -28.11 15.02
CA LEU A 216 45.33 -28.25 14.51
C LEU A 216 45.31 -29.01 13.19
N PRO A 217 44.64 -30.15 13.12
CA PRO A 217 44.63 -30.93 11.87
C PRO A 217 43.66 -30.30 10.87
N GLN A 218 44.20 -29.92 9.72
CA GLN A 218 43.38 -29.40 8.64
C GLN A 218 42.32 -30.42 8.27
N GLY A 219 41.11 -29.93 8.04
CA GLY A 219 39.98 -30.78 7.75
C GLY A 219 38.70 -30.11 8.18
N PHE A 220 37.61 -30.84 8.00
CA PHE A 220 36.28 -30.30 8.28
C PHE A 220 35.47 -31.28 9.10
N SER A 221 34.75 -30.73 10.07
CA SER A 221 33.84 -31.53 10.90
C SER A 221 32.88 -30.56 11.57
N ALA A 222 31.60 -30.65 11.24
CA ALA A 222 30.64 -29.72 11.79
C ALA A 222 30.49 -29.95 13.29
N LEU A 223 29.90 -28.97 13.97
CA LEU A 223 29.71 -29.04 15.41
C LEU A 223 28.23 -29.10 15.72
N GLU A 224 27.84 -30.08 16.54
CA GLU A 224 26.43 -30.35 16.82
C GLU A 224 26.06 -29.82 18.19
N PRO A 225 25.02 -29.01 18.31
CA PRO A 225 24.70 -28.40 19.61
C PRO A 225 24.52 -29.44 20.69
N LEU A 226 25.25 -29.25 21.79
CA LEU A 226 25.27 -30.22 22.86
C LEU A 226 24.30 -29.87 23.99
N VAL A 227 24.37 -28.64 24.50
CA VAL A 227 23.56 -28.22 25.63
C VAL A 227 22.96 -26.86 25.29
N ASP A 228 22.23 -26.29 26.25
CA ASP A 228 21.71 -24.94 26.14
C ASP A 228 21.31 -24.49 27.54
N LEU A 229 22.02 -23.53 28.09
CA LEU A 229 21.67 -23.14 29.44
C LEU A 229 21.01 -21.77 29.46
N PRO A 230 19.90 -21.61 30.18
CA PRO A 230 19.18 -20.33 30.24
C PRO A 230 19.61 -19.46 31.42
N ILE A 231 20.91 -19.22 31.53
CA ILE A 231 21.41 -18.58 32.75
C ILE A 231 21.29 -17.06 32.67
N GLY A 232 21.86 -16.45 31.64
CA GLY A 232 21.71 -15.02 31.45
C GLY A 232 22.74 -14.14 32.11
N ILE A 233 23.94 -14.64 32.35
CA ILE A 233 25.02 -13.82 32.88
C ILE A 233 25.46 -12.84 31.80
N ASN A 234 26.34 -11.92 32.19
CA ASN A 234 27.20 -11.23 31.23
C ASN A 234 28.58 -11.87 31.33
N ILE A 235 29.10 -12.34 30.21
CA ILE A 235 30.39 -13.01 30.17
C ILE A 235 31.28 -12.22 29.22
N THR A 236 32.38 -11.68 29.74
CA THR A 236 33.40 -11.02 28.95
C THR A 236 34.79 -11.39 29.42
N ARG A 237 34.97 -12.64 29.82
CA ARG A 237 36.25 -13.19 30.22
C ARG A 237 36.04 -14.66 30.51
N PHE A 238 37.09 -15.45 30.37
CA PHE A 238 37.00 -16.86 30.73
C PHE A 238 38.41 -17.37 31.03
N GLN A 239 38.56 -18.69 31.10
CA GLN A 239 39.79 -19.28 31.58
C GLN A 239 39.77 -20.76 31.21
N THR A 240 40.70 -21.52 31.77
CA THR A 240 40.75 -22.96 31.56
C THR A 240 41.36 -23.61 32.78
N LEU A 241 41.14 -24.92 32.90
CA LEU A 241 41.57 -25.70 34.04
C LEU A 241 42.28 -26.96 33.57
N LEU A 242 43.09 -27.53 34.45
CA LEU A 242 43.78 -28.77 34.16
C LEU A 242 44.42 -29.36 35.41
N ALA A 263 49.71 -30.50 26.71
CA ALA A 263 48.60 -30.45 25.76
C ALA A 263 48.46 -29.05 25.15
N ALA A 264 47.45 -28.88 24.32
CA ALA A 264 47.22 -27.62 23.63
C ALA A 264 45.75 -27.29 23.67
N TYR A 265 45.42 -26.01 23.49
CA TYR A 265 44.03 -25.62 23.33
C TYR A 265 43.95 -24.29 22.57
N TYR A 266 43.72 -24.37 21.28
CA TYR A 266 43.60 -23.18 20.47
C TYR A 266 42.31 -22.45 20.80
N VAL A 267 42.31 -21.14 20.57
CA VAL A 267 41.19 -20.32 20.98
C VAL A 267 40.88 -19.28 19.92
N GLY A 268 39.87 -19.54 19.10
CA GLY A 268 39.43 -18.58 18.11
C GLY A 268 38.59 -17.50 18.75
N TYR A 269 37.95 -16.72 17.90
CA TYR A 269 36.95 -15.76 18.33
C TYR A 269 35.98 -15.56 17.18
N LEU A 270 34.71 -15.86 17.40
CA LEU A 270 33.73 -15.73 16.34
C LEU A 270 33.60 -14.29 15.89
N GLN A 271 33.06 -14.11 14.70
CA GLN A 271 32.77 -12.80 14.13
C GLN A 271 31.51 -12.92 13.31
N PRO A 272 30.79 -11.85 13.11
CA PRO A 272 29.51 -11.95 12.38
C PRO A 272 29.70 -12.25 10.91
N ARG A 273 30.02 -13.48 10.59
CA ARG A 273 30.28 -13.90 9.22
C ARG A 273 28.99 -14.20 8.48
N THR A 274 29.13 -14.72 7.26
CA THR A 274 28.02 -15.21 6.46
C THR A 274 28.52 -16.43 5.71
N PHE A 275 28.14 -17.62 6.15
CA PHE A 275 28.64 -18.84 5.54
C PHE A 275 27.61 -19.39 4.58
N LEU A 276 28.07 -20.29 3.71
CA LEU A 276 27.20 -21.03 2.81
C LEU A 276 27.41 -22.51 3.13
N LEU A 277 26.53 -23.04 3.98
CA LEU A 277 26.66 -24.42 4.42
C LEU A 277 26.11 -25.36 3.37
N LYS A 278 26.71 -26.53 3.27
CA LYS A 278 26.30 -27.54 2.30
C LYS A 278 25.79 -28.76 3.06
N TYR A 279 24.49 -28.86 3.24
CA TYR A 279 23.90 -30.03 3.86
C TYR A 279 23.85 -31.17 2.86
N ASN A 280 24.24 -32.36 3.30
CA ASN A 280 24.20 -33.52 2.43
C ASN A 280 22.88 -34.26 2.61
N GLU A 281 22.82 -35.50 2.12
CA GLU A 281 21.55 -36.23 2.10
C GLU A 281 21.01 -36.51 3.49
N ASN A 282 21.89 -36.66 4.48
CA ASN A 282 21.48 -36.97 5.84
C ASN A 282 21.14 -35.75 6.66
N GLY A 283 21.51 -34.57 6.19
CA GLY A 283 21.35 -33.37 6.98
C GLY A 283 22.63 -32.96 7.66
N THR A 284 23.70 -33.70 7.43
CA THR A 284 24.98 -33.40 8.06
C THR A 284 25.77 -32.44 7.19
N ILE A 285 26.12 -31.28 7.75
CA ILE A 285 26.99 -30.33 7.07
C ILE A 285 28.24 -31.04 6.61
N THR A 286 28.65 -30.79 5.38
CA THR A 286 29.88 -31.37 4.85
C THR A 286 30.89 -30.34 4.38
N ASP A 287 30.49 -29.09 4.17
CA ASP A 287 31.42 -28.07 3.71
C ASP A 287 30.74 -26.72 3.81
N ALA A 288 31.54 -25.66 3.77
CA ALA A 288 31.03 -24.31 3.83
C ALA A 288 31.99 -23.38 3.11
N VAL A 289 31.52 -22.18 2.79
CA VAL A 289 32.28 -21.21 2.01
C VAL A 289 32.22 -19.87 2.71
N ASP A 290 33.33 -19.45 3.29
CA ASP A 290 33.38 -18.19 4.03
C ASP A 290 33.16 -17.06 3.05
N CYS A 291 31.96 -16.49 3.05
CA CYS A 291 31.57 -15.58 1.97
C CYS A 291 32.17 -14.21 2.12
N ALA A 292 33.26 -14.09 2.87
CA ALA A 292 34.04 -12.88 2.87
C ALA A 292 35.53 -13.18 2.76
N LEU A 293 35.88 -14.42 2.40
CA LEU A 293 37.27 -14.82 2.41
C LEU A 293 38.03 -14.25 1.24
N ASP A 294 37.67 -14.65 0.02
CA ASP A 294 38.38 -14.20 -1.17
C ASP A 294 37.37 -14.09 -2.30
N PRO A 295 37.74 -13.43 -3.41
CA PRO A 295 36.80 -13.26 -4.51
C PRO A 295 36.13 -14.53 -4.96
N LEU A 296 36.87 -15.64 -5.03
CA LEU A 296 36.24 -16.89 -5.43
C LEU A 296 35.11 -17.26 -4.49
N SER A 297 35.31 -17.04 -3.19
CA SER A 297 34.27 -17.39 -2.24
C SER A 297 33.09 -16.42 -2.32
N GLU A 298 33.36 -15.13 -2.50
CA GLU A 298 32.24 -14.22 -2.68
C GLU A 298 31.43 -14.59 -3.91
N THR A 299 32.08 -15.11 -4.95
CA THR A 299 31.37 -15.55 -6.14
C THR A 299 30.54 -16.78 -5.85
N LYS A 300 31.16 -17.80 -5.25
CA LYS A 300 30.42 -19.00 -4.87
C LYS A 300 29.22 -18.66 -4.01
N CYS A 301 29.33 -17.59 -3.23
CA CYS A 301 28.20 -17.19 -2.40
C CYS A 301 27.11 -16.55 -3.24
N THR A 302 27.45 -15.53 -4.02
CA THR A 302 26.41 -14.84 -4.78
C THR A 302 25.71 -15.77 -5.76
N LEU A 303 26.38 -16.84 -6.18
CA LEU A 303 25.71 -17.80 -7.04
C LEU A 303 24.89 -18.82 -6.27
N LYS A 304 25.27 -19.08 -5.01
CA LYS A 304 24.74 -20.21 -4.24
C LYS A 304 25.06 -21.53 -4.92
N SER A 305 26.34 -21.77 -5.12
CA SER A 305 26.82 -23.03 -5.67
C SER A 305 28.24 -23.25 -5.21
N PHE A 306 28.66 -24.51 -5.20
CA PHE A 306 30.01 -24.85 -4.79
C PHE A 306 30.95 -25.02 -5.96
N THR A 307 30.43 -25.08 -7.18
CA THR A 307 31.25 -25.10 -8.38
C THR A 307 30.80 -23.96 -9.26
N VAL A 308 31.73 -23.12 -9.66
CA VAL A 308 31.42 -21.90 -10.41
C VAL A 308 31.93 -22.07 -11.82
N GLU A 309 31.01 -22.05 -12.78
CA GLU A 309 31.36 -22.20 -14.17
C GLU A 309 32.12 -20.98 -14.66
N LYS A 310 32.86 -21.16 -15.75
CA LYS A 310 33.61 -20.06 -16.34
C LYS A 310 32.70 -18.88 -16.62
N GLY A 311 33.25 -17.69 -16.58
CA GLY A 311 32.50 -16.50 -16.90
C GLY A 311 32.96 -15.34 -16.05
N ILE A 312 32.13 -14.31 -16.00
CA ILE A 312 32.40 -13.13 -15.19
C ILE A 312 31.14 -12.81 -14.41
N TYR A 313 31.24 -12.83 -13.09
CA TYR A 313 30.11 -12.60 -12.22
C TYR A 313 30.32 -11.33 -11.41
N GLN A 314 29.23 -10.63 -11.13
CA GLN A 314 29.27 -9.44 -10.30
C GLN A 314 28.95 -9.83 -8.86
N THR A 315 29.82 -9.48 -7.93
CA THR A 315 29.66 -9.91 -6.56
C THR A 315 29.26 -8.78 -5.61
N SER A 316 30.09 -7.76 -5.49
CA SER A 316 29.82 -6.75 -4.47
C SER A 316 29.82 -5.35 -5.06
N ASN A 317 29.67 -4.35 -4.20
CA ASN A 317 29.66 -2.96 -4.62
C ASN A 317 30.70 -2.24 -3.78
N PHE A 318 31.80 -1.86 -4.40
CA PHE A 318 32.96 -1.32 -3.69
C PHE A 318 32.92 0.20 -3.67
N ARG A 319 33.17 0.79 -2.50
CA ARG A 319 33.25 2.23 -2.37
C ARG A 319 34.47 2.59 -1.54
N VAL A 320 34.84 3.85 -1.57
CA VAL A 320 35.94 4.37 -0.77
C VAL A 320 35.37 4.91 0.53
N GLN A 321 36.01 4.57 1.64
CA GLN A 321 35.34 5.16 2.79
C GLN A 321 35.93 6.54 3.09
N PRO A 322 35.11 7.47 3.58
CA PRO A 322 35.64 8.79 3.92
C PRO A 322 36.64 8.71 5.06
N THR A 323 37.72 9.47 4.94
CA THR A 323 38.84 9.39 5.87
C THR A 323 38.75 10.43 6.99
N GLU A 324 38.57 11.70 6.64
CA GLU A 324 38.50 12.78 7.61
C GLU A 324 37.04 13.06 7.96
N SER A 325 36.84 14.00 8.89
CA SER A 325 35.50 14.47 9.23
C SER A 325 35.58 16.00 9.35
N ILE A 326 35.45 16.66 8.22
CA ILE A 326 35.48 18.12 8.20
C ILE A 326 34.15 18.65 8.72
N VAL A 327 34.22 19.49 9.76
CA VAL A 327 33.06 20.13 10.36
C VAL A 327 33.38 21.61 10.47
N ARG A 328 32.67 22.44 9.73
CA ARG A 328 32.88 23.88 9.75
C ARG A 328 31.63 24.57 10.27
N PHE A 329 31.83 25.55 11.15
CA PHE A 329 30.73 26.28 11.76
C PHE A 329 31.13 27.74 11.87
N PRO A 330 30.17 28.67 11.80
CA PRO A 330 30.50 30.09 11.90
C PRO A 330 31.09 30.44 13.25
N ASN A 331 32.18 31.23 13.26
CA ASN A 331 32.86 31.50 14.50
C ASN A 331 32.04 32.41 15.39
N ILE A 332 31.37 31.81 16.36
CA ILE A 332 30.61 32.55 17.37
C ILE A 332 31.04 32.04 18.74
N THR A 333 31.27 32.97 19.67
CA THR A 333 31.58 32.59 21.04
C THR A 333 30.48 33.01 22.01
N ASN A 334 29.72 34.05 21.66
CA ASN A 334 28.67 34.54 22.54
C ASN A 334 27.66 33.46 22.84
N LEU A 335 27.44 33.19 24.12
CA LEU A 335 26.38 32.26 24.49
C LEU A 335 25.04 32.83 24.06
N CYS A 336 24.15 31.95 23.61
CA CYS A 336 22.91 32.42 23.01
C CYS A 336 21.96 32.93 24.09
N PRO A 337 21.33 34.08 23.91
CA PRO A 337 20.48 34.64 24.97
C PRO A 337 19.21 33.84 25.18
N PHE A 338 19.34 32.68 25.84
CA PHE A 338 18.17 31.89 26.20
C PHE A 338 17.62 32.28 27.56
N GLY A 339 18.46 32.78 28.46
CA GLY A 339 17.95 33.33 29.70
C GLY A 339 17.06 34.54 29.46
N GLU A 340 17.42 35.36 28.48
CA GLU A 340 16.68 36.58 28.16
C GLU A 340 15.27 36.28 27.66
N VAL A 341 14.96 35.00 27.44
CA VAL A 341 13.60 34.62 27.04
C VAL A 341 12.99 33.57 27.94
N PHE A 342 13.77 32.81 28.71
CA PHE A 342 13.22 31.81 29.60
C PHE A 342 13.18 32.29 31.05
N ASN A 343 14.23 32.95 31.52
CA ASN A 343 14.26 33.56 32.83
C ASN A 343 13.61 34.94 32.84
N ALA A 344 12.77 35.24 31.86
CA ALA A 344 12.07 36.51 31.82
C ALA A 344 11.22 36.69 33.07
N THR A 345 11.09 37.94 33.51
CA THR A 345 10.33 38.25 34.72
C THR A 345 8.85 37.92 34.54
N ARG A 346 8.36 38.00 33.31
CA ARG A 346 6.94 37.79 33.06
C ARG A 346 6.71 37.44 31.60
N PHE A 347 5.61 36.75 31.36
CA PHE A 347 5.13 36.44 30.02
C PHE A 347 4.10 37.48 29.61
N ALA A 348 3.36 37.20 28.55
CA ALA A 348 2.31 38.09 28.06
C ALA A 348 0.98 37.34 28.04
N SER A 349 -0.06 38.05 27.59
CA SER A 349 -1.36 37.43 27.41
C SER A 349 -1.29 36.40 26.29
N VAL A 350 -2.01 35.28 26.47
CA VAL A 350 -1.90 34.19 25.52
C VAL A 350 -2.40 34.61 24.15
N TYR A 351 -3.34 35.55 24.08
CA TYR A 351 -3.75 36.11 22.81
C TYR A 351 -2.94 37.33 22.41
N ALA A 352 -2.02 37.77 23.27
CA ALA A 352 -1.13 38.89 22.99
C ALA A 352 0.32 38.49 23.21
N TRP A 353 0.69 37.32 22.69
CA TRP A 353 2.02 36.77 22.92
C TRP A 353 3.07 37.59 22.19
N ASN A 354 4.31 37.49 22.69
CA ASN A 354 5.44 38.21 22.12
C ASN A 354 6.45 37.23 21.56
N ARG A 355 6.99 37.53 20.39
CA ARG A 355 7.99 36.70 19.73
C ARG A 355 9.31 37.46 19.71
N LYS A 356 10.33 36.90 20.35
CA LYS A 356 11.67 37.48 20.39
C LYS A 356 12.59 36.54 19.64
N ARG A 357 12.79 36.81 18.35
CA ARG A 357 13.71 36.02 17.56
C ARG A 357 15.13 36.18 18.09
N ILE A 358 15.97 35.19 17.81
CA ILE A 358 17.33 35.15 18.32
C ILE A 358 18.29 34.88 17.17
N SER A 359 19.49 35.43 17.27
CA SER A 359 20.51 35.25 16.25
C SER A 359 21.87 35.53 16.88
N ASN A 360 22.92 35.28 16.10
CA ASN A 360 24.30 35.45 16.53
C ASN A 360 24.56 34.68 17.84
N CYS A 361 24.37 33.38 17.76
CA CYS A 361 24.45 32.52 18.92
C CYS A 361 25.43 31.38 18.74
N VAL A 362 25.85 30.84 19.86
CA VAL A 362 26.24 29.43 19.99
C VAL A 362 25.27 28.87 21.01
N ALA A 363 24.21 28.25 20.52
CA ALA A 363 23.07 27.89 21.35
C ALA A 363 23.30 26.49 21.92
N ASP A 364 23.83 26.43 23.12
CA ASP A 364 24.03 25.14 23.78
C ASP A 364 22.70 24.60 24.28
N TYR A 365 21.96 23.93 23.41
CA TYR A 365 20.67 23.37 23.79
C TYR A 365 20.79 22.27 24.84
N SER A 366 22.00 21.83 25.16
CA SER A 366 22.16 20.77 26.15
C SER A 366 21.69 21.23 27.52
N VAL A 367 21.97 22.48 27.87
CA VAL A 367 21.56 22.99 29.18
C VAL A 367 20.04 23.09 29.26
N LEU A 368 19.39 23.54 28.18
CA LEU A 368 17.94 23.59 28.18
C LEU A 368 17.33 22.20 28.15
N TYR A 369 18.04 21.23 27.58
CA TYR A 369 17.50 19.87 27.55
C TYR A 369 17.58 19.22 28.93
N ASN A 370 18.78 19.14 29.51
CA ASN A 370 18.90 18.50 30.81
C ASN A 370 18.32 19.35 31.93
N SER A 371 17.94 20.60 31.65
CA SER A 371 17.25 21.41 32.64
C SER A 371 15.88 20.81 32.90
N ALA A 372 15.70 20.20 34.07
CA ALA A 372 14.45 19.55 34.42
C ALA A 372 13.36 20.53 34.81
N SER A 373 13.57 21.84 34.61
CA SER A 373 12.55 22.81 34.97
C SER A 373 11.32 22.70 34.07
N PHE A 374 11.52 22.43 32.79
CA PHE A 374 10.41 22.39 31.85
C PHE A 374 9.55 21.15 32.10
N SER A 375 8.25 21.30 31.88
CA SER A 375 7.32 20.22 32.14
C SER A 375 7.22 19.24 30.98
N THR A 376 7.60 19.64 29.78
CA THR A 376 7.51 18.77 28.61
C THR A 376 8.49 19.23 27.55
N PHE A 377 8.90 18.30 26.70
CA PHE A 377 9.79 18.56 25.56
C PHE A 377 9.14 17.92 24.34
N LYS A 378 8.20 18.64 23.74
CA LYS A 378 7.39 18.12 22.64
C LYS A 378 7.91 18.71 21.34
N CYS A 379 8.96 18.11 20.79
CA CYS A 379 9.54 18.55 19.53
C CYS A 379 8.82 17.88 18.37
N TYR A 380 8.78 18.57 17.24
CA TYR A 380 8.07 18.02 16.08
C TYR A 380 8.92 17.97 14.83
N GLY A 381 9.76 18.97 14.58
CA GLY A 381 10.64 18.92 13.45
C GLY A 381 12.01 18.37 13.73
N VAL A 382 12.34 18.19 15.01
CA VAL A 382 13.67 17.76 15.44
C VAL A 382 13.52 16.70 16.52
N SER A 383 14.65 16.14 16.91
CA SER A 383 14.73 15.27 18.07
C SER A 383 15.53 15.95 19.16
N PRO A 384 15.08 15.88 20.41
CA PRO A 384 15.73 16.66 21.48
C PRO A 384 17.22 16.45 21.59
N THR A 385 17.73 15.28 21.18
CA THR A 385 19.16 14.98 21.24
C THR A 385 19.86 15.33 19.92
N LYS A 386 19.33 16.30 19.17
CA LYS A 386 19.89 16.65 17.88
C LYS A 386 20.05 18.14 17.64
N LEU A 387 19.64 18.99 18.59
CA LEU A 387 19.74 20.43 18.39
C LEU A 387 21.18 20.91 18.42
N ASN A 388 21.98 20.35 19.32
CA ASN A 388 23.30 20.88 19.61
C ASN A 388 24.24 20.76 18.41
N ASP A 389 23.76 20.17 17.32
CA ASP A 389 24.54 20.01 16.09
C ASP A 389 23.78 20.51 14.87
N LEU A 390 22.86 21.45 15.04
CA LEU A 390 22.02 21.94 13.95
C LEU A 390 22.06 23.45 13.87
N CYS A 391 22.18 23.99 12.66
CA CYS A 391 22.15 25.42 12.43
C CYS A 391 20.76 25.86 12.01
N PHE A 392 20.48 27.15 12.20
CA PHE A 392 19.17 27.70 11.91
C PHE A 392 19.31 29.14 11.45
N THR A 393 18.44 29.53 10.52
CA THR A 393 18.45 30.91 10.03
C THR A 393 17.84 31.87 11.04
N ASN A 394 16.73 31.48 11.65
CA ASN A 394 16.04 32.33 12.61
C ASN A 394 15.18 31.46 13.51
N VAL A 395 15.36 31.61 14.82
CA VAL A 395 14.62 30.84 15.81
C VAL A 395 13.70 31.79 16.57
N TYR A 396 12.42 31.45 16.62
CA TYR A 396 11.42 32.27 17.28
C TYR A 396 11.07 31.69 18.65
N ALA A 397 10.82 32.57 19.60
CA ALA A 397 10.40 32.19 20.95
C ALA A 397 9.07 32.87 21.24
N ASP A 398 7.98 32.13 21.01
CA ASP A 398 6.64 32.61 21.36
C ASP A 398 6.36 32.28 22.82
N SER A 399 5.95 33.29 23.58
CA SER A 399 5.79 33.17 25.02
C SER A 399 4.36 33.49 25.43
N PHE A 400 3.76 32.59 26.20
CA PHE A 400 2.48 32.84 26.85
C PHE A 400 2.30 31.83 27.96
N VAL A 401 1.23 32.01 28.75
CA VAL A 401 0.92 31.11 29.85
C VAL A 401 -0.51 30.61 29.70
N ILE A 402 -0.71 29.32 29.95
CA ILE A 402 -2.00 28.66 29.87
C ILE A 402 -2.09 27.62 30.97
N ARG A 403 -3.23 26.92 31.01
CA ARG A 403 -3.49 25.87 31.97
C ARG A 403 -3.03 24.52 31.44
N GLY A 404 -2.75 23.60 32.37
CA GLY A 404 -2.36 22.26 31.98
C GLY A 404 -3.44 21.52 31.21
N ASP A 405 -4.70 21.89 31.42
CA ASP A 405 -5.82 21.31 30.70
C ASP A 405 -6.00 21.91 29.31
N GLU A 406 -5.01 22.67 28.82
CA GLU A 406 -5.05 23.26 27.49
C GLU A 406 -3.74 23.13 26.74
N VAL A 407 -2.72 22.48 27.32
CA VAL A 407 -1.43 22.34 26.67
C VAL A 407 -1.58 21.60 25.34
N ARG A 408 -2.50 20.63 25.29
CA ARG A 408 -2.66 19.82 24.08
C ARG A 408 -3.06 20.66 22.88
N GLN A 409 -3.73 21.80 23.08
CA GLN A 409 -4.08 22.66 21.96
C GLN A 409 -2.89 23.39 21.38
N ILE A 410 -1.83 23.59 22.16
CA ILE A 410 -0.62 24.26 21.66
C ILE A 410 0.25 23.15 21.10
N ALA A 411 -0.04 22.78 19.85
CA ALA A 411 0.61 21.69 19.12
C ALA A 411 0.08 21.68 17.71
N PRO A 412 0.74 21.01 16.76
CA PRO A 412 0.21 20.94 15.40
C PRO A 412 -1.02 20.05 15.33
N GLY A 413 -1.91 20.39 14.41
CA GLY A 413 -3.09 19.58 14.15
C GLY A 413 -3.96 19.31 15.35
N GLN A 414 -4.37 20.35 16.05
CA GLN A 414 -5.26 20.23 17.19
C GLN A 414 -6.52 21.04 16.94
N THR A 415 -7.37 21.11 17.97
CA THR A 415 -8.60 21.88 17.92
C THR A 415 -8.86 22.48 19.29
N GLY A 416 -9.76 23.46 19.34
CA GLY A 416 -10.13 24.06 20.60
C GLY A 416 -10.24 25.57 20.57
N LYS A 417 -10.56 26.16 21.71
CA LYS A 417 -10.72 27.62 21.78
C LYS A 417 -9.42 28.31 21.42
N ILE A 418 -8.30 27.85 21.98
CA ILE A 418 -7.01 28.47 21.68
C ILE A 418 -6.63 28.22 20.22
N ALA A 419 -6.62 26.95 19.81
CA ALA A 419 -6.23 26.59 18.46
C ALA A 419 -7.27 27.06 17.43
N ASP A 420 -8.28 27.79 17.89
CA ASP A 420 -9.29 28.36 17.01
C ASP A 420 -9.20 29.87 16.91
N TYR A 421 -9.22 30.58 18.03
CA TYR A 421 -9.26 32.04 18.01
C TYR A 421 -8.09 32.70 18.72
N ASN A 422 -7.15 31.93 19.28
CA ASN A 422 -6.05 32.48 20.05
C ASN A 422 -4.70 32.27 19.39
N TYR A 423 -4.35 31.02 19.09
CA TYR A 423 -2.99 30.71 18.61
C TYR A 423 -3.01 29.34 17.96
N LYS A 424 -2.61 29.26 16.69
CA LYS A 424 -2.64 28.02 15.93
C LYS A 424 -1.28 27.73 15.34
N LEU A 425 -0.73 26.56 15.65
CA LEU A 425 0.53 26.15 15.06
C LEU A 425 0.29 25.59 13.66
N PRO A 426 1.27 25.72 12.77
CA PRO A 426 1.10 25.19 11.40
C PRO A 426 0.97 23.68 11.39
N ASP A 427 0.57 23.15 10.23
CA ASP A 427 0.46 21.71 10.07
C ASP A 427 1.82 21.05 9.96
N ASP A 428 2.79 21.74 9.35
CA ASP A 428 4.16 21.25 9.25
C ASP A 428 5.10 21.95 10.22
N PHE A 429 4.62 22.23 11.43
CA PHE A 429 5.42 22.92 12.41
C PHE A 429 6.68 22.12 12.74
N THR A 430 7.82 22.80 12.74
CA THR A 430 9.12 22.18 12.98
C THR A 430 9.76 22.84 14.19
N GLY A 431 9.51 22.27 15.36
CA GLY A 431 10.05 22.84 16.58
C GLY A 431 9.48 22.13 17.80
N CYS A 432 9.82 22.69 18.95
CA CYS A 432 9.44 22.12 20.24
C CYS A 432 8.55 23.07 21.01
N VAL A 433 7.59 22.49 21.74
CA VAL A 433 6.69 23.24 22.61
C VAL A 433 7.15 23.01 24.04
N ILE A 434 7.47 24.10 24.73
CA ILE A 434 8.11 24.03 26.04
C ILE A 434 7.26 24.78 27.05
N ALA A 435 7.13 24.23 28.25
CA ALA A 435 6.34 24.85 29.30
C ALA A 435 6.85 24.39 30.67
N TRP A 436 6.81 25.31 31.63
CA TRP A 436 7.05 24.97 33.03
C TRP A 436 6.11 25.78 33.91
N ASN A 437 5.71 25.17 35.01
CA ASN A 437 4.65 25.71 35.85
C ASN A 437 5.03 27.05 36.46
N SER A 438 4.05 27.96 36.52
CA SER A 438 4.23 29.26 37.16
C SER A 438 3.32 29.42 38.37
N ASN A 439 2.59 28.38 38.76
CA ASN A 439 1.78 28.43 39.97
C ASN A 439 2.63 28.77 41.19
N ASN A 440 3.85 28.23 41.24
CA ASN A 440 4.80 28.57 42.29
C ASN A 440 5.32 30.00 42.17
N LEU A 441 4.94 30.72 41.12
CA LEU A 441 5.32 32.12 40.95
C LEU A 441 4.16 33.04 40.60
N ASP A 442 3.03 32.51 40.13
CA ASP A 442 1.91 33.34 39.71
C ASP A 442 0.61 32.55 39.74
N ASN A 448 -3.97 38.27 40.68
CA ASN A 448 -3.41 38.00 39.36
C ASN A 448 -4.50 37.99 38.30
N TYR A 449 -4.59 39.07 37.54
CA TYR A 449 -5.56 39.19 36.44
C TYR A 449 -4.88 39.72 35.19
N ASN A 450 -3.70 39.18 34.87
CA ASN A 450 -2.97 39.55 33.68
C ASN A 450 -3.07 38.50 32.58
N TYR A 451 -4.02 37.58 32.70
CA TYR A 451 -4.16 36.46 31.78
C TYR A 451 -5.53 36.52 31.12
N LEU A 452 -5.54 36.77 29.81
CA LEU A 452 -6.77 36.91 29.05
C LEU A 452 -6.65 36.12 27.75
N TYR A 453 -7.76 35.53 27.33
CA TYR A 453 -7.80 34.75 26.09
C TYR A 453 -9.12 35.02 25.36
N ARG A 454 -9.02 35.23 24.05
CA ARG A 454 -10.17 35.57 23.22
C ARG A 454 -10.98 34.32 22.91
N LEU A 455 -12.30 34.47 22.92
CA LEU A 455 -13.20 33.33 22.76
C LEU A 455 -14.11 33.41 21.55
N PHE A 456 -14.37 34.60 21.01
CA PHE A 456 -15.30 34.75 19.90
C PHE A 456 -14.64 35.44 18.73
N ARG A 457 -15.06 35.05 17.53
CA ARG A 457 -14.50 35.56 16.28
C ARG A 457 -15.36 35.04 15.14
N LYS A 458 -15.26 35.72 13.99
CA LYS A 458 -16.03 35.30 12.83
C LYS A 458 -15.50 33.99 12.25
N SER A 459 -14.17 33.84 12.21
CA SER A 459 -13.56 32.63 11.68
C SER A 459 -12.22 32.41 12.37
N ASN A 460 -11.55 31.34 11.97
CA ASN A 460 -10.28 30.97 12.59
C ASN A 460 -9.17 31.92 12.15
N LEU A 461 -8.18 32.06 13.01
CA LEU A 461 -7.01 32.87 12.71
C LEU A 461 -5.98 32.02 11.96
N LYS A 462 -5.24 32.67 11.06
CA LYS A 462 -4.25 31.93 10.30
C LYS A 462 -3.12 31.46 11.21
N PRO A 463 -2.51 30.31 10.89
CA PRO A 463 -1.40 29.83 11.72
C PRO A 463 -0.29 30.87 11.83
N PHE A 464 0.20 31.05 13.05
CA PHE A 464 1.28 31.97 13.38
C PHE A 464 0.86 33.42 13.21
N GLU A 465 -0.34 33.67 12.72
CA GLU A 465 -0.82 35.04 12.53
C GLU A 465 -0.97 35.69 13.90
N ARG A 466 -0.09 36.63 14.21
CA ARG A 466 -0.04 37.22 15.54
C ARG A 466 -1.19 38.21 15.70
N ASP A 467 -2.38 37.66 15.89
CA ASP A 467 -3.56 38.47 16.15
C ASP A 467 -3.46 39.07 17.55
N ILE A 468 -3.08 40.33 17.65
CA ILE A 468 -3.05 41.06 18.90
C ILE A 468 -4.11 42.16 18.74
N SER A 469 -5.33 41.86 19.15
CA SER A 469 -6.45 42.76 18.88
C SER A 469 -7.42 42.74 20.07
N THR A 470 -7.53 43.87 20.75
CA THR A 470 -8.43 44.00 21.88
C THR A 470 -9.76 44.64 21.47
N PHE A 490 -17.19 42.19 21.84
CA PHE A 490 -16.22 42.06 22.92
C PHE A 490 -16.05 40.60 23.32
N PRO A 491 -15.08 39.92 22.71
CA PRO A 491 -14.84 38.50 23.03
C PRO A 491 -13.75 38.25 24.06
N LEU A 492 -13.21 39.29 24.69
CA LEU A 492 -12.17 39.09 25.68
C LEU A 492 -12.72 38.39 26.92
N GLN A 493 -11.86 37.59 27.56
CA GLN A 493 -12.20 36.90 28.78
C GLN A 493 -10.92 36.59 29.54
N SER A 494 -10.91 36.92 30.83
CA SER A 494 -9.71 36.77 31.65
C SER A 494 -9.66 35.38 32.28
N TYR A 495 -8.47 34.80 32.30
CA TYR A 495 -8.29 33.49 32.92
C TYR A 495 -8.59 33.57 34.41
N GLY A 496 -9.25 32.53 34.92
CA GLY A 496 -9.43 32.39 36.35
C GLY A 496 -8.18 31.86 37.01
N PHE A 497 -7.07 32.57 36.84
CA PHE A 497 -5.78 32.18 37.39
C PHE A 497 -5.42 33.09 38.55
N GLN A 498 -4.68 32.54 39.50
CA GLN A 498 -4.21 33.26 40.68
C GLN A 498 -3.02 32.50 41.25
N PRO A 499 -2.22 33.14 42.10
CA PRO A 499 -1.22 32.38 42.85
C PRO A 499 -1.84 31.38 43.81
N THR A 500 -3.05 31.63 44.28
CA THR A 500 -3.78 30.71 45.13
C THR A 500 -4.78 29.85 44.35
N ASN A 501 -4.56 29.68 43.05
CA ASN A 501 -5.42 28.84 42.22
C ASN A 501 -4.61 27.74 41.55
N VAL A 503 -5.32 22.21 39.70
CA VAL A 503 -4.41 21.64 38.72
C VAL A 503 -4.81 22.06 37.31
N GLY A 504 -6.11 22.03 37.04
CA GLY A 504 -6.64 22.35 35.73
C GLY A 504 -6.49 23.81 35.34
N TYR A 505 -5.93 24.62 36.24
CA TYR A 505 -5.73 26.04 35.93
C TYR A 505 -4.42 26.58 36.46
N GLN A 506 -3.49 25.73 36.88
CA GLN A 506 -2.20 26.21 37.33
C GLN A 506 -1.44 26.81 36.16
N PRO A 507 -0.95 28.05 36.27
CA PRO A 507 -0.26 28.66 35.13
C PRO A 507 1.06 27.98 34.83
N TYR A 508 1.33 27.79 33.54
CA TYR A 508 2.57 27.20 33.07
C TYR A 508 3.22 28.15 32.07
N ARG A 509 4.52 28.39 32.24
CA ARG A 509 5.25 29.28 31.34
C ARG A 509 5.49 28.59 30.00
N VAL A 510 4.56 28.74 29.07
CA VAL A 510 4.60 28.02 27.80
C VAL A 510 5.39 28.85 26.79
N VAL A 511 6.44 28.25 26.23
CA VAL A 511 7.27 28.90 25.23
C VAL A 511 7.36 27.98 24.02
N VAL A 512 7.06 28.53 22.84
CA VAL A 512 7.13 27.81 21.58
C VAL A 512 8.45 28.13 20.90
N LEU A 513 9.19 27.09 20.52
CA LEU A 513 10.48 27.25 19.87
C LEU A 513 10.39 26.68 18.45
N SER A 514 10.34 27.57 17.47
CA SER A 514 10.26 27.19 16.07
C SER A 514 11.60 27.43 15.39
N PHE A 515 11.74 26.87 14.19
CA PHE A 515 12.98 26.92 13.45
C PHE A 515 12.72 27.29 12.00
N GLU A 516 13.58 28.15 11.44
CA GLU A 516 13.51 28.54 10.04
C GLU A 516 14.52 27.72 9.27
N LEU A 517 14.04 26.87 8.37
CA LEU A 517 14.91 25.93 7.66
C LEU A 517 14.95 26.22 6.16
N LEU A 518 15.11 27.49 5.79
CA LEU A 518 15.25 27.88 4.41
C LEU A 518 16.69 27.70 3.95
N HIS A 519 16.88 27.66 2.62
CA HIS A 519 18.19 27.49 2.01
C HIS A 519 18.94 28.82 2.07
N ALA A 520 19.30 29.22 3.28
CA ALA A 520 19.94 30.49 3.53
C ALA A 520 21.06 30.28 4.54
N PRO A 521 22.07 31.14 4.53
CA PRO A 521 23.14 31.00 5.53
C PRO A 521 22.63 31.14 6.94
N ALA A 522 22.69 30.05 7.71
CA ALA A 522 22.17 30.05 9.06
C ALA A 522 23.06 30.87 9.99
N THR A 523 22.57 31.12 11.19
CA THR A 523 23.28 31.98 12.12
C THR A 523 23.31 31.47 13.56
N VAL A 524 22.56 30.44 13.93
CA VAL A 524 22.49 29.99 15.31
C VAL A 524 22.73 28.49 15.35
N CYS A 525 23.92 28.08 15.80
CA CYS A 525 24.24 26.67 16.04
C CYS A 525 25.39 26.57 17.02
N GLY A 526 25.21 25.68 18.00
CA GLY A 526 26.01 25.68 19.20
C GLY A 526 27.23 24.80 19.19
N PRO A 527 27.31 23.92 20.19
CA PRO A 527 28.61 23.38 20.62
C PRO A 527 29.24 22.37 19.68
N LYS A 528 30.00 22.86 18.71
CA LYS A 528 30.86 21.98 17.91
C LYS A 528 31.98 22.84 17.36
N LYS A 529 33.21 22.57 17.79
CA LYS A 529 34.36 23.32 17.29
C LYS A 529 34.66 22.91 15.86
N SER A 530 35.15 23.86 15.08
CA SER A 530 35.40 23.61 13.68
C SER A 530 36.65 22.74 13.50
N THR A 531 36.95 22.43 12.25
CA THR A 531 38.12 21.65 11.86
C THR A 531 38.68 22.30 10.59
N ASN A 532 39.89 21.91 10.21
CA ASN A 532 40.56 22.57 9.09
C ASN A 532 39.98 22.09 7.76
N LEU A 533 40.65 22.43 6.68
CA LEU A 533 40.23 22.10 5.32
C LEU A 533 41.24 21.14 4.71
N VAL A 534 40.81 19.90 4.51
CA VAL A 534 41.64 18.85 3.90
C VAL A 534 40.99 18.45 2.59
N LYS A 535 41.76 18.48 1.51
CA LYS A 535 41.24 18.27 0.18
C LYS A 535 41.72 16.95 -0.41
N ASN A 536 41.17 16.64 -1.58
CA ASN A 536 41.60 15.50 -2.39
C ASN A 536 41.44 14.17 -1.67
N LYS A 537 40.47 14.09 -0.76
CA LYS A 537 40.12 12.82 -0.14
C LYS A 537 38.61 12.75 0.02
N CYS A 538 38.06 11.54 -0.03
CA CYS A 538 36.68 11.39 0.39
C CYS A 538 36.61 11.76 1.87
N VAL A 539 35.93 12.85 2.17
CA VAL A 539 35.92 13.42 3.52
C VAL A 539 34.48 13.67 3.93
N ASN A 540 34.14 13.29 5.15
CA ASN A 540 32.77 13.34 5.66
C ASN A 540 32.42 14.79 6.02
N PHE A 541 32.29 15.62 4.98
CA PHE A 541 32.22 17.05 5.23
C PHE A 541 30.94 17.43 5.98
N ASN A 542 30.99 18.61 6.59
CA ASN A 542 29.84 19.19 7.26
C ASN A 542 29.99 20.71 7.22
N PHE A 543 28.91 21.39 6.86
CA PHE A 543 28.89 22.85 6.83
C PHE A 543 27.48 23.28 7.20
N ASN A 544 27.33 23.94 8.35
CA ASN A 544 26.05 24.39 8.85
C ASN A 544 25.03 23.27 8.99
N GLY A 545 25.48 22.02 9.03
CA GLY A 545 24.60 20.87 8.98
C GLY A 545 24.50 20.22 7.62
N LEU A 546 24.83 20.95 6.55
CA LEU A 546 24.95 20.35 5.23
C LEU A 546 26.06 19.31 5.28
N THR A 547 25.70 18.04 5.16
CA THR A 547 26.61 16.93 5.31
C THR A 547 26.70 16.13 4.01
N GLY A 548 27.43 15.03 4.05
CA GLY A 548 27.66 14.19 2.90
C GLY A 548 29.10 13.74 2.87
N THR A 549 29.54 13.34 1.68
CA THR A 549 30.90 12.89 1.47
C THR A 549 31.31 13.18 0.04
N GLY A 550 32.56 13.60 -0.14
CA GLY A 550 33.02 13.90 -1.48
C GLY A 550 34.48 14.28 -1.46
N VAL A 551 35.02 14.47 -2.66
CA VAL A 551 36.41 14.89 -2.83
C VAL A 551 36.40 16.41 -2.84
N LEU A 552 36.35 16.99 -1.63
CA LEU A 552 36.33 18.44 -1.51
C LEU A 552 37.53 19.04 -2.22
N THR A 553 37.28 19.74 -3.31
CA THR A 553 38.32 20.30 -4.15
C THR A 553 38.01 21.77 -4.35
N GLU A 554 38.93 22.65 -3.93
CA GLU A 554 38.78 24.08 -4.15
C GLU A 554 38.36 24.36 -5.58
N SER A 555 37.31 25.15 -5.75
CA SER A 555 36.74 25.31 -7.07
C SER A 555 36.64 26.78 -7.45
N ASN A 556 36.11 27.00 -8.65
CA ASN A 556 36.00 28.31 -9.26
C ASN A 556 34.54 28.57 -9.65
N LYS A 557 33.63 28.26 -8.73
CA LYS A 557 32.21 28.50 -8.96
C LYS A 557 31.96 29.99 -8.82
N LYS A 558 31.82 30.67 -9.95
CA LYS A 558 31.80 32.13 -9.99
C LYS A 558 30.50 32.62 -9.38
N PHE A 559 30.44 32.55 -8.05
CA PHE A 559 29.26 32.90 -7.29
C PHE A 559 28.98 34.40 -7.37
N LEU A 560 27.79 34.76 -6.93
CA LEU A 560 27.57 36.10 -6.39
C LEU A 560 27.68 36.02 -4.88
N PRO A 561 28.44 36.92 -4.25
CA PRO A 561 28.84 36.72 -2.85
C PRO A 561 27.75 36.21 -1.92
N PHE A 562 26.50 36.52 -2.23
CA PHE A 562 25.39 36.02 -1.43
C PHE A 562 25.12 34.54 -1.66
N GLN A 563 25.50 34.01 -2.82
CA GLN A 563 25.19 32.63 -3.15
C GLN A 563 25.89 31.67 -2.20
N GLN A 564 25.21 30.59 -1.85
CA GLN A 564 25.75 29.64 -0.87
C GLN A 564 26.43 28.45 -1.54
N PHE A 565 25.73 27.75 -2.42
CA PHE A 565 26.29 26.56 -3.06
C PHE A 565 25.88 26.55 -4.53
N GLY A 566 26.08 25.39 -5.17
CA GLY A 566 25.85 25.26 -6.59
C GLY A 566 25.28 23.90 -6.95
N ARG A 567 24.95 23.76 -8.23
CA ARG A 567 24.31 22.56 -8.75
C ARG A 567 24.61 22.44 -10.24
N ASP A 568 24.03 21.40 -10.85
CA ASP A 568 24.17 21.13 -12.27
C ASP A 568 22.84 20.64 -12.83
N ILE A 569 22.87 20.04 -14.02
CA ILE A 569 21.68 19.62 -14.75
C ILE A 569 20.72 18.82 -13.88
N ALA A 570 21.22 18.14 -12.86
CA ALA A 570 20.41 17.25 -12.04
C ALA A 570 20.08 17.79 -10.67
N ASP A 571 20.41 19.05 -10.39
CA ASP A 571 20.12 19.69 -9.10
C ASP A 571 20.79 18.92 -7.95
N THR A 572 22.12 18.95 -7.95
CA THR A 572 22.94 18.22 -7.00
C THR A 572 23.87 19.19 -6.28
N THR A 573 23.97 19.05 -4.95
CA THR A 573 24.84 19.93 -4.18
C THR A 573 26.27 19.83 -4.69
N ASP A 574 26.83 20.97 -5.10
CA ASP A 574 28.08 20.98 -5.82
C ASP A 574 29.08 21.97 -5.25
N ALA A 575 28.80 22.57 -4.10
CA ALA A 575 29.73 23.48 -3.44
C ALA A 575 29.20 23.80 -2.06
N VAL A 576 29.93 24.65 -1.34
CA VAL A 576 29.45 25.24 -0.09
C VAL A 576 30.37 26.38 0.28
N ARG A 577 29.82 27.42 0.90
CA ARG A 577 30.61 28.54 1.39
C ARG A 577 30.99 28.22 2.82
N ASP A 578 32.25 27.85 3.03
CA ASP A 578 32.74 27.47 4.36
C ASP A 578 32.48 28.60 5.33
N PRO A 579 31.80 28.35 6.44
CA PRO A 579 31.40 29.46 7.33
C PRO A 579 32.55 30.23 7.94
N GLN A 580 33.79 29.85 7.60
CA GLN A 580 34.97 30.52 8.14
C GLN A 580 35.95 30.92 7.05
N THR A 581 35.52 30.94 5.79
CA THR A 581 36.39 31.35 4.69
C THR A 581 35.54 31.59 3.45
N LEU A 582 35.96 32.55 2.63
CA LEU A 582 35.37 32.77 1.31
C LEU A 582 35.91 31.72 0.33
N GLU A 583 35.63 30.47 0.65
CA GLU A 583 36.09 29.33 -0.14
C GLU A 583 34.88 28.63 -0.73
N ILE A 584 34.88 28.46 -2.05
CA ILE A 584 33.88 27.65 -2.73
C ILE A 584 34.59 26.47 -3.38
N LEU A 585 34.24 25.27 -2.94
CA LEU A 585 34.93 24.05 -3.33
C LEU A 585 34.05 23.22 -4.23
N ASP A 586 34.66 22.47 -5.14
CA ASP A 586 33.90 21.54 -5.96
C ASP A 586 33.47 20.36 -5.11
N ILE A 587 32.82 19.39 -5.74
CA ILE A 587 32.46 18.15 -5.07
C ILE A 587 32.34 17.07 -6.14
N THR A 588 32.97 15.94 -5.88
CA THR A 588 32.80 14.75 -6.69
C THR A 588 32.83 13.56 -5.75
N PRO A 589 31.79 12.74 -5.71
CA PRO A 589 31.69 11.72 -4.67
C PRO A 589 32.84 10.74 -4.78
N CYS A 590 33.25 10.20 -3.63
CA CYS A 590 34.38 9.28 -3.64
C CYS A 590 34.03 8.04 -4.46
N SER A 591 34.94 7.68 -5.35
CA SER A 591 34.64 6.74 -6.42
C SER A 591 34.17 5.40 -5.87
N PHE A 592 32.95 5.05 -6.20
CA PHE A 592 32.44 3.71 -6.04
C PHE A 592 32.37 3.04 -7.41
N GLY A 593 31.83 1.83 -7.43
CA GLY A 593 31.74 1.09 -8.67
C GLY A 593 31.71 -0.39 -8.40
N GLY A 594 30.86 -1.11 -9.11
CA GLY A 594 30.68 -2.52 -8.83
C GLY A 594 31.96 -3.31 -9.03
N VAL A 595 32.02 -4.45 -8.36
CA VAL A 595 33.11 -5.40 -8.48
C VAL A 595 32.63 -6.53 -9.37
N SER A 596 33.55 -7.12 -10.12
CA SER A 596 33.20 -8.27 -10.93
C SER A 596 34.36 -9.24 -10.90
N VAL A 597 34.06 -10.51 -10.61
CA VAL A 597 35.09 -11.52 -10.43
C VAL A 597 35.14 -12.36 -11.69
N ILE A 598 36.26 -12.31 -12.39
CA ILE A 598 36.46 -13.02 -13.63
C ILE A 598 37.16 -14.33 -13.32
N THR A 599 36.50 -15.45 -13.61
CA THR A 599 37.04 -16.73 -13.21
C THR A 599 36.90 -17.82 -14.27
N PRO A 600 37.95 -18.57 -14.54
CA PRO A 600 37.75 -19.84 -15.23
C PRO A 600 36.99 -20.76 -14.30
N GLY A 601 36.26 -21.70 -14.89
CA GLY A 601 35.47 -22.60 -14.08
C GLY A 601 36.25 -23.23 -12.95
N THR A 602 35.67 -23.28 -11.75
CA THR A 602 36.32 -23.92 -10.62
C THR A 602 36.68 -25.34 -10.98
N ASN A 603 36.04 -25.86 -12.01
CA ASN A 603 36.40 -27.13 -12.61
C ASN A 603 37.84 -27.12 -13.10
N THR A 604 38.33 -25.97 -13.55
CA THR A 604 39.68 -25.92 -14.13
C THR A 604 40.71 -25.51 -13.10
N SER A 605 40.49 -24.38 -12.43
CA SER A 605 41.42 -23.93 -11.40
C SER A 605 40.69 -22.95 -10.48
N ASN A 606 41.22 -22.79 -9.27
CA ASN A 606 40.65 -21.89 -8.29
C ASN A 606 41.22 -20.48 -8.38
N GLU A 607 41.84 -20.14 -9.50
CA GLU A 607 42.42 -18.82 -9.68
C GLU A 607 41.38 -17.88 -10.27
N VAL A 608 41.43 -16.61 -9.87
CA VAL A 608 40.45 -15.63 -10.30
C VAL A 608 41.17 -14.34 -10.67
N ALA A 609 40.38 -13.34 -11.04
CA ALA A 609 40.90 -12.01 -11.38
C ALA A 609 39.75 -11.03 -11.26
N VAL A 610 39.93 -10.02 -10.46
CA VAL A 610 38.86 -9.09 -10.13
C VAL A 610 38.87 -7.93 -11.10
N LEU A 611 37.70 -7.36 -11.34
CA LEU A 611 37.54 -6.22 -12.25
C LEU A 611 36.79 -5.13 -11.50
N TYR A 612 37.53 -4.21 -10.89
CA TYR A 612 36.90 -3.05 -10.28
C TYR A 612 36.38 -2.14 -11.39
N GLN A 613 35.07 -1.98 -11.46
CA GLN A 613 34.46 -1.32 -12.61
C GLN A 613 34.61 0.19 -12.51
N ASP A 614 35.20 0.80 -13.53
CA ASP A 614 35.20 2.24 -13.72
C ASP A 614 35.82 2.97 -12.52
N VAL A 615 37.09 2.68 -12.28
CA VAL A 615 37.88 3.40 -11.29
C VAL A 615 39.28 3.60 -11.84
N ASN A 616 39.77 4.84 -11.78
CA ASN A 616 41.15 5.12 -12.12
C ASN A 616 41.97 4.48 -11.01
N CYS A 617 42.38 3.24 -11.21
CA CYS A 617 42.61 2.40 -10.05
C CYS A 617 44.00 2.55 -9.46
N THR A 618 44.59 3.73 -9.59
CA THR A 618 45.50 4.15 -8.55
C THR A 618 44.82 4.25 -7.19
N GLU A 619 43.50 4.09 -7.14
CA GLU A 619 42.68 4.33 -5.97
C GLU A 619 41.90 3.11 -5.51
N VAL A 620 42.54 1.96 -5.34
CA VAL A 620 41.83 0.79 -4.81
C VAL A 620 42.37 0.36 -3.45
N ASN A 641 50.46 -6.40 -10.62
CA ASN A 641 49.86 -7.15 -11.72
C ASN A 641 48.64 -6.44 -12.27
N VAL A 642 48.48 -5.18 -11.86
CA VAL A 642 47.33 -4.39 -12.25
C VAL A 642 47.36 -4.13 -13.76
N PHE A 643 46.19 -3.80 -14.30
CA PHE A 643 46.08 -3.50 -15.73
C PHE A 643 44.81 -2.67 -15.91
N GLN A 644 44.97 -1.39 -16.23
CA GLN A 644 43.83 -0.51 -16.42
C GLN A 644 43.27 -0.67 -17.83
N THR A 645 41.96 -0.57 -17.96
CA THR A 645 41.29 -0.75 -19.24
C THR A 645 40.29 0.36 -19.43
N ARG A 646 39.39 0.18 -20.40
CA ARG A 646 38.30 1.12 -20.61
C ARG A 646 37.06 0.76 -19.80
N ALA A 647 37.02 -0.44 -19.21
CA ALA A 647 35.85 -0.87 -18.47
C ALA A 647 36.05 -0.83 -16.97
N GLY A 648 37.26 -0.60 -16.51
CA GLY A 648 37.58 -0.62 -15.09
C GLY A 648 39.08 -0.71 -14.93
N CYS A 649 39.49 -1.51 -13.96
CA CYS A 649 40.88 -1.91 -13.89
C CYS A 649 40.95 -3.34 -13.41
N LEU A 650 41.66 -4.17 -14.14
CA LEU A 650 41.65 -5.61 -13.97
C LEU A 650 42.83 -5.99 -13.08
N ILE A 651 42.53 -6.42 -11.85
CA ILE A 651 43.57 -6.83 -10.92
C ILE A 651 43.79 -8.33 -11.09
N GLY A 652 44.98 -8.71 -11.50
CA GLY A 652 45.32 -10.10 -11.53
C GLY A 652 45.15 -10.78 -12.87
N ALA A 653 45.61 -10.13 -13.94
CA ALA A 653 45.59 -10.73 -15.26
C ALA A 653 46.53 -9.94 -16.16
N GLU A 654 47.44 -10.63 -16.82
CA GLU A 654 48.47 -9.95 -17.60
C GLU A 654 47.96 -9.62 -18.99
N HIS A 655 48.36 -8.46 -19.49
CA HIS A 655 47.97 -8.02 -20.84
C HIS A 655 48.86 -8.72 -21.85
N VAL A 656 48.25 -9.30 -22.87
CA VAL A 656 48.98 -10.02 -23.89
C VAL A 656 48.80 -9.30 -25.23
N ASN A 657 49.88 -9.23 -26.00
CA ASN A 657 49.81 -8.61 -27.32
C ASN A 657 48.98 -9.41 -28.30
N ASN A 658 48.93 -10.73 -28.15
CA ASN A 658 48.17 -11.55 -29.06
C ASN A 658 46.69 -11.22 -28.96
N SER A 659 45.89 -11.91 -29.77
CA SER A 659 44.46 -11.68 -29.80
C SER A 659 43.77 -12.95 -30.26
N TYR A 660 43.09 -13.63 -29.34
CA TYR A 660 42.31 -14.80 -29.68
C TYR A 660 40.83 -14.49 -29.48
N GLU A 661 39.99 -15.40 -29.96
CA GLU A 661 38.54 -15.19 -29.88
C GLU A 661 38.13 -14.91 -28.44
N CYS A 662 37.03 -14.19 -28.30
CA CYS A 662 36.60 -13.77 -26.97
C CYS A 662 36.14 -14.97 -26.16
N ASP A 663 36.66 -15.08 -24.95
CA ASP A 663 36.39 -16.20 -24.06
C ASP A 663 35.51 -15.79 -22.89
N ILE A 664 35.94 -14.78 -22.13
CA ILE A 664 35.14 -14.19 -21.08
C ILE A 664 35.01 -12.71 -21.40
N PRO A 665 33.82 -12.22 -21.68
CA PRO A 665 33.69 -10.80 -22.02
C PRO A 665 34.05 -9.94 -20.83
N ILE A 666 34.67 -8.80 -21.11
CA ILE A 666 34.97 -7.86 -20.05
C ILE A 666 34.31 -6.53 -20.38
N GLY A 667 34.71 -5.91 -21.47
CA GLY A 667 34.14 -4.64 -21.84
C GLY A 667 35.03 -3.82 -22.74
N ALA A 668 34.44 -3.16 -23.72
CA ALA A 668 35.15 -2.24 -24.60
C ALA A 668 36.32 -2.93 -25.29
N GLY A 669 36.07 -4.13 -25.81
CA GLY A 669 37.04 -4.84 -26.59
C GLY A 669 37.79 -5.91 -25.83
N ILE A 670 38.17 -5.64 -24.59
CA ILE A 670 38.95 -6.60 -23.82
C ILE A 670 38.15 -7.89 -23.63
N CYS A 671 38.85 -9.01 -23.56
CA CYS A 671 38.20 -10.31 -23.35
C CYS A 671 39.16 -11.20 -22.61
N ALA A 672 38.85 -11.53 -21.36
CA ALA A 672 39.75 -12.34 -20.55
C ALA A 672 39.83 -13.77 -21.09
N SER A 673 40.76 -14.53 -20.54
CA SER A 673 40.97 -15.92 -20.95
C SER A 673 41.89 -16.58 -19.95
N TYR A 674 41.83 -17.91 -19.88
CA TYR A 674 42.68 -18.69 -19.00
C TYR A 674 43.53 -19.63 -19.84
N GLN A 675 44.82 -19.35 -19.92
CA GLN A 675 45.72 -20.13 -20.73
C GLN A 675 47.04 -20.32 -20.00
N THR A 676 47.68 -21.46 -20.26
CA THR A 676 48.95 -21.78 -19.62
C THR A 676 50.06 -20.87 -20.10
N GLN A 690 50.44 -21.74 -15.46
CA GLN A 690 49.21 -21.20 -16.02
C GLN A 690 48.90 -19.84 -15.44
N SER A 691 48.02 -19.10 -16.11
CA SER A 691 47.61 -17.78 -15.65
C SER A 691 46.36 -17.36 -16.39
N ILE A 692 45.79 -16.23 -15.97
CA ILE A 692 44.65 -15.63 -16.63
C ILE A 692 45.14 -14.45 -17.44
N ILE A 693 44.82 -14.43 -18.73
CA ILE A 693 45.27 -13.36 -19.59
C ILE A 693 44.07 -12.54 -20.03
N ALA A 694 44.31 -11.26 -20.28
CA ALA A 694 43.31 -10.35 -20.80
C ALA A 694 43.92 -9.61 -21.97
N TYR A 695 43.25 -9.67 -23.12
CA TYR A 695 43.77 -9.12 -24.36
C TYR A 695 42.66 -8.35 -25.04
N THR A 696 42.87 -7.97 -26.28
CA THR A 696 41.86 -7.30 -27.08
C THR A 696 41.36 -8.29 -28.12
N MET A 697 40.07 -8.64 -28.04
CA MET A 697 39.56 -9.78 -28.80
C MET A 697 39.80 -9.58 -30.29
N SER A 698 39.87 -10.69 -31.01
CA SER A 698 40.08 -10.69 -32.45
C SER A 698 38.83 -11.16 -33.15
N LEU A 699 38.45 -10.47 -34.21
CA LEU A 699 37.20 -10.74 -34.88
C LEU A 699 37.25 -11.95 -35.79
N GLY A 700 38.43 -12.46 -36.09
CA GLY A 700 38.54 -13.62 -36.95
C GLY A 700 39.80 -13.56 -37.78
N ALA A 701 40.09 -14.67 -38.44
CA ALA A 701 41.26 -14.74 -39.29
C ALA A 701 41.10 -13.79 -40.46
N GLU A 702 41.98 -12.81 -40.57
CA GLU A 702 41.91 -11.88 -41.69
C GLU A 702 42.21 -12.62 -42.98
N ASN A 703 41.26 -12.61 -43.90
CA ASN A 703 41.34 -13.43 -45.10
C ASN A 703 40.97 -12.58 -46.32
N SER A 704 41.97 -12.06 -47.01
CA SER A 704 41.70 -11.40 -48.27
C SER A 704 41.19 -12.41 -49.28
N VAL A 705 40.82 -11.92 -50.46
CA VAL A 705 40.36 -12.77 -51.54
C VAL A 705 40.94 -12.26 -52.84
N ALA A 706 41.50 -13.15 -53.65
CA ALA A 706 42.10 -12.76 -54.90
C ALA A 706 41.02 -12.40 -55.91
N TYR A 707 40.52 -11.18 -55.85
CA TYR A 707 39.49 -10.72 -56.77
C TYR A 707 40.13 -10.02 -57.95
N SER A 708 39.89 -10.53 -59.14
CA SER A 708 40.33 -9.89 -60.37
C SER A 708 39.10 -9.38 -61.09
N ASN A 709 39.30 -8.88 -62.30
CA ASN A 709 38.17 -8.57 -63.18
C ASN A 709 37.89 -9.70 -64.15
N ASN A 710 38.67 -10.77 -64.10
CA ASN A 710 38.41 -11.90 -64.98
C ASN A 710 38.61 -13.24 -64.30
N SER A 711 38.83 -13.29 -63.00
CA SER A 711 39.02 -14.55 -62.29
C SER A 711 37.77 -14.88 -61.49
N ILE A 712 37.56 -16.18 -61.25
CA ILE A 712 36.36 -16.66 -60.58
C ILE A 712 36.77 -17.83 -59.71
N ALA A 713 35.79 -18.44 -59.03
CA ALA A 713 35.99 -19.68 -58.32
C ALA A 713 34.72 -20.49 -58.36
N ILE A 714 34.84 -21.78 -58.66
CA ILE A 714 33.68 -22.62 -58.85
C ILE A 714 33.86 -23.94 -58.10
N PRO A 715 32.92 -24.32 -57.25
CA PRO A 715 33.08 -25.55 -56.47
C PRO A 715 33.03 -26.79 -57.34
N THR A 716 33.64 -27.85 -56.83
CA THR A 716 33.64 -29.14 -57.50
C THR A 716 32.96 -30.19 -56.62
N ASN A 717 33.25 -30.15 -55.33
CA ASN A 717 32.64 -31.03 -54.36
C ASN A 717 31.69 -30.24 -53.48
N PHE A 718 31.11 -30.93 -52.49
CA PHE A 718 30.06 -30.34 -51.68
C PHE A 718 29.84 -31.18 -50.44
N THR A 719 29.66 -30.54 -49.30
CA THR A 719 29.30 -31.24 -48.08
C THR A 719 27.84 -30.96 -47.75
N ILE A 720 27.18 -31.96 -47.18
CA ILE A 720 25.80 -31.84 -46.72
C ILE A 720 25.85 -31.76 -45.20
N SER A 721 25.92 -30.55 -44.68
CA SER A 721 25.95 -30.33 -43.24
C SER A 721 24.54 -30.32 -42.68
N VAL A 722 24.43 -30.60 -41.38
CA VAL A 722 23.14 -30.70 -40.71
C VAL A 722 23.27 -29.94 -39.39
N THR A 723 22.83 -28.69 -39.38
CA THR A 723 22.91 -27.90 -38.17
C THR A 723 21.65 -28.06 -37.35
N THR A 724 21.68 -27.58 -36.12
CA THR A 724 20.60 -27.75 -35.17
C THR A 724 20.24 -26.40 -34.59
N GLU A 725 18.95 -26.09 -34.54
CA GLU A 725 18.48 -24.78 -34.10
C GLU A 725 17.36 -24.95 -33.08
N ILE A 726 17.66 -24.69 -31.84
CA ILE A 726 16.73 -24.85 -30.74
C ILE A 726 15.89 -23.60 -30.61
N LEU A 727 14.62 -23.74 -30.22
CA LEU A 727 13.75 -22.61 -30.06
C LEU A 727 12.76 -22.89 -28.94
N PRO A 728 12.62 -22.01 -27.96
CA PRO A 728 11.57 -22.20 -26.96
C PRO A 728 10.22 -21.94 -27.58
N VAL A 729 9.21 -22.62 -27.07
CA VAL A 729 7.87 -22.47 -27.62
C VAL A 729 6.87 -22.12 -26.53
N SER A 730 6.95 -22.79 -25.38
CA SER A 730 5.97 -22.58 -24.34
C SER A 730 6.65 -22.46 -22.99
N MET A 731 6.07 -21.64 -22.12
CA MET A 731 6.52 -21.53 -20.75
C MET A 731 5.79 -22.58 -19.90
N THR A 732 5.90 -22.45 -18.59
CA THR A 732 5.16 -23.30 -17.67
C THR A 732 3.85 -22.61 -17.33
N LYS A 733 2.74 -23.31 -17.54
CA LYS A 733 1.45 -22.69 -17.31
C LYS A 733 1.21 -22.56 -15.82
N THR A 734 1.69 -21.48 -15.23
CA THR A 734 1.55 -21.24 -13.80
C THR A 734 0.39 -20.30 -13.53
N SER A 735 -0.41 -20.65 -12.53
CA SER A 735 -1.46 -19.78 -12.03
C SER A 735 -1.27 -19.58 -10.54
N VAL A 736 -1.58 -18.38 -10.07
CA VAL A 736 -1.43 -18.02 -8.66
C VAL A 736 -2.73 -17.39 -8.21
N ASP A 737 -3.20 -17.78 -7.05
CA ASP A 737 -4.44 -17.25 -6.48
C ASP A 737 -4.06 -16.10 -5.57
N CYS A 738 -4.40 -14.87 -5.99
CA CYS A 738 -3.96 -13.67 -5.30
C CYS A 738 -4.23 -13.74 -3.81
N THR A 739 -5.47 -14.06 -3.43
CA THR A 739 -5.85 -13.95 -2.03
C THR A 739 -5.16 -14.99 -1.18
N MET A 740 -5.15 -16.24 -1.64
CA MET A 740 -4.48 -17.25 -0.84
C MET A 740 -2.99 -17.02 -0.76
N TYR A 741 -2.40 -16.35 -1.75
CA TYR A 741 -1.00 -15.99 -1.61
C TYR A 741 -0.84 -14.86 -0.61
N ILE A 742 -1.70 -13.85 -0.69
CA ILE A 742 -1.54 -12.66 0.14
C ILE A 742 -1.70 -13.02 1.61
N CYS A 743 -2.87 -13.50 1.99
CA CYS A 743 -3.06 -13.95 3.38
C CYS A 743 -3.96 -15.17 3.45
N GLY A 744 -3.68 -16.17 2.62
CA GLY A 744 -4.45 -17.40 2.66
C GLY A 744 -4.77 -17.90 4.05
N ASP A 745 -6.03 -18.30 4.25
CA ASP A 745 -6.51 -18.80 5.53
C ASP A 745 -6.42 -17.72 6.61
N SER A 746 -7.10 -16.59 6.34
CA SER A 746 -7.25 -15.54 7.34
C SER A 746 -8.43 -14.67 6.96
N THR A 747 -9.52 -14.77 7.73
CA THR A 747 -10.72 -14.03 7.41
C THR A 747 -10.52 -12.53 7.54
N GLU A 748 -9.91 -12.10 8.65
CA GLU A 748 -9.67 -10.68 8.87
C GLU A 748 -8.91 -10.06 7.72
N CYS A 749 -7.82 -10.70 7.32
CA CYS A 749 -6.99 -10.13 6.26
C CYS A 749 -7.67 -10.21 4.91
N SER A 750 -8.43 -11.28 4.65
CA SER A 750 -9.17 -11.32 3.39
C SER A 750 -10.15 -10.16 3.31
N ASN A 751 -10.85 -9.88 4.41
CA ASN A 751 -11.80 -8.77 4.41
C ASN A 751 -11.09 -7.43 4.32
N LEU A 752 -9.85 -7.36 4.80
CA LEU A 752 -9.04 -6.17 4.59
C LEU A 752 -8.72 -5.97 3.11
N LEU A 753 -8.12 -6.99 2.50
CA LEU A 753 -7.75 -6.91 1.10
C LEU A 753 -8.95 -6.63 0.21
N LEU A 754 -10.13 -7.08 0.62
CA LEU A 754 -11.35 -6.80 -0.14
C LEU A 754 -11.48 -5.34 -0.52
N GLN A 755 -10.86 -4.44 0.25
CA GLN A 755 -11.03 -3.02 0.00
C GLN A 755 -10.34 -2.60 -1.29
N TYR A 756 -9.20 -3.21 -1.61
CA TYR A 756 -8.38 -2.75 -2.72
C TYR A 756 -9.08 -2.85 -4.06
N GLY A 757 -10.26 -3.48 -4.08
CA GLY A 757 -11.01 -3.55 -5.32
C GLY A 757 -10.56 -4.66 -6.23
N SER A 758 -10.13 -4.30 -7.44
CA SER A 758 -9.90 -5.27 -8.50
C SER A 758 -8.44 -5.64 -8.67
N PHE A 759 -7.66 -5.63 -7.61
CA PHE A 759 -6.26 -6.02 -7.72
C PHE A 759 -6.07 -7.51 -7.63
N CYS A 760 -7.12 -8.27 -7.76
CA CYS A 760 -6.97 -9.70 -7.93
C CYS A 760 -7.69 -10.25 -9.15
N THR A 761 -8.88 -9.75 -9.45
CA THR A 761 -9.54 -10.21 -10.65
C THR A 761 -8.62 -10.05 -11.85
N GLN A 762 -7.90 -8.92 -11.91
CA GLN A 762 -7.05 -8.68 -13.05
C GLN A 762 -5.75 -9.47 -13.00
N LEU A 763 -5.22 -9.77 -11.82
CA LEU A 763 -4.04 -10.64 -11.78
C LEU A 763 -4.39 -12.05 -12.22
N ASN A 764 -5.48 -12.60 -11.69
CA ASN A 764 -5.92 -13.91 -12.15
C ASN A 764 -6.22 -13.89 -13.64
N ARG A 765 -6.79 -12.79 -14.14
CA ARG A 765 -7.08 -12.71 -15.56
C ARG A 765 -5.81 -12.70 -16.38
N ALA A 766 -4.80 -11.94 -15.95
CA ALA A 766 -3.54 -11.88 -16.68
C ALA A 766 -2.88 -13.25 -16.73
N LEU A 767 -2.84 -13.96 -15.59
CA LEU A 767 -2.16 -15.25 -15.60
C LEU A 767 -2.96 -16.29 -16.38
N THR A 768 -4.29 -16.18 -16.40
CA THR A 768 -5.06 -17.09 -17.25
C THR A 768 -4.79 -16.79 -18.73
N GLY A 769 -4.66 -15.52 -19.07
CA GLY A 769 -4.28 -15.18 -20.44
C GLY A 769 -2.94 -15.78 -20.81
N ILE A 770 -1.97 -15.72 -19.89
CA ILE A 770 -0.68 -16.36 -20.14
C ILE A 770 -0.85 -17.84 -20.42
N ALA A 771 -1.61 -18.53 -19.59
CA ALA A 771 -1.77 -19.97 -19.77
C ALA A 771 -2.38 -20.30 -21.13
N VAL A 772 -3.51 -19.67 -21.45
CA VAL A 772 -4.14 -19.96 -22.73
C VAL A 772 -3.20 -19.65 -23.87
N GLU A 773 -2.42 -18.59 -23.74
CA GLU A 773 -1.46 -18.27 -24.79
C GLU A 773 -0.42 -19.36 -24.95
N GLN A 774 -0.02 -20.00 -23.86
CA GLN A 774 0.95 -21.10 -23.98
C GLN A 774 0.37 -22.26 -24.78
N ASP A 775 -0.86 -22.64 -24.45
CA ASP A 775 -1.50 -23.72 -25.20
C ASP A 775 -1.61 -23.35 -26.68
N LYS A 776 -1.96 -22.10 -26.96
CA LYS A 776 -2.09 -21.68 -28.35
C LYS A 776 -0.75 -21.67 -29.05
N ASN A 777 0.33 -21.31 -28.35
CA ASN A 777 1.66 -21.34 -28.95
C ASN A 777 2.02 -22.74 -29.40
N THR A 778 1.87 -23.71 -28.51
CA THR A 778 2.21 -25.07 -28.90
C THR A 778 1.35 -25.54 -30.07
N GLN A 779 0.06 -25.16 -30.07
CA GLN A 779 -0.78 -25.60 -31.17
C GLN A 779 -0.35 -24.99 -32.49
N GLU A 780 -0.04 -23.70 -32.50
CA GLU A 780 0.37 -23.06 -33.75
C GLU A 780 1.69 -23.64 -34.24
N VAL A 781 2.60 -23.95 -33.34
CA VAL A 781 3.90 -24.46 -33.77
C VAL A 781 3.75 -25.85 -34.36
N PHE A 782 3.11 -26.76 -33.63
CA PHE A 782 3.14 -28.14 -34.07
C PHE A 782 1.94 -28.52 -34.92
N ALA A 783 0.72 -28.22 -34.47
CA ALA A 783 -0.46 -28.73 -35.15
C ALA A 783 -0.70 -28.03 -36.47
N GLN A 784 0.21 -28.20 -37.43
CA GLN A 784 0.08 -27.59 -38.74
C GLN A 784 -0.33 -28.57 -39.81
N VAL A 785 -0.41 -29.85 -39.49
CA VAL A 785 -0.71 -30.89 -40.46
C VAL A 785 -2.14 -31.36 -40.24
N LYS A 786 -2.90 -31.47 -41.33
CA LYS A 786 -4.30 -31.85 -41.21
C LYS A 786 -4.44 -33.28 -40.68
N GLN A 787 -3.84 -34.23 -41.38
CA GLN A 787 -3.90 -35.64 -40.99
C GLN A 787 -2.70 -35.99 -40.15
N ILE A 788 -2.56 -37.27 -39.85
CA ILE A 788 -1.42 -37.80 -39.12
C ILE A 788 -0.78 -38.83 -40.03
N TYR A 789 0.21 -38.39 -40.80
CA TYR A 789 0.84 -39.29 -41.74
C TYR A 789 1.62 -40.36 -41.01
N LYS A 790 1.90 -41.45 -41.72
CA LYS A 790 2.61 -42.56 -41.12
C LYS A 790 3.58 -43.12 -42.14
N THR A 791 4.84 -43.19 -41.77
CA THR A 791 5.86 -43.74 -42.63
C THR A 791 5.51 -45.17 -43.01
N PRO A 792 5.90 -45.63 -44.18
CA PRO A 792 5.73 -47.04 -44.52
C PRO A 792 6.82 -47.88 -43.87
N PRO A 793 6.55 -49.16 -43.59
CA PRO A 793 7.56 -49.98 -42.92
C PRO A 793 8.80 -50.25 -43.77
N ILE A 794 8.72 -50.04 -45.07
CA ILE A 794 9.84 -50.28 -45.98
C ILE A 794 10.69 -49.01 -46.04
N LYS A 795 11.76 -49.00 -45.25
CA LYS A 795 12.63 -47.82 -45.16
C LYS A 795 13.65 -47.79 -46.29
N ASP A 796 13.19 -47.90 -47.53
CA ASP A 796 14.08 -47.86 -48.70
C ASP A 796 14.19 -46.44 -49.23
N PHE A 797 14.67 -45.55 -48.37
CA PHE A 797 14.72 -44.12 -48.69
C PHE A 797 16.03 -43.76 -49.40
N GLY A 798 16.19 -44.32 -50.59
CA GLY A 798 17.29 -43.94 -51.45
C GLY A 798 18.68 -44.13 -50.87
N GLY A 799 18.75 -44.67 -49.66
CA GLY A 799 20.02 -44.82 -48.95
C GLY A 799 20.12 -44.01 -47.68
N PHE A 800 19.22 -43.07 -47.43
CA PHE A 800 19.29 -42.29 -46.21
C PHE A 800 18.79 -43.13 -45.03
N ASN A 801 19.21 -42.75 -43.83
CA ASN A 801 19.01 -43.62 -42.66
C ASN A 801 17.71 -43.33 -41.94
N PHE A 802 17.55 -42.12 -41.41
CA PHE A 802 16.30 -41.66 -40.82
C PHE A 802 15.86 -42.45 -39.60
N SER A 803 16.61 -43.49 -39.23
CA SER A 803 16.18 -44.30 -38.10
C SER A 803 16.54 -43.67 -36.77
N GLN A 804 17.23 -42.54 -36.79
CA GLN A 804 17.61 -41.83 -35.58
C GLN A 804 16.71 -40.64 -35.31
N ILE A 805 15.78 -40.34 -36.21
CA ILE A 805 14.75 -39.34 -35.96
C ILE A 805 13.34 -39.89 -36.10
N LEU A 806 13.14 -41.01 -36.78
CA LEU A 806 11.81 -41.58 -36.88
C LEU A 806 11.42 -42.21 -35.54
N PRO A 807 10.12 -42.21 -35.21
CA PRO A 807 9.73 -42.58 -33.85
C PRO A 807 10.07 -44.01 -33.53
N ASP A 808 10.41 -44.24 -32.26
CA ASP A 808 10.76 -45.57 -31.78
C ASP A 808 9.52 -46.22 -31.19
N PRO A 809 9.00 -47.29 -31.78
CA PRO A 809 7.80 -47.92 -31.22
C PRO A 809 8.07 -48.73 -29.97
N SER A 810 9.29 -48.62 -29.44
CA SER A 810 9.69 -49.38 -28.26
C SER A 810 9.25 -48.74 -26.95
N LYS A 811 8.47 -47.67 -26.99
CA LYS A 811 7.93 -47.07 -25.78
C LYS A 811 6.46 -46.71 -25.96
N SER A 813 5.36 -42.91 -24.56
CA SER A 813 6.31 -41.92 -25.10
C SER A 813 6.97 -42.47 -26.33
N LYS A 814 6.21 -42.68 -27.40
CA LYS A 814 6.77 -43.24 -28.62
C LYS A 814 7.62 -42.19 -29.33
N ARG A 815 8.70 -41.77 -28.70
CA ARG A 815 9.58 -40.75 -29.24
C ARG A 815 10.79 -41.40 -29.90
N SER A 816 11.55 -40.61 -30.62
CA SER A 816 12.70 -41.10 -31.35
C SER A 816 13.98 -40.81 -30.58
N PHE A 817 15.09 -41.36 -31.10
CA PHE A 817 16.33 -41.34 -30.34
C PHE A 817 16.78 -39.91 -30.03
N ILE A 818 16.67 -39.01 -31.00
CA ILE A 818 17.15 -37.67 -30.73
C ILE A 818 16.19 -36.92 -29.81
N GLU A 819 14.89 -37.21 -29.89
CA GLU A 819 13.99 -36.63 -28.91
C GLU A 819 14.31 -37.14 -27.51
N ASP A 820 14.73 -38.38 -27.39
CA ASP A 820 15.19 -38.90 -26.11
C ASP A 820 16.37 -38.10 -25.59
N LEU A 821 17.41 -38.01 -26.41
CA LEU A 821 18.56 -37.21 -26.03
C LEU A 821 18.14 -35.83 -25.55
N LEU A 822 17.23 -35.20 -26.28
CA LEU A 822 16.81 -33.85 -25.90
C LEU A 822 16.07 -33.85 -24.58
N PHE A 823 15.29 -34.89 -24.32
CA PHE A 823 14.52 -34.91 -23.07
C PHE A 823 15.42 -35.12 -21.87
N ASN A 824 16.45 -35.95 -22.01
CA ASN A 824 17.32 -36.21 -20.87
C ASN A 824 18.20 -35.00 -20.54
N LYS A 825 18.53 -34.19 -21.55
CA LYS A 825 19.43 -33.07 -21.34
C LYS A 825 18.78 -31.89 -20.65
N VAL A 826 17.48 -31.93 -20.38
CA VAL A 826 16.76 -30.82 -19.78
C VAL A 826 16.23 -31.24 -18.42
N THR A 827 16.34 -30.35 -17.44
CA THR A 827 15.89 -30.62 -16.08
C THR A 827 14.44 -30.20 -15.88
N PHE A 855 4.07 -23.72 -2.30
CA PHE A 855 2.71 -24.16 -2.56
C PHE A 855 1.69 -23.34 -1.77
N ASN A 856 1.87 -22.02 -1.77
CA ASN A 856 0.96 -21.09 -1.11
C ASN A 856 -0.14 -20.60 -2.03
N GLY A 857 -0.55 -21.41 -2.99
CA GLY A 857 -1.51 -21.01 -4.01
C GLY A 857 -1.01 -21.15 -5.41
N LEU A 858 0.19 -21.69 -5.61
CA LEU A 858 0.83 -21.71 -6.92
C LEU A 858 0.48 -23.00 -7.65
N THR A 859 -0.77 -23.11 -8.06
CA THR A 859 -1.15 -24.23 -8.90
C THR A 859 -0.44 -24.12 -10.24
N VAL A 860 0.12 -25.23 -10.71
CA VAL A 860 0.82 -25.28 -11.97
C VAL A 860 -0.03 -26.10 -12.93
N LEU A 861 -0.78 -25.43 -13.79
CA LEU A 861 -1.66 -26.13 -14.70
C LEU A 861 -0.85 -27.04 -15.61
N PRO A 862 -1.45 -28.12 -16.09
CA PRO A 862 -0.75 -29.00 -17.01
C PRO A 862 -1.01 -28.60 -18.44
N PRO A 863 -0.03 -28.76 -19.33
CA PRO A 863 -0.22 -28.36 -20.72
C PRO A 863 -1.29 -29.19 -21.38
N LEU A 864 -1.89 -28.63 -22.43
CA LEU A 864 -3.00 -29.31 -23.08
C LEU A 864 -2.52 -30.39 -24.03
N LEU A 865 -1.45 -30.12 -24.78
CA LEU A 865 -0.89 -31.13 -25.68
C LEU A 865 0.17 -31.91 -24.91
N THR A 866 -0.17 -33.12 -24.48
CA THR A 866 0.76 -33.91 -23.71
C THR A 866 1.88 -34.43 -24.61
N ASP A 867 3.01 -34.75 -23.98
CA ASP A 867 4.23 -35.02 -24.72
C ASP A 867 4.06 -36.15 -25.73
N GLU A 868 3.26 -37.16 -25.43
CA GLU A 868 3.03 -38.19 -26.42
C GLU A 868 2.33 -37.63 -27.65
N MET A 869 1.44 -36.66 -27.46
CA MET A 869 0.77 -36.08 -28.62
C MET A 869 1.68 -35.12 -29.36
N ILE A 870 2.53 -34.40 -28.65
CA ILE A 870 3.53 -33.59 -29.33
C ILE A 870 4.42 -34.47 -30.19
N ALA A 871 4.84 -35.61 -29.66
CA ALA A 871 5.70 -36.51 -30.42
C ALA A 871 4.96 -37.08 -31.62
N GLN A 872 3.68 -37.39 -31.46
CA GLN A 872 2.90 -37.84 -32.62
C GLN A 872 2.84 -36.76 -33.68
N TYR A 873 2.71 -35.50 -33.26
CA TYR A 873 2.64 -34.41 -34.23
C TYR A 873 3.94 -34.27 -35.01
N THR A 874 5.07 -34.25 -34.30
CA THR A 874 6.32 -34.11 -35.03
C THR A 874 6.61 -35.34 -35.88
N SER A 875 6.18 -36.52 -35.45
CA SER A 875 6.34 -37.68 -36.32
C SER A 875 5.48 -37.56 -37.56
N ALA A 876 4.28 -36.99 -37.43
CA ALA A 876 3.46 -36.77 -38.62
C ALA A 876 4.12 -35.80 -39.57
N LEU A 877 4.59 -34.68 -39.05
CA LEU A 877 5.27 -33.70 -39.92
C LEU A 877 6.46 -34.34 -40.60
N LEU A 878 7.24 -35.12 -39.86
CA LEU A 878 8.45 -35.72 -40.42
C LEU A 878 8.10 -36.75 -41.48
N ALA A 879 7.08 -37.57 -41.25
CA ALA A 879 6.73 -38.56 -42.25
C ALA A 879 6.12 -37.93 -43.48
N GLY A 880 5.37 -36.85 -43.29
CA GLY A 880 4.86 -36.11 -44.44
C GLY A 880 5.98 -35.55 -45.29
N THR A 881 6.94 -34.89 -44.64
CA THR A 881 8.13 -34.42 -45.35
C THR A 881 8.77 -35.57 -46.13
N ILE A 882 9.16 -36.63 -45.42
CA ILE A 882 9.91 -37.72 -46.03
C ILE A 882 9.20 -38.27 -47.25
N THR A 883 7.91 -38.54 -47.15
CA THR A 883 7.25 -39.26 -48.22
C THR A 883 6.57 -38.37 -49.25
N SER A 884 6.46 -37.06 -49.02
CA SER A 884 5.70 -36.24 -49.96
C SER A 884 6.31 -34.87 -50.25
N GLY A 885 7.51 -34.57 -49.78
CA GLY A 885 8.09 -33.28 -50.08
C GLY A 885 7.40 -32.12 -49.38
N TRP A 886 6.84 -31.20 -50.16
CA TRP A 886 6.09 -30.09 -49.63
C TRP A 886 4.62 -30.14 -50.01
N THR A 887 4.23 -31.08 -50.86
CA THR A 887 2.83 -31.19 -51.21
C THR A 887 1.97 -31.46 -50.00
N PHE A 888 2.52 -32.04 -48.94
CA PHE A 888 1.68 -32.26 -47.78
C PHE A 888 1.41 -30.97 -47.03
N GLY A 889 2.15 -29.91 -47.32
CA GLY A 889 1.87 -28.62 -46.75
C GLY A 889 1.03 -27.79 -47.68
N ALA A 890 1.17 -28.04 -48.98
CA ALA A 890 0.36 -27.33 -49.96
C ALA A 890 -1.07 -27.84 -49.97
N GLY A 891 -1.27 -29.10 -50.34
CA GLY A 891 -2.59 -29.66 -50.40
C GLY A 891 -2.64 -31.11 -49.99
N ALA A 892 -3.28 -31.95 -50.81
CA ALA A 892 -3.27 -33.37 -50.56
C ALA A 892 -1.85 -33.90 -50.70
N ALA A 893 -1.41 -34.70 -49.73
CA ALA A 893 -0.05 -35.20 -49.74
C ALA A 893 0.12 -36.20 -50.88
N LEU A 894 0.92 -35.83 -51.87
CA LEU A 894 1.19 -36.67 -53.03
C LEU A 894 2.56 -37.32 -52.84
N GLN A 895 2.57 -38.65 -52.79
CA GLN A 895 3.82 -39.35 -52.54
C GLN A 895 4.77 -39.26 -53.73
N ILE A 896 6.05 -39.43 -53.45
CA ILE A 896 7.10 -39.36 -54.47
C ILE A 896 8.37 -39.99 -53.90
N PRO A 897 9.13 -40.75 -54.68
CA PRO A 897 10.36 -41.33 -54.16
C PRO A 897 11.29 -40.27 -53.59
N PHE A 898 12.01 -40.67 -52.53
CA PHE A 898 12.81 -39.71 -51.80
C PHE A 898 13.97 -39.18 -52.64
N ALA A 899 14.54 -40.03 -53.49
CA ALA A 899 15.61 -39.55 -54.36
C ALA A 899 15.10 -38.46 -55.29
N MET A 900 13.91 -38.65 -55.85
CA MET A 900 13.35 -37.62 -56.72
C MET A 900 12.98 -36.38 -55.93
N GLN A 901 12.54 -36.53 -54.68
CA GLN A 901 12.26 -35.36 -53.86
C GLN A 901 13.53 -34.55 -53.65
N MET A 902 14.60 -35.21 -53.20
CA MET A 902 15.87 -34.51 -53.06
C MET A 902 16.37 -33.98 -54.39
N ALA A 903 15.97 -34.60 -55.50
CA ALA A 903 16.34 -34.06 -56.81
C ALA A 903 15.66 -32.73 -57.04
N TYR A 904 14.36 -32.65 -56.73
CA TYR A 904 13.67 -31.37 -56.79
C TYR A 904 14.35 -30.35 -55.90
N ARG A 905 14.77 -30.78 -54.71
CA ARG A 905 15.45 -29.86 -53.80
C ARG A 905 16.74 -29.32 -54.42
N PHE A 906 17.61 -30.23 -54.86
CA PHE A 906 18.84 -29.82 -55.53
C PHE A 906 18.55 -28.87 -56.68
N ASN A 907 17.50 -29.14 -57.44
CA ASN A 907 17.12 -28.21 -58.50
C ASN A 907 16.64 -26.89 -57.94
N GLY A 908 16.18 -26.86 -56.70
CA GLY A 908 15.70 -25.62 -56.11
C GLY A 908 16.79 -24.63 -55.78
N ILE A 909 18.03 -25.08 -55.63
CA ILE A 909 19.13 -24.20 -55.28
C ILE A 909 20.02 -23.91 -56.48
N GLY A 910 19.63 -24.31 -57.67
CA GLY A 910 20.40 -24.02 -58.85
C GLY A 910 21.45 -25.04 -59.20
N VAL A 911 21.30 -26.29 -58.73
CA VAL A 911 22.22 -27.36 -59.03
C VAL A 911 21.42 -28.46 -59.74
N THR A 912 21.83 -28.79 -60.95
CA THR A 912 21.05 -29.69 -61.78
C THR A 912 20.94 -31.06 -61.14
N GLN A 913 19.81 -31.72 -61.35
CA GLN A 913 19.53 -32.95 -60.63
C GLN A 913 20.43 -34.11 -61.05
N ASN A 914 21.06 -34.01 -62.22
CA ASN A 914 22.03 -35.03 -62.59
C ASN A 914 23.11 -35.17 -61.52
N VAL A 915 23.47 -34.06 -60.88
CA VAL A 915 24.47 -34.10 -59.83
C VAL A 915 24.04 -35.04 -58.71
N LEU A 916 22.80 -34.91 -58.25
CA LEU A 916 22.32 -35.79 -57.19
C LEU A 916 22.20 -37.22 -57.69
N TYR A 917 21.58 -37.42 -58.86
CA TYR A 917 21.39 -38.78 -59.32
C TYR A 917 22.71 -39.49 -59.53
N GLU A 918 23.78 -38.74 -59.82
CA GLU A 918 25.10 -39.34 -59.90
C GLU A 918 25.64 -39.64 -58.50
N ASN A 919 25.79 -38.62 -57.67
CA ASN A 919 26.50 -38.77 -56.41
C ASN A 919 25.63 -39.29 -55.28
N GLN A 920 24.48 -39.88 -55.61
CA GLN A 920 23.51 -40.31 -54.60
C GLN A 920 24.14 -41.07 -53.44
N LYS A 921 25.05 -42.01 -53.72
CA LYS A 921 25.62 -42.81 -52.64
C LYS A 921 26.46 -41.94 -51.71
N LEU A 922 27.34 -41.12 -52.28
CA LEU A 922 28.13 -40.22 -51.46
C LEU A 922 27.24 -39.28 -50.65
N ILE A 923 26.16 -38.79 -51.26
CA ILE A 923 25.30 -37.85 -50.57
C ILE A 923 24.59 -38.52 -49.41
N ALA A 924 24.09 -39.74 -49.62
CA ALA A 924 23.43 -40.45 -48.54
C ALA A 924 24.41 -40.75 -47.41
N ASN A 925 25.65 -41.10 -47.75
CA ASN A 925 26.64 -41.35 -46.71
C ASN A 925 26.96 -40.08 -45.93
N GLN A 926 27.06 -38.94 -46.62
CA GLN A 926 27.29 -37.69 -45.93
C GLN A 926 26.13 -37.34 -45.02
N PHE A 927 24.91 -37.58 -45.48
CA PHE A 927 23.74 -37.30 -44.65
C PHE A 927 23.73 -38.17 -43.40
N ASN A 928 23.98 -39.47 -43.55
CA ASN A 928 23.99 -40.34 -42.39
C ASN A 928 25.10 -39.97 -41.42
N SER A 929 26.29 -39.64 -41.95
CA SER A 929 27.39 -39.24 -41.09
C SER A 929 27.06 -37.96 -40.33
N ALA A 930 26.39 -37.02 -40.98
CA ALA A 930 26.05 -35.76 -40.32
C ALA A 930 24.99 -35.98 -39.24
N ILE A 931 24.00 -36.83 -39.52
CA ILE A 931 23.02 -37.16 -38.49
C ILE A 931 23.72 -37.79 -37.29
N GLY A 932 24.65 -38.71 -37.56
CA GLY A 932 25.40 -39.32 -36.48
C GLY A 932 26.20 -38.30 -35.68
N LYS A 933 26.77 -37.31 -36.37
CA LYS A 933 27.48 -36.27 -35.65
C LYS A 933 26.55 -35.45 -34.77
N ILE A 934 25.33 -35.20 -35.23
CA ILE A 934 24.34 -34.53 -34.38
C ILE A 934 24.09 -35.36 -33.14
N GLN A 935 23.87 -36.65 -33.33
CA GLN A 935 23.70 -37.58 -32.22
C GLN A 935 24.83 -37.43 -31.21
N ASP A 936 26.07 -37.50 -31.69
CA ASP A 936 27.22 -37.48 -30.80
C ASP A 936 27.30 -36.15 -30.06
N SER A 937 27.23 -35.04 -30.79
CA SER A 937 27.28 -33.72 -30.17
C SER A 937 26.25 -33.61 -29.06
N LEU A 938 25.01 -33.96 -29.35
CA LEU A 938 23.96 -33.83 -28.34
C LEU A 938 24.20 -34.76 -27.17
N SER A 939 24.45 -36.05 -27.43
CA SER A 939 24.60 -37.02 -26.36
C SER A 939 25.80 -36.73 -25.49
N SER A 940 26.80 -36.00 -26.00
CA SER A 940 27.99 -35.70 -25.23
C SER A 940 27.89 -34.36 -24.50
N THR A 941 27.77 -33.27 -25.26
CA THR A 941 27.80 -31.94 -24.67
C THR A 941 26.39 -31.51 -24.30
N ALA A 942 26.20 -31.16 -23.02
CA ALA A 942 24.89 -30.77 -22.51
C ALA A 942 24.60 -29.28 -22.65
N SER A 943 25.58 -28.48 -23.07
CA SER A 943 25.40 -27.05 -23.19
C SER A 943 24.75 -26.64 -24.50
N ALA A 944 24.09 -27.56 -25.20
CA ALA A 944 23.42 -27.24 -26.44
C ALA A 944 21.99 -26.76 -26.24
N LEU A 945 21.34 -27.15 -25.15
CA LEU A 945 19.96 -26.77 -24.88
C LEU A 945 19.88 -25.58 -23.93
N GLY A 946 20.81 -24.66 -24.09
CA GLY A 946 20.87 -23.51 -23.21
C GLY A 946 19.60 -22.69 -23.24
N LYS A 947 18.96 -22.59 -24.40
CA LYS A 947 17.78 -21.74 -24.50
C LYS A 947 16.62 -22.28 -23.67
N LEU A 948 16.25 -23.53 -23.90
CA LEU A 948 15.19 -24.15 -23.12
C LEU A 948 15.54 -24.14 -21.63
N GLN A 949 16.81 -24.39 -21.31
CA GLN A 949 17.18 -24.38 -19.91
C GLN A 949 17.06 -22.98 -19.31
N ASP A 950 17.34 -21.95 -20.10
CA ASP A 950 17.19 -20.59 -19.59
C ASP A 950 15.73 -20.25 -19.35
N VAL A 951 14.85 -20.72 -20.22
CA VAL A 951 13.42 -20.50 -19.99
C VAL A 951 13.01 -21.13 -18.66
N VAL A 952 13.34 -22.41 -18.49
CA VAL A 952 12.93 -23.11 -17.27
C VAL A 952 13.54 -22.45 -16.04
N ASN A 953 14.81 -22.07 -16.13
CA ASN A 953 15.47 -21.48 -14.97
C ASN A 953 14.90 -20.13 -14.63
N GLN A 954 14.59 -19.31 -15.62
CA GLN A 954 14.01 -18.00 -15.31
C GLN A 954 12.66 -18.16 -14.65
N ASN A 955 11.84 -19.09 -15.14
CA ASN A 955 10.54 -19.26 -14.49
C ASN A 955 10.69 -19.78 -13.06
N ALA A 956 11.54 -20.78 -12.85
CA ALA A 956 11.70 -21.32 -11.51
C ALA A 956 12.28 -20.27 -10.57
N GLN A 957 13.16 -19.41 -11.06
CA GLN A 957 13.72 -18.37 -10.21
C GLN A 957 12.68 -17.33 -9.85
N ALA A 958 11.84 -16.96 -10.81
CA ALA A 958 10.78 -16.00 -10.48
C ALA A 958 9.84 -16.56 -9.44
N LEU A 959 9.50 -17.84 -9.56
CA LEU A 959 8.58 -18.45 -8.60
C LEU A 959 9.21 -18.54 -7.22
N ASN A 960 10.47 -18.97 -7.14
CA ASN A 960 11.12 -19.05 -5.84
C ASN A 960 11.32 -17.67 -5.22
N THR A 961 11.55 -16.65 -6.03
CA THR A 961 11.61 -15.30 -5.49
C THR A 961 10.25 -14.89 -4.93
N LEU A 962 9.18 -15.15 -5.66
CA LEU A 962 7.85 -14.81 -5.16
C LEU A 962 7.56 -15.51 -3.85
N VAL A 963 8.00 -16.76 -3.72
CA VAL A 963 7.72 -17.49 -2.48
C VAL A 963 8.56 -16.94 -1.34
N LYS A 964 9.87 -16.76 -1.57
CA LYS A 964 10.71 -16.19 -0.53
C LYS A 964 10.30 -14.79 -0.15
N GLN A 965 9.52 -14.11 -0.98
CA GLN A 965 8.98 -12.82 -0.57
C GLN A 965 7.97 -12.94 0.55
N LEU A 966 7.44 -14.13 0.79
CA LEU A 966 6.53 -14.30 1.91
C LEU A 966 7.24 -14.11 3.24
N SER A 967 8.51 -14.46 3.32
CA SER A 967 9.25 -14.40 4.57
C SER A 967 9.82 -13.03 4.87
N SER A 968 9.24 -11.98 4.30
CA SER A 968 9.71 -10.63 4.56
C SER A 968 8.76 -9.91 5.52
N ASN A 969 9.30 -8.93 6.22
CA ASN A 969 8.51 -8.19 7.18
C ASN A 969 7.73 -7.06 6.54
N PHE A 970 8.23 -6.53 5.43
CA PHE A 970 7.63 -5.37 4.77
C PHE A 970 7.41 -4.22 5.74
N GLY A 971 8.21 -4.16 6.79
CA GLY A 971 8.07 -3.14 7.79
C GLY A 971 7.23 -3.52 8.98
N ALA A 972 6.46 -4.60 8.88
CA ALA A 972 5.60 -5.02 9.97
C ALA A 972 6.43 -5.57 11.13
N ILE A 973 5.75 -6.03 12.16
CA ILE A 973 6.45 -6.52 13.34
C ILE A 973 6.96 -7.95 13.13
N SER A 974 6.29 -8.72 12.29
CA SER A 974 6.75 -10.05 11.92
C SER A 974 5.91 -10.55 10.75
N SER A 975 6.53 -11.40 9.92
CA SER A 975 5.88 -11.85 8.70
C SER A 975 4.71 -12.77 8.97
N VAL A 976 4.65 -13.41 10.13
CA VAL A 976 3.62 -14.41 10.39
C VAL A 976 2.30 -13.69 10.66
N LEU A 977 1.32 -13.92 9.79
CA LEU A 977 0.04 -13.24 9.94
C LEU A 977 -0.66 -13.68 11.22
N ASN A 978 -0.55 -14.96 11.56
CA ASN A 978 -1.12 -15.42 12.83
C ASN A 978 -0.45 -14.73 14.00
N ASP A 979 0.87 -14.57 13.93
CA ASP A 979 1.59 -13.87 15.00
C ASP A 979 1.06 -12.45 15.16
N ILE A 980 0.88 -11.73 14.06
CA ILE A 980 0.39 -10.37 14.17
C ILE A 980 -1.02 -10.36 14.75
N LEU A 981 -1.90 -11.18 14.17
CA LEU A 981 -3.29 -11.24 14.61
C LEU A 981 -3.40 -11.54 16.09
N SER A 982 -2.54 -12.42 16.61
CA SER A 982 -2.55 -12.74 18.03
C SER A 982 -1.98 -11.60 18.84
N ARG A 983 -0.72 -11.26 18.62
CA ARG A 983 0.01 -10.33 19.47
C ARG A 983 -0.47 -8.89 19.34
N LEU A 984 -1.43 -8.57 18.49
CA LEU A 984 -1.96 -7.22 18.50
C LEU A 984 -3.48 -7.22 18.47
N ASP A 985 -4.07 -6.28 19.18
CA ASP A 985 -5.50 -6.08 19.15
C ASP A 985 -5.95 -5.68 17.75
N PRO A 986 -7.17 -6.03 17.36
CA PRO A 986 -7.66 -5.74 16.01
C PRO A 986 -7.41 -4.31 15.57
N PRO A 987 -7.69 -3.29 16.38
CA PRO A 987 -7.53 -1.91 15.89
C PRO A 987 -6.16 -1.58 15.33
N GLU A 988 -5.09 -2.17 15.86
CA GLU A 988 -3.74 -1.89 15.38
C GLU A 988 -3.18 -3.02 14.52
N ALA A 989 -3.48 -4.26 14.88
CA ALA A 989 -3.18 -5.37 13.99
C ALA A 989 -3.74 -5.13 12.60
N GLU A 990 -4.81 -4.34 12.49
CA GLU A 990 -5.33 -4.01 11.16
C GLU A 990 -4.31 -3.22 10.35
N VAL A 991 -3.67 -2.21 10.96
CA VAL A 991 -2.72 -1.43 10.19
C VAL A 991 -1.45 -2.22 9.91
N GLN A 992 -1.04 -3.06 10.87
CA GLN A 992 0.12 -3.93 10.61
C GLN A 992 -0.16 -4.87 9.45
N ILE A 993 -1.31 -5.54 9.47
CA ILE A 993 -1.69 -6.47 8.42
C ILE A 993 -1.88 -5.74 7.10
N ASP A 994 -2.34 -4.49 7.14
CA ASP A 994 -2.48 -3.75 5.91
C ASP A 994 -1.13 -3.43 5.30
N ARG A 995 -0.14 -3.13 6.14
CA ARG A 995 1.22 -2.93 5.63
C ARG A 995 1.75 -4.20 5.00
N LEU A 996 1.54 -5.34 5.65
CA LEU A 996 1.95 -6.61 5.05
C LEU A 996 1.22 -6.87 3.74
N ILE A 997 -0.06 -6.53 3.68
CA ILE A 997 -0.81 -6.71 2.44
C ILE A 997 -0.21 -5.87 1.32
N THR A 998 0.11 -4.61 1.62
CA THR A 998 0.69 -3.77 0.58
C THR A 998 2.01 -4.36 0.09
N GLY A 999 2.86 -4.80 1.00
CA GLY A 999 4.10 -5.43 0.59
C GLY A 999 3.88 -6.63 -0.32
N ARG A 1000 3.04 -7.56 0.13
CA ARG A 1000 2.86 -8.80 -0.62
C ARG A 1000 2.17 -8.55 -1.95
N LEU A 1001 1.23 -7.63 -1.98
CA LEU A 1001 0.56 -7.31 -3.23
C LEU A 1001 1.52 -6.67 -4.22
N GLN A 1002 2.41 -5.80 -3.73
CA GLN A 1002 3.40 -5.23 -4.64
C GLN A 1002 4.31 -6.32 -5.20
N SER A 1003 4.72 -7.26 -4.35
CA SER A 1003 5.56 -8.34 -4.84
C SER A 1003 4.85 -9.19 -5.88
N LEU A 1004 3.59 -9.53 -5.62
CA LEU A 1004 2.84 -10.35 -6.56
C LEU A 1004 2.64 -9.62 -7.88
N GLN A 1005 2.41 -8.31 -7.83
CA GLN A 1005 2.20 -7.57 -9.06
C GLN A 1005 3.49 -7.49 -9.86
N THR A 1006 4.62 -7.32 -9.18
CA THR A 1006 5.90 -7.39 -9.87
C THR A 1006 6.06 -8.73 -10.57
N TYR A 1007 5.70 -9.82 -9.90
CA TYR A 1007 5.83 -11.12 -10.53
C TYR A 1007 4.94 -11.24 -11.75
N VAL A 1008 3.71 -10.73 -11.67
CA VAL A 1008 2.82 -10.86 -12.82
C VAL A 1008 3.33 -10.02 -13.98
N THR A 1009 3.92 -8.85 -13.71
CA THR A 1009 4.48 -8.07 -14.80
C THR A 1009 5.66 -8.78 -15.44
N GLN A 1010 6.55 -9.35 -14.62
CA GLN A 1010 7.65 -10.12 -15.19
C GLN A 1010 7.15 -11.25 -16.06
N GLN A 1011 6.07 -11.92 -15.63
CA GLN A 1011 5.55 -13.01 -16.44
C GLN A 1011 4.93 -12.49 -17.73
N LEU A 1012 4.24 -11.37 -17.69
CA LEU A 1012 3.69 -10.82 -18.92
C LEU A 1012 4.78 -10.54 -19.93
N ILE A 1013 5.86 -9.92 -19.48
CA ILE A 1013 6.94 -9.58 -20.41
C ILE A 1013 7.62 -10.84 -20.93
N ARG A 1014 7.92 -11.77 -20.03
CA ARG A 1014 8.56 -13.01 -20.46
C ARG A 1014 7.67 -13.78 -21.41
N ALA A 1015 6.36 -13.73 -21.23
CA ALA A 1015 5.47 -14.42 -22.15
C ALA A 1015 5.40 -13.72 -23.49
N ALA A 1016 5.51 -12.40 -23.52
CA ALA A 1016 5.62 -11.74 -24.81
C ALA A 1016 6.85 -12.22 -25.56
N GLU A 1017 7.97 -12.35 -24.86
CA GLU A 1017 9.19 -12.80 -25.54
C GLU A 1017 9.06 -14.25 -26.00
N ILE A 1018 8.47 -15.11 -25.17
CA ILE A 1018 8.30 -16.49 -25.56
C ILE A 1018 7.35 -16.61 -26.74
N ARG A 1019 6.32 -15.75 -26.79
CA ARG A 1019 5.44 -15.81 -27.95
C ARG A 1019 6.13 -15.29 -29.19
N ALA A 1020 7.05 -14.34 -29.05
CA ALA A 1020 7.86 -13.97 -30.20
C ALA A 1020 8.63 -15.18 -30.72
N SER A 1021 9.25 -15.92 -29.81
CA SER A 1021 9.97 -17.12 -30.21
C SER A 1021 9.04 -18.19 -30.77
N ALA A 1022 7.80 -18.23 -30.30
CA ALA A 1022 6.88 -19.25 -30.79
C ALA A 1022 6.33 -18.91 -32.17
N ASN A 1023 6.05 -17.63 -32.42
CA ASN A 1023 5.74 -17.22 -33.78
C ASN A 1023 6.90 -17.48 -34.71
N LEU A 1024 8.13 -17.23 -34.23
CA LEU A 1024 9.29 -17.53 -35.05
C LEU A 1024 9.41 -19.02 -35.32
N ALA A 1025 9.13 -19.85 -34.34
CA ALA A 1025 9.19 -21.29 -34.58
C ALA A 1025 8.10 -21.74 -35.52
N ALA A 1026 6.91 -21.15 -35.42
CA ALA A 1026 5.84 -21.49 -36.34
C ALA A 1026 6.24 -21.15 -37.76
N THR A 1027 6.72 -19.92 -37.97
CA THR A 1027 7.17 -19.52 -39.29
C THR A 1027 8.29 -20.42 -39.78
N LYS A 1028 9.25 -20.73 -38.91
CA LYS A 1028 10.37 -21.53 -39.34
C LYS A 1028 9.96 -22.93 -39.71
N MET A 1029 9.03 -23.52 -38.95
CA MET A 1029 8.59 -24.85 -39.31
C MET A 1029 7.80 -24.84 -40.60
N SER A 1030 6.90 -23.87 -40.75
CA SER A 1030 6.06 -23.83 -41.94
C SER A 1030 6.84 -23.53 -43.20
N GLU A 1031 7.95 -22.81 -43.12
CA GLU A 1031 8.74 -22.54 -44.31
C GLU A 1031 9.85 -23.56 -44.52
N CYS A 1032 10.67 -23.76 -43.50
CA CYS A 1032 11.75 -24.72 -43.57
C CYS A 1032 11.21 -26.13 -43.81
N VAL A 1033 10.44 -26.66 -42.87
CA VAL A 1033 10.00 -28.05 -42.96
C VAL A 1033 9.05 -28.26 -44.13
N LEU A 1034 7.87 -27.68 -44.04
CA LEU A 1034 6.79 -27.86 -45.00
C LEU A 1034 7.10 -27.36 -46.33
N GLY A 1035 8.31 -26.89 -46.61
CA GLY A 1035 8.62 -26.35 -47.91
C GLY A 1035 10.12 -26.28 -48.14
N GLN A 1036 10.57 -25.19 -48.74
CA GLN A 1036 12.00 -24.99 -48.93
C GLN A 1036 12.21 -23.50 -49.13
N SER A 1037 12.87 -22.85 -48.17
CA SER A 1037 12.97 -21.40 -48.17
C SER A 1037 14.29 -20.96 -48.78
N LYS A 1038 14.21 -19.96 -49.63
CA LYS A 1038 15.40 -19.36 -50.21
C LYS A 1038 15.97 -18.26 -49.34
N ARG A 1039 15.33 -17.93 -48.23
CA ARG A 1039 15.81 -16.87 -47.37
C ARG A 1039 17.16 -17.27 -46.78
N VAL A 1040 18.22 -16.57 -47.17
CA VAL A 1040 19.56 -16.96 -46.73
C VAL A 1040 19.64 -16.95 -45.22
N ASP A 1041 20.40 -17.91 -44.68
CA ASP A 1041 20.62 -18.04 -43.24
C ASP A 1041 19.31 -18.07 -42.46
N PHE A 1042 18.21 -18.44 -43.09
CA PHE A 1042 17.00 -18.71 -42.31
C PHE A 1042 16.97 -20.13 -41.84
N CYS A 1043 17.50 -21.04 -42.65
CA CYS A 1043 17.43 -22.46 -42.38
C CYS A 1043 18.82 -23.04 -42.25
N GLY A 1044 19.66 -22.41 -41.45
CA GLY A 1044 21.00 -22.92 -41.23
C GLY A 1044 21.96 -22.35 -42.26
N LYS A 1045 23.18 -22.03 -41.83
CA LYS A 1045 24.15 -21.42 -42.72
C LYS A 1045 24.36 -22.29 -43.95
N GLY A 1046 24.10 -21.72 -45.11
CA GLY A 1046 24.29 -22.39 -46.38
C GLY A 1046 22.99 -22.48 -47.16
N TYR A 1047 23.08 -23.10 -48.33
CA TYR A 1047 21.89 -23.35 -49.11
C TYR A 1047 21.04 -24.40 -48.43
N HIS A 1048 19.73 -24.30 -48.61
CA HIS A 1048 18.78 -25.09 -47.87
C HIS A 1048 18.24 -26.23 -48.73
N LEU A 1049 18.08 -27.40 -48.12
CA LEU A 1049 17.51 -28.56 -48.79
C LEU A 1049 16.20 -29.01 -48.15
N MET A 1050 16.20 -29.23 -46.85
CA MET A 1050 15.00 -29.56 -46.09
C MET A 1050 15.41 -29.52 -44.63
N SER A 1051 14.44 -29.72 -43.74
CA SER A 1051 14.77 -29.69 -42.33
C SER A 1051 13.68 -30.38 -41.54
N PHE A 1052 14.06 -31.38 -40.76
CA PHE A 1052 13.09 -32.14 -40.00
C PHE A 1052 13.02 -31.64 -38.58
N PRO A 1053 11.83 -31.53 -38.01
CA PRO A 1053 11.70 -31.05 -36.64
C PRO A 1053 11.88 -32.18 -35.64
N GLN A 1054 12.13 -31.79 -34.40
CA GLN A 1054 12.25 -32.73 -33.30
C GLN A 1054 11.69 -32.05 -32.07
N SER A 1055 10.83 -32.75 -31.33
CA SER A 1055 10.27 -32.15 -30.14
C SER A 1055 11.33 -32.00 -29.08
N ALA A 1056 11.00 -31.24 -28.06
CA ALA A 1056 11.89 -31.02 -26.93
C ALA A 1056 11.07 -30.37 -25.83
N PRO A 1057 11.37 -30.63 -24.56
CA PRO A 1057 10.48 -30.16 -23.49
C PRO A 1057 10.40 -28.65 -23.50
N HIS A 1058 9.20 -28.13 -23.75
CA HIS A 1058 8.95 -26.70 -23.81
C HIS A 1058 9.76 -26.06 -24.94
N GLY A 1059 9.69 -26.66 -26.12
CA GLY A 1059 10.43 -26.11 -27.23
C GLY A 1059 10.34 -26.99 -28.45
N VAL A 1060 11.17 -26.69 -29.43
CA VAL A 1060 11.26 -27.47 -30.66
C VAL A 1060 12.70 -27.41 -31.13
N VAL A 1061 13.12 -28.39 -31.92
CA VAL A 1061 14.49 -28.49 -32.36
C VAL A 1061 14.51 -28.96 -33.80
N PHE A 1062 15.10 -28.18 -34.69
CA PHE A 1062 15.18 -28.52 -36.09
C PHE A 1062 16.54 -29.11 -36.42
N LEU A 1063 16.59 -29.84 -37.53
CA LEU A 1063 17.84 -30.35 -38.08
C LEU A 1063 17.96 -29.84 -39.51
N HIS A 1064 18.43 -28.60 -39.65
CA HIS A 1064 18.40 -27.94 -40.94
C HIS A 1064 19.39 -28.60 -41.89
N VAL A 1065 18.91 -29.50 -42.72
CA VAL A 1065 19.79 -30.15 -43.69
C VAL A 1065 20.17 -29.14 -44.76
N THR A 1066 21.38 -28.63 -44.71
CA THR A 1066 21.86 -27.63 -45.65
C THR A 1066 22.88 -28.23 -46.61
N TYR A 1067 23.15 -27.49 -47.69
CA TYR A 1067 24.07 -27.91 -48.75
C TYR A 1067 25.17 -26.88 -48.86
N VAL A 1068 26.41 -27.30 -48.63
CA VAL A 1068 27.55 -26.40 -48.58
C VAL A 1068 28.55 -26.84 -49.64
N PRO A 1069 29.07 -25.93 -50.45
CA PRO A 1069 30.12 -26.28 -51.42
C PRO A 1069 31.51 -26.22 -50.80
N ALA A 1070 32.38 -27.16 -51.19
CA ALA A 1070 33.64 -27.35 -50.50
C ALA A 1070 34.87 -27.08 -51.35
N GLN A 1071 35.06 -27.79 -52.47
CA GLN A 1071 36.32 -27.78 -53.18
C GLN A 1071 36.18 -27.04 -54.51
N GLU A 1072 37.00 -26.01 -54.71
CA GLU A 1072 36.85 -25.14 -55.87
C GLU A 1072 38.21 -24.84 -56.49
N LYS A 1073 38.18 -24.49 -57.77
CA LYS A 1073 39.33 -24.09 -58.56
C LYS A 1073 39.14 -22.64 -59.01
N ASN A 1074 40.03 -22.16 -59.89
CA ASN A 1074 39.99 -20.75 -60.25
C ASN A 1074 39.29 -20.49 -61.57
N PHE A 1075 39.75 -21.09 -62.67
CA PHE A 1075 39.00 -21.03 -63.91
C PHE A 1075 38.77 -19.61 -64.41
N THR A 1076 39.82 -18.93 -64.87
CA THR A 1076 39.68 -17.61 -65.49
C THR A 1076 38.46 -17.55 -66.40
N THR A 1077 37.63 -16.54 -66.20
CA THR A 1077 36.32 -16.43 -66.85
C THR A 1077 36.27 -15.27 -67.81
N ALA A 1078 35.08 -15.07 -68.39
CA ALA A 1078 34.82 -13.98 -69.31
C ALA A 1078 33.31 -13.81 -69.44
N PRO A 1079 32.82 -12.58 -69.59
CA PRO A 1079 31.37 -12.38 -69.59
C PRO A 1079 30.64 -12.99 -70.77
N ALA A 1080 31.26 -13.01 -71.94
CA ALA A 1080 30.61 -13.53 -73.14
C ALA A 1080 31.69 -13.83 -74.17
N ILE A 1081 31.28 -14.44 -75.28
CA ILE A 1081 32.20 -14.77 -76.36
C ILE A 1081 31.66 -14.24 -77.67
N CYS A 1082 32.58 -13.94 -78.59
CA CYS A 1082 32.25 -13.50 -79.94
C CYS A 1082 32.55 -14.62 -80.91
N HIS A 1083 31.51 -15.12 -81.59
CA HIS A 1083 31.67 -16.20 -82.54
C HIS A 1083 31.73 -15.71 -83.98
N ASP A 1084 30.70 -14.98 -84.41
CA ASP A 1084 30.65 -14.38 -85.74
C ASP A 1084 30.35 -12.90 -85.61
N GLY A 1085 31.04 -12.25 -84.68
CA GLY A 1085 30.73 -10.89 -84.33
C GLY A 1085 29.55 -10.74 -83.39
N LYS A 1086 28.74 -11.78 -83.23
CA LYS A 1086 27.62 -11.74 -82.32
C LYS A 1086 28.05 -12.15 -80.92
N ALA A 1087 27.57 -11.42 -79.92
CA ALA A 1087 27.86 -11.76 -78.54
C ALA A 1087 27.01 -12.93 -78.09
N HIS A 1088 27.60 -13.84 -77.34
CA HIS A 1088 26.92 -15.04 -76.85
C HIS A 1088 27.01 -15.09 -75.34
N PHE A 1089 25.86 -15.04 -74.68
CA PHE A 1089 25.79 -15.16 -73.23
C PHE A 1089 25.20 -16.50 -72.83
N PRO A 1090 25.64 -17.05 -71.70
CA PRO A 1090 25.09 -18.35 -71.27
C PRO A 1090 23.66 -18.21 -70.80
N ARG A 1091 22.81 -19.14 -71.24
CA ARG A 1091 21.43 -19.13 -70.80
C ARG A 1091 21.33 -19.41 -69.31
N GLU A 1092 22.05 -20.42 -68.84
CA GLU A 1092 22.09 -20.74 -67.41
C GLU A 1092 23.46 -21.34 -67.14
N GLY A 1093 24.38 -20.52 -66.67
CA GLY A 1093 25.72 -20.97 -66.39
C GLY A 1093 26.69 -19.80 -66.42
N VAL A 1094 27.95 -20.12 -66.69
CA VAL A 1094 29.01 -19.13 -66.69
C VAL A 1094 30.16 -19.66 -67.52
N PHE A 1095 30.85 -18.77 -68.21
CA PHE A 1095 31.96 -19.14 -69.07
C PHE A 1095 33.24 -19.24 -68.24
N VAL A 1096 33.97 -20.35 -68.40
CA VAL A 1096 35.25 -20.54 -67.73
C VAL A 1096 36.27 -21.03 -68.75
N SER A 1097 37.54 -20.91 -68.39
CA SER A 1097 38.65 -21.37 -69.23
C SER A 1097 39.72 -21.97 -68.33
N ASN A 1098 39.86 -23.29 -68.39
CA ASN A 1098 40.82 -23.97 -67.52
C ASN A 1098 42.25 -23.52 -67.81
N GLY A 1099 42.48 -22.92 -68.97
CA GLY A 1099 43.81 -22.54 -69.39
C GLY A 1099 44.11 -23.13 -70.75
N THR A 1100 43.24 -24.04 -71.17
CA THR A 1100 43.36 -24.72 -72.46
C THR A 1100 42.25 -24.32 -73.41
N HIS A 1101 40.99 -24.52 -73.02
CA HIS A 1101 39.85 -24.18 -73.87
C HIS A 1101 38.80 -23.49 -72.99
N TRP A 1102 37.65 -23.19 -73.59
CA TRP A 1102 36.57 -22.49 -72.92
C TRP A 1102 35.39 -23.42 -72.69
N PHE A 1103 34.69 -23.19 -71.59
CA PHE A 1103 33.54 -24.03 -71.24
C PHE A 1103 32.53 -23.20 -70.49
N VAL A 1104 31.26 -23.62 -70.59
CA VAL A 1104 30.15 -23.02 -69.86
C VAL A 1104 29.61 -24.06 -68.89
N THR A 1105 29.55 -23.70 -67.61
CA THR A 1105 29.13 -24.63 -66.58
C THR A 1105 28.19 -23.93 -65.61
N GLN A 1106 27.39 -24.72 -64.91
CA GLN A 1106 26.48 -24.18 -63.91
C GLN A 1106 27.27 -23.50 -62.80
N ARG A 1107 26.59 -22.61 -62.07
CA ARG A 1107 27.30 -21.67 -61.22
C ARG A 1107 27.79 -22.29 -59.92
N ASN A 1108 27.13 -23.33 -59.42
CA ASN A 1108 27.45 -23.85 -58.10
C ASN A 1108 28.18 -25.18 -58.10
N PHE A 1109 28.28 -25.85 -59.24
CA PHE A 1109 28.92 -27.16 -59.32
C PHE A 1109 29.73 -27.20 -60.61
N TYR A 1110 31.02 -27.49 -60.50
CA TYR A 1110 31.85 -27.53 -61.69
C TYR A 1110 31.43 -28.70 -62.57
N GLU A 1111 31.01 -28.38 -63.77
CA GLU A 1111 30.56 -29.39 -64.72
C GLU A 1111 30.73 -28.82 -66.11
N PRO A 1112 31.95 -28.76 -66.63
CA PRO A 1112 32.19 -28.05 -67.89
C PRO A 1112 31.50 -28.76 -69.04
N GLN A 1113 31.06 -27.96 -70.01
CA GLN A 1113 30.43 -28.46 -71.21
C GLN A 1113 30.90 -27.65 -72.40
N ILE A 1114 30.97 -28.30 -73.55
CA ILE A 1114 31.33 -27.60 -74.77
C ILE A 1114 30.32 -26.52 -75.05
N ILE A 1115 30.79 -25.37 -75.51
CA ILE A 1115 29.92 -24.22 -75.73
C ILE A 1115 29.17 -24.47 -77.03
N THR A 1116 27.96 -25.01 -76.92
CA THR A 1116 27.08 -25.18 -78.06
C THR A 1116 26.02 -24.09 -78.07
N THR A 1117 25.31 -23.98 -79.18
CA THR A 1117 24.26 -23.00 -79.28
C THR A 1117 23.00 -23.42 -78.55
N ASP A 1118 22.94 -24.66 -78.07
CA ASP A 1118 21.82 -25.09 -77.23
C ASP A 1118 22.00 -24.70 -75.78
N ASN A 1119 23.12 -24.10 -75.41
CA ASN A 1119 23.37 -23.65 -74.06
C ASN A 1119 23.40 -22.13 -73.91
N THR A 1120 23.83 -21.42 -74.94
CA THR A 1120 23.92 -19.98 -74.90
C THR A 1120 22.95 -19.36 -75.89
N PHE A 1121 22.76 -18.05 -75.76
CA PHE A 1121 21.91 -17.29 -76.65
C PHE A 1121 22.67 -16.08 -77.14
N VAL A 1122 22.27 -15.58 -78.30
CA VAL A 1122 22.96 -14.48 -78.96
C VAL A 1122 22.22 -13.18 -78.66
N SER A 1123 22.97 -12.08 -78.67
CA SER A 1123 22.37 -10.76 -78.51
C SER A 1123 23.37 -9.67 -78.89
N GLY A 1124 22.96 -8.74 -79.74
CA GLY A 1124 23.82 -7.64 -80.12
C GLY A 1124 25.05 -8.13 -80.89
N ASN A 1125 26.18 -7.50 -80.61
CA ASN A 1125 27.43 -7.83 -81.27
C ASN A 1125 28.58 -7.55 -80.30
N CYS A 1126 29.80 -7.47 -80.83
CA CYS A 1126 30.98 -7.33 -79.99
C CYS A 1126 31.29 -5.90 -79.59
N ASP A 1127 30.60 -4.92 -80.15
CA ASP A 1127 30.95 -3.52 -79.93
C ASP A 1127 30.46 -2.97 -78.60
N VAL A 1128 29.92 -3.82 -77.73
CA VAL A 1128 29.29 -3.31 -76.51
C VAL A 1128 29.84 -4.00 -75.26
N VAL A 1129 29.85 -5.33 -75.27
CA VAL A 1129 30.13 -6.10 -74.07
C VAL A 1129 31.59 -5.89 -73.69
N ILE A 1130 31.82 -5.23 -72.55
CA ILE A 1130 33.18 -5.07 -72.06
C ILE A 1130 33.74 -6.42 -71.66
N GLY A 1131 34.98 -6.68 -72.06
CA GLY A 1131 35.65 -7.90 -71.64
C GLY A 1131 35.23 -9.15 -72.35
N ILE A 1132 34.54 -9.02 -73.49
CA ILE A 1132 34.19 -10.20 -74.27
C ILE A 1132 35.46 -10.87 -74.79
N VAL A 1133 35.32 -12.12 -75.21
CA VAL A 1133 36.46 -12.86 -75.74
C VAL A 1133 36.10 -13.51 -77.07
N ASN A 1134 37.07 -14.16 -77.69
CA ASN A 1134 36.93 -14.75 -79.02
C ASN A 1134 36.91 -16.26 -78.89
N ASN A 1135 35.91 -16.89 -79.50
CA ASN A 1135 35.83 -18.35 -79.56
C ASN A 1135 34.71 -18.72 -80.51
N THR A 1136 34.67 -20.01 -80.86
CA THR A 1136 33.66 -20.55 -81.75
C THR A 1136 32.71 -21.43 -80.96
N VAL A 1137 31.42 -21.12 -81.02
CA VAL A 1137 30.40 -21.91 -80.35
C VAL A 1137 29.94 -22.98 -81.33
N TYR A 1138 30.19 -24.24 -80.97
CA TYR A 1138 29.80 -25.35 -81.83
C TYR A 1138 28.30 -25.34 -82.07
N ASP A 1139 27.89 -25.88 -83.22
CA ASP A 1139 26.49 -26.02 -83.56
C ASP A 1139 26.23 -27.47 -83.94
N PRO A 1140 25.24 -28.12 -83.32
CA PRO A 1140 24.93 -29.52 -83.68
C PRO A 1140 24.27 -29.67 -85.04
N LEU A 1141 23.69 -28.60 -85.59
CA LEU A 1141 22.96 -28.73 -86.86
C LEU A 1141 23.90 -28.88 -88.04
N GLN A 1142 25.11 -28.33 -87.96
CA GLN A 1142 26.05 -28.44 -89.07
C GLN A 1142 26.47 -29.89 -89.34
N PRO A 1143 26.84 -30.70 -88.35
CA PRO A 1143 27.16 -32.10 -88.65
C PRO A 1143 25.95 -32.89 -89.13
N GLU A 1144 24.76 -32.58 -88.63
CA GLU A 1144 23.56 -33.28 -89.10
C GLU A 1144 23.24 -32.90 -90.55
N LEU A 1145 23.60 -31.69 -90.97
CA LEU A 1145 23.45 -31.32 -92.37
C LEU A 1145 24.52 -31.98 -93.23
N ASP A 1146 25.74 -32.06 -92.72
CA ASP A 1146 26.83 -32.67 -93.47
C ASP A 1146 26.57 -34.16 -93.70
N SER A 1147 26.24 -34.88 -92.64
CA SER A 1147 25.99 -36.32 -92.72
C SER A 1147 24.79 -36.64 -93.60
N ALA B 27 -0.20 57.66 -16.51
CA ALA B 27 0.58 57.18 -17.63
C ALA B 27 0.81 55.68 -17.51
N TYR B 28 0.88 54.99 -18.65
CA TYR B 28 1.15 53.55 -18.66
C TYR B 28 2.22 53.23 -19.68
N THR B 29 2.84 52.07 -19.51
CA THR B 29 3.89 51.61 -20.40
C THR B 29 4.07 50.11 -20.21
N ASN B 30 4.64 49.47 -21.22
CA ASN B 30 4.74 48.02 -21.28
C ASN B 30 6.08 47.56 -20.74
N SER B 31 6.06 46.70 -19.72
CA SER B 31 7.28 46.15 -19.13
C SER B 31 7.73 44.95 -19.95
N PHE B 32 8.49 45.26 -21.01
CA PHE B 32 8.82 44.29 -22.04
C PHE B 32 9.32 42.96 -21.50
N THR B 33 10.49 42.96 -20.88
CA THR B 33 11.05 41.71 -20.37
C THR B 33 11.71 41.88 -19.02
N ARG B 34 11.53 42.99 -18.33
CA ARG B 34 12.29 43.28 -17.14
C ARG B 34 11.70 42.59 -15.92
N GLY B 35 12.46 42.64 -14.83
CA GLY B 35 11.93 42.27 -13.53
C GLY B 35 12.08 40.84 -13.13
N VAL B 36 13.16 40.17 -13.54
CA VAL B 36 13.42 38.79 -13.15
C VAL B 36 14.64 38.75 -12.25
N TYR B 37 14.52 38.04 -11.14
CA TYR B 37 15.55 38.01 -10.12
C TYR B 37 15.93 36.57 -9.82
N TYR B 38 17.17 36.36 -9.40
CA TYR B 38 17.59 35.04 -8.97
C TYR B 38 16.76 34.62 -7.77
N PRO B 39 15.88 33.64 -7.91
CA PRO B 39 14.97 33.31 -6.82
C PRO B 39 15.65 32.83 -5.56
N ASP B 40 16.81 32.15 -5.68
CA ASP B 40 17.52 31.67 -4.52
C ASP B 40 19.01 31.66 -4.79
N LYS B 41 19.79 31.31 -3.77
CA LYS B 41 21.22 31.55 -3.74
C LYS B 41 22.03 30.32 -4.13
N VAL B 42 21.52 29.49 -5.02
CA VAL B 42 22.20 28.26 -5.40
C VAL B 42 22.71 28.41 -6.83
N PHE B 43 23.99 28.18 -7.02
CA PHE B 43 24.61 28.39 -8.33
C PHE B 43 24.08 27.37 -9.33
N ARG B 44 23.96 27.80 -10.58
CA ARG B 44 23.58 26.94 -11.68
C ARG B 44 24.34 27.39 -12.92
N SER B 45 24.30 26.59 -13.98
CA SER B 45 25.06 26.94 -15.18
C SER B 45 24.49 26.20 -16.38
N SER B 46 24.04 26.97 -17.38
CA SER B 46 23.50 26.50 -18.65
C SER B 46 22.31 25.56 -18.47
N VAL B 47 21.84 25.38 -17.23
CA VAL B 47 20.72 24.51 -16.93
C VAL B 47 19.45 25.35 -16.93
N LEU B 48 18.60 25.14 -17.92
CA LEU B 48 17.34 25.88 -17.99
C LEU B 48 16.48 25.46 -16.82
N HIS B 49 16.38 26.31 -15.81
CA HIS B 49 15.65 26.00 -14.60
C HIS B 49 14.26 26.62 -14.64
N SER B 50 13.27 25.85 -14.22
CA SER B 50 11.88 26.29 -14.13
C SER B 50 11.51 26.38 -12.66
N THR B 51 11.13 27.57 -12.22
CA THR B 51 10.79 27.82 -10.83
C THR B 51 9.43 28.46 -10.75
N GLN B 52 8.87 28.47 -9.54
CA GLN B 52 7.59 29.11 -9.28
C GLN B 52 7.73 29.99 -8.05
N ASP B 53 7.70 31.30 -8.25
CA ASP B 53 7.74 32.26 -7.16
C ASP B 53 6.94 33.47 -7.62
N LEU B 54 7.13 34.59 -6.94
CA LEU B 54 6.48 35.83 -7.34
C LEU B 54 7.36 36.57 -8.34
N PHE B 55 6.81 36.86 -9.51
CA PHE B 55 7.53 37.56 -10.56
C PHE B 55 6.62 38.58 -11.20
N LEU B 56 7.22 39.54 -11.87
CA LEU B 56 6.45 40.52 -12.64
C LEU B 56 6.15 39.94 -14.01
N PRO B 57 4.91 39.60 -14.31
CA PRO B 57 4.60 38.94 -15.58
C PRO B 57 5.01 39.79 -16.77
N PHE B 58 5.45 39.11 -17.82
CA PHE B 58 6.02 39.77 -18.98
C PHE B 58 4.99 40.65 -19.67
N PHE B 59 5.49 41.67 -20.36
CA PHE B 59 4.66 42.59 -21.13
C PHE B 59 3.47 43.08 -20.30
N SER B 60 3.76 43.63 -19.12
CA SER B 60 2.70 44.02 -18.21
C SER B 60 2.45 45.52 -18.29
N ASN B 61 1.56 45.99 -17.42
CA ASN B 61 1.12 47.38 -17.37
C ASN B 61 1.73 48.03 -16.14
N VAL B 62 2.88 48.65 -16.34
CA VAL B 62 3.53 49.38 -15.26
C VAL B 62 3.12 50.84 -15.32
N THR B 63 2.82 51.41 -14.15
CA THR B 63 2.45 52.80 -14.05
C THR B 63 3.67 53.66 -14.38
N TRP B 64 3.50 54.97 -14.35
CA TRP B 64 4.59 55.86 -14.76
C TRP B 64 4.35 57.22 -14.12
N PHE B 65 5.02 57.49 -13.02
CA PHE B 65 4.88 58.76 -12.32
C PHE B 65 6.04 59.68 -12.66
N HIS B 66 5.84 60.97 -12.43
CA HIS B 66 6.85 61.98 -12.73
C HIS B 66 7.22 62.79 -11.50
N ASN B 81 5.06 60.74 -6.85
CA ASN B 81 4.55 61.48 -5.72
C ASN B 81 3.58 60.70 -4.81
N PRO B 82 2.51 60.12 -5.37
CA PRO B 82 1.48 59.53 -4.51
C PRO B 82 1.96 58.26 -3.83
N VAL B 83 1.19 57.85 -2.84
CA VAL B 83 1.48 56.64 -2.06
C VAL B 83 0.71 55.49 -2.69
N LEU B 84 1.35 54.32 -2.74
CA LEU B 84 0.96 53.21 -3.58
C LEU B 84 0.78 51.95 -2.74
N PRO B 85 -0.04 51.01 -3.22
CA PRO B 85 -0.21 49.75 -2.48
C PRO B 85 0.97 48.82 -2.69
N PHE B 86 0.96 47.73 -1.92
CA PHE B 86 2.05 46.75 -1.90
C PHE B 86 1.46 45.34 -1.94
N ASN B 87 0.55 45.09 -2.87
CA ASN B 87 -0.26 43.88 -2.89
C ASN B 87 0.55 42.62 -2.60
N ASP B 88 1.54 42.31 -3.43
CA ASP B 88 2.39 41.17 -3.17
C ASP B 88 3.86 41.41 -3.46
N GLY B 89 4.23 42.63 -3.81
CA GLY B 89 5.60 42.93 -4.19
C GLY B 89 5.60 44.16 -5.08
N VAL B 90 6.80 44.56 -5.46
CA VAL B 90 6.95 45.73 -6.30
C VAL B 90 8.18 45.56 -7.15
N TYR B 91 8.07 45.91 -8.43
CA TYR B 91 9.21 46.11 -9.29
C TYR B 91 9.30 47.62 -9.48
N PHE B 92 10.09 48.27 -8.64
CA PHE B 92 10.29 49.71 -8.76
C PHE B 92 11.53 49.97 -9.59
N ALA B 93 11.40 50.84 -10.59
CA ALA B 93 12.54 51.23 -11.42
C ALA B 93 12.76 52.73 -11.26
N SER B 94 13.73 53.25 -12.00
CA SER B 94 13.96 54.69 -11.98
C SER B 94 14.92 55.06 -13.10
N THR B 95 14.72 56.25 -13.67
CA THR B 95 15.61 56.81 -14.67
C THR B 95 15.76 58.28 -14.32
N GLU B 96 16.72 58.59 -13.46
CA GLU B 96 16.94 59.95 -13.00
C GLU B 96 18.26 60.49 -13.54
N LYS B 97 18.31 61.81 -13.68
CA LYS B 97 19.56 62.51 -13.99
C LYS B 97 20.18 63.10 -12.73
N SER B 98 19.42 63.91 -12.02
CA SER B 98 19.89 64.51 -10.77
C SER B 98 19.88 63.53 -9.61
N ASN B 99 19.64 62.24 -9.87
CA ASN B 99 19.51 61.23 -8.83
C ASN B 99 18.53 61.70 -7.76
N ILE B 100 17.33 62.04 -8.18
CA ILE B 100 16.35 62.59 -7.26
C ILE B 100 15.74 61.49 -6.41
N ILE B 101 15.64 60.27 -6.92
CA ILE B 101 14.95 59.20 -6.21
C ILE B 101 15.75 58.86 -4.97
N ARG B 102 15.27 59.29 -3.81
CA ARG B 102 16.00 59.19 -2.55
C ARG B 102 15.38 58.19 -1.61
N GLY B 103 14.98 57.03 -2.10
CA GLY B 103 14.65 55.99 -1.15
C GLY B 103 13.19 55.58 -1.08
N TRP B 104 12.68 55.39 0.12
CA TRP B 104 11.49 54.58 0.30
C TRP B 104 10.94 54.76 1.70
N ILE B 105 9.65 54.43 1.84
CA ILE B 105 8.98 54.30 3.13
C ILE B 105 7.92 53.22 3.01
N PHE B 106 8.10 52.11 3.74
CA PHE B 106 7.22 50.95 3.63
C PHE B 106 6.44 50.79 4.92
N GLY B 107 5.13 50.68 4.83
CA GLY B 107 4.34 50.48 6.02
C GLY B 107 2.92 50.05 5.72
N THR B 108 2.07 50.21 6.71
CA THR B 108 0.64 49.93 6.55
C THR B 108 -0.22 51.18 6.71
N THR B 109 -0.03 51.92 7.81
CA THR B 109 -0.66 53.22 7.97
C THR B 109 0.32 54.37 7.81
N LEU B 110 1.63 54.08 7.79
CA LEU B 110 2.66 55.10 7.72
C LEU B 110 2.49 56.14 8.83
N ASP B 111 2.34 55.65 10.06
CA ASP B 111 2.40 56.50 11.24
C ASP B 111 2.69 55.61 12.44
N SER B 112 3.04 56.26 13.56
CA SER B 112 3.43 55.53 14.75
C SER B 112 2.30 54.65 15.25
N LYS B 113 2.64 53.78 16.21
CA LYS B 113 1.76 52.76 16.78
C LYS B 113 1.54 51.63 15.78
N THR B 114 2.06 51.80 14.57
CA THR B 114 2.07 50.75 13.55
C THR B 114 3.33 50.97 12.72
N GLN B 115 4.39 50.24 13.04
CA GLN B 115 5.70 50.54 12.49
C GLN B 115 5.69 50.61 10.97
N SER B 116 6.60 51.42 10.43
CA SER B 116 6.72 51.61 8.99
C SER B 116 8.20 51.63 8.63
N LEU B 117 8.60 50.75 7.71
CA LEU B 117 9.99 50.67 7.30
C LEU B 117 10.43 51.97 6.64
N LEU B 118 11.73 52.24 6.71
CA LEU B 118 12.30 53.46 6.18
C LEU B 118 13.67 53.18 5.59
N ILE B 119 13.92 53.79 4.42
CA ILE B 119 15.21 53.77 3.75
C ILE B 119 15.44 55.17 3.19
N VAL B 120 16.71 55.55 3.08
CA VAL B 120 17.09 56.82 2.50
C VAL B 120 18.35 56.60 1.68
N ASN B 121 18.64 57.54 0.79
CA ASN B 121 19.95 57.71 0.18
C ASN B 121 20.35 59.13 0.57
N ASN B 122 20.93 59.29 1.75
CA ASN B 122 21.29 60.62 2.22
C ASN B 122 22.52 61.13 1.49
N ALA B 123 23.10 62.23 1.98
CA ALA B 123 24.24 62.85 1.34
C ALA B 123 25.47 61.96 1.30
N THR B 124 25.55 60.95 2.16
CA THR B 124 26.73 60.08 2.20
C THR B 124 26.41 58.66 1.76
N ASN B 125 25.43 58.00 2.39
CA ASN B 125 25.11 56.62 2.06
C ASN B 125 23.81 56.16 2.70
N VAL B 126 23.51 54.87 2.51
CA VAL B 126 22.28 54.23 2.95
C VAL B 126 22.00 54.47 4.42
N VAL B 127 20.73 54.68 4.78
CA VAL B 127 20.31 54.86 6.16
C VAL B 127 19.00 54.13 6.38
N ILE B 128 19.06 52.92 6.93
CA ILE B 128 17.88 52.05 7.05
C ILE B 128 17.46 51.96 8.51
N LYS B 129 16.16 52.13 8.75
CA LYS B 129 15.57 51.85 10.05
C LYS B 129 14.08 51.64 9.85
N VAL B 130 13.45 50.96 10.80
CA VAL B 130 12.08 50.50 10.61
C VAL B 130 11.09 51.22 11.51
N CYS B 131 11.53 52.15 12.36
CA CYS B 131 10.57 52.81 13.22
C CYS B 131 9.71 53.82 12.50
N GLU B 132 8.46 53.88 12.94
CA GLU B 132 7.41 54.73 12.39
C GLU B 132 7.68 56.18 12.75
N PHE B 133 8.40 56.88 11.88
CA PHE B 133 8.68 58.30 12.04
C PHE B 133 7.40 59.09 12.25
N GLN B 134 7.57 60.36 12.63
CA GLN B 134 6.50 61.32 12.46
C GLN B 134 6.38 61.58 10.96
N PHE B 135 5.57 60.76 10.28
CA PHE B 135 5.48 60.81 8.84
C PHE B 135 4.61 61.98 8.40
N CYS B 136 5.18 62.87 7.60
CA CYS B 136 4.40 63.95 7.02
C CYS B 136 3.41 63.39 6.01
N ASN B 137 2.42 64.22 5.66
CA ASN B 137 1.49 63.84 4.61
C ASN B 137 2.20 63.73 3.27
N ASP B 138 3.36 64.40 3.11
CA ASP B 138 4.13 64.36 1.87
C ASP B 138 5.57 64.72 2.18
N PRO B 139 6.32 63.81 2.82
CA PRO B 139 7.73 64.08 3.09
C PRO B 139 8.56 63.95 1.82
N PHE B 140 9.67 64.69 1.78
CA PHE B 140 10.52 64.71 0.60
C PHE B 140 11.99 64.94 0.95
N ASN B 164 8.40 56.69 16.60
CA ASN B 164 9.43 56.48 17.61
C ASN B 164 9.37 55.07 18.18
N ASN B 165 10.19 54.80 19.19
CA ASN B 165 10.20 53.52 19.90
C ASN B 165 10.39 52.35 18.95
N CYS B 166 11.58 52.28 18.35
CA CYS B 166 11.80 51.31 17.30
C CYS B 166 12.70 50.14 17.68
N THR B 167 12.87 49.27 16.68
CA THR B 167 13.28 47.90 16.85
C THR B 167 14.37 47.47 15.90
N PHE B 168 14.83 48.35 15.01
CA PHE B 168 15.76 47.95 13.95
C PHE B 168 16.38 49.18 13.32
N GLU B 169 17.69 49.12 13.11
CA GLU B 169 18.41 50.08 12.29
C GLU B 169 19.50 49.33 11.54
N TYR B 170 20.10 50.00 10.57
CA TYR B 170 21.09 49.40 9.71
C TYR B 170 21.72 50.51 8.88
N VAL B 171 22.98 50.32 8.53
CA VAL B 171 23.68 51.22 7.62
C VAL B 171 24.51 50.34 6.68
N SER B 172 24.71 50.83 5.45
CA SER B 172 25.56 50.13 4.49
C SER B 172 26.12 51.09 3.44
N PHE B 186 18.41 60.62 -18.65
CA PHE B 186 17.65 59.58 -17.99
C PHE B 186 18.46 58.29 -17.91
N LYS B 187 19.78 58.39 -17.81
CA LYS B 187 20.64 57.25 -18.01
C LYS B 187 20.88 56.42 -16.76
N ASN B 188 20.79 57.02 -15.57
CA ASN B 188 21.11 56.30 -14.34
C ASN B 188 19.93 55.40 -13.97
N LEU B 189 19.80 54.30 -14.70
CA LEU B 189 18.71 53.38 -14.46
C LEU B 189 18.88 52.70 -13.09
N ARG B 190 17.77 52.18 -12.59
CA ARG B 190 17.77 51.36 -11.39
C ARG B 190 16.82 50.20 -11.63
N GLU B 191 16.56 49.45 -10.56
CA GLU B 191 15.57 48.38 -10.49
C GLU B 191 15.58 47.87 -9.07
N PHE B 192 14.42 47.51 -8.55
CA PHE B 192 14.34 47.03 -7.18
C PHE B 192 13.14 46.13 -7.06
N VAL B 193 13.29 45.01 -6.36
CA VAL B 193 12.24 44.01 -6.25
C VAL B 193 12.10 43.62 -4.78
N PHE B 194 11.25 44.32 -4.06
CA PHE B 194 10.95 43.96 -2.68
C PHE B 194 9.84 42.94 -2.68
N LYS B 195 9.84 42.06 -1.67
CA LYS B 195 8.78 41.07 -1.55
C LYS B 195 8.73 40.58 -0.11
N ASN B 196 8.00 39.49 0.12
CA ASN B 196 7.85 38.93 1.46
C ASN B 196 7.82 37.40 1.45
N TYR B 200 11.01 36.76 3.41
CA TYR B 200 10.41 38.02 3.83
C TYR B 200 10.91 39.22 3.03
N PHE B 201 11.16 40.33 3.71
CA PHE B 201 11.40 41.60 3.04
C PHE B 201 12.79 41.63 2.42
N LYS B 202 12.95 40.85 1.36
CA LYS B 202 14.18 40.83 0.57
C LYS B 202 14.11 41.94 -0.47
N ILE B 203 15.27 42.55 -0.74
CA ILE B 203 15.35 43.73 -1.60
C ILE B 203 16.41 43.45 -2.66
N TYR B 204 16.00 42.87 -3.77
CA TYR B 204 16.92 42.67 -4.87
C TYR B 204 17.15 43.99 -5.58
N SER B 205 18.06 44.03 -6.54
CA SER B 205 18.37 45.29 -7.20
C SER B 205 19.10 45.02 -8.51
N LYS B 206 19.56 46.09 -9.13
CA LYS B 206 20.37 46.08 -10.34
C LYS B 206 20.66 47.54 -10.68
N HIS B 207 21.50 47.75 -11.68
CA HIS B 207 21.79 49.08 -12.16
C HIS B 207 22.55 49.00 -13.47
N THR B 208 22.08 49.69 -14.50
CA THR B 208 22.71 49.70 -15.81
C THR B 208 22.79 51.12 -16.32
N PRO B 209 23.53 51.36 -17.40
CA PRO B 209 23.40 52.61 -18.13
C PRO B 209 22.42 52.48 -19.28
N ILE B 210 21.61 53.51 -19.45
CA ILE B 210 20.58 53.51 -20.50
C ILE B 210 20.57 54.86 -21.20
N ASN B 211 19.59 55.08 -22.06
CA ASN B 211 19.44 56.36 -22.74
C ASN B 211 17.98 56.64 -23.07
N ASP B 215 8.57 54.78 -21.78
CA ASP B 215 9.98 55.09 -21.80
C ASP B 215 10.74 54.16 -20.87
N LEU B 216 10.66 52.86 -21.17
CA LEU B 216 11.35 51.83 -20.40
C LEU B 216 12.19 51.00 -21.36
N PRO B 217 13.49 50.86 -21.14
CA PRO B 217 14.33 50.20 -22.15
C PRO B 217 13.93 48.74 -22.36
N GLN B 218 13.66 48.41 -23.62
CA GLN B 218 13.29 47.04 -23.96
C GLN B 218 14.52 46.16 -23.96
N GLY B 219 14.67 45.36 -22.91
CA GLY B 219 15.83 44.50 -22.80
C GLY B 219 15.63 43.52 -21.66
N PHE B 220 16.74 42.94 -21.22
CA PHE B 220 16.70 42.01 -20.11
C PHE B 220 17.85 42.31 -19.15
N SER B 221 17.59 42.10 -17.86
CA SER B 221 18.60 42.32 -16.84
C SER B 221 18.15 41.60 -15.57
N ALA B 222 18.94 40.62 -15.12
CA ALA B 222 18.61 39.91 -13.90
C ALA B 222 18.73 40.85 -12.71
N LEU B 223 18.43 40.33 -11.52
CA LEU B 223 18.38 41.17 -10.32
C LEU B 223 19.15 40.49 -9.18
N GLU B 224 20.42 40.85 -9.03
CA GLU B 224 21.28 40.22 -8.04
C GLU B 224 21.02 40.83 -6.66
N PRO B 225 20.48 40.06 -5.70
CA PRO B 225 20.08 40.63 -4.41
C PRO B 225 21.15 41.45 -3.70
N LEU B 226 20.71 42.38 -2.86
CA LEU B 226 21.62 43.21 -2.09
C LEU B 226 21.43 43.04 -0.59
N VAL B 227 20.21 43.21 -0.08
CA VAL B 227 20.01 43.34 1.35
C VAL B 227 18.90 42.39 1.78
N ASP B 228 19.00 41.93 3.03
CA ASP B 228 17.98 41.10 3.66
C ASP B 228 17.55 41.77 4.95
N LEU B 229 16.26 41.73 5.25
CA LEU B 229 15.70 42.37 6.45
C LEU B 229 14.82 41.39 7.21
N PRO B 230 15.32 40.79 8.29
CA PRO B 230 14.57 39.76 9.02
C PRO B 230 13.69 40.33 10.14
N ILE B 231 12.71 41.15 9.75
CA ILE B 231 11.91 41.84 10.75
C ILE B 231 10.52 41.21 10.91
N GLY B 232 9.70 41.25 9.88
CA GLY B 232 8.35 40.74 9.95
C GLY B 232 7.23 41.78 10.02
N ILE B 233 7.46 43.00 9.51
CA ILE B 233 6.45 44.05 9.56
C ILE B 233 5.35 43.75 8.55
N ASN B 234 4.10 43.93 8.99
CA ASN B 234 2.93 43.86 8.11
C ASN B 234 2.89 45.09 7.21
N ILE B 235 3.16 44.92 5.92
CA ILE B 235 3.22 46.02 4.97
C ILE B 235 2.19 45.77 3.87
N THR B 236 1.26 46.71 3.72
CA THR B 236 0.28 46.69 2.65
C THR B 236 0.22 48.03 1.91
N ARG B 237 1.30 48.81 1.98
CA ARG B 237 1.34 50.11 1.35
C ARG B 237 2.76 50.65 1.42
N PHE B 238 3.08 51.55 0.51
CA PHE B 238 4.43 52.11 0.48
C PHE B 238 4.41 53.39 -0.35
N GLN B 239 5.53 54.10 -0.31
CA GLN B 239 5.66 55.35 -1.03
C GLN B 239 7.14 55.66 -1.19
N THR B 240 7.44 56.56 -2.13
CA THR B 240 8.82 56.91 -2.46
C THR B 240 9.12 58.36 -2.08
N LEU B 241 10.23 58.54 -1.38
CA LEU B 241 10.68 59.87 -1.02
C LEU B 241 11.18 60.60 -2.27
N LEU B 242 11.53 61.87 -2.08
CA LEU B 242 12.24 62.68 -3.04
C LEU B 242 12.85 63.87 -2.32
N ALA B 263 12.76 62.85 -14.83
CA ALA B 263 12.68 62.48 -13.44
C ALA B 263 11.45 61.62 -13.20
N ALA B 264 11.55 60.32 -13.47
CA ALA B 264 10.39 59.45 -13.44
C ALA B 264 10.78 58.10 -12.86
N TYR B 265 9.79 57.23 -12.72
CA TYR B 265 9.99 55.90 -12.17
C TYR B 265 8.74 55.09 -12.42
N TYR B 266 8.89 53.77 -12.48
CA TYR B 266 7.82 52.88 -12.87
C TYR B 266 7.55 51.90 -11.75
N VAL B 267 6.30 51.50 -11.59
CA VAL B 267 5.94 50.67 -10.46
C VAL B 267 5.11 49.47 -10.90
N GLY B 268 5.77 48.35 -11.18
CA GLY B 268 5.05 47.14 -11.49
C GLY B 268 4.36 46.59 -10.27
N TYR B 269 3.90 45.35 -10.39
CA TYR B 269 3.37 44.62 -9.24
C TYR B 269 3.55 43.13 -9.50
N LEU B 270 4.12 42.42 -8.54
CA LEU B 270 4.40 41.02 -8.72
C LEU B 270 3.10 40.22 -8.72
N GLN B 271 3.21 38.98 -9.22
CA GLN B 271 2.13 38.01 -9.24
C GLN B 271 2.74 36.63 -9.11
N PRO B 272 1.96 35.65 -8.69
CA PRO B 272 2.51 34.30 -8.55
C PRO B 272 2.51 33.49 -9.84
N ARG B 273 3.54 33.63 -10.66
CA ARG B 273 3.63 32.88 -11.90
C ARG B 273 4.83 31.96 -11.87
N THR B 274 4.83 30.99 -12.78
CA THR B 274 5.93 30.05 -12.97
C THR B 274 6.78 30.55 -14.12
N PHE B 275 7.99 30.95 -13.84
CA PHE B 275 8.89 31.45 -14.86
C PHE B 275 9.82 30.33 -15.31
N LEU B 276 10.64 30.65 -16.29
CA LEU B 276 11.69 29.74 -16.76
C LEU B 276 12.96 30.55 -16.89
N LEU B 277 14.02 30.11 -16.23
CA LEU B 277 15.24 30.88 -16.12
C LEU B 277 16.32 30.18 -16.93
N LYS B 278 16.84 30.87 -17.94
CA LYS B 278 17.90 30.32 -18.78
C LYS B 278 19.24 30.84 -18.25
N TYR B 279 19.82 30.09 -17.32
CA TYR B 279 21.15 30.43 -16.83
C TYR B 279 22.17 30.30 -17.95
N ASN B 280 23.23 31.08 -17.86
CA ASN B 280 24.33 30.94 -18.80
C ASN B 280 25.43 30.09 -18.16
N GLU B 281 26.59 30.05 -18.80
CA GLU B 281 27.69 29.26 -18.28
C GLU B 281 28.25 29.88 -17.01
N ASN B 282 28.51 31.19 -17.04
CA ASN B 282 29.04 31.88 -15.86
C ASN B 282 28.07 31.78 -14.70
N GLY B 283 26.77 31.86 -14.97
CA GLY B 283 25.77 31.71 -13.93
C GLY B 283 24.73 32.80 -13.88
N THR B 284 24.67 33.61 -14.93
CA THR B 284 23.79 34.76 -15.00
C THR B 284 22.48 34.37 -15.69
N ILE B 285 21.35 34.75 -15.09
CA ILE B 285 20.07 34.56 -15.73
C ILE B 285 20.01 35.48 -16.94
N THR B 286 20.14 34.91 -18.12
CA THR B 286 20.26 35.75 -19.31
C THR B 286 18.94 35.96 -20.02
N ASP B 287 18.14 34.91 -20.18
CA ASP B 287 16.86 35.03 -20.84
C ASP B 287 15.82 34.27 -20.03
N ALA B 288 14.56 34.65 -20.17
CA ALA B 288 13.52 34.04 -19.37
C ALA B 288 12.28 33.82 -20.22
N VAL B 289 11.35 33.05 -19.68
CA VAL B 289 10.15 32.63 -20.40
C VAL B 289 9.03 32.47 -19.38
N ASP B 290 7.89 33.07 -19.67
CA ASP B 290 6.76 33.15 -18.75
C ASP B 290 5.82 31.99 -19.02
N CYS B 291 5.69 31.09 -18.08
CA CYS B 291 4.90 29.90 -18.38
C CYS B 291 3.45 30.15 -18.42
N ALA B 292 2.94 31.37 -18.50
CA ALA B 292 1.51 31.53 -18.66
C ALA B 292 1.16 32.67 -19.60
N LEU B 293 2.14 33.30 -20.23
CA LEU B 293 1.86 34.43 -21.10
C LEU B 293 0.94 34.03 -22.25
N ASP B 294 1.41 33.14 -23.12
CA ASP B 294 0.67 32.78 -24.31
C ASP B 294 0.96 31.33 -24.62
N PRO B 295 0.17 30.71 -25.51
CA PRO B 295 0.34 29.26 -25.74
C PRO B 295 1.75 28.87 -26.13
N LEU B 296 2.42 29.68 -26.95
CA LEU B 296 3.79 29.36 -27.30
C LEU B 296 4.65 29.22 -26.06
N SER B 297 4.44 30.11 -25.08
CA SER B 297 5.26 30.06 -23.88
C SER B 297 4.85 28.90 -22.97
N GLU B 298 3.56 28.60 -22.89
CA GLU B 298 3.17 27.38 -22.18
C GLU B 298 3.88 26.17 -22.78
N THR B 299 4.01 26.14 -24.10
CA THR B 299 4.71 25.05 -24.77
C THR B 299 6.17 25.02 -24.36
N LYS B 300 6.86 26.15 -24.53
CA LYS B 300 8.27 26.24 -24.14
C LYS B 300 8.48 25.73 -22.73
N CYS B 301 7.59 26.09 -21.82
CA CYS B 301 7.75 25.63 -20.45
C CYS B 301 7.49 24.13 -20.34
N THR B 302 6.54 23.62 -21.10
CA THR B 302 6.26 22.18 -21.02
C THR B 302 7.46 21.37 -21.47
N LEU B 303 8.17 21.85 -22.49
CA LEU B 303 9.30 21.08 -23.01
C LEU B 303 10.59 21.34 -22.25
N LYS B 304 10.67 22.42 -21.47
CA LYS B 304 11.92 22.87 -20.88
C LYS B 304 12.94 23.20 -21.97
N SER B 305 12.57 24.13 -22.83
CA SER B 305 13.42 24.52 -23.94
C SER B 305 12.95 25.85 -24.48
N PHE B 306 13.78 26.46 -25.32
CA PHE B 306 13.45 27.72 -25.97
C PHE B 306 13.17 27.57 -27.45
N THR B 307 13.86 26.65 -28.12
CA THR B 307 13.52 26.32 -29.49
C THR B 307 12.70 25.04 -29.49
N VAL B 308 11.50 25.12 -30.06
CA VAL B 308 10.61 23.97 -30.14
C VAL B 308 10.45 23.61 -31.61
N GLU B 309 10.72 22.36 -31.95
CA GLU B 309 10.59 21.90 -33.32
C GLU B 309 9.11 21.77 -33.68
N LYS B 310 8.84 21.87 -34.99
CA LYS B 310 7.47 21.80 -35.48
C LYS B 310 6.77 20.55 -35.00
N GLY B 311 5.50 20.68 -34.67
CA GLY B 311 4.73 19.53 -34.22
C GLY B 311 3.44 19.98 -33.58
N ILE B 312 2.91 19.10 -32.73
CA ILE B 312 1.74 19.38 -31.91
C ILE B 312 2.01 18.86 -30.50
N TYR B 313 2.07 19.77 -29.55
CA TYR B 313 2.37 19.42 -28.17
C TYR B 313 1.14 19.64 -27.30
N GLN B 314 0.98 18.81 -26.29
CA GLN B 314 -0.13 18.92 -25.35
C GLN B 314 0.38 19.64 -24.11
N THR B 315 -0.08 20.87 -23.91
CA THR B 315 0.47 21.72 -22.88
C THR B 315 -0.26 21.56 -21.54
N SER B 316 -1.56 21.80 -21.53
CA SER B 316 -2.26 21.95 -20.26
C SER B 316 -3.51 21.09 -20.30
N ASN B 317 -4.42 21.34 -19.37
CA ASN B 317 -5.67 20.60 -19.26
C ASN B 317 -6.77 21.59 -18.98
N PHE B 318 -7.64 21.82 -19.96
CA PHE B 318 -8.65 22.87 -19.90
C PHE B 318 -9.95 22.31 -19.34
N ARG B 319 -10.48 22.95 -18.31
CA ARG B 319 -11.71 22.50 -17.67
C ARG B 319 -12.58 23.69 -17.32
N VAL B 320 -13.87 23.63 -17.64
CA VAL B 320 -14.78 24.68 -17.24
C VAL B 320 -14.84 24.74 -15.72
N GLN B 321 -15.25 25.88 -15.20
CA GLN B 321 -15.44 26.01 -13.77
C GLN B 321 -16.92 26.16 -13.45
N PRO B 322 -17.37 25.62 -12.31
CA PRO B 322 -18.80 25.70 -11.97
C PRO B 322 -19.19 27.12 -11.62
N THR B 323 -20.28 27.59 -12.22
CA THR B 323 -20.71 28.97 -12.03
C THR B 323 -21.24 29.18 -10.63
N GLU B 324 -22.35 28.54 -10.29
CA GLU B 324 -22.99 28.69 -9.00
C GLU B 324 -23.42 27.33 -8.47
N SER B 325 -23.21 27.13 -7.17
CA SER B 325 -23.56 25.89 -6.51
C SER B 325 -25.06 25.86 -6.27
N ILE B 326 -25.64 24.68 -6.35
CA ILE B 326 -27.07 24.49 -6.22
C ILE B 326 -27.33 23.53 -5.06
N VAL B 327 -28.45 23.71 -4.37
CA VAL B 327 -28.86 22.84 -3.28
C VAL B 327 -30.36 22.61 -3.42
N ARG B 328 -30.78 21.36 -3.55
CA ARG B 328 -32.19 21.01 -3.58
C ARG B 328 -32.49 19.95 -2.53
N PHE B 329 -33.75 19.91 -2.10
CA PHE B 329 -34.16 19.08 -0.97
C PHE B 329 -35.68 18.96 -0.98
N PRO B 330 -36.24 17.98 -0.26
CA PRO B 330 -37.71 17.84 -0.21
C PRO B 330 -38.39 19.08 0.34
N ASN B 331 -39.71 19.20 0.17
CA ASN B 331 -40.35 20.51 0.12
C ASN B 331 -40.19 21.24 1.45
N ILE B 332 -41.08 21.04 2.43
CA ILE B 332 -40.86 21.45 3.80
C ILE B 332 -41.66 20.50 4.68
N THR B 333 -42.49 19.68 4.04
CA THR B 333 -43.73 19.18 4.60
C THR B 333 -43.52 18.43 5.92
N ASN B 334 -44.62 18.26 6.66
CA ASN B 334 -44.65 17.60 7.96
C ASN B 334 -43.74 18.34 8.96
N LEU B 335 -44.13 19.58 9.23
CA LEU B 335 -43.40 20.41 10.17
C LEU B 335 -43.53 19.85 11.58
N CYS B 336 -42.74 20.37 12.48
CA CYS B 336 -42.98 19.84 13.81
C CYS B 336 -44.09 20.63 14.51
N PRO B 337 -44.84 19.98 15.39
CA PRO B 337 -45.93 20.67 16.08
C PRO B 337 -45.43 21.67 17.11
N PHE B 338 -45.01 22.84 16.64
CA PHE B 338 -44.60 23.91 17.54
C PHE B 338 -45.65 25.00 17.67
N GLY B 339 -46.78 24.88 16.99
CA GLY B 339 -47.83 25.88 17.14
C GLY B 339 -48.81 25.55 18.25
N GLU B 340 -48.94 24.27 18.58
CA GLU B 340 -49.88 23.87 19.62
C GLU B 340 -49.32 24.07 21.02
N VAL B 341 -48.12 24.60 21.16
CA VAL B 341 -47.48 24.79 22.47
C VAL B 341 -47.33 26.28 22.80
N PHE B 342 -46.72 27.05 21.90
CA PHE B 342 -46.57 28.48 22.14
C PHE B 342 -47.83 29.24 21.75
N ASN B 343 -48.42 28.90 20.61
CA ASN B 343 -49.73 29.44 20.23
C ASN B 343 -50.83 28.56 20.80
N ALA B 344 -50.77 28.30 22.10
CA ALA B 344 -51.77 27.56 22.83
C ALA B 344 -52.50 28.50 23.78
N THR B 345 -53.39 27.95 24.59
CA THR B 345 -54.18 28.75 25.52
C THR B 345 -53.95 28.45 26.98
N ARG B 346 -53.31 27.32 27.32
CA ARG B 346 -53.18 26.90 28.71
C ARG B 346 -51.81 26.27 28.93
N PHE B 347 -51.14 26.70 29.99
CA PHE B 347 -49.94 26.04 30.48
C PHE B 347 -50.27 25.33 31.79
N ALA B 348 -49.49 24.30 32.08
CA ALA B 348 -49.66 23.58 33.34
C ALA B 348 -49.11 24.41 34.49
N SER B 349 -49.65 24.17 35.69
CA SER B 349 -49.06 24.76 36.88
C SER B 349 -47.60 24.32 36.99
N VAL B 350 -46.79 25.18 37.60
CA VAL B 350 -45.34 25.02 37.52
C VAL B 350 -44.91 23.65 38.02
N TYR B 351 -45.45 23.21 39.15
CA TYR B 351 -45.06 21.90 39.66
C TYR B 351 -45.73 20.78 38.88
N ALA B 352 -46.91 21.03 38.32
CA ALA B 352 -47.59 20.08 37.47
C ALA B 352 -47.16 20.21 36.01
N TRP B 353 -45.93 20.67 35.77
CA TRP B 353 -45.46 20.98 34.43
C TRP B 353 -45.72 19.83 33.47
N ASN B 354 -46.30 20.17 32.32
CA ASN B 354 -46.61 19.20 31.29
C ASN B 354 -45.45 19.08 30.31
N ARG B 355 -45.26 17.87 29.81
CA ARG B 355 -44.16 17.55 28.88
C ARG B 355 -44.76 16.82 27.68
N LYS B 356 -44.77 17.47 26.53
CA LYS B 356 -45.29 16.89 25.30
C LYS B 356 -44.13 16.48 24.41
N ARG B 357 -44.14 15.25 23.93
CA ARG B 357 -43.04 14.73 23.12
C ARG B 357 -43.22 15.17 21.67
N ILE B 358 -42.14 15.67 21.09
CA ILE B 358 -42.10 16.07 19.68
C ILE B 358 -41.01 15.26 18.98
N SER B 359 -41.35 14.66 17.85
CA SER B 359 -40.42 13.90 17.05
C SER B 359 -41.07 13.57 15.71
N ASN B 360 -40.26 13.03 14.80
CA ASN B 360 -40.71 12.59 13.48
C ASN B 360 -41.35 13.74 12.70
N CYS B 361 -40.58 14.79 12.53
CA CYS B 361 -41.02 15.96 11.77
C CYS B 361 -39.81 16.87 11.57
N VAL B 362 -40.04 17.98 10.90
CA VAL B 362 -39.05 19.03 10.76
C VAL B 362 -39.48 20.20 11.65
N ALA B 363 -38.57 20.64 12.52
CA ALA B 363 -38.85 21.70 13.48
C ALA B 363 -38.12 22.95 13.07
N ASP B 364 -38.86 24.04 12.87
CA ASP B 364 -38.25 25.33 12.56
C ASP B 364 -37.94 26.04 13.88
N TYR B 365 -36.67 26.21 14.19
CA TYR B 365 -36.25 26.82 15.44
C TYR B 365 -35.97 28.31 15.31
N SER B 366 -35.22 28.70 14.28
CA SER B 366 -34.84 30.10 14.13
C SER B 366 -36.05 31.02 14.05
N VAL B 367 -37.17 30.51 13.52
CA VAL B 367 -38.37 31.35 13.43
C VAL B 367 -38.77 31.87 14.81
N LEU B 368 -38.74 31.00 15.81
CA LEU B 368 -39.14 31.42 17.15
C LEU B 368 -37.98 31.99 17.94
N TYR B 369 -36.75 31.57 17.63
CA TYR B 369 -35.59 32.18 18.27
C TYR B 369 -35.51 33.67 17.92
N ASN B 370 -35.37 33.97 16.63
CA ASN B 370 -35.37 35.36 16.16
C ASN B 370 -36.82 35.78 15.93
N SER B 371 -37.47 36.16 17.02
CA SER B 371 -38.84 36.67 16.95
C SER B 371 -39.07 37.91 17.80
N ALA B 372 -38.16 38.25 18.71
CA ALA B 372 -38.23 39.46 19.53
C ALA B 372 -39.53 39.57 20.32
N SER B 373 -40.23 38.45 20.53
CA SER B 373 -41.42 38.42 21.37
C SER B 373 -41.15 37.80 22.74
N PHE B 374 -39.90 37.47 23.05
CA PHE B 374 -39.53 36.88 24.32
C PHE B 374 -38.62 37.81 25.10
N SER B 375 -38.57 37.60 26.41
CA SER B 375 -37.67 38.36 27.27
C SER B 375 -36.28 37.74 27.32
N THR B 376 -36.19 36.41 27.26
CA THR B 376 -34.91 35.74 27.33
C THR B 376 -34.98 34.43 26.57
N PHE B 377 -33.84 34.03 26.00
CA PHE B 377 -33.73 32.76 25.31
C PHE B 377 -32.27 32.33 25.44
N LYS B 378 -31.97 31.50 26.44
CA LYS B 378 -30.61 31.10 26.76
C LYS B 378 -30.43 29.63 26.47
N CYS B 379 -29.41 29.31 25.68
CA CYS B 379 -29.05 27.94 25.36
C CYS B 379 -27.78 27.55 26.09
N TYR B 380 -27.49 26.25 26.08
CA TYR B 380 -26.35 25.71 26.81
C TYR B 380 -25.63 24.72 25.92
N GLY B 381 -24.40 25.06 25.52
CA GLY B 381 -23.62 24.22 24.63
C GLY B 381 -24.02 24.38 23.18
N VAL B 382 -25.28 24.75 22.95
CA VAL B 382 -25.82 24.90 21.61
C VAL B 382 -26.03 26.37 21.32
N SER B 383 -25.87 26.74 20.05
CA SER B 383 -26.24 28.09 19.66
C SER B 383 -27.62 28.07 19.01
N PRO B 384 -28.44 29.10 19.29
CA PRO B 384 -29.77 29.14 18.65
C PRO B 384 -29.69 29.15 17.13
N THR B 385 -28.93 30.08 16.57
CA THR B 385 -28.54 29.96 15.18
C THR B 385 -27.60 28.76 15.03
N LYS B 386 -27.63 28.14 13.85
CA LYS B 386 -26.93 26.90 13.48
C LYS B 386 -27.71 25.69 14.01
N LEU B 387 -28.81 25.90 14.75
CA LEU B 387 -29.62 24.78 15.19
C LEU B 387 -30.29 24.08 14.01
N ASN B 388 -30.84 24.87 13.08
CA ASN B 388 -31.54 24.28 11.94
C ASN B 388 -30.62 23.45 11.06
N ASP B 389 -29.30 23.62 11.18
CA ASP B 389 -28.37 22.74 10.50
C ASP B 389 -28.18 21.42 11.24
N LEU B 390 -28.07 21.46 12.56
CA LEU B 390 -27.93 20.26 13.38
C LEU B 390 -29.32 19.69 13.66
N CYS B 391 -29.35 18.55 14.34
CA CYS B 391 -30.58 17.99 14.89
C CYS B 391 -30.26 16.75 15.70
N PHE B 392 -31.16 16.45 16.63
CA PHE B 392 -31.06 15.29 17.50
C PHE B 392 -32.23 14.34 17.20
N THR B 393 -32.33 13.28 18.02
CA THR B 393 -33.36 12.27 17.77
C THR B 393 -34.73 12.74 18.22
N ASN B 394 -34.84 13.23 19.45
CA ASN B 394 -36.14 13.58 20.00
C ASN B 394 -36.04 14.85 20.83
N VAL B 395 -37.17 15.54 20.94
CA VAL B 395 -37.26 16.82 21.64
C VAL B 395 -38.57 16.86 22.41
N TYR B 396 -38.51 17.39 23.64
CA TYR B 396 -39.69 17.51 24.48
C TYR B 396 -39.99 18.98 24.74
N ALA B 397 -41.26 19.28 24.95
CA ALA B 397 -41.73 20.63 25.26
C ALA B 397 -42.16 20.67 26.72
N ASP B 398 -41.36 21.30 27.56
CA ASP B 398 -41.69 21.53 28.96
C ASP B 398 -42.23 22.94 29.09
N SER B 399 -43.52 23.06 29.41
CA SER B 399 -44.19 24.35 29.47
C SER B 399 -44.97 24.49 30.77
N PHE B 400 -44.90 25.67 31.36
CA PHE B 400 -45.59 25.99 32.61
C PHE B 400 -45.50 27.50 32.80
N VAL B 401 -45.89 27.97 33.99
CA VAL B 401 -45.85 29.39 34.35
C VAL B 401 -45.20 29.55 35.71
N ILE B 402 -44.31 30.53 35.82
CA ILE B 402 -43.69 30.93 37.07
C ILE B 402 -43.99 32.41 37.31
N ARG B 403 -43.49 32.93 38.42
CA ARG B 403 -43.58 34.37 38.64
C ARG B 403 -42.54 35.06 37.76
N GLY B 404 -42.58 36.39 37.75
CA GLY B 404 -41.73 37.16 36.86
C GLY B 404 -40.24 36.95 37.09
N ASP B 405 -39.74 37.35 38.24
CA ASP B 405 -38.30 37.32 38.49
C ASP B 405 -37.78 35.91 38.77
N GLU B 406 -38.65 34.89 38.75
CA GLU B 406 -38.20 33.52 38.87
C GLU B 406 -37.53 33.00 37.61
N VAL B 407 -37.35 33.84 36.59
CA VAL B 407 -36.72 33.40 35.36
C VAL B 407 -35.31 32.88 35.61
N ARG B 408 -34.65 33.36 36.65
CA ARG B 408 -33.36 32.82 37.03
C ARG B 408 -33.46 31.49 37.77
N GLN B 409 -34.67 30.92 37.85
CA GLN B 409 -34.87 29.63 38.49
C GLN B 409 -35.19 28.52 37.48
N ILE B 410 -34.95 28.76 36.21
CA ILE B 410 -35.07 27.73 35.17
C ILE B 410 -33.76 27.73 34.40
N ALA B 411 -32.80 26.94 34.87
CA ALA B 411 -31.46 26.87 34.30
C ALA B 411 -30.65 25.82 35.05
N PRO B 412 -29.49 25.41 34.54
CA PRO B 412 -28.63 24.53 35.34
C PRO B 412 -27.96 25.29 36.47
N GLY B 413 -27.68 24.57 37.55
CA GLY B 413 -26.99 25.16 38.69
C GLY B 413 -27.77 26.24 39.42
N GLN B 414 -29.10 26.21 39.35
CA GLN B 414 -29.94 27.19 40.02
C GLN B 414 -30.70 26.53 41.16
N THR B 415 -31.12 27.36 42.11
CA THR B 415 -31.86 26.90 43.27
C THR B 415 -32.94 27.92 43.61
N GLY B 416 -33.69 27.63 44.66
CA GLY B 416 -34.81 28.44 45.08
C GLY B 416 -36.05 27.59 45.29
N LYS B 417 -37.10 28.25 45.77
CA LYS B 417 -38.35 27.55 46.10
C LYS B 417 -38.86 26.77 44.89
N ILE B 418 -39.11 27.47 43.79
CA ILE B 418 -39.67 26.81 42.62
C ILE B 418 -38.63 25.94 41.94
N ALA B 419 -37.43 26.49 41.74
CA ALA B 419 -36.36 25.73 41.07
C ALA B 419 -36.05 24.42 41.78
N ASP B 420 -36.43 24.29 43.05
CA ASP B 420 -36.16 23.08 43.80
C ASP B 420 -37.39 22.22 44.05
N TYR B 421 -38.59 22.80 44.02
CA TYR B 421 -39.80 22.04 44.35
C TYR B 421 -40.72 21.78 43.17
N ASN B 422 -40.62 22.52 42.08
CA ASN B 422 -41.63 22.50 41.04
C ASN B 422 -41.09 22.02 39.70
N TYR B 423 -39.96 22.56 39.26
CA TYR B 423 -39.40 22.16 37.97
C TYR B 423 -37.89 22.43 38.04
N LYS B 424 -37.11 21.38 38.28
CA LYS B 424 -35.67 21.52 38.41
C LYS B 424 -34.99 21.01 37.14
N LEU B 425 -33.93 21.68 36.75
CA LEU B 425 -33.15 21.22 35.62
C LEU B 425 -31.80 20.68 36.08
N PRO B 426 -31.26 19.68 35.42
CA PRO B 426 -30.04 19.03 35.91
C PRO B 426 -28.81 19.92 35.80
N ASP B 427 -27.66 19.37 36.21
CA ASP B 427 -26.42 20.12 36.15
C ASP B 427 -25.94 20.29 34.72
N ASP B 428 -26.45 19.48 33.79
CA ASP B 428 -26.08 19.56 32.39
C ASP B 428 -27.33 19.47 31.51
N PHE B 429 -28.33 20.27 31.84
CA PHE B 429 -29.47 20.43 30.94
C PHE B 429 -29.00 21.02 29.62
N THR B 430 -29.14 20.27 28.54
CA THR B 430 -28.75 20.71 27.21
C THR B 430 -30.00 21.12 26.46
N GLY B 431 -30.07 22.38 26.07
CA GLY B 431 -31.21 22.91 25.37
C GLY B 431 -31.34 24.40 25.60
N CYS B 432 -32.54 24.91 25.42
CA CYS B 432 -32.82 26.33 25.57
C CYS B 432 -34.16 26.52 26.26
N VAL B 433 -34.34 27.70 26.85
CA VAL B 433 -35.57 28.04 27.57
C VAL B 433 -36.19 29.27 26.91
N ILE B 434 -37.49 29.41 27.05
CA ILE B 434 -38.27 30.43 26.36
C ILE B 434 -39.17 31.11 27.39
N ALA B 435 -38.80 32.32 27.79
CA ALA B 435 -39.57 33.09 28.76
C ALA B 435 -39.85 34.47 28.20
N TRP B 436 -41.03 34.99 28.53
CA TRP B 436 -41.48 36.28 28.01
C TRP B 436 -42.50 36.88 28.96
N ASN B 437 -43.08 38.01 28.57
CA ASN B 437 -44.15 38.64 29.32
C ASN B 437 -45.49 38.04 28.88
N SER B 438 -46.06 37.18 29.72
CA SER B 438 -47.38 36.63 29.47
C SER B 438 -48.43 37.29 30.36
N ASN B 439 -48.07 38.40 31.01
CA ASN B 439 -49.06 39.16 31.76
C ASN B 439 -50.16 39.70 30.87
N ASN B 440 -49.84 39.97 29.60
CA ASN B 440 -50.84 40.52 28.69
C ASN B 440 -51.95 39.52 28.40
N LEU B 441 -51.77 38.25 28.72
CA LEU B 441 -52.77 37.22 28.48
C LEU B 441 -53.36 36.66 29.77
N ASP B 442 -52.51 36.35 30.76
CA ASP B 442 -52.96 35.62 31.93
C ASP B 442 -53.38 36.52 33.09
N SER B 443 -52.90 37.75 33.13
CA SER B 443 -53.25 38.63 34.24
C SER B 443 -54.73 38.99 34.19
N LYS B 444 -55.41 38.82 35.31
CA LYS B 444 -56.82 39.18 35.44
C LYS B 444 -56.99 40.12 36.62
N VAL B 445 -57.91 41.07 36.47
CA VAL B 445 -58.32 41.89 37.61
C VAL B 445 -58.79 40.96 38.71
N GLY B 446 -58.12 41.02 39.85
CA GLY B 446 -58.31 40.05 40.91
C GLY B 446 -57.35 38.88 40.88
N GLY B 447 -56.71 38.63 39.73
CA GLY B 447 -55.68 37.62 39.65
C GLY B 447 -56.19 36.23 39.34
N ASN B 448 -55.57 35.57 38.37
CA ASN B 448 -55.88 34.18 38.06
C ASN B 448 -55.38 33.30 39.19
N TYR B 449 -56.29 32.61 39.87
CA TYR B 449 -55.96 31.80 41.04
C TYR B 449 -56.07 30.31 40.77
N ASN B 450 -55.65 29.88 39.57
CA ASN B 450 -55.53 28.46 39.27
C ASN B 450 -54.08 28.01 39.12
N TYR B 451 -53.17 28.93 38.82
CA TYR B 451 -51.76 28.60 38.78
C TYR B 451 -51.21 28.56 40.20
N LEU B 452 -50.68 27.42 40.59
CA LEU B 452 -50.20 27.17 41.93
C LEU B 452 -48.67 27.06 41.87
N TYR B 453 -48.06 26.75 43.02
CA TYR B 453 -46.63 26.52 43.06
C TYR B 453 -46.29 25.81 44.35
N ARG B 454 -45.36 24.86 44.28
CA ARG B 454 -44.98 24.08 45.45
C ARG B 454 -44.09 24.93 46.35
N LEU B 455 -44.66 25.42 47.45
CA LEU B 455 -43.95 26.22 48.43
C LEU B 455 -43.61 25.45 49.70
N PHE B 456 -44.40 24.42 50.03
CA PHE B 456 -44.16 23.59 51.20
C PHE B 456 -43.72 22.21 50.75
N ARG B 457 -42.50 21.83 51.11
CA ARG B 457 -41.98 20.51 50.76
C ARG B 457 -40.70 20.28 51.55
N LYS B 458 -40.30 19.01 51.63
CA LYS B 458 -39.19 18.63 52.49
C LYS B 458 -37.85 19.11 51.92
N SER B 459 -37.48 18.63 50.73
N SER B 459 -37.49 18.63 50.73
CA SER B 459 -36.24 19.01 50.09
CA SER B 459 -36.25 19.02 50.08
C SER B 459 -36.44 18.97 48.58
C SER B 459 -36.45 18.98 48.58
N ASN B 460 -35.40 19.35 47.84
CA ASN B 460 -35.49 19.46 46.40
C ASN B 460 -35.73 18.11 45.75
N LEU B 461 -36.15 18.14 44.49
CA LEU B 461 -36.48 16.94 43.75
C LEU B 461 -35.23 16.38 43.07
N LYS B 462 -35.39 15.26 42.40
CA LYS B 462 -34.37 14.82 41.48
C LYS B 462 -34.40 15.71 40.24
N PRO B 463 -33.27 15.90 39.58
CA PRO B 463 -33.27 16.60 38.29
C PRO B 463 -34.25 15.95 37.33
N PHE B 464 -34.93 16.78 36.54
CA PHE B 464 -35.89 16.38 35.52
C PHE B 464 -37.15 15.75 36.10
N GLU B 465 -37.28 15.70 37.43
CA GLU B 465 -38.39 15.03 38.05
C GLU B 465 -39.68 15.84 37.89
N ARG B 466 -40.77 15.28 38.42
CA ARG B 466 -42.09 15.90 38.41
C ARG B 466 -42.81 15.39 39.65
N ASP B 467 -42.76 16.17 40.72
CA ASP B 467 -43.24 15.73 42.03
C ASP B 467 -44.76 15.86 42.07
N ILE B 468 -45.44 14.83 41.55
CA ILE B 468 -46.90 14.78 41.61
C ILE B 468 -47.40 14.55 43.02
N SER B 469 -46.54 14.03 43.90
CA SER B 469 -46.93 13.73 45.28
C SER B 469 -47.42 14.99 45.98
N THR B 470 -48.64 14.92 46.51
CA THR B 470 -49.25 16.08 47.16
C THR B 470 -49.68 15.72 48.57
N GLU B 471 -48.78 15.10 49.33
CA GLU B 471 -49.07 14.74 50.71
C GLU B 471 -49.21 15.97 51.59
N ILE B 472 -49.92 15.82 52.70
CA ILE B 472 -49.99 16.87 53.71
C ILE B 472 -48.64 16.97 54.40
N TYR B 473 -47.96 18.10 54.22
CA TYR B 473 -46.59 18.25 54.67
C TYR B 473 -46.56 18.42 56.19
N GLN B 474 -45.95 17.45 56.87
CA GLN B 474 -45.68 17.55 58.30
C GLN B 474 -44.58 18.57 58.51
N ALA B 475 -44.94 19.76 58.97
CA ALA B 475 -43.98 20.83 59.21
C ALA B 475 -43.33 20.73 60.59
N GLY B 476 -43.64 19.71 61.36
CA GLY B 476 -43.05 19.49 62.67
C GLY B 476 -42.54 18.06 62.78
N SER B 477 -42.68 17.50 63.98
CA SER B 477 -42.26 16.12 64.24
CA SER B 477 -42.27 16.13 64.24
C SER B 477 -43.44 15.22 64.59
N THR B 478 -44.67 15.68 64.36
CA THR B 478 -45.87 14.89 64.62
C THR B 478 -46.80 14.94 63.42
N PRO B 479 -47.39 13.81 63.02
CA PRO B 479 -48.38 13.85 61.95
C PRO B 479 -49.72 14.39 62.44
N CYS B 480 -50.68 14.53 61.54
CA CYS B 480 -52.02 14.97 61.91
C CYS B 480 -53.12 14.16 61.25
N ASN B 481 -52.81 13.37 60.22
CA ASN B 481 -53.71 12.37 59.67
C ASN B 481 -55.02 12.99 59.17
N GLY B 482 -54.92 13.92 58.23
CA GLY B 482 -56.10 14.42 57.55
C GLY B 482 -56.72 15.67 58.15
N VAL B 483 -55.89 16.65 58.49
CA VAL B 483 -56.38 17.92 59.03
C VAL B 483 -55.29 18.97 58.86
N GLU B 484 -55.70 20.22 58.74
CA GLU B 484 -54.79 21.35 58.58
C GLU B 484 -54.65 22.09 59.90
N GLY B 485 -53.43 22.48 60.22
CA GLY B 485 -53.18 23.21 61.45
C GLY B 485 -51.71 23.39 61.76
N PHE B 486 -51.35 23.23 63.03
CA PHE B 486 -49.95 23.35 63.43
C PHE B 486 -49.15 22.20 62.85
N ASN B 487 -48.01 22.53 62.23
CA ASN B 487 -47.10 21.60 61.57
C ASN B 487 -47.71 20.89 60.38
N CYS B 488 -48.93 21.24 59.98
CA CYS B 488 -49.59 20.64 58.83
C CYS B 488 -50.09 21.75 57.92
N TYR B 489 -49.58 21.80 56.69
CA TYR B 489 -49.91 22.85 55.75
C TYR B 489 -50.23 22.26 54.39
N PHE B 490 -51.18 22.88 53.69
CA PHE B 490 -51.43 22.54 52.30
C PHE B 490 -50.18 22.84 51.49
N PRO B 491 -49.49 21.83 50.95
CA PRO B 491 -48.16 22.05 50.38
C PRO B 491 -48.14 22.92 49.14
N LEU B 492 -49.27 23.47 48.71
CA LEU B 492 -49.39 24.12 47.41
C LEU B 492 -49.90 25.54 47.60
N GLN B 493 -49.17 26.50 47.05
CA GLN B 493 -49.50 27.91 47.18
C GLN B 493 -49.67 28.53 45.80
N SER B 494 -50.42 29.62 45.74
CA SER B 494 -50.77 30.28 44.49
C SER B 494 -50.19 31.69 44.44
N TYR B 495 -50.23 32.27 43.25
CA TYR B 495 -49.57 33.53 42.95
C TYR B 495 -50.49 34.74 43.00
N GLY B 496 -51.71 34.64 42.47
CA GLY B 496 -52.57 35.79 42.40
C GLY B 496 -52.08 36.79 41.35
N PHE B 497 -52.20 36.42 40.08
CA PHE B 497 -51.67 37.25 39.00
C PHE B 497 -52.47 38.52 38.79
N GLN B 498 -52.44 39.42 39.75
CA GLN B 498 -53.12 40.69 39.49
C GLN B 498 -52.18 41.63 38.74
N PRO B 499 -52.58 42.14 37.58
CA PRO B 499 -51.69 43.03 36.82
C PRO B 499 -51.30 44.27 37.60
N THR B 500 -52.12 44.64 38.58
CA THR B 500 -51.75 45.73 39.48
C THR B 500 -50.43 45.44 40.19
N ASN B 501 -50.21 44.18 40.55
CA ASN B 501 -48.93 43.79 41.14
C ASN B 501 -47.80 43.98 40.14
N GLY B 502 -46.59 44.14 40.65
CA GLY B 502 -45.44 44.25 39.79
C GLY B 502 -45.19 42.97 39.01
N VAL B 503 -44.41 43.11 37.94
CA VAL B 503 -44.15 41.97 37.06
C VAL B 503 -43.41 40.86 37.78
N GLY B 504 -42.91 41.12 38.99
CA GLY B 504 -42.17 40.10 39.72
C GLY B 504 -43.01 38.86 40.01
N TYR B 505 -44.25 39.05 40.44
CA TYR B 505 -45.15 37.92 40.68
C TYR B 505 -46.08 37.67 39.51
N GLN B 506 -46.17 38.59 38.55
CA GLN B 506 -47.07 38.45 37.43
C GLN B 506 -46.74 37.20 36.61
N PRO B 507 -47.69 36.72 35.82
CA PRO B 507 -47.50 35.42 35.16
C PRO B 507 -46.47 35.48 34.04
N TYR B 508 -45.64 34.44 33.97
CA TYR B 508 -44.66 34.26 32.91
C TYR B 508 -44.83 32.85 32.34
N ARG B 509 -45.62 32.72 31.28
CA ARG B 509 -45.68 31.47 30.55
C ARG B 509 -44.30 31.17 29.98
N VAL B 510 -43.76 30.00 30.30
CA VAL B 510 -42.42 29.63 29.90
C VAL B 510 -42.44 28.24 29.30
N VAL B 511 -41.64 28.04 28.26
CA VAL B 511 -41.48 26.74 27.61
C VAL B 511 -40.00 26.37 27.67
N VAL B 512 -39.73 25.10 27.92
CA VAL B 512 -38.37 24.59 28.00
C VAL B 512 -38.22 23.47 26.97
N LEU B 513 -37.18 23.55 26.16
CA LEU B 513 -36.96 22.60 25.07
C LEU B 513 -35.77 21.72 25.42
N SER B 514 -36.01 20.41 25.49
CA SER B 514 -34.99 19.44 25.80
C SER B 514 -34.52 18.75 24.53
N PHE B 515 -33.23 18.85 24.24
CA PHE B 515 -32.65 18.28 23.02
C PHE B 515 -32.00 16.96 23.37
N GLU B 516 -32.69 15.86 23.05
CA GLU B 516 -32.29 14.52 23.46
C GLU B 516 -31.92 13.68 22.24
N LEU B 517 -30.92 12.83 22.41
CA LEU B 517 -30.49 11.94 21.35
C LEU B 517 -29.81 10.72 21.96
N LEU B 518 -29.78 9.64 21.20
CA LEU B 518 -29.14 8.41 21.64
C LEU B 518 -28.37 7.76 20.49
N ALA B 520 -29.67 5.90 17.78
CA ALA B 520 -31.09 5.97 17.41
C ALA B 520 -31.29 6.90 16.21
N PRO B 521 -32.18 6.53 15.30
CA PRO B 521 -32.43 7.36 14.12
C PRO B 521 -32.98 8.72 14.50
N ALA B 522 -32.32 9.77 14.05
CA ALA B 522 -32.75 11.13 14.34
C ALA B 522 -33.99 11.46 13.52
N THR B 523 -35.14 11.57 14.19
CA THR B 523 -36.39 11.79 13.49
C THR B 523 -36.72 13.26 13.31
N VAL B 524 -36.32 14.11 14.24
CA VAL B 524 -36.58 15.55 14.16
C VAL B 524 -35.33 16.24 13.63
N CYS B 525 -35.50 17.13 12.65
CA CYS B 525 -34.37 17.81 12.06
C CYS B 525 -34.83 19.11 11.42
N GLY B 526 -33.99 20.14 11.53
CA GLY B 526 -34.31 21.46 11.02
C GLY B 526 -34.48 21.49 9.52
N PRO B 527 -34.91 22.63 9.00
CA PRO B 527 -35.15 22.75 7.55
C PRO B 527 -33.87 22.59 6.75
N LYS B 528 -34.00 22.56 5.43
CA LYS B 528 -32.89 22.15 4.58
C LYS B 528 -32.43 23.26 3.65
N LYS B 529 -33.27 24.29 3.46
CA LYS B 529 -32.91 25.44 2.63
C LYS B 529 -32.61 25.05 1.19
N SER B 530 -33.62 24.63 0.45
CA SER B 530 -33.49 24.26 -0.96
C SER B 530 -33.32 25.51 -1.82
N THR B 531 -32.15 25.64 -2.43
CA THR B 531 -31.87 26.77 -3.33
C THR B 531 -32.51 26.51 -4.70
N ASN B 532 -32.76 27.59 -5.44
CA ASN B 532 -33.48 27.51 -6.70
C ASN B 532 -32.70 26.66 -7.70
N LEU B 533 -33.31 26.47 -8.88
CA LEU B 533 -32.83 25.53 -9.88
C LEU B 533 -32.23 26.26 -11.08
N VAL B 534 -31.19 25.67 -11.68
CA VAL B 534 -30.57 26.19 -12.89
C VAL B 534 -30.24 25.03 -13.81
N LYS B 535 -30.47 25.21 -15.10
CA LYS B 535 -30.17 24.19 -16.10
C LYS B 535 -29.25 24.77 -17.16
N ASN B 536 -28.45 23.89 -17.77
CA ASN B 536 -27.58 24.24 -18.88
C ASN B 536 -26.44 25.16 -18.45
N LYS B 537 -25.85 24.87 -17.29
CA LYS B 537 -24.64 25.53 -16.83
C LYS B 537 -23.88 24.57 -15.94
N CYS B 538 -22.56 24.54 -16.06
CA CYS B 538 -21.81 23.72 -15.12
C CYS B 538 -21.99 24.29 -13.72
N VAL B 539 -22.73 23.58 -12.90
CA VAL B 539 -23.09 24.03 -11.55
C VAL B 539 -22.69 22.97 -10.55
N ASN B 540 -22.32 23.43 -9.36
CA ASN B 540 -21.86 22.56 -8.30
C ASN B 540 -23.05 22.00 -7.52
N PHE B 541 -23.89 21.25 -8.22
CA PHE B 541 -25.16 20.81 -7.67
C PHE B 541 -24.96 19.94 -6.44
N ASN B 542 -26.01 19.90 -5.61
CA ASN B 542 -26.05 19.00 -4.47
C ASN B 542 -27.51 18.66 -4.20
N PHE B 543 -27.94 17.51 -4.70
CA PHE B 543 -29.27 16.99 -4.40
C PHE B 543 -29.22 16.31 -3.03
N ASN B 544 -30.25 15.54 -2.70
CA ASN B 544 -30.40 14.96 -1.37
C ASN B 544 -29.10 14.39 -0.81
N GLY B 545 -28.57 13.39 -1.48
CA GLY B 545 -27.42 12.68 -0.94
C GLY B 545 -26.27 12.50 -1.92
N LEU B 546 -26.03 13.50 -2.74
CA LEU B 546 -24.95 13.40 -3.72
C LEU B 546 -24.55 14.80 -4.16
N THR B 547 -23.31 14.90 -4.63
CA THR B 547 -22.77 16.18 -5.06
C THR B 547 -22.01 15.98 -6.36
N GLY B 548 -21.46 17.07 -6.86
CA GLY B 548 -20.68 17.02 -8.07
C GLY B 548 -20.93 18.27 -8.90
N THR B 549 -20.77 18.11 -10.21
CA THR B 549 -20.96 19.19 -11.17
C THR B 549 -21.55 18.62 -12.44
N GLY B 550 -22.10 19.48 -13.28
CA GLY B 550 -22.55 19.04 -14.57
C GLY B 550 -23.77 19.77 -15.10
N VAL B 551 -23.83 19.95 -16.41
CA VAL B 551 -24.94 20.62 -17.04
C VAL B 551 -26.19 19.75 -16.91
N LEU B 552 -27.10 20.14 -16.03
CA LEU B 552 -28.30 19.36 -15.75
C LEU B 552 -29.38 19.74 -16.76
N THR B 553 -29.72 18.84 -17.66
CA THR B 553 -30.74 19.11 -18.65
C THR B 553 -31.92 18.16 -18.48
N GLU B 554 -33.12 18.65 -18.76
CA GLU B 554 -34.30 17.81 -18.69
C GLU B 554 -34.13 16.62 -19.62
N SER B 555 -34.69 15.48 -19.22
CA SER B 555 -34.48 14.25 -19.98
C SER B 555 -35.77 13.51 -20.27
N ASN B 556 -35.63 12.31 -20.84
CA ASN B 556 -36.76 11.49 -21.21
C ASN B 556 -36.68 10.09 -20.61
N LYS B 557 -35.72 9.84 -19.74
CA LYS B 557 -35.71 8.58 -19.01
C LYS B 557 -36.96 8.49 -18.14
N LYS B 558 -37.40 7.27 -17.90
CA LYS B 558 -38.63 7.03 -17.14
C LYS B 558 -38.27 6.27 -15.88
N PHE B 559 -38.07 6.99 -14.79
CA PHE B 559 -37.77 6.37 -13.52
C PHE B 559 -38.97 5.58 -13.02
N LEU B 560 -38.71 4.67 -12.12
CA LEU B 560 -39.82 4.06 -11.42
C LEU B 560 -40.31 5.02 -10.35
N PRO B 561 -41.57 4.88 -9.93
CA PRO B 561 -42.14 5.87 -9.00
C PRO B 561 -41.37 6.10 -7.72
N PHE B 562 -40.37 5.26 -7.43
CA PHE B 562 -39.67 5.34 -6.16
C PHE B 562 -38.16 5.46 -6.29
N GLN B 563 -37.64 5.58 -7.51
CA GLN B 563 -36.20 5.58 -7.71
C GLN B 563 -35.67 7.01 -7.69
N GLN B 564 -34.64 7.25 -6.90
CA GLN B 564 -34.11 8.60 -6.74
C GLN B 564 -33.02 8.88 -7.76
N PHE B 565 -31.91 8.18 -7.66
CA PHE B 565 -30.78 8.45 -8.54
C PHE B 565 -31.01 7.82 -9.90
N GLY B 566 -30.03 8.01 -10.77
CA GLY B 566 -29.79 7.13 -11.89
C GLY B 566 -28.38 6.59 -11.75
N ARG B 567 -27.99 5.78 -12.72
CA ARG B 567 -26.64 5.26 -12.69
C ARG B 567 -26.27 4.81 -14.09
N ASP B 568 -24.99 4.46 -14.24
CA ASP B 568 -24.44 4.08 -15.53
C ASP B 568 -23.79 2.71 -15.43
N ILE B 569 -23.10 2.29 -16.48
CA ILE B 569 -22.50 0.96 -16.48
C ILE B 569 -21.39 0.88 -15.44
N ALA B 570 -20.40 1.75 -15.55
CA ALA B 570 -19.28 1.70 -14.62
C ALA B 570 -19.57 2.52 -13.37
N ASP B 571 -20.76 2.33 -12.81
CA ASP B 571 -21.16 2.93 -11.54
C ASP B 571 -20.79 4.40 -11.44
N THR B 572 -21.39 5.20 -12.31
CA THR B 572 -21.28 6.65 -12.25
C THR B 572 -22.67 7.25 -12.28
N THR B 573 -22.87 8.32 -11.51
CA THR B 573 -24.18 8.96 -11.44
C THR B 573 -24.49 9.67 -12.74
N ASP B 574 -25.66 9.40 -13.31
CA ASP B 574 -25.98 9.92 -14.63
C ASP B 574 -27.41 10.42 -14.77
N ALA B 575 -28.19 10.43 -13.71
CA ALA B 575 -29.53 11.01 -13.76
C ALA B 575 -30.08 11.14 -12.36
N VAL B 576 -30.59 12.30 -12.00
CA VAL B 576 -31.16 12.49 -10.67
C VAL B 576 -32.56 13.07 -10.80
N ARG B 577 -33.40 12.73 -9.85
CA ARG B 577 -34.79 13.14 -9.85
C ARG B 577 -34.93 14.31 -8.90
N ASP B 578 -35.42 15.43 -9.40
CA ASP B 578 -35.51 16.67 -8.64
C ASP B 578 -36.53 16.51 -7.52
N PRO B 579 -36.12 16.57 -6.26
CA PRO B 579 -36.99 16.12 -5.17
C PRO B 579 -38.25 16.94 -4.96
N GLN B 580 -38.45 18.01 -5.73
CA GLN B 580 -39.64 18.83 -5.61
C GLN B 580 -40.51 18.77 -6.85
N THR B 581 -39.96 19.09 -8.01
CA THR B 581 -40.62 18.83 -9.28
C THR B 581 -40.09 17.50 -9.78
N LEU B 582 -40.95 16.49 -9.82
CA LEU B 582 -40.48 15.15 -10.12
C LEU B 582 -40.06 15.06 -11.58
N GLU B 583 -39.01 15.78 -11.93
CA GLU B 583 -38.42 15.74 -13.26
C GLU B 583 -37.24 14.79 -13.26
N ILE B 584 -36.69 14.55 -14.44
CA ILE B 584 -35.53 13.70 -14.58
C ILE B 584 -34.45 14.50 -15.28
N LEU B 585 -33.44 14.91 -14.52
CA LEU B 585 -32.36 15.74 -15.03
C LEU B 585 -31.16 14.85 -15.32
N ASP B 586 -30.74 14.82 -16.58
CA ASP B 586 -29.46 14.18 -16.88
C ASP B 586 -28.33 14.91 -16.19
N ILE B 587 -27.17 14.28 -16.16
CA ILE B 587 -25.99 14.88 -15.57
C ILE B 587 -24.79 14.59 -16.44
N THR B 588 -24.39 15.56 -17.23
CA THR B 588 -23.19 15.41 -18.03
C THR B 588 -22.15 16.38 -17.53
N PRO B 589 -20.92 15.93 -17.26
CA PRO B 589 -19.92 16.82 -16.67
C PRO B 589 -19.64 17.98 -17.61
N CYS B 590 -19.35 19.14 -17.02
CA CYS B 590 -19.04 20.28 -17.85
C CYS B 590 -17.76 20.02 -18.62
N SER B 591 -17.76 20.45 -19.88
CA SER B 591 -16.77 20.01 -20.85
C SER B 591 -15.35 20.25 -20.35
N PHE B 592 -14.44 19.44 -20.86
CA PHE B 592 -13.02 19.58 -20.54
C PHE B 592 -12.26 18.74 -21.55
N GLY B 593 -10.96 18.59 -21.33
CA GLY B 593 -10.10 17.91 -22.28
C GLY B 593 -8.87 18.74 -22.51
N GLY B 594 -7.74 18.07 -22.72
CA GLY B 594 -6.48 18.76 -22.79
C GLY B 594 -6.44 19.78 -23.91
N VAL B 595 -5.70 20.86 -23.66
CA VAL B 595 -5.35 21.83 -24.68
C VAL B 595 -4.28 21.19 -25.54
N SER B 596 -3.97 21.78 -26.68
CA SER B 596 -2.81 21.34 -27.43
C SER B 596 -2.39 22.47 -28.35
N VAL B 597 -1.09 22.72 -28.41
CA VAL B 597 -0.54 23.85 -29.15
C VAL B 597 0.08 23.33 -30.44
N ILE B 598 -0.39 23.85 -31.56
CA ILE B 598 0.07 23.42 -32.88
C ILE B 598 0.97 24.50 -33.43
N THR B 599 2.24 24.17 -33.66
CA THR B 599 3.21 25.20 -34.00
C THR B 599 4.09 24.76 -35.14
N PRO B 600 4.51 25.69 -35.99
CA PRO B 600 5.75 25.51 -36.72
C PRO B 600 6.89 25.90 -35.81
N GLY B 601 8.06 25.32 -36.06
CA GLY B 601 9.20 25.59 -35.21
C GLY B 601 9.46 27.08 -35.08
N THR B 602 9.91 27.53 -33.90
CA THR B 602 10.18 28.95 -33.73
C THR B 602 11.17 29.46 -34.78
N ASN B 603 12.01 28.57 -35.31
CA ASN B 603 12.85 28.93 -36.43
C ASN B 603 12.06 29.56 -37.57
N THR B 604 10.80 29.15 -37.73
CA THR B 604 10.01 29.67 -38.84
C THR B 604 9.09 30.79 -38.38
N SER B 605 8.46 30.66 -37.22
CA SER B 605 7.57 31.69 -36.74
C SER B 605 7.36 31.55 -35.25
N ASN B 606 6.89 32.62 -34.64
CA ASN B 606 6.48 32.62 -33.25
C ASN B 606 4.97 32.47 -33.10
N GLU B 607 4.30 32.07 -34.17
CA GLU B 607 2.85 31.89 -34.13
C GLU B 607 2.52 30.48 -33.69
N VAL B 608 1.27 30.29 -33.30
CA VAL B 608 0.74 28.99 -32.92
C VAL B 608 -0.74 28.95 -33.26
N ALA B 609 -1.32 27.77 -33.13
CA ALA B 609 -2.75 27.57 -33.23
C ALA B 609 -3.14 26.51 -32.22
N VAL B 610 -4.17 26.80 -31.45
CA VAL B 610 -4.51 26.01 -30.27
C VAL B 610 -5.67 25.10 -30.60
N LEU B 611 -5.61 23.86 -30.11
CA LEU B 611 -6.64 22.85 -30.35
C LEU B 611 -7.16 22.36 -29.00
N TYR B 612 -8.35 22.79 -28.63
CA TYR B 612 -9.00 22.31 -27.43
C TYR B 612 -9.65 20.97 -27.74
N GLN B 613 -9.25 19.92 -27.04
CA GLN B 613 -9.68 18.58 -27.41
C GLN B 613 -11.10 18.31 -26.93
N ASP B 614 -11.99 18.01 -27.86
CA ASP B 614 -13.33 17.46 -27.56
C ASP B 614 -14.23 18.47 -26.86
N VAL B 615 -14.22 19.71 -27.32
CA VAL B 615 -15.15 20.72 -26.85
C VAL B 615 -15.93 21.29 -28.04
N ASN B 616 -17.06 21.88 -27.73
CA ASN B 616 -17.99 22.37 -28.74
C ASN B 616 -17.45 23.57 -29.50
N CYS B 617 -16.49 24.28 -28.93
CA CYS B 617 -16.00 25.58 -29.40
C CYS B 617 -17.07 26.65 -29.24
N THR B 618 -17.89 26.50 -28.22
CA THR B 618 -18.59 27.64 -27.64
C THR B 618 -18.15 27.88 -26.21
N GLU B 619 -17.29 27.02 -25.67
CA GLU B 619 -16.82 27.08 -24.30
C GLU B 619 -15.36 27.49 -24.21
N VAL B 620 -14.96 28.47 -25.01
CA VAL B 620 -13.58 28.90 -25.05
C VAL B 620 -13.44 30.35 -24.60
N ASN B 641 -11.60 31.91 -38.74
CA ASN B 641 -10.51 31.90 -37.78
C ASN B 641 -10.73 30.86 -36.69
N VAL B 642 -11.87 30.18 -36.75
CA VAL B 642 -12.22 29.15 -35.78
C VAL B 642 -12.79 27.97 -36.55
N PHE B 643 -11.99 26.94 -36.74
CA PHE B 643 -12.43 25.69 -37.31
C PHE B 643 -13.17 24.87 -36.25
N GLN B 644 -13.69 23.72 -36.67
CA GLN B 644 -14.33 22.79 -35.75
C GLN B 644 -14.14 21.39 -36.33
N THR B 645 -13.07 20.72 -35.92
CA THR B 645 -12.80 19.40 -36.43
C THR B 645 -13.67 18.38 -35.71
N ARG B 646 -13.43 17.10 -36.01
CA ARG B 646 -14.02 16.03 -35.24
C ARG B 646 -13.19 15.68 -34.03
N ALA B 647 -12.20 16.52 -33.70
CA ALA B 647 -11.33 16.34 -32.54
C ALA B 647 -11.19 17.65 -31.78
N GLY B 648 -12.32 18.30 -31.53
CA GLY B 648 -12.35 19.52 -30.75
C GLY B 648 -12.14 20.75 -31.61
N CYS B 649 -12.30 21.89 -30.98
CA CYS B 649 -12.16 23.17 -31.65
C CYS B 649 -10.71 23.42 -31.98
N LEU B 650 -10.46 24.34 -32.91
CA LEU B 650 -9.12 24.65 -33.37
C LEU B 650 -9.06 26.15 -33.64
N ILE B 651 -8.49 26.90 -32.71
CA ILE B 651 -8.43 28.35 -32.78
C ILE B 651 -7.05 28.76 -33.26
N GLY B 652 -7.00 29.67 -34.22
CA GLY B 652 -5.75 30.21 -34.70
C GLY B 652 -5.34 29.72 -36.07
N ALA B 653 -6.06 28.78 -36.65
CA ALA B 653 -5.73 28.21 -37.94
C ALA B 653 -6.94 28.31 -38.85
N GLU B 654 -6.74 28.87 -40.04
CA GLU B 654 -7.83 29.06 -40.98
C GLU B 654 -8.04 27.81 -41.80
N HIS B 655 -9.30 27.45 -42.02
CA HIS B 655 -9.60 26.25 -42.77
C HIS B 655 -9.65 26.56 -44.26
N VAL B 656 -9.00 25.72 -45.06
CA VAL B 656 -8.98 25.88 -46.50
C VAL B 656 -9.76 24.73 -47.12
N ASN B 657 -9.82 24.72 -48.44
CA ASN B 657 -10.46 23.63 -49.16
C ASN B 657 -9.46 22.69 -49.80
N ASN B 658 -8.23 23.12 -50.03
CA ASN B 658 -7.26 22.27 -50.71
C ASN B 658 -6.86 21.11 -49.82
N SER B 659 -5.89 20.32 -50.31
CA SER B 659 -5.45 19.12 -49.62
C SER B 659 -4.00 18.86 -49.96
N TYR B 660 -3.13 18.94 -48.96
CA TYR B 660 -1.71 18.71 -49.14
C TYR B 660 -1.25 17.60 -48.22
N GLU B 661 0.00 17.20 -48.36
CA GLU B 661 0.57 16.16 -47.52
C GLU B 661 0.52 16.58 -46.06
N CYS B 662 0.27 15.62 -45.18
CA CYS B 662 0.02 15.93 -43.79
C CYS B 662 1.30 16.32 -43.08
N ASP B 663 1.43 17.60 -42.74
CA ASP B 663 2.64 18.08 -42.10
C ASP B 663 2.57 17.95 -40.57
N ILE B 664 1.56 18.52 -39.95
CA ILE B 664 1.36 18.41 -38.50
C ILE B 664 0.04 17.73 -38.24
N PRO B 665 0.02 16.48 -37.80
CA PRO B 665 -1.24 15.76 -37.67
C PRO B 665 -2.08 16.34 -36.55
N ILE B 666 -3.40 16.24 -36.72
CA ILE B 666 -4.31 16.73 -35.70
C ILE B 666 -5.23 15.60 -35.26
N GLY B 667 -6.04 15.09 -36.18
CA GLY B 667 -6.97 14.05 -35.85
C GLY B 667 -8.14 14.03 -36.80
N ALA B 668 -8.72 12.85 -37.01
CA ALA B 668 -9.90 12.71 -37.86
C ALA B 668 -9.67 13.29 -39.25
N GLY B 669 -8.45 13.16 -39.74
CA GLY B 669 -8.18 13.57 -41.10
C GLY B 669 -8.03 15.06 -41.29
N ILE B 670 -7.28 15.72 -40.41
CA ILE B 670 -6.96 17.13 -40.54
C ILE B 670 -5.49 17.30 -40.21
N CYS B 671 -4.79 18.10 -41.00
CA CYS B 671 -3.38 18.33 -40.76
C CYS B 671 -3.06 19.78 -41.06
N ALA B 672 -2.30 20.42 -40.18
CA ALA B 672 -2.02 21.84 -40.27
C ALA B 672 -0.57 22.10 -40.62
N SER B 673 -0.31 23.21 -41.30
CA SER B 673 1.04 23.58 -41.67
C SER B 673 1.10 25.05 -42.00
N TYR B 674 2.27 25.64 -41.81
CA TYR B 674 2.47 27.08 -41.93
C TYR B 674 2.78 27.41 -43.37
N GLN B 675 1.75 27.77 -44.13
CA GLN B 675 1.91 28.08 -45.54
C GLN B 675 1.11 29.33 -45.85
N THR B 676 0.92 29.61 -47.14
CA THR B 676 0.20 30.79 -47.58
C THR B 676 -1.26 30.46 -47.90
N SER B 689 1.39 37.71 -44.07
CA SER B 689 0.86 37.25 -45.35
C SER B 689 0.89 35.74 -45.43
N GLN B 690 1.23 35.11 -44.31
CA GLN B 690 1.22 33.66 -44.20
C GLN B 690 0.80 33.28 -42.79
N SER B 691 -0.19 32.39 -42.69
CA SER B 691 -0.68 32.00 -41.38
C SER B 691 -1.06 30.52 -41.44
N ILE B 692 -1.07 29.90 -40.27
CA ILE B 692 -1.26 28.46 -40.20
C ILE B 692 -2.61 28.08 -40.79
N ILE B 693 -2.60 27.09 -41.68
CA ILE B 693 -3.81 26.58 -42.30
C ILE B 693 -4.03 25.16 -41.82
N ALA B 694 -5.29 24.77 -41.77
CA ALA B 694 -5.67 23.40 -41.43
C ALA B 694 -6.63 22.91 -42.49
N TYR B 695 -6.30 21.80 -43.12
CA TYR B 695 -7.04 21.27 -44.26
C TYR B 695 -7.42 19.83 -43.99
N THR B 696 -8.04 19.19 -44.97
CA THR B 696 -8.31 17.77 -44.93
C THR B 696 -7.22 17.07 -45.75
N MET B 697 -6.34 16.36 -45.06
CA MET B 697 -5.14 15.85 -45.69
C MET B 697 -5.48 14.98 -46.89
N SER B 698 -4.51 14.85 -47.78
CA SER B 698 -4.68 14.11 -49.03
C SER B 698 -3.80 12.88 -49.01
N LEU B 699 -4.26 11.83 -49.68
CA LEU B 699 -3.51 10.59 -49.72
C LEU B 699 -2.57 10.51 -50.91
N GLY B 700 -2.79 11.31 -51.93
CA GLY B 700 -1.94 11.29 -53.10
C GLY B 700 -2.74 11.62 -54.34
N ALA B 701 -2.01 11.86 -55.42
CA ALA B 701 -2.64 12.19 -56.69
C ALA B 701 -3.42 11.00 -57.21
N GLU B 702 -4.67 11.23 -57.62
CA GLU B 702 -5.46 10.17 -58.21
C GLU B 702 -4.78 9.66 -59.47
N ASN B 703 -5.26 8.52 -59.95
CA ASN B 703 -4.65 7.89 -61.12
C ASN B 703 -5.55 6.79 -61.65
N SER B 704 -5.70 6.72 -62.97
CA SER B 704 -6.53 5.72 -63.62
C SER B 704 -5.68 4.98 -64.63
N VAL B 705 -5.08 3.87 -64.20
CA VAL B 705 -4.24 3.09 -65.10
C VAL B 705 -5.06 2.69 -66.31
N ALA B 706 -4.52 2.97 -67.50
CA ALA B 706 -5.24 2.71 -68.74
C ALA B 706 -5.23 1.21 -69.01
N TYR B 707 -6.12 0.52 -68.30
CA TYR B 707 -6.24 -0.93 -68.40
C TYR B 707 -7.28 -1.30 -69.43
N SER B 708 -6.92 -2.18 -70.35
CA SER B 708 -7.84 -2.68 -71.35
C SER B 708 -7.35 -4.05 -71.79
N ASN B 709 -8.31 -4.94 -72.05
CA ASN B 709 -8.01 -6.37 -72.14
C ASN B 709 -6.96 -6.67 -73.20
N ASN B 710 -6.69 -5.72 -74.09
CA ASN B 710 -5.71 -5.91 -75.15
C ASN B 710 -4.63 -4.86 -75.14
N SER B 711 -4.11 -4.50 -73.97
CA SER B 711 -3.08 -3.48 -73.88
C SER B 711 -2.18 -3.77 -72.70
N ILE B 712 -0.88 -3.74 -72.94
CA ILE B 712 0.11 -3.89 -71.87
C ILE B 712 1.11 -2.76 -72.01
N ALA B 713 1.72 -2.39 -70.89
CA ALA B 713 2.81 -1.43 -70.89
C ALA B 713 4.07 -2.15 -70.47
N ILE B 714 5.18 -1.83 -71.11
CA ILE B 714 6.45 -2.49 -70.83
C ILE B 714 7.53 -1.42 -70.70
N PRO B 715 8.31 -1.43 -69.63
CA PRO B 715 9.35 -0.42 -69.49
C PRO B 715 10.42 -0.59 -70.56
N THR B 716 11.02 0.53 -70.93
CA THR B 716 12.14 0.52 -71.87
C THR B 716 13.43 0.99 -71.23
N ASN B 717 13.41 1.41 -69.98
CA ASN B 717 14.55 1.99 -69.32
C ASN B 717 14.39 1.79 -67.82
N PHE B 718 15.49 1.87 -67.09
CA PHE B 718 15.52 1.50 -65.68
C PHE B 718 16.35 2.49 -64.90
N THR B 719 15.99 2.67 -63.64
CA THR B 719 16.77 3.49 -62.72
C THR B 719 17.25 2.63 -61.56
N ILE B 720 18.45 2.92 -61.08
CA ILE B 720 19.03 2.18 -59.97
C ILE B 720 19.08 3.09 -58.75
N SER B 721 18.04 3.06 -57.93
CA SER B 721 18.02 3.89 -56.75
C SER B 721 18.85 3.24 -55.64
N VAL B 722 19.23 4.05 -54.67
CA VAL B 722 19.94 3.56 -53.50
C VAL B 722 19.31 4.16 -52.25
N THR B 723 18.33 3.47 -51.69
CA THR B 723 17.59 4.01 -50.57
C THR B 723 18.39 3.81 -49.29
N THR B 724 17.75 4.01 -48.14
CA THR B 724 18.44 3.91 -46.86
C THR B 724 17.44 3.50 -45.80
N GLU B 725 17.80 2.49 -45.01
CA GLU B 725 16.93 1.95 -43.98
C GLU B 725 17.70 1.93 -42.68
N ILE B 726 17.19 2.60 -41.66
CA ILE B 726 17.90 2.78 -40.39
C ILE B 726 17.17 2.01 -39.31
N LEU B 727 17.91 1.20 -38.57
CA LEU B 727 17.30 0.33 -37.57
C LEU B 727 18.11 0.41 -36.27
N PRO B 728 17.49 0.73 -35.15
CA PRO B 728 18.21 0.64 -33.89
C PRO B 728 18.53 -0.79 -33.58
N VAL B 729 19.64 -1.00 -32.89
CA VAL B 729 20.09 -2.36 -32.61
C VAL B 729 20.29 -2.55 -31.12
N SER B 730 20.93 -1.59 -30.45
CA SER B 730 21.22 -1.75 -29.04
C SER B 730 20.89 -0.47 -28.30
N MET B 731 20.73 -0.62 -26.99
CA MET B 731 20.48 0.47 -26.08
C MET B 731 21.75 0.83 -25.34
N THR B 732 21.63 1.69 -24.34
CA THR B 732 22.73 2.03 -23.47
C THR B 732 22.76 1.04 -22.32
N LYS B 733 23.91 0.40 -22.09
CA LYS B 733 24.00 -0.66 -21.09
C LYS B 733 24.02 -0.03 -19.69
N THR B 734 22.87 0.50 -19.31
CA THR B 734 22.75 1.15 -18.00
C THR B 734 22.62 0.11 -16.91
N SER B 735 23.25 0.38 -15.77
CA SER B 735 23.08 -0.43 -14.58
C SER B 735 22.82 0.50 -13.40
N VAL B 736 21.94 0.07 -12.50
CA VAL B 736 21.53 0.87 -11.36
C VAL B 736 21.71 0.04 -10.11
N ASP B 737 22.29 0.66 -9.08
CA ASP B 737 22.54 -0.02 -7.81
C ASP B 737 21.38 0.28 -6.87
N CYS B 738 20.59 -0.75 -6.57
CA CYS B 738 19.40 -0.56 -5.74
C CYS B 738 19.73 0.13 -4.43
N THR B 739 20.73 -0.37 -3.71
CA THR B 739 21.01 0.14 -2.39
C THR B 739 21.53 1.57 -2.45
N MET B 740 22.59 1.80 -3.22
CA MET B 740 23.15 3.15 -3.22
C MET B 740 22.23 4.15 -3.88
N TYR B 741 21.22 3.69 -4.63
CA TYR B 741 20.22 4.63 -5.11
C TYR B 741 19.24 4.98 -4.01
N ILE B 742 18.58 3.96 -3.45
CA ILE B 742 17.50 4.18 -2.49
C ILE B 742 18.05 4.79 -1.20
N CYS B 743 18.96 4.09 -0.54
CA CYS B 743 19.46 4.53 0.76
C CYS B 743 20.95 4.79 0.70
N GLY B 744 21.40 5.54 -0.29
CA GLY B 744 22.81 5.79 -0.46
C GLY B 744 23.48 6.34 0.78
N ASP B 745 24.49 5.63 1.29
CA ASP B 745 25.31 6.09 2.41
C ASP B 745 24.47 6.27 3.68
N SER B 746 23.84 5.19 4.11
CA SER B 746 23.18 5.18 5.41
C SER B 746 22.98 3.74 5.83
N THR B 747 23.69 3.31 6.87
CA THR B 747 23.49 1.95 7.34
C THR B 747 22.11 1.77 7.93
N GLU B 748 21.54 2.82 8.54
CA GLU B 748 20.19 2.73 9.06
C GLU B 748 19.19 2.50 7.95
N CYS B 749 19.25 3.32 6.89
CA CYS B 749 18.33 3.14 5.77
C CYS B 749 18.58 1.84 5.04
N SER B 750 19.83 1.41 4.95
CA SER B 750 20.13 0.13 4.30
C SER B 750 19.49 -1.01 5.07
N ASN B 751 19.69 -1.05 6.39
CA ASN B 751 19.07 -2.08 7.20
C ASN B 751 17.56 -2.04 7.08
N LEU B 752 16.98 -0.85 7.06
CA LEU B 752 15.52 -0.77 6.98
C LEU B 752 15.03 -1.26 5.63
N LEU B 753 15.75 -0.96 4.56
CA LEU B 753 15.39 -1.49 3.25
C LEU B 753 15.52 -3.00 3.21
N LEU B 754 16.48 -3.55 3.95
CA LEU B 754 16.67 -5.00 3.94
C LEU B 754 15.41 -5.76 4.33
N GLN B 755 14.50 -5.12 5.05
CA GLN B 755 13.28 -5.80 5.44
C GLN B 755 12.29 -5.96 4.30
N TYR B 756 12.53 -5.34 3.16
CA TYR B 756 11.61 -5.44 2.04
C TYR B 756 11.86 -6.66 1.18
N GLY B 757 12.88 -7.46 1.48
CA GLY B 757 13.06 -8.71 0.78
C GLY B 757 14.00 -8.63 -0.40
N SER B 758 13.73 -9.43 -1.42
CA SER B 758 14.58 -9.53 -2.59
C SER B 758 14.21 -8.52 -3.67
N PHE B 759 13.54 -7.43 -3.30
CA PHE B 759 13.10 -6.45 -4.28
C PHE B 759 14.29 -5.91 -5.08
N CYS B 760 15.29 -5.41 -4.39
CA CYS B 760 16.32 -4.71 -5.13
C CYS B 760 17.30 -5.68 -5.79
N THR B 761 17.45 -6.90 -5.26
CA THR B 761 18.19 -7.91 -6.01
C THR B 761 17.45 -8.27 -7.29
N GLN B 762 16.12 -8.36 -7.23
CA GLN B 762 15.34 -8.59 -8.44
C GLN B 762 15.59 -7.49 -9.46
N LEU B 763 15.58 -6.24 -9.01
CA LEU B 763 15.80 -5.13 -9.94
C LEU B 763 17.19 -5.22 -10.57
N ASN B 764 18.21 -5.44 -9.75
CA ASN B 764 19.56 -5.51 -10.29
C ASN B 764 19.68 -6.64 -11.29
N ARG B 765 19.03 -7.78 -11.03
CA ARG B 765 19.13 -8.90 -11.96
C ARG B 765 18.43 -8.59 -13.27
N ALA B 766 17.30 -7.88 -13.22
CA ALA B 766 16.63 -7.50 -14.45
C ALA B 766 17.49 -6.57 -15.28
N LEU B 767 18.07 -5.55 -14.65
CA LEU B 767 18.88 -4.62 -15.42
C LEU B 767 20.15 -5.28 -15.94
N THR B 768 20.68 -6.27 -15.23
CA THR B 768 21.82 -6.99 -15.77
C THR B 768 21.42 -7.85 -16.97
N GLY B 769 20.22 -8.44 -16.92
CA GLY B 769 19.73 -9.15 -18.10
C GLY B 769 19.63 -8.25 -19.31
N ILE B 770 19.13 -7.03 -19.12
CA ILE B 770 19.08 -6.08 -20.23
C ILE B 770 20.49 -5.76 -20.73
N ALA B 771 21.41 -5.50 -19.80
CA ALA B 771 22.76 -5.12 -20.18
C ALA B 771 23.45 -6.20 -20.99
N VAL B 772 23.20 -7.47 -20.68
CA VAL B 772 23.81 -8.53 -21.48
C VAL B 772 23.11 -8.68 -22.82
N GLU B 773 21.77 -8.55 -22.81
CA GLU B 773 21.04 -8.69 -24.06
C GLU B 773 21.47 -7.66 -25.09
N GLN B 774 21.96 -6.50 -24.65
CA GLN B 774 22.42 -5.51 -25.63
C GLN B 774 23.63 -6.02 -26.41
N ASP B 775 24.61 -6.57 -25.71
CA ASP B 775 25.76 -7.13 -26.41
C ASP B 775 25.37 -8.31 -27.27
N LYS B 776 24.40 -9.10 -26.81
CA LYS B 776 23.93 -10.20 -27.67
C LYS B 776 23.27 -9.65 -28.92
N ASN B 777 22.54 -8.55 -28.82
CA ASN B 777 21.92 -7.93 -30.00
C ASN B 777 22.97 -7.52 -31.00
N THR B 778 23.97 -6.77 -30.56
CA THR B 778 25.00 -6.32 -31.48
C THR B 778 25.72 -7.50 -32.10
N GLN B 779 25.98 -8.53 -31.30
CA GLN B 779 26.63 -9.73 -31.83
C GLN B 779 25.79 -10.35 -32.93
N GLU B 780 24.51 -10.57 -32.68
CA GLU B 780 23.65 -11.21 -33.67
C GLU B 780 23.58 -10.40 -34.96
N VAL B 781 23.52 -9.07 -34.84
CA VAL B 781 23.39 -8.25 -36.03
C VAL B 781 24.66 -8.30 -36.87
N PHE B 782 25.79 -7.97 -36.26
CA PHE B 782 26.98 -7.75 -37.07
C PHE B 782 27.85 -9.00 -37.21
N ALA B 783 28.07 -9.75 -36.14
CA ALA B 783 29.05 -10.83 -36.14
C ALA B 783 28.53 -12.04 -36.91
N GLN B 784 28.28 -11.85 -38.19
CA GLN B 784 27.72 -12.90 -39.01
C GLN B 784 28.72 -13.52 -39.96
N VAL B 785 29.79 -12.84 -40.27
CA VAL B 785 30.78 -13.35 -41.20
C VAL B 785 31.82 -14.15 -40.42
N LYS B 786 32.23 -15.28 -40.99
CA LYS B 786 33.19 -16.14 -40.30
C LYS B 786 34.57 -15.48 -40.24
N GLN B 787 35.18 -15.24 -41.39
CA GLN B 787 36.49 -14.62 -41.46
C GLN B 787 36.33 -13.10 -41.47
N ILE B 788 37.40 -12.39 -41.78
CA ILE B 788 37.37 -10.93 -41.93
C ILE B 788 37.93 -10.64 -43.30
N TYR B 789 37.05 -10.45 -44.27
CA TYR B 789 37.49 -10.23 -45.63
C TYR B 789 38.04 -8.82 -45.79
N LYS B 790 38.87 -8.64 -46.81
CA LYS B 790 39.43 -7.32 -47.08
C LYS B 790 39.60 -7.16 -48.57
N THR B 791 39.08 -6.07 -49.09
CA THR B 791 39.07 -5.84 -50.53
C THR B 791 40.49 -5.75 -51.06
N PRO B 792 40.73 -6.16 -52.30
CA PRO B 792 42.03 -5.95 -52.92
C PRO B 792 42.19 -4.49 -53.32
N PRO B 793 43.39 -3.93 -53.17
CA PRO B 793 43.56 -2.49 -53.46
C PRO B 793 43.30 -2.13 -54.90
N ILE B 794 43.50 -3.06 -55.83
CA ILE B 794 43.25 -2.78 -57.24
C ILE B 794 41.75 -2.72 -57.48
N LYS B 795 41.20 -1.51 -57.51
CA LYS B 795 39.75 -1.31 -57.54
C LYS B 795 39.26 -1.41 -59.00
N ASP B 796 39.07 -2.65 -59.43
CA ASP B 796 38.52 -2.93 -60.76
C ASP B 796 37.09 -3.42 -60.58
N PHE B 797 36.15 -2.47 -60.55
CA PHE B 797 34.75 -2.76 -60.28
C PHE B 797 33.86 -2.29 -61.42
N GLY B 798 34.30 -2.49 -62.65
CA GLY B 798 33.47 -2.20 -63.82
C GLY B 798 32.87 -0.82 -63.87
N GLY B 799 33.33 0.08 -62.99
CA GLY B 799 32.82 1.44 -62.93
C GLY B 799 32.20 1.82 -61.62
N PHE B 800 31.81 0.87 -60.77
CA PHE B 800 31.20 1.18 -59.50
C PHE B 800 32.28 1.75 -58.57
N ASN B 801 32.02 2.91 -57.98
CA ASN B 801 33.07 3.60 -57.25
C ASN B 801 33.31 2.98 -55.88
N PHE B 802 32.28 2.90 -55.05
CA PHE B 802 32.33 2.22 -53.76
C PHE B 802 33.27 2.91 -52.77
N SER B 803 33.90 4.01 -53.15
CA SER B 803 34.88 4.60 -52.26
C SER B 803 34.24 5.28 -51.07
N GLN B 804 32.96 5.64 -51.16
CA GLN B 804 32.32 6.30 -50.03
C GLN B 804 32.00 5.34 -48.90
N ILE B 805 31.89 4.05 -49.17
CA ILE B 805 31.50 3.11 -48.14
C ILE B 805 32.64 2.21 -47.69
N LEU B 806 33.71 2.12 -48.43
CA LEU B 806 34.84 1.32 -47.98
C LEU B 806 35.68 2.09 -46.99
N PRO B 807 36.33 1.40 -46.05
CA PRO B 807 37.01 2.11 -44.96
C PRO B 807 38.05 3.09 -45.47
N ASP B 808 38.25 4.15 -44.67
CA ASP B 808 39.30 5.11 -44.94
C ASP B 808 40.52 4.74 -44.11
N PRO B 809 41.64 4.41 -44.72
CA PRO B 809 42.81 3.97 -43.95
C PRO B 809 43.55 5.11 -43.27
N SER B 810 42.92 6.30 -43.20
CA SER B 810 43.57 7.51 -42.71
C SER B 810 42.69 8.20 -41.68
N LYS B 811 42.20 7.45 -40.70
CA LYS B 811 41.47 8.05 -39.58
C LYS B 811 41.90 7.41 -38.26
N SER B 813 40.09 4.30 -35.21
CA SER B 813 38.78 4.46 -35.83
C SER B 813 38.91 4.60 -37.34
N LYS B 814 39.06 3.46 -38.02
CA LYS B 814 39.16 3.42 -39.48
C LYS B 814 37.78 3.09 -40.01
N ARG B 815 37.00 4.13 -40.26
CA ARG B 815 35.63 4.01 -40.73
C ARG B 815 35.51 4.57 -42.14
N SER B 816 34.33 4.44 -42.71
CA SER B 816 34.11 4.93 -44.06
C SER B 816 33.50 6.32 -44.01
N PHE B 817 33.41 6.95 -45.18
CA PHE B 817 32.86 8.29 -45.25
C PHE B 817 31.44 8.33 -44.70
N ILE B 818 30.58 7.43 -45.17
CA ILE B 818 29.19 7.49 -44.76
C ILE B 818 29.03 7.00 -43.33
N GLU B 819 29.90 6.11 -42.86
CA GLU B 819 29.91 5.82 -41.44
C GLU B 819 30.22 7.06 -40.63
N ASP B 820 31.11 7.92 -41.13
CA ASP B 820 31.45 9.13 -40.42
C ASP B 820 30.28 10.10 -40.40
N LEU B 821 29.65 10.30 -41.55
CA LEU B 821 28.46 11.15 -41.57
C LEU B 821 27.40 10.64 -40.62
N LEU B 822 27.21 9.32 -40.55
CA LEU B 822 26.22 8.78 -39.62
C LEU B 822 26.65 9.01 -38.18
N PHE B 823 27.95 8.95 -37.92
CA PHE B 823 28.43 9.25 -36.58
C PHE B 823 28.06 10.67 -36.17
N ASN B 824 28.55 11.65 -36.93
CA ASN B 824 28.47 13.03 -36.46
C ASN B 824 27.07 13.62 -36.52
N LYS B 825 26.06 12.88 -36.96
CA LYS B 825 24.70 13.39 -36.98
C LYS B 825 23.87 12.85 -35.81
N VAL B 826 24.51 12.38 -34.76
CA VAL B 826 23.82 11.86 -33.58
C VAL B 826 24.44 12.50 -32.34
N THR B 827 23.59 13.08 -31.50
CA THR B 827 24.05 13.76 -30.30
C THR B 827 23.36 13.25 -29.05
N LYS B 854 23.55 10.94 -11.59
CA LYS B 854 24.84 11.02 -12.24
C LYS B 854 25.89 10.28 -11.41
N PHE B 855 25.64 10.21 -10.11
CA PHE B 855 26.54 9.51 -9.21
C PHE B 855 25.75 8.74 -8.17
N ASN B 856 24.52 8.36 -8.51
CA ASN B 856 23.61 7.69 -7.60
C ASN B 856 23.58 6.19 -7.83
N GLY B 857 24.73 5.60 -8.12
CA GLY B 857 24.72 4.21 -8.55
C GLY B 857 24.26 4.06 -9.97
N LEU B 858 24.37 5.11 -10.77
CA LEU B 858 23.94 5.08 -12.17
C LEU B 858 25.13 4.83 -13.08
N THR B 859 25.83 3.73 -12.84
CA THR B 859 26.94 3.38 -13.70
C THR B 859 26.43 3.04 -15.09
N VAL B 860 27.29 3.18 -16.09
CA VAL B 860 26.95 2.93 -17.48
C VAL B 860 28.04 2.02 -18.05
N LEU B 861 27.79 0.72 -18.07
CA LEU B 861 28.76 -0.22 -18.57
C LEU B 861 29.06 0.07 -20.04
N PRO B 862 30.24 -0.30 -20.51
CA PRO B 862 30.60 -0.02 -21.89
C PRO B 862 30.19 -1.18 -22.78
N PRO B 863 29.93 -0.93 -24.06
CA PRO B 863 29.57 -2.03 -24.95
C PRO B 863 30.76 -2.93 -25.19
N LEU B 864 30.48 -4.20 -25.47
CA LEU B 864 31.56 -5.15 -25.62
C LEU B 864 32.27 -5.02 -26.96
N LEU B 865 31.55 -4.68 -28.02
CA LEU B 865 32.15 -4.44 -29.33
C LEU B 865 32.31 -2.94 -29.50
N THR B 866 33.55 -2.46 -29.45
CA THR B 866 33.79 -1.04 -29.62
C THR B 866 33.38 -0.59 -31.01
N ASP B 867 33.29 0.72 -31.19
CA ASP B 867 32.84 1.24 -32.47
C ASP B 867 33.80 0.87 -33.59
N GLU B 868 35.09 0.78 -33.31
CA GLU B 868 36.00 0.40 -34.38
C GLU B 868 35.88 -1.07 -34.72
N MET B 869 35.62 -1.92 -33.73
CA MET B 869 35.40 -3.32 -34.08
C MET B 869 34.10 -3.50 -34.84
N ILE B 870 33.07 -2.73 -34.51
CA ILE B 870 31.85 -2.75 -35.30
C ILE B 870 32.15 -2.35 -36.73
N ALA B 871 32.90 -1.27 -36.92
CA ALA B 871 33.21 -0.82 -38.26
C ALA B 871 34.05 -1.84 -39.00
N GLN B 872 34.91 -2.57 -38.31
CA GLN B 872 35.65 -3.63 -38.97
C GLN B 872 34.72 -4.75 -39.39
N TYR B 873 33.71 -5.06 -38.59
CA TYR B 873 32.77 -6.10 -38.97
C TYR B 873 32.00 -5.72 -40.21
N THR B 874 31.42 -4.52 -40.23
CA THR B 874 30.65 -4.14 -41.40
C THR B 874 31.53 -3.95 -42.61
N SER B 875 32.80 -3.57 -42.42
CA SER B 875 33.68 -3.51 -43.57
C SER B 875 34.02 -4.90 -44.08
N ALA B 876 34.14 -5.88 -43.20
CA ALA B 876 34.30 -7.25 -43.67
C ALA B 876 33.10 -7.68 -44.49
N LEU B 877 31.90 -7.47 -43.97
CA LEU B 877 30.70 -7.82 -44.72
C LEU B 877 30.66 -7.12 -46.06
N LEU B 878 31.03 -5.85 -46.09
CA LEU B 878 30.97 -5.09 -47.32
C LEU B 878 31.98 -5.61 -48.33
N ALA B 879 33.21 -5.88 -47.91
CA ALA B 879 34.20 -6.38 -48.86
C ALA B 879 33.83 -7.76 -49.35
N GLY B 880 33.31 -8.60 -48.47
CA GLY B 880 32.86 -9.91 -48.91
C GLY B 880 31.77 -9.81 -49.95
N THR B 881 30.76 -8.97 -49.69
CA THR B 881 29.70 -8.75 -50.67
C THR B 881 30.31 -8.32 -52.00
N ILE B 882 31.08 -7.23 -51.97
CA ILE B 882 31.65 -6.66 -53.20
C ILE B 882 32.36 -7.71 -54.02
N THR B 883 33.27 -8.46 -53.40
CA THR B 883 34.10 -9.35 -54.19
C THR B 883 33.50 -10.74 -54.41
N SER B 884 32.44 -11.13 -53.71
CA SER B 884 32.00 -12.52 -53.81
C SER B 884 30.49 -12.73 -53.80
N GLY B 885 29.68 -11.70 -54.00
CA GLY B 885 28.25 -11.92 -54.06
C GLY B 885 27.64 -12.44 -52.78
N TRP B 886 27.24 -13.71 -52.79
CA TRP B 886 26.60 -14.34 -51.64
C TRP B 886 27.30 -15.60 -51.18
N THR B 887 28.30 -16.07 -51.92
CA THR B 887 28.95 -17.31 -51.58
C THR B 887 29.64 -17.27 -50.23
N PHE B 888 30.03 -16.09 -49.75
CA PHE B 888 30.70 -16.01 -48.46
C PHE B 888 29.72 -16.18 -47.31
N GLY B 889 28.44 -15.95 -47.54
CA GLY B 889 27.44 -16.22 -46.53
C GLY B 889 26.87 -17.61 -46.71
N ALA B 890 27.01 -18.14 -47.93
CA ALA B 890 26.53 -19.49 -48.19
C ALA B 890 27.58 -20.56 -47.92
N GLY B 891 28.82 -20.17 -47.67
CA GLY B 891 29.90 -21.12 -47.52
C GLY B 891 31.25 -20.44 -47.50
N ALA B 892 32.15 -20.87 -48.37
CA ALA B 892 33.44 -20.21 -48.53
C ALA B 892 33.34 -19.16 -49.62
N ALA B 893 33.99 -18.02 -49.40
CA ALA B 893 33.91 -16.91 -50.33
C ALA B 893 34.57 -17.27 -51.66
N LEU B 894 33.84 -17.08 -52.75
CA LEU B 894 34.34 -17.34 -54.08
C LEU B 894 34.40 -16.03 -54.84
N GLN B 895 35.59 -15.62 -55.23
CA GLN B 895 35.74 -14.38 -55.98
C GLN B 895 35.01 -14.47 -57.32
N ILE B 896 34.59 -13.32 -57.82
CA ILE B 896 33.87 -13.24 -59.09
C ILE B 896 33.83 -11.79 -59.51
N PRO B 897 34.06 -11.46 -60.78
CA PRO B 897 34.05 -10.06 -61.19
C PRO B 897 32.71 -9.40 -60.92
N PHE B 898 32.76 -8.14 -60.49
CA PHE B 898 31.56 -7.45 -60.06
C PHE B 898 30.57 -7.32 -61.20
N ALA B 899 31.05 -7.19 -62.44
CA ALA B 899 30.12 -7.14 -63.56
C ALA B 899 29.34 -8.43 -63.68
N MET B 900 30.02 -9.57 -63.55
CA MET B 900 29.32 -10.84 -63.62
C MET B 900 28.38 -11.02 -62.44
N GLN B 901 28.77 -10.52 -61.26
CA GLN B 901 27.89 -10.61 -60.11
C GLN B 901 26.61 -9.83 -60.35
N MET B 902 26.73 -8.58 -60.80
CA MET B 902 25.53 -7.81 -61.09
C MET B 902 24.74 -8.42 -62.24
N ALA B 903 25.40 -9.14 -63.14
CA ALA B 903 24.66 -9.87 -64.15
C ALA B 903 23.81 -10.95 -63.51
N TYR B 904 24.37 -11.68 -62.55
CA TYR B 904 23.58 -12.67 -61.81
C TYR B 904 22.39 -11.99 -61.14
N ARG B 905 22.63 -10.91 -60.43
CA ARG B 905 21.55 -10.22 -59.73
C ARG B 905 20.48 -9.77 -60.70
N PHE B 906 20.87 -9.23 -61.85
CA PHE B 906 19.90 -8.84 -62.86
C PHE B 906 19.11 -10.06 -63.34
N ASN B 907 19.78 -11.19 -63.49
CA ASN B 907 19.09 -12.41 -63.85
C ASN B 907 18.16 -12.88 -62.76
N GLY B 908 18.34 -12.37 -61.54
CA GLY B 908 17.46 -12.78 -60.45
C GLY B 908 16.05 -12.20 -60.58
N ILE B 909 15.95 -10.96 -61.05
CA ILE B 909 14.68 -10.27 -61.10
C ILE B 909 14.02 -10.38 -62.47
N GLY B 910 14.40 -11.38 -63.25
CA GLY B 910 13.75 -11.62 -64.53
C GLY B 910 14.14 -10.59 -65.57
N VAL B 911 15.44 -10.36 -65.71
CA VAL B 911 15.99 -9.47 -66.73
C VAL B 911 17.26 -10.12 -67.24
N THR B 912 17.31 -10.41 -68.54
CA THR B 912 18.43 -11.15 -69.10
C THR B 912 19.72 -10.37 -68.90
N GLN B 913 20.84 -11.11 -68.85
CA GLN B 913 22.11 -10.50 -68.52
C GLN B 913 22.53 -9.46 -69.54
N ASN B 914 22.15 -9.64 -70.80
CA ASN B 914 22.61 -8.72 -71.84
C ASN B 914 22.19 -7.29 -71.54
N VAL B 915 21.10 -7.10 -70.80
CA VAL B 915 20.68 -5.75 -70.44
C VAL B 915 21.80 -5.04 -69.67
N LEU B 916 22.27 -5.66 -68.59
CA LEU B 916 23.42 -5.11 -67.89
C LEU B 916 24.63 -5.04 -68.81
N TYR B 917 25.02 -6.19 -69.37
CA TYR B 917 26.24 -6.24 -70.16
C TYR B 917 26.29 -5.18 -71.25
N GLU B 918 25.15 -4.63 -71.64
CA GLU B 918 25.12 -3.54 -72.60
C GLU B 918 25.04 -2.17 -71.95
N ASN B 919 24.30 -2.04 -70.86
CA ASN B 919 24.10 -0.75 -70.23
C ASN B 919 25.00 -0.53 -69.02
N GLN B 920 26.12 -1.26 -68.97
CA GLN B 920 27.01 -1.22 -67.81
C GLN B 920 27.41 0.19 -67.43
N LYS B 921 27.81 1.00 -68.40
CA LYS B 921 28.31 2.33 -68.07
C LYS B 921 27.20 3.18 -67.47
N LEU B 922 26.02 3.16 -68.10
CA LEU B 922 24.89 3.90 -67.55
C LEU B 922 24.56 3.41 -66.15
N ILE B 923 24.67 2.11 -65.92
CA ILE B 923 24.34 1.55 -64.62
C ILE B 923 25.32 2.06 -63.57
N ALA B 924 26.61 2.00 -63.87
CA ALA B 924 27.61 2.48 -62.92
C ALA B 924 27.43 3.96 -62.64
N ASN B 925 27.11 4.74 -63.68
CA ASN B 925 26.88 6.16 -63.46
C ASN B 925 25.71 6.40 -62.53
N GLN B 926 24.58 5.73 -62.79
CA GLN B 926 23.42 5.89 -61.93
C GLN B 926 23.75 5.48 -60.50
N PHE B 927 24.46 4.38 -60.35
CA PHE B 927 24.87 3.92 -59.02
C PHE B 927 25.66 4.99 -58.29
N ASN B 928 26.75 5.45 -58.89
CA ASN B 928 27.62 6.40 -58.21
C ASN B 928 26.91 7.71 -57.93
N SER B 929 26.05 8.15 -58.86
CA SER B 929 25.29 9.36 -58.61
C SER B 929 24.35 9.17 -57.42
N ALA B 930 23.75 7.99 -57.29
CA ALA B 930 22.86 7.76 -56.17
C ALA B 930 23.62 7.74 -54.86
N ILE B 931 24.81 7.15 -54.84
CA ILE B 931 25.63 7.19 -53.63
C ILE B 931 25.94 8.63 -53.26
N GLY B 932 26.29 9.44 -54.25
CA GLY B 932 26.56 10.84 -53.96
C GLY B 932 25.34 11.56 -53.42
N LYS B 933 24.17 11.25 -53.96
CA LYS B 933 22.94 11.82 -53.43
C LYS B 933 22.74 11.43 -51.98
N ILE B 934 23.09 10.19 -51.63
CA ILE B 934 22.98 9.74 -50.24
C ILE B 934 23.89 10.58 -49.37
N GLN B 935 25.13 10.78 -49.82
CA GLN B 935 26.06 11.63 -49.07
C GLN B 935 25.45 13.00 -48.82
N ASP B 936 24.98 13.65 -49.88
CA ASP B 936 24.43 14.99 -49.74
C ASP B 936 23.25 15.01 -48.78
N SER B 937 22.33 14.05 -48.93
CA SER B 937 21.15 14.02 -48.08
C SER B 937 21.53 13.87 -46.62
N LEU B 938 22.41 12.90 -46.33
CA LEU B 938 22.79 12.65 -44.93
C LEU B 938 23.50 13.85 -44.33
N SER B 939 24.34 14.53 -45.12
CA SER B 939 25.09 15.65 -44.57
C SER B 939 24.25 16.92 -44.44
N SER B 940 23.19 17.07 -45.23
CA SER B 940 22.38 18.27 -45.19
C SER B 940 21.16 18.14 -44.29
N THR B 941 20.25 17.21 -44.58
CA THR B 941 19.01 17.09 -43.81
C THR B 941 19.24 16.04 -42.72
N ALA B 942 19.83 16.49 -41.62
CA ALA B 942 20.22 15.59 -40.53
C ALA B 942 19.03 14.99 -39.77
N SER B 943 17.80 15.28 -40.19
CA SER B 943 16.64 14.66 -39.60
C SER B 943 16.40 13.24 -40.09
N ALA B 944 17.38 12.64 -40.75
CA ALA B 944 17.19 11.29 -41.25
C ALA B 944 17.41 10.23 -40.17
N LEU B 945 18.21 10.53 -39.15
CA LEU B 945 18.56 9.57 -38.12
C LEU B 945 17.64 9.65 -36.91
N GLY B 946 16.38 9.97 -37.15
CA GLY B 946 15.45 10.05 -36.05
C GLY B 946 15.29 8.74 -35.31
N LYS B 947 15.38 7.62 -36.04
CA LYS B 947 15.11 6.34 -35.39
C LYS B 947 16.13 6.02 -34.31
N LEU B 948 17.39 6.40 -34.52
CA LEU B 948 18.39 6.19 -33.48
C LEU B 948 18.36 7.32 -32.45
N GLN B 949 18.23 8.56 -32.92
CA GLN B 949 18.25 9.67 -31.98
C GLN B 949 17.11 9.58 -31.00
N ASP B 950 16.00 8.97 -31.39
CA ASP B 950 14.88 8.88 -30.47
C ASP B 950 15.05 7.76 -29.45
N VAL B 951 15.73 6.67 -29.81
CA VAL B 951 16.11 5.71 -28.79
C VAL B 951 16.98 6.38 -27.74
N VAL B 952 17.95 7.17 -28.20
CA VAL B 952 18.83 7.83 -27.25
C VAL B 952 18.07 8.82 -26.38
N ASN B 953 17.18 9.61 -26.99
CA ASN B 953 16.41 10.57 -26.22
C ASN B 953 15.49 9.90 -25.23
N GLN B 954 14.88 8.78 -25.61
CA GLN B 954 13.99 8.10 -24.68
C GLN B 954 14.77 7.57 -23.48
N ASN B 955 15.95 7.02 -23.71
CA ASN B 955 16.74 6.58 -22.56
C ASN B 955 17.14 7.75 -21.69
N ALA B 956 17.54 8.87 -22.30
CA ALA B 956 17.95 10.01 -21.50
C ALA B 956 16.79 10.56 -20.68
N GLN B 957 15.59 10.59 -21.24
CA GLN B 957 14.47 11.12 -20.48
C GLN B 957 14.03 10.16 -19.38
N ALA B 958 14.11 8.85 -19.63
CA ALA B 958 13.84 7.92 -18.54
C ALA B 958 14.81 8.12 -17.40
N LEU B 959 16.10 8.26 -17.72
CA LEU B 959 17.08 8.46 -16.66
C LEU B 959 16.86 9.79 -15.94
N ASN B 960 16.48 10.83 -16.67
CA ASN B 960 16.27 12.11 -16.01
C ASN B 960 15.08 12.05 -15.07
N THR B 961 14.00 11.39 -15.47
CA THR B 961 12.90 11.21 -14.53
C THR B 961 13.36 10.42 -13.32
N LEU B 962 14.13 9.36 -13.54
CA LEU B 962 14.59 8.55 -12.42
C LEU B 962 15.43 9.36 -11.45
N VAL B 963 16.23 10.30 -11.96
CA VAL B 963 17.07 11.08 -11.07
C VAL B 963 16.28 12.19 -10.39
N LYS B 964 15.36 12.83 -11.12
CA LYS B 964 14.50 13.82 -10.50
C LYS B 964 13.75 13.22 -9.32
N GLN B 965 13.18 12.02 -9.50
CA GLN B 965 12.41 11.41 -8.43
C GLN B 965 13.18 11.32 -7.12
N LEU B 966 14.50 11.41 -7.16
CA LEU B 966 15.28 11.38 -5.93
C LEU B 966 14.92 12.57 -5.03
N SER B 967 14.62 13.72 -5.63
CA SER B 967 14.42 14.95 -4.88
C SER B 967 12.97 15.26 -4.62
N SER B 968 12.13 14.26 -4.38
CA SER B 968 10.75 14.48 -4.02
C SER B 968 10.45 13.85 -2.67
N ASN B 969 9.52 14.47 -1.94
CA ASN B 969 9.28 14.09 -0.55
C ASN B 969 8.54 12.78 -0.41
N PHE B 970 7.69 12.44 -1.37
CA PHE B 970 6.80 11.29 -1.26
C PHE B 970 5.93 11.34 -0.02
N GLY B 971 5.75 12.52 0.55
CA GLY B 971 4.99 12.65 1.78
C GLY B 971 5.84 12.73 3.04
N ALA B 972 7.16 12.67 2.92
CA ALA B 972 8.01 12.81 4.08
C ALA B 972 8.26 14.28 4.37
N ILE B 973 9.05 14.55 5.41
CA ILE B 973 9.29 15.92 5.82
C ILE B 973 10.49 16.54 5.08
N SER B 974 11.42 15.72 4.60
CA SER B 974 12.61 16.25 3.96
C SER B 974 13.13 15.24 2.96
N SER B 975 13.33 15.69 1.73
CA SER B 975 13.74 14.81 0.66
C SER B 975 15.22 14.46 0.73
N VAL B 976 15.89 14.77 1.84
CA VAL B 976 17.31 14.47 2.01
C VAL B 976 17.42 13.48 3.14
N LEU B 977 17.86 12.27 2.82
CA LEU B 977 17.96 11.22 3.82
C LEU B 977 18.85 11.64 4.97
N ASN B 978 19.93 12.35 4.67
CA ASN B 978 20.86 12.74 5.72
C ASN B 978 20.27 13.82 6.62
N ASP B 979 19.50 14.74 6.03
CA ASP B 979 18.84 15.75 6.86
C ASP B 979 17.76 15.13 7.72
N ILE B 980 17.14 14.04 7.26
CA ILE B 980 16.20 13.34 8.13
C ILE B 980 16.95 12.62 9.24
N LEU B 981 18.06 11.98 8.91
CA LEU B 981 18.80 11.21 9.92
C LEU B 981 19.35 12.12 11.00
N SER B 982 19.90 13.26 10.62
CA SER B 982 20.53 14.18 11.56
C SER B 982 19.55 15.13 12.23
N ARG B 983 18.26 14.80 12.25
CA ARG B 983 17.33 15.70 12.90
C ARG B 983 16.36 14.95 13.82
N LEU B 984 16.12 13.68 13.55
CA LEU B 984 15.08 12.95 14.25
C LEU B 984 15.65 11.73 14.95
N ASP B 985 14.86 11.21 15.89
CA ASP B 985 15.18 10.00 16.62
C ASP B 985 15.01 8.80 15.72
N PRO B 986 15.54 7.64 16.12
CA PRO B 986 15.29 6.42 15.35
C PRO B 986 13.80 6.14 15.16
N PRO B 987 12.96 6.29 16.20
CA PRO B 987 11.53 5.99 15.99
C PRO B 987 10.84 6.85 14.92
N GLU B 988 10.95 8.18 14.98
CA GLU B 988 10.28 9.01 13.98
C GLU B 988 11.00 8.96 12.65
N ALA B 989 12.34 9.01 12.69
CA ALA B 989 13.12 8.86 11.47
C ALA B 989 12.75 7.58 10.75
N GLU B 990 12.34 6.53 11.46
CA GLU B 990 11.96 5.32 10.77
C GLU B 990 10.69 5.53 9.95
N VAL B 991 9.72 6.27 10.48
CA VAL B 991 8.51 6.55 9.70
C VAL B 991 8.87 7.36 8.46
N GLN B 992 9.65 8.41 8.65
CA GLN B 992 10.01 9.26 7.51
C GLN B 992 10.79 8.47 6.47
N ILE B 993 11.82 7.73 6.91
CA ILE B 993 12.63 6.95 6.01
C ILE B 993 11.80 5.89 5.32
N ASP B 994 10.80 5.35 6.01
CA ASP B 994 9.94 4.38 5.36
C ASP B 994 9.17 5.01 4.23
N ARG B 995 8.65 6.21 4.43
CA ARG B 995 7.99 6.90 3.33
C ARG B 995 8.95 7.09 2.16
N LEU B 996 10.17 7.54 2.45
CA LEU B 996 11.12 7.80 1.37
C LEU B 996 11.47 6.52 0.63
N ILE B 997 11.70 5.43 1.35
CA ILE B 997 12.06 4.17 0.72
C ILE B 997 10.92 3.69 -0.16
N THR B 998 9.70 3.72 0.36
CA THR B 998 8.56 3.31 -0.45
C THR B 998 8.50 4.11 -1.74
N GLY B 999 8.63 5.42 -1.65
CA GLY B 999 8.55 6.23 -2.85
C GLY B 999 9.65 5.92 -3.84
N ARG B 1000 10.90 5.90 -3.36
CA ARG B 1000 12.02 5.70 -4.27
C ARG B 1000 11.97 4.32 -4.89
N LEU B 1001 11.53 3.31 -4.12
CA LEU B 1001 11.46 1.97 -4.67
C LEU B 1001 10.37 1.86 -5.72
N GLN B 1002 9.23 2.52 -5.51
CA GLN B 1002 8.22 2.51 -6.56
C GLN B 1002 8.73 3.21 -7.81
N SER B 1003 9.46 4.30 -7.64
CA SER B 1003 10.02 4.97 -8.81
C SER B 1003 11.03 4.09 -9.54
N LEU B 1004 11.89 3.42 -8.80
CA LEU B 1004 12.88 2.56 -9.42
C LEU B 1004 12.22 1.40 -10.14
N GLN B 1005 11.19 0.83 -9.54
CA GLN B 1005 10.50 -0.27 -10.20
C GLN B 1005 9.80 0.19 -11.46
N THR B 1006 9.21 1.38 -11.44
CA THR B 1006 8.62 1.90 -12.66
C THR B 1006 9.67 2.07 -13.75
N TYR B 1007 10.82 2.63 -13.40
CA TYR B 1007 11.86 2.81 -14.41
C TYR B 1007 12.34 1.49 -14.96
N VAL B 1008 12.48 0.49 -14.10
CA VAL B 1008 12.99 -0.79 -14.59
C VAL B 1008 11.96 -1.49 -15.46
N THR B 1009 10.68 -1.35 -15.16
CA THR B 1009 9.67 -1.91 -16.04
C THR B 1009 9.67 -1.22 -17.39
N GLN B 1010 9.77 0.12 -17.40
CA GLN B 1010 9.90 0.82 -18.66
C GLN B 1010 11.08 0.31 -19.45
N GLN B 1011 12.22 0.09 -18.79
CA GLN B 1011 13.38 -0.39 -19.50
C GLN B 1011 13.16 -1.78 -20.06
N LEU B 1012 12.49 -2.65 -19.30
CA LEU B 1012 12.25 -4.00 -19.81
C LEU B 1012 11.40 -3.96 -21.06
N ILE B 1013 10.37 -3.13 -21.06
CA ILE B 1013 9.51 -3.03 -22.24
C ILE B 1013 10.29 -2.46 -23.42
N ARG B 1014 11.03 -1.38 -23.19
CA ARG B 1014 11.74 -0.75 -24.29
C ARG B 1014 12.84 -1.66 -24.82
N ALA B 1015 13.47 -2.43 -23.95
CA ALA B 1015 14.49 -3.36 -24.42
C ALA B 1015 13.88 -4.50 -25.19
N ALA B 1016 12.66 -4.91 -24.84
CA ALA B 1016 11.99 -5.90 -25.67
C ALA B 1016 11.73 -5.34 -27.07
N GLU B 1017 11.33 -4.08 -27.14
CA GLU B 1017 11.12 -3.47 -28.46
C GLU B 1017 12.42 -3.40 -29.24
N ILE B 1018 13.51 -2.99 -28.59
CA ILE B 1018 14.79 -2.89 -29.27
C ILE B 1018 15.27 -4.27 -29.71
N ARG B 1019 15.01 -5.30 -28.91
CA ARG B 1019 15.42 -6.63 -29.33
C ARG B 1019 14.60 -7.10 -30.52
N ALA B 1020 13.33 -6.73 -30.58
CA ALA B 1020 12.57 -7.03 -31.79
C ALA B 1020 13.20 -6.35 -32.99
N SER B 1021 13.64 -5.11 -32.81
CA SER B 1021 14.25 -4.39 -33.94
C SER B 1021 15.61 -4.96 -34.30
N ALA B 1022 16.33 -5.51 -33.33
CA ALA B 1022 17.63 -6.09 -33.63
C ALA B 1022 17.48 -7.45 -34.30
N ASN B 1023 16.50 -8.24 -33.89
CA ASN B 1023 16.19 -9.45 -34.64
C ASN B 1023 15.80 -9.11 -36.07
N LEU B 1024 15.01 -8.06 -36.26
CA LEU B 1024 14.65 -7.65 -37.61
C LEU B 1024 15.87 -7.21 -38.40
N ALA B 1025 16.80 -6.51 -37.75
CA ALA B 1025 18.01 -6.10 -38.47
C ALA B 1025 18.89 -7.30 -38.80
N ALA B 1026 18.95 -8.29 -37.93
CA ALA B 1026 19.73 -9.49 -38.22
C ALA B 1026 19.14 -10.24 -39.41
N THR B 1027 17.83 -10.46 -39.39
CA THR B 1027 17.15 -11.06 -40.53
C THR B 1027 17.38 -10.24 -41.78
N LYS B 1028 17.34 -8.92 -41.66
CA LYS B 1028 17.48 -8.08 -42.84
C LYS B 1028 18.88 -8.20 -43.41
N MET B 1029 19.90 -8.23 -42.57
CA MET B 1029 21.25 -8.38 -43.08
C MET B 1029 21.44 -9.75 -43.72
N SER B 1030 20.98 -10.80 -43.05
CA SER B 1030 21.17 -12.15 -43.58
C SER B 1030 20.49 -12.32 -44.93
N GLU B 1031 19.26 -11.86 -45.05
CA GLU B 1031 18.50 -12.10 -46.27
C GLU B 1031 18.64 -11.00 -47.29
N CYS B 1032 19.33 -9.91 -46.96
CA CYS B 1032 19.46 -8.78 -47.86
C CYS B 1032 20.90 -8.58 -48.32
N VAL B 1033 21.84 -8.44 -47.39
CA VAL B 1033 23.24 -8.31 -47.76
C VAL B 1033 23.74 -9.64 -48.29
N LEU B 1034 23.79 -10.64 -47.43
CA LEU B 1034 24.35 -11.94 -47.72
C LEU B 1034 23.58 -12.68 -48.81
N GLY B 1035 22.59 -12.07 -49.42
CA GLY B 1035 21.84 -12.72 -50.47
C GLY B 1035 21.14 -11.70 -51.32
N GLN B 1036 20.03 -12.11 -51.91
CA GLN B 1036 19.19 -11.22 -52.69
C GLN B 1036 17.76 -11.68 -52.51
N SER B 1037 16.97 -10.91 -51.76
CA SER B 1037 15.66 -11.37 -51.34
C SER B 1037 14.60 -10.98 -52.36
N LYS B 1038 13.75 -11.94 -52.72
CA LYS B 1038 12.59 -11.67 -53.55
C LYS B 1038 11.36 -11.33 -52.74
N ARG B 1039 11.53 -10.76 -51.55
CA ARG B 1039 10.41 -10.35 -50.72
C ARG B 1039 10.15 -8.87 -50.99
N VAL B 1040 9.03 -8.58 -51.67
CA VAL B 1040 8.80 -7.24 -52.16
C VAL B 1040 8.76 -6.25 -51.00
N ASP B 1041 9.31 -5.07 -51.23
CA ASP B 1041 9.31 -3.96 -50.29
C ASP B 1041 9.94 -4.30 -48.95
N PHE B 1042 10.55 -5.46 -48.82
CA PHE B 1042 11.26 -5.80 -47.60
C PHE B 1042 12.69 -5.32 -47.63
N CYS B 1043 13.25 -5.12 -48.82
CA CYS B 1043 14.64 -4.74 -48.98
C CYS B 1043 14.75 -3.59 -49.96
N GLY B 1044 13.96 -2.55 -49.73
CA GLY B 1044 13.99 -1.38 -50.57
C GLY B 1044 12.80 -1.32 -51.50
N LYS B 1045 12.22 -0.15 -51.69
CA LYS B 1045 11.02 -0.03 -52.50
C LYS B 1045 11.40 -0.27 -53.95
N GLY B 1046 11.18 -1.49 -54.42
CA GLY B 1046 11.46 -1.82 -55.80
C GLY B 1046 12.02 -3.22 -55.91
N TYR B 1047 12.36 -3.58 -57.13
CA TYR B 1047 13.08 -4.82 -57.36
C TYR B 1047 14.48 -4.71 -56.77
N HIS B 1048 14.90 -5.75 -56.07
CA HIS B 1048 16.10 -5.68 -55.24
C HIS B 1048 17.32 -6.20 -55.99
N LEU B 1049 18.46 -5.55 -55.78
CA LEU B 1049 19.72 -5.97 -56.38
C LEU B 1049 20.72 -6.43 -55.34
N MET B 1050 21.06 -5.61 -54.35
CA MET B 1050 21.96 -6.03 -53.28
C MET B 1050 21.76 -5.07 -52.11
N SER B 1051 22.69 -5.07 -51.19
CA SER B 1051 22.67 -4.06 -50.14
C SER B 1051 24.07 -3.89 -49.60
N PHE B 1052 24.26 -2.83 -48.87
CA PHE B 1052 25.55 -2.61 -48.23
C PHE B 1052 25.31 -2.08 -46.84
N PRO B 1053 25.74 -2.78 -45.80
CA PRO B 1053 25.54 -2.28 -44.45
C PRO B 1053 26.55 -1.21 -44.12
N GLN B 1054 26.13 -0.27 -43.28
CA GLN B 1054 27.02 0.76 -42.75
C GLN B 1054 26.65 0.94 -41.29
N SER B 1055 27.66 0.91 -40.42
CA SER B 1055 27.39 0.99 -39.00
C SER B 1055 26.92 2.39 -38.64
N ALA B 1056 26.54 2.56 -37.39
CA ALA B 1056 26.02 3.83 -36.92
C ALA B 1056 26.07 3.80 -35.40
N PRO B 1057 25.88 4.90 -34.72
CA PRO B 1057 25.92 4.84 -33.25
C PRO B 1057 24.71 4.14 -32.68
N HIS B 1058 24.90 2.96 -32.12
CA HIS B 1058 23.81 2.18 -31.53
C HIS B 1058 22.79 1.80 -32.59
N GLY B 1059 23.26 1.21 -33.68
CA GLY B 1059 22.34 0.79 -34.71
C GLY B 1059 23.09 0.41 -35.98
N VAL B 1060 22.30 0.16 -37.02
CA VAL B 1060 22.84 -0.20 -38.33
C VAL B 1060 22.09 0.60 -39.38
N VAL B 1061 22.72 0.75 -40.53
CA VAL B 1061 22.15 1.50 -41.64
C VAL B 1061 22.48 0.75 -42.92
N PHE B 1062 21.48 0.45 -43.72
CA PHE B 1062 21.67 -0.25 -44.97
C PHE B 1062 21.62 0.73 -46.13
N LEU B 1063 22.05 0.27 -47.29
CA LEU B 1063 21.90 1.03 -48.52
C LEU B 1063 21.28 0.09 -49.55
N HIS B 1064 19.96 -0.01 -49.54
CA HIS B 1064 19.26 -0.98 -50.36
C HIS B 1064 19.34 -0.57 -51.81
N VAL B 1065 20.26 -1.18 -52.57
CA VAL B 1065 20.43 -0.86 -53.98
C VAL B 1065 19.35 -1.64 -54.75
N THR B 1066 18.30 -0.95 -55.19
CA THR B 1066 17.17 -1.59 -55.84
C THR B 1066 17.06 -1.17 -57.30
N TYR B 1067 16.26 -1.92 -58.05
CA TYR B 1067 16.09 -1.72 -59.49
C TYR B 1067 14.65 -1.30 -59.75
N VAL B 1068 14.47 -0.18 -60.44
CA VAL B 1068 13.13 0.35 -60.65
C VAL B 1068 12.90 0.61 -62.14
N PRO B 1069 11.83 0.08 -62.73
CA PRO B 1069 11.52 0.39 -64.13
C PRO B 1069 11.08 1.84 -64.30
N ALA B 1070 11.43 2.41 -65.45
CA ALA B 1070 11.35 3.85 -65.63
C ALA B 1070 10.35 4.30 -66.69
N GLN B 1071 10.50 3.89 -67.94
CA GLN B 1071 9.76 4.49 -69.04
C GLN B 1071 9.04 3.42 -69.83
N GLU B 1072 7.71 3.50 -69.86
CA GLU B 1072 6.86 2.50 -70.47
C GLU B 1072 6.17 3.07 -71.70
N LYS B 1073 5.65 2.17 -72.54
CA LYS B 1073 4.91 2.56 -73.73
C LYS B 1073 3.63 1.73 -73.80
N ASN B 1074 2.55 2.37 -74.26
CA ASN B 1074 1.28 1.69 -74.43
C ASN B 1074 1.36 0.68 -75.55
N PHE B 1075 1.47 -0.60 -75.24
CA PHE B 1075 1.57 -1.62 -76.28
C PHE B 1075 0.27 -2.41 -76.38
N THR B 1076 0.25 -3.34 -77.33
CA THR B 1076 -0.87 -4.23 -77.55
C THR B 1076 -0.41 -5.67 -77.47
N THR B 1077 -1.15 -6.48 -76.72
CA THR B 1077 -0.71 -7.85 -76.47
C THR B 1077 -1.90 -8.79 -76.50
N ALA B 1078 -1.60 -10.08 -76.59
CA ALA B 1078 -2.59 -11.14 -76.57
C ALA B 1078 -1.91 -12.39 -76.05
N PRO B 1079 -2.64 -13.27 -75.34
CA PRO B 1079 -1.96 -14.38 -74.67
C PRO B 1079 -1.16 -15.28 -75.60
N ALA B 1080 -1.79 -15.87 -76.61
CA ALA B 1080 -1.09 -16.77 -77.52
C ALA B 1080 -1.38 -16.32 -78.94
N ILE B 1081 -0.70 -16.94 -79.90
CA ILE B 1081 -0.87 -16.61 -81.30
C ILE B 1081 -1.05 -17.89 -82.10
N CYS B 1082 -2.07 -17.90 -82.97
CA CYS B 1082 -2.31 -19.01 -83.87
C CYS B 1082 -1.40 -18.90 -85.08
N HIS B 1083 -0.70 -19.98 -85.39
CA HIS B 1083 0.14 -20.00 -86.59
C HIS B 1083 -0.30 -21.06 -87.60
N ASP B 1084 -0.40 -22.32 -87.16
CA ASP B 1084 -0.71 -23.44 -88.04
C ASP B 1084 -1.86 -24.25 -87.45
N GLY B 1085 -2.91 -23.57 -87.05
CA GLY B 1085 -4.02 -24.20 -86.38
C GLY B 1085 -3.78 -24.54 -84.92
N LYS B 1086 -2.54 -24.47 -84.46
CA LYS B 1086 -2.19 -24.71 -83.07
C LYS B 1086 -1.88 -23.39 -82.38
N ALA B 1087 -1.86 -23.43 -81.05
CA ALA B 1087 -1.62 -22.25 -80.25
C ALA B 1087 -0.18 -22.24 -79.74
N HIS B 1088 0.44 -21.07 -79.76
CA HIS B 1088 1.82 -20.90 -79.34
C HIS B 1088 1.88 -19.93 -78.17
N PHE B 1089 2.43 -20.40 -77.06
CA PHE B 1089 2.62 -19.56 -75.89
C PHE B 1089 4.08 -19.20 -75.73
N PRO B 1090 4.40 -18.01 -75.22
CA PRO B 1090 5.80 -17.63 -75.07
C PRO B 1090 6.48 -18.46 -74.01
N ARG B 1091 7.82 -18.52 -74.10
CA ARG B 1091 8.57 -19.27 -73.11
C ARG B 1091 8.83 -18.44 -71.85
N GLU B 1092 9.14 -17.16 -72.02
CA GLU B 1092 9.27 -16.25 -70.89
C GLU B 1092 9.05 -14.84 -71.41
N GLY B 1093 7.90 -14.27 -71.11
CA GLY B 1093 7.61 -12.91 -71.52
C GLY B 1093 6.25 -12.82 -72.16
N VAL B 1094 5.97 -11.63 -72.71
CA VAL B 1094 4.67 -11.33 -73.26
C VAL B 1094 4.75 -11.33 -74.78
N PHE B 1095 3.58 -11.38 -75.42
CA PHE B 1095 3.48 -11.28 -76.87
C PHE B 1095 3.10 -9.85 -77.21
N VAL B 1096 4.08 -8.98 -77.13
CA VAL B 1096 3.89 -7.57 -77.40
C VAL B 1096 3.69 -7.37 -78.89
N SER B 1097 2.95 -6.34 -79.27
CA SER B 1097 2.71 -6.01 -80.67
C SER B 1097 2.61 -4.51 -80.80
N ASN B 1098 3.55 -3.91 -81.52
CA ASN B 1098 3.58 -2.45 -81.59
C ASN B 1098 2.48 -1.90 -82.51
N GLY B 1099 1.86 -2.78 -83.28
CA GLY B 1099 0.75 -2.38 -84.11
C GLY B 1099 0.79 -2.95 -85.51
N THR B 1100 1.99 -3.24 -85.98
CA THR B 1100 2.19 -3.86 -87.29
C THR B 1100 2.56 -5.34 -87.15
N HIS B 1101 3.58 -5.64 -86.37
CA HIS B 1101 4.08 -6.99 -86.19
C HIS B 1101 3.86 -7.42 -84.75
N TRP B 1102 4.36 -8.61 -84.43
CA TRP B 1102 4.26 -9.16 -83.09
C TRP B 1102 5.62 -9.67 -82.65
N PHE B 1103 5.87 -9.58 -81.35
CA PHE B 1103 7.18 -9.96 -80.81
C PHE B 1103 6.98 -10.60 -79.45
N VAL B 1104 8.01 -11.33 -79.03
CA VAL B 1104 8.11 -11.83 -77.66
C VAL B 1104 9.24 -11.08 -76.98
N THR B 1105 9.01 -10.68 -75.73
CA THR B 1105 10.00 -9.87 -75.03
C THR B 1105 9.92 -10.17 -73.55
N GLN B 1106 11.04 -9.98 -72.86
CA GLN B 1106 11.06 -10.15 -71.42
C GLN B 1106 10.18 -9.10 -70.77
N ARG B 1107 9.40 -9.52 -69.77
CA ARG B 1107 8.32 -8.70 -69.26
C ARG B 1107 8.80 -7.50 -68.46
N ASN B 1108 10.10 -7.25 -68.35
CA ASN B 1108 10.60 -6.16 -67.52
C ASN B 1108 11.51 -5.19 -68.25
N PHE B 1109 11.80 -5.42 -69.53
CA PHE B 1109 12.66 -4.51 -70.28
C PHE B 1109 12.37 -4.74 -71.76
N TYR B 1110 11.79 -3.74 -72.42
CA TYR B 1110 11.36 -3.90 -73.79
C TYR B 1110 12.51 -4.31 -74.69
N GLU B 1111 12.45 -5.53 -75.21
CA GLU B 1111 13.47 -6.04 -76.14
C GLU B 1111 12.79 -6.99 -77.09
N PRO B 1112 12.15 -6.47 -78.13
CA PRO B 1112 11.35 -7.33 -79.01
C PRO B 1112 12.21 -8.34 -79.74
N GLN B 1113 11.61 -9.48 -80.04
CA GLN B 1113 12.28 -10.57 -80.73
C GLN B 1113 11.33 -11.14 -81.77
N ILE B 1114 11.89 -11.67 -82.85
CA ILE B 1114 11.08 -12.39 -83.82
C ILE B 1114 10.55 -13.65 -83.17
N ILE B 1115 9.28 -13.95 -83.40
CA ILE B 1115 8.62 -15.05 -82.71
C ILE B 1115 9.00 -16.37 -83.38
N THR B 1116 10.10 -16.96 -82.94
CA THR B 1116 10.55 -18.23 -83.49
C THR B 1116 9.80 -19.37 -82.81
N THR B 1117 10.30 -20.59 -82.97
CA THR B 1117 9.80 -21.70 -82.19
C THR B 1117 10.65 -21.98 -80.96
N ASP B 1118 11.86 -21.40 -80.87
CA ASP B 1118 12.64 -21.52 -79.66
C ASP B 1118 12.23 -20.49 -78.62
N ASN B 1119 11.55 -19.41 -79.04
CA ASN B 1119 11.01 -18.45 -78.10
C ASN B 1119 9.69 -18.91 -77.50
N THR B 1120 9.02 -19.86 -78.12
CA THR B 1120 7.68 -20.24 -77.73
C THR B 1120 7.61 -21.75 -77.51
N PHE B 1121 6.42 -22.22 -77.16
CA PHE B 1121 6.13 -23.62 -77.03
C PHE B 1121 4.65 -23.83 -77.33
N VAL B 1122 4.34 -24.93 -77.99
CA VAL B 1122 3.00 -25.18 -78.50
C VAL B 1122 2.27 -26.13 -77.57
N SER B 1123 0.98 -25.89 -77.40
CA SER B 1123 0.15 -26.78 -76.61
C SER B 1123 -1.29 -26.67 -77.08
N GLY B 1124 -1.96 -27.81 -77.23
CA GLY B 1124 -3.35 -27.83 -77.60
C GLY B 1124 -3.59 -27.27 -78.99
N ASN B 1125 -4.77 -26.71 -79.18
CA ASN B 1125 -5.17 -26.17 -80.47
C ASN B 1125 -5.60 -24.71 -80.33
N CYS B 1126 -6.22 -24.15 -81.37
CA CYS B 1126 -6.45 -22.71 -81.45
C CYS B 1126 -7.75 -22.24 -80.83
N ASP B 1127 -8.77 -23.10 -80.72
CA ASP B 1127 -10.10 -22.64 -80.34
C ASP B 1127 -10.40 -22.87 -78.86
N VAL B 1128 -9.39 -22.84 -78.00
CA VAL B 1128 -9.58 -23.02 -76.58
C VAL B 1128 -9.22 -21.76 -75.78
N VAL B 1129 -8.20 -21.03 -76.21
CA VAL B 1129 -7.76 -19.84 -75.48
C VAL B 1129 -8.48 -18.62 -76.02
N ILE B 1130 -8.78 -17.69 -75.13
CA ILE B 1130 -9.55 -16.49 -75.45
C ILE B 1130 -8.59 -15.39 -75.87
N GLY B 1131 -9.00 -14.60 -76.87
CA GLY B 1131 -8.21 -13.47 -77.27
C GLY B 1131 -6.94 -13.81 -78.00
N ILE B 1132 -6.86 -14.99 -78.62
CA ILE B 1132 -5.68 -15.35 -79.40
C ILE B 1132 -5.77 -14.73 -80.78
N VAL B 1133 -4.65 -14.20 -81.26
CA VAL B 1133 -4.61 -13.56 -82.55
C VAL B 1133 -3.82 -14.44 -83.52
N ASN B 1134 -3.97 -14.18 -84.81
CA ASN B 1134 -3.22 -14.91 -85.81
C ASN B 1134 -1.87 -14.27 -86.06
N ASN B 1135 -0.86 -15.09 -86.36
CA ASN B 1135 0.42 -14.60 -86.84
C ASN B 1135 1.26 -15.77 -87.33
N THR B 1136 2.44 -15.48 -87.88
CA THR B 1136 3.31 -16.49 -88.46
C THR B 1136 4.46 -16.75 -87.50
N VAL B 1137 4.39 -17.88 -86.79
CA VAL B 1137 5.50 -18.27 -85.94
C VAL B 1137 6.66 -18.69 -86.82
N TYR B 1138 7.66 -17.84 -86.92
CA TYR B 1138 8.83 -18.15 -87.72
C TYR B 1138 9.48 -19.44 -87.24
N ASP B 1139 10.08 -20.16 -88.16
CA ASP B 1139 10.72 -21.44 -87.86
C ASP B 1139 12.20 -21.34 -88.19
N PRO B 1140 13.10 -21.59 -87.25
CA PRO B 1140 14.54 -21.45 -87.56
C PRO B 1140 15.02 -22.44 -88.59
N LEU B 1141 14.48 -23.65 -88.61
CA LEU B 1141 15.02 -24.72 -89.44
C LEU B 1141 14.58 -24.63 -90.90
N GLN B 1142 13.57 -23.82 -91.22
CA GLN B 1142 13.14 -23.70 -92.61
C GLN B 1142 14.23 -23.10 -93.50
N PRO B 1143 14.84 -21.96 -93.17
CA PRO B 1143 15.95 -21.48 -94.01
C PRO B 1143 17.17 -22.39 -93.95
N GLU B 1144 17.39 -23.08 -92.83
CA GLU B 1144 18.48 -24.05 -92.77
C GLU B 1144 18.30 -25.13 -93.82
N LEU B 1145 17.09 -25.69 -93.90
CA LEU B 1145 16.82 -26.72 -94.89
C LEU B 1145 16.79 -26.14 -96.30
N ASP B 1146 16.42 -24.87 -96.44
CA ASP B 1146 16.42 -24.24 -97.77
C ASP B 1146 17.85 -24.04 -98.27
N SER B 1147 18.79 -23.82 -97.36
CA SER B 1147 20.18 -23.64 -97.72
C SER B 1147 21.09 -24.60 -96.95
N ALA C 27 -45.09 -28.65 7.93
CA ALA C 27 -45.24 -28.53 6.49
C ALA C 27 -44.15 -27.65 5.91
N TYR C 28 -43.84 -27.83 4.63
CA TYR C 28 -42.84 -27.02 3.95
C TYR C 28 -43.24 -26.87 2.51
N THR C 29 -42.55 -25.98 1.80
CA THR C 29 -42.72 -25.82 0.35
C THR C 29 -41.43 -25.24 -0.22
N ASN C 30 -41.48 -24.82 -1.48
CA ASN C 30 -40.29 -24.51 -2.26
C ASN C 30 -40.43 -23.13 -2.87
N SER C 31 -39.64 -22.17 -2.37
CA SER C 31 -39.63 -20.82 -2.91
C SER C 31 -38.87 -20.85 -4.22
N PHE C 32 -39.61 -21.01 -5.32
CA PHE C 32 -38.98 -21.22 -6.61
C PHE C 32 -38.05 -20.09 -7.01
N THR C 33 -38.62 -18.95 -7.30
CA THR C 33 -37.89 -17.87 -7.94
C THR C 33 -38.11 -16.53 -7.23
N ARG C 34 -39.06 -16.46 -6.31
CA ARG C 34 -39.50 -15.21 -5.75
C ARG C 34 -38.54 -14.75 -4.65
N GLY C 35 -38.78 -13.53 -4.18
CA GLY C 35 -38.05 -13.01 -3.04
C GLY C 35 -36.90 -12.11 -3.40
N VAL C 36 -37.09 -11.28 -4.42
CA VAL C 36 -36.07 -10.35 -4.87
C VAL C 36 -36.62 -8.94 -4.78
N TYR C 37 -35.82 -8.03 -4.22
CA TYR C 37 -36.24 -6.68 -3.95
C TYR C 37 -35.16 -5.73 -4.41
N TYR C 38 -35.56 -4.53 -4.78
CA TYR C 38 -34.59 -3.54 -5.23
C TYR C 38 -33.67 -3.17 -4.08
N PRO C 39 -32.42 -3.60 -4.08
CA PRO C 39 -31.57 -3.34 -2.90
C PRO C 39 -31.32 -1.87 -2.64
N ASP C 40 -31.32 -1.04 -3.67
CA ASP C 40 -31.05 0.37 -3.51
C ASP C 40 -32.09 1.17 -4.29
N LYS C 41 -32.03 2.49 -4.14
CA LYS C 41 -33.01 3.36 -4.77
C LYS C 41 -32.65 3.71 -6.20
N VAL C 42 -31.44 3.36 -6.67
CA VAL C 42 -30.99 3.82 -7.97
C VAL C 42 -31.75 3.13 -9.08
N PHE C 43 -31.60 3.67 -10.29
CA PHE C 43 -32.27 3.18 -11.47
C PHE C 43 -31.23 2.91 -12.54
N ARG C 44 -31.28 1.72 -13.12
CA ARG C 44 -30.37 1.34 -14.18
C ARG C 44 -31.17 0.74 -15.32
N SER C 45 -30.65 0.86 -16.54
CA SER C 45 -31.33 0.37 -17.72
C SER C 45 -30.47 -0.66 -18.43
N SER C 46 -31.02 -1.84 -18.65
CA SER C 46 -30.46 -2.90 -19.48
C SER C 46 -29.19 -3.51 -18.89
N VAL C 47 -28.73 -3.06 -17.74
CA VAL C 47 -27.45 -3.52 -17.21
C VAL C 47 -27.73 -4.60 -16.17
N LEU C 48 -26.79 -5.52 -16.02
CA LEU C 48 -26.88 -6.63 -15.09
C LEU C 48 -26.00 -6.31 -13.89
N HIS C 49 -26.60 -5.70 -12.88
CA HIS C 49 -25.87 -5.36 -11.67
C HIS C 49 -25.77 -6.57 -10.76
N SER C 50 -24.71 -6.60 -9.97
CA SER C 50 -24.44 -7.71 -9.05
C SER C 50 -24.15 -7.14 -7.68
N THR C 51 -25.13 -7.22 -6.78
CA THR C 51 -25.07 -6.57 -5.48
C THR C 51 -25.18 -7.59 -4.37
N GLN C 52 -24.28 -7.52 -3.40
CA GLN C 52 -24.28 -8.45 -2.28
C GLN C 52 -25.13 -7.87 -1.15
N ASP C 53 -26.25 -8.52 -0.86
CA ASP C 53 -27.08 -8.11 0.25
C ASP C 53 -27.86 -9.33 0.74
N LEU C 54 -28.78 -9.09 1.67
CA LEU C 54 -29.54 -10.16 2.30
C LEU C 54 -30.73 -10.49 1.42
N PHE C 55 -30.63 -11.56 0.65
CA PHE C 55 -31.70 -12.00 -0.22
C PHE C 55 -32.21 -13.36 0.23
N LEU C 56 -33.37 -13.75 -0.28
CA LEU C 56 -33.93 -15.05 0.05
C LEU C 56 -33.37 -16.10 -0.89
N PRO C 57 -32.64 -17.11 -0.41
CA PRO C 57 -31.99 -18.06 -1.31
C PRO C 57 -33.00 -18.74 -2.24
N PHE C 58 -32.55 -19.03 -3.44
CA PHE C 58 -33.42 -19.61 -4.44
C PHE C 58 -33.73 -21.07 -4.14
N PHE C 59 -34.92 -21.50 -4.54
CA PHE C 59 -35.37 -22.87 -4.36
C PHE C 59 -35.22 -23.35 -2.91
N SER C 60 -35.26 -22.42 -1.97
CA SER C 60 -35.10 -22.76 -0.56
C SER C 60 -36.40 -23.24 0.05
N ASN C 61 -36.47 -23.25 1.38
CA ASN C 61 -37.62 -23.78 2.10
C ASN C 61 -38.40 -22.64 2.75
N VAL C 62 -39.67 -22.53 2.38
CA VAL C 62 -40.61 -21.65 3.05
C VAL C 62 -41.62 -22.53 3.77
N THR C 63 -42.05 -22.10 4.95
CA THR C 63 -42.86 -22.96 5.81
C THR C 63 -44.35 -22.73 5.61
N TRP C 64 -44.97 -23.51 4.74
CA TRP C 64 -46.39 -23.38 4.43
C TRP C 64 -47.23 -23.42 5.70
N PHE C 65 -47.91 -22.32 6.00
CA PHE C 65 -48.74 -22.22 7.19
C PHE C 65 -50.21 -22.18 6.83
N HIS C 66 -51.03 -22.28 7.87
CA HIS C 66 -52.45 -21.92 7.80
C HIS C 66 -53.03 -21.93 9.21
N ASN C 81 -49.46 -18.98 12.38
CA ASN C 81 -50.30 -18.51 13.47
C ASN C 81 -49.51 -18.11 14.72
N PRO C 82 -48.57 -18.94 15.17
CA PRO C 82 -47.82 -18.58 16.38
C PRO C 82 -46.56 -17.81 16.08
N VAL C 83 -45.78 -17.54 17.12
CA VAL C 83 -44.58 -16.74 16.97
C VAL C 83 -43.60 -17.46 16.03
N LEU C 84 -42.73 -16.67 15.41
CA LEU C 84 -41.69 -17.16 14.52
C LEU C 84 -40.48 -16.26 14.68
N PRO C 85 -39.29 -16.80 14.48
CA PRO C 85 -38.09 -15.98 14.64
C PRO C 85 -37.87 -15.04 13.46
N PHE C 86 -36.87 -14.18 13.62
CA PHE C 86 -36.57 -13.08 12.71
C PHE C 86 -35.07 -13.02 12.48
N ASN C 87 -34.49 -14.16 12.09
CA ASN C 87 -33.04 -14.34 12.04
C ASN C 87 -32.30 -13.13 11.46
N ASP C 88 -32.57 -12.81 10.20
CA ASP C 88 -32.01 -11.60 9.59
C ASP C 88 -32.98 -10.93 8.62
N GLY C 89 -34.20 -11.42 8.50
CA GLY C 89 -35.13 -10.92 7.52
C GLY C 89 -36.34 -11.82 7.48
N VAL C 90 -37.14 -11.67 6.43
CA VAL C 90 -38.29 -12.54 6.23
C VAL C 90 -38.78 -12.36 4.81
N TYR C 91 -39.50 -13.35 4.30
CA TYR C 91 -40.21 -13.25 3.03
C TYR C 91 -41.67 -13.59 3.24
N PHE C 92 -42.29 -12.98 4.25
CA PHE C 92 -43.70 -13.23 4.49
C PHE C 92 -44.49 -13.02 3.21
N ALA C 93 -45.37 -13.95 2.91
CA ALA C 93 -46.15 -13.90 1.68
C ALA C 93 -47.58 -14.27 2.02
N SER C 94 -48.37 -14.59 1.01
CA SER C 94 -49.72 -15.10 1.18
C SER C 94 -50.32 -15.39 -0.18
N THR C 95 -51.35 -16.23 -0.19
CA THR C 95 -52.26 -16.38 -1.31
C THR C 95 -53.68 -16.29 -0.74
N GLU C 96 -54.13 -15.06 -0.53
CA GLU C 96 -55.34 -14.82 0.25
C GLU C 96 -56.56 -14.68 -0.64
N LYS C 97 -57.72 -14.87 -0.03
CA LYS C 97 -59.00 -14.66 -0.67
C LYS C 97 -59.85 -13.62 0.02
N SER C 98 -59.94 -13.65 1.34
CA SER C 98 -60.84 -12.79 2.09
C SER C 98 -60.09 -11.98 3.16
N ASN C 99 -58.87 -11.57 2.83
CA ASN C 99 -58.09 -10.63 3.64
C ASN C 99 -57.81 -11.12 5.04
N ILE C 100 -58.03 -12.41 5.32
CA ILE C 100 -58.01 -12.93 6.68
C ILE C 100 -56.71 -12.57 7.41
N ILE C 101 -55.64 -12.37 6.66
CA ILE C 101 -54.37 -11.94 7.23
C ILE C 101 -54.38 -10.42 7.28
N ARG C 102 -54.58 -9.88 8.48
CA ARG C 102 -54.57 -8.43 8.62
C ARG C 102 -53.15 -7.89 8.69
N GLY C 103 -52.42 -8.25 9.73
CA GLY C 103 -51.17 -7.58 9.94
C GLY C 103 -50.25 -8.35 10.85
N TRP C 104 -49.16 -7.71 11.21
CA TRP C 104 -48.04 -8.34 11.86
C TRP C 104 -48.06 -8.07 13.35
N ILE C 105 -46.96 -8.44 13.99
CA ILE C 105 -46.63 -8.07 15.36
C ILE C 105 -45.14 -8.33 15.45
N PHE C 106 -44.42 -7.48 16.16
CA PHE C 106 -42.98 -7.64 16.24
C PHE C 106 -42.55 -7.52 17.69
N GLY C 107 -41.24 -7.45 17.91
CA GLY C 107 -40.70 -7.18 19.22
C GLY C 107 -39.52 -8.06 19.52
N THR C 108 -38.93 -7.81 20.69
CA THR C 108 -37.90 -8.68 21.24
C THR C 108 -38.47 -9.62 22.28
N THR C 109 -39.29 -9.11 23.21
CA THR C 109 -39.96 -9.93 24.19
C THR C 109 -41.43 -10.17 23.84
N LEU C 110 -41.93 -9.54 22.79
CA LEU C 110 -43.29 -9.76 22.29
C LEU C 110 -44.35 -9.48 23.35
N ASP C 111 -44.01 -8.68 24.35
CA ASP C 111 -44.98 -8.29 25.38
C ASP C 111 -44.50 -6.97 25.97
N SER C 112 -45.04 -6.61 27.13
CA SER C 112 -44.60 -5.39 27.79
C SER C 112 -43.12 -5.47 28.15
N LYS C 113 -42.58 -4.32 28.58
CA LYS C 113 -41.20 -4.10 29.01
C LYS C 113 -40.22 -3.99 27.84
N THR C 114 -40.70 -3.89 26.61
CA THR C 114 -39.84 -3.62 25.46
C THR C 114 -40.71 -3.23 24.28
N GLN C 115 -40.24 -2.25 23.51
CA GLN C 115 -40.98 -1.76 22.37
C GLN C 115 -41.19 -2.89 21.35
N SER C 116 -42.28 -2.79 20.59
CA SER C 116 -42.70 -3.89 19.72
C SER C 116 -43.58 -3.32 18.63
N LEU C 117 -43.06 -3.27 17.40
CA LEU C 117 -43.82 -2.75 16.27
C LEU C 117 -45.15 -3.47 16.14
N LEU C 118 -46.12 -2.84 15.48
CA LEU C 118 -47.39 -3.53 15.23
C LEU C 118 -47.99 -2.92 13.97
N ILE C 119 -47.77 -3.58 12.84
CA ILE C 119 -48.41 -3.20 11.60
C ILE C 119 -49.75 -3.90 11.54
N VAL C 120 -50.81 -3.15 11.27
CA VAL C 120 -52.16 -3.69 11.42
C VAL C 120 -53.06 -3.01 10.40
N ASN C 121 -53.95 -3.78 9.79
CA ASN C 121 -54.93 -3.23 8.88
C ASN C 121 -56.31 -3.59 9.44
N ASN C 122 -56.82 -2.77 10.35
CA ASN C 122 -58.13 -3.05 10.91
C ASN C 122 -59.24 -2.50 10.04
N ALA C 123 -59.21 -2.84 8.75
CA ALA C 123 -60.26 -2.54 7.79
C ALA C 123 -60.40 -1.05 7.49
N THR C 124 -59.65 -0.22 8.20
CA THR C 124 -59.66 1.22 7.95
C THR C 124 -58.31 1.75 7.49
N ASN C 125 -57.25 1.46 8.23
CA ASN C 125 -55.97 2.11 7.98
C ASN C 125 -54.85 1.21 8.48
N VAL C 126 -53.67 1.40 7.89
CA VAL C 126 -52.52 0.53 8.20
C VAL C 126 -51.81 1.17 9.39
N VAL C 127 -52.37 0.95 10.57
CA VAL C 127 -52.08 1.81 11.72
C VAL C 127 -50.84 1.24 12.40
N ILE C 128 -49.69 1.55 11.81
CA ILE C 128 -48.43 1.20 12.43
C ILE C 128 -48.28 1.90 13.76
N LYS C 129 -47.80 1.17 14.77
CA LYS C 129 -47.51 1.74 16.07
C LYS C 129 -46.26 1.07 16.60
N VAL C 130 -45.67 1.67 17.63
CA VAL C 130 -44.53 1.05 18.31
C VAL C 130 -44.85 1.04 19.80
N CYS C 131 -46.14 1.04 20.12
CA CYS C 131 -46.54 1.09 21.52
C CYS C 131 -46.28 -0.24 22.18
N GLU C 132 -45.46 -0.22 23.24
CA GLU C 132 -44.92 -1.43 23.83
C GLU C 132 -46.06 -2.16 24.53
N PHE C 133 -46.88 -2.83 23.73
CA PHE C 133 -48.11 -3.47 24.16
C PHE C 133 -47.88 -4.57 25.19
N GLN C 134 -48.99 -5.08 25.74
CA GLN C 134 -49.08 -6.43 26.24
C GLN C 134 -49.91 -7.21 25.24
N PHE C 135 -49.36 -8.30 24.74
CA PHE C 135 -49.91 -8.99 23.59
C PHE C 135 -50.67 -10.24 24.00
N CYS C 136 -51.65 -10.62 23.19
CA CYS C 136 -52.42 -11.83 23.40
C CYS C 136 -52.03 -12.89 22.37
N ASN C 137 -52.28 -14.15 22.74
CA ASN C 137 -51.89 -15.28 21.92
C ASN C 137 -52.94 -15.68 20.90
N ASP C 138 -53.88 -14.78 20.57
CA ASP C 138 -54.87 -15.04 19.54
C ASP C 138 -55.54 -13.77 19.06
N PRO C 139 -54.82 -12.84 18.45
CA PRO C 139 -55.43 -11.58 18.02
C PRO C 139 -56.12 -11.73 16.67
N PHE C 140 -56.96 -10.74 16.37
CA PHE C 140 -57.58 -10.62 15.05
C PHE C 140 -58.18 -9.22 14.86
N ASN C 164 -48.36 1.85 25.01
CA ASN C 164 -47.69 2.59 26.08
C ASN C 164 -46.27 3.02 25.71
N ASN C 165 -46.04 4.33 25.69
CA ASN C 165 -44.73 4.95 25.43
C ASN C 165 -44.29 4.79 23.98
N CYS C 166 -45.19 5.07 23.04
CA CYS C 166 -44.86 4.78 21.66
C CYS C 166 -44.40 5.99 20.85
N THR C 167 -43.16 5.88 20.36
CA THR C 167 -42.44 6.92 19.68
C THR C 167 -42.59 6.83 18.16
N PHE C 168 -43.74 6.39 17.70
CA PHE C 168 -44.06 6.38 16.28
C PHE C 168 -45.54 6.08 16.17
N GLU C 169 -46.12 6.45 15.04
CA GLU C 169 -47.45 6.01 14.66
C GLU C 169 -47.65 6.38 13.19
N TYR C 170 -48.89 6.21 12.73
CA TYR C 170 -49.31 6.43 11.37
C TYR C 170 -50.79 6.08 11.34
N VAL C 171 -51.50 6.62 10.36
CA VAL C 171 -52.85 6.17 10.02
C VAL C 171 -53.08 6.50 8.56
N SER C 172 -53.60 5.55 7.80
CA SER C 172 -53.95 5.82 6.42
C SER C 172 -55.46 5.94 6.27
N PHE C 186 -58.13 -18.04 -4.93
CA PHE C 186 -56.90 -17.35 -4.50
C PHE C 186 -56.30 -16.56 -5.65
N LYS C 187 -56.27 -15.24 -5.51
CA LYS C 187 -55.72 -14.36 -6.54
C LYS C 187 -54.78 -13.29 -6.00
N ASN C 188 -54.72 -13.07 -4.69
CA ASN C 188 -53.86 -12.07 -4.10
C ASN C 188 -52.59 -12.72 -3.60
N LEU C 189 -51.44 -12.17 -3.99
CA LEU C 189 -50.15 -12.68 -3.54
C LEU C 189 -49.38 -11.51 -2.94
N ARG C 190 -49.62 -11.25 -1.67
CA ARG C 190 -49.09 -10.07 -1.01
C ARG C 190 -47.72 -10.38 -0.39
N GLU C 191 -46.72 -10.47 -1.26
CA GLU C 191 -45.37 -10.74 -0.79
C GLU C 191 -44.87 -9.61 0.10
N PHE C 192 -43.78 -9.85 0.81
CA PHE C 192 -43.20 -8.83 1.67
C PHE C 192 -41.72 -9.10 1.84
N VAL C 193 -41.10 -8.31 2.72
CA VAL C 193 -39.72 -8.47 3.20
C VAL C 193 -39.59 -7.49 4.36
N PHE C 194 -38.77 -7.81 5.35
CA PHE C 194 -38.51 -6.87 6.43
C PHE C 194 -37.09 -7.08 6.92
N LYS C 195 -36.31 -6.01 6.96
CA LYS C 195 -34.94 -6.15 7.43
C LYS C 195 -34.58 -4.93 8.27
N ASN C 196 -33.50 -5.05 9.02
CA ASN C 196 -33.00 -3.93 9.81
C ASN C 196 -31.54 -3.64 9.50
N TYR C 200 -32.25 0.65 10.89
CA TYR C 200 -33.67 0.78 11.19
C TYR C 200 -34.56 -0.02 10.24
N PHE C 201 -35.85 -0.04 10.54
CA PHE C 201 -36.77 -1.00 9.94
C PHE C 201 -37.08 -0.62 8.50
N LYS C 202 -36.87 -1.55 7.59
CA LYS C 202 -37.23 -1.41 6.20
C LYS C 202 -38.38 -2.36 5.88
N ILE C 203 -39.11 -2.05 4.82
CA ILE C 203 -40.13 -2.97 4.31
C ILE C 203 -40.05 -2.95 2.79
N TYR C 204 -40.53 -4.03 2.18
CA TYR C 204 -40.71 -4.11 0.74
C TYR C 204 -42.00 -4.88 0.52
N SER C 205 -42.55 -4.80 -0.68
CA SER C 205 -43.85 -5.42 -0.88
C SER C 205 -44.12 -5.56 -2.37
N LYS C 206 -45.24 -6.21 -2.68
CA LYS C 206 -45.75 -6.41 -4.03
C LYS C 206 -47.10 -7.07 -3.90
N HIS C 207 -47.90 -6.98 -4.96
CA HIS C 207 -49.28 -7.43 -4.90
C HIS C 207 -49.69 -7.82 -6.32
N THR C 208 -49.68 -9.11 -6.61
CA THR C 208 -49.85 -9.55 -7.98
C THR C 208 -50.98 -10.56 -8.11
N PRO C 209 -51.66 -10.60 -9.25
CA PRO C 209 -52.74 -11.57 -9.44
C PRO C 209 -52.23 -12.97 -9.73
N ILE C 210 -52.94 -13.95 -9.18
CA ILE C 210 -52.57 -15.36 -9.34
C ILE C 210 -53.81 -16.22 -9.42
N ASN C 211 -53.62 -17.54 -9.56
CA ASN C 211 -54.72 -18.49 -9.55
C ASN C 211 -54.23 -19.88 -9.14
N ASP C 215 -48.54 -24.83 -3.14
CA ASP C 215 -49.21 -24.02 -4.14
C ASP C 215 -48.74 -22.57 -4.07
N LEU C 216 -47.43 -22.38 -3.98
CA LEU C 216 -46.84 -21.05 -4.01
C LEU C 216 -46.56 -20.68 -5.45
N PRO C 217 -47.30 -19.75 -6.05
CA PRO C 217 -47.25 -19.60 -7.51
C PRO C 217 -45.87 -19.24 -8.00
N GLN C 218 -45.41 -19.96 -9.02
CA GLN C 218 -44.08 -19.80 -9.57
C GLN C 218 -44.01 -18.50 -10.37
N GLY C 219 -42.88 -18.31 -11.03
CA GLY C 219 -42.63 -17.11 -11.78
C GLY C 219 -41.74 -16.16 -10.99
N PHE C 220 -41.65 -14.93 -11.50
CA PHE C 220 -40.77 -13.94 -10.91
C PHE C 220 -41.50 -12.63 -10.72
N SER C 221 -41.12 -11.91 -9.67
CA SER C 221 -41.60 -10.54 -9.45
C SER C 221 -40.74 -9.86 -8.40
N ALA C 222 -40.25 -8.66 -8.70
CA ALA C 222 -39.47 -7.93 -7.73
C ALA C 222 -40.39 -7.26 -6.71
N LEU C 223 -39.80 -6.73 -5.65
CA LEU C 223 -40.55 -6.13 -4.55
C LEU C 223 -40.14 -4.67 -4.41
N GLU C 224 -41.11 -3.77 -4.54
CA GLU C 224 -40.85 -2.33 -4.60
C GLU C 224 -40.96 -1.73 -3.22
N PRO C 225 -39.92 -1.09 -2.70
CA PRO C 225 -39.96 -0.59 -1.31
C PRO C 225 -41.11 0.37 -1.10
N LEU C 226 -42.02 0.00 -0.19
CA LEU C 226 -43.22 0.79 0.01
C LEU C 226 -43.21 1.60 1.29
N VAL C 227 -42.38 1.24 2.28
CA VAL C 227 -42.31 1.96 3.54
C VAL C 227 -40.89 1.89 4.06
N ASP C 228 -40.49 2.92 4.80
CA ASP C 228 -39.32 2.87 5.65
C ASP C 228 -39.72 3.39 7.01
N LEU C 229 -39.28 2.73 8.08
CA LEU C 229 -39.65 3.10 9.43
C LEU C 229 -38.40 3.29 10.27
N PRO C 230 -38.12 4.49 10.75
CA PRO C 230 -36.94 4.75 11.61
C PRO C 230 -37.28 4.63 13.09
N ILE C 231 -37.41 3.40 13.56
CA ILE C 231 -37.84 3.17 14.93
C ILE C 231 -36.72 2.68 15.84
N GLY C 232 -35.62 2.19 15.29
CA GLY C 232 -34.50 1.76 16.12
C GLY C 232 -34.83 0.62 17.06
N ILE C 233 -36.03 0.05 16.90
CA ILE C 233 -36.42 -1.11 17.69
C ILE C 233 -35.50 -2.27 17.35
N ASN C 234 -35.45 -3.25 18.25
CA ASN C 234 -34.54 -4.38 18.11
C ASN C 234 -35.36 -5.67 18.08
N ILE C 235 -35.56 -6.24 16.90
CA ILE C 235 -36.53 -7.31 16.70
C ILE C 235 -35.80 -8.63 16.52
N THR C 236 -36.21 -9.64 17.30
CA THR C 236 -35.72 -11.01 17.14
C THR C 236 -36.85 -12.02 17.29
N ARG C 237 -38.05 -11.67 16.84
CA ARG C 237 -39.21 -12.53 16.81
C ARG C 237 -40.33 -11.76 16.16
N PHE C 238 -41.38 -12.46 15.74
CA PHE C 238 -42.57 -11.77 15.25
C PHE C 238 -43.73 -12.74 15.27
N GLN C 239 -44.85 -12.33 14.71
CA GLN C 239 -46.08 -13.11 14.79
C GLN C 239 -46.96 -12.72 13.62
N THR C 240 -48.24 -13.03 13.69
CA THR C 240 -49.14 -12.67 12.61
C THR C 240 -50.56 -12.62 13.13
N LEU C 241 -51.31 -11.61 12.68
CA LEU C 241 -52.71 -11.48 13.03
C LEU C 241 -53.54 -12.43 12.17
N LEU C 242 -54.85 -12.43 12.42
CA LEU C 242 -55.76 -13.24 11.64
C LEU C 242 -57.21 -12.84 11.94
N ALA C 263 -57.12 -18.83 3.69
CA ALA C 263 -55.92 -18.06 3.42
C ALA C 263 -54.71 -18.73 4.02
N ALA C 264 -53.56 -18.59 3.37
CA ALA C 264 -52.34 -19.21 3.84
C ALA C 264 -51.16 -18.31 3.50
N TYR C 265 -50.06 -18.50 4.24
CA TYR C 265 -48.87 -17.69 4.03
C TYR C 265 -47.64 -18.58 4.12
N TYR C 266 -46.48 -17.95 3.98
CA TYR C 266 -45.21 -18.66 3.89
C TYR C 266 -44.13 -17.74 4.40
N VAL C 267 -43.14 -18.28 5.08
CA VAL C 267 -42.18 -17.49 5.84
C VAL C 267 -40.76 -17.93 5.49
N GLY C 268 -40.09 -17.19 4.64
CA GLY C 268 -38.71 -17.47 4.32
C GLY C 268 -37.78 -16.95 5.38
N TYR C 269 -36.52 -16.76 5.00
CA TYR C 269 -35.54 -16.09 5.82
C TYR C 269 -34.44 -15.57 4.90
N LEU C 270 -33.98 -14.36 5.15
CA LEU C 270 -32.96 -13.77 4.30
C LEU C 270 -31.58 -14.21 4.76
N GLN C 271 -30.66 -14.30 3.81
CA GLN C 271 -29.28 -14.66 4.07
C GLN C 271 -28.40 -13.89 3.10
N PRO C 272 -27.15 -13.66 3.45
CA PRO C 272 -26.28 -12.82 2.60
C PRO C 272 -25.69 -13.55 1.39
N ARG C 273 -26.46 -13.61 0.31
CA ARG C 273 -26.04 -14.28 -0.92
C ARG C 273 -25.96 -13.26 -2.05
N THR C 274 -24.78 -13.13 -2.63
CA THR C 274 -24.61 -12.26 -3.79
C THR C 274 -25.55 -12.70 -4.90
N PHE C 275 -26.18 -11.74 -5.55
CA PHE C 275 -27.14 -12.02 -6.61
C PHE C 275 -26.64 -11.42 -7.92
N LEU C 276 -27.48 -11.54 -8.94
CA LEU C 276 -27.27 -10.86 -10.22
C LEU C 276 -28.63 -10.48 -10.76
N LEU C 277 -28.89 -9.18 -10.87
CA LEU C 277 -30.21 -8.68 -11.17
C LEU C 277 -30.21 -8.13 -12.59
N LYS C 278 -31.26 -8.44 -13.34
CA LYS C 278 -31.36 -8.02 -14.74
C LYS C 278 -32.35 -6.87 -14.85
N TYR C 279 -31.83 -5.66 -14.75
CA TYR C 279 -32.66 -4.49 -15.00
C TYR C 279 -32.96 -4.40 -16.48
N ASN C 280 -34.24 -4.35 -16.85
CA ASN C 280 -34.61 -4.24 -18.25
C ASN C 280 -34.57 -2.77 -18.66
N GLU C 281 -35.19 -2.46 -19.80
CA GLU C 281 -35.09 -1.09 -20.34
C GLU C 281 -35.59 -0.05 -19.34
N ASN C 282 -36.81 -0.22 -18.83
CA ASN C 282 -37.44 0.79 -17.99
C ASN C 282 -36.87 0.82 -16.57
N GLY C 283 -36.02 -0.14 -16.22
CA GLY C 283 -35.47 -0.16 -14.88
C GLY C 283 -36.10 -1.20 -13.98
N THR C 284 -37.02 -1.99 -14.52
CA THR C 284 -37.64 -3.04 -13.75
C THR C 284 -36.72 -4.25 -13.63
N ILE C 285 -36.60 -4.79 -12.42
CA ILE C 285 -35.90 -6.07 -12.27
C ILE C 285 -36.76 -7.16 -12.88
N THR C 286 -36.19 -7.92 -13.82
CA THR C 286 -36.93 -8.99 -14.45
C THR C 286 -36.40 -10.38 -14.17
N ASP C 287 -35.15 -10.51 -13.72
CA ASP C 287 -34.61 -11.84 -13.51
C ASP C 287 -33.41 -11.76 -12.59
N ALA C 288 -33.21 -12.82 -11.82
CA ALA C 288 -32.11 -12.88 -10.88
C ALA C 288 -31.37 -14.20 -11.04
N VAL C 289 -30.15 -14.25 -10.50
CA VAL C 289 -29.30 -15.42 -10.61
C VAL C 289 -28.57 -15.57 -9.29
N ASP C 290 -28.86 -16.65 -8.55
CA ASP C 290 -28.27 -16.84 -7.24
C ASP C 290 -26.82 -17.27 -7.40
N CYS C 291 -25.89 -16.40 -7.01
CA CYS C 291 -24.48 -16.57 -7.33
C CYS C 291 -23.82 -17.65 -6.51
N ALA C 292 -24.61 -18.51 -5.86
CA ALA C 292 -24.02 -19.67 -5.20
C ALA C 292 -24.91 -20.90 -5.29
N LEU C 293 -25.92 -20.91 -6.15
CA LEU C 293 -26.88 -22.01 -6.15
C LEU C 293 -26.26 -23.29 -6.72
N ASP C 294 -25.57 -23.18 -7.84
CA ASP C 294 -24.97 -24.35 -8.48
C ASP C 294 -23.88 -23.86 -9.42
N PRO C 295 -23.03 -24.76 -9.91
CA PRO C 295 -21.89 -24.30 -10.73
C PRO C 295 -22.31 -23.50 -11.95
N LEU C 296 -23.41 -23.87 -12.59
CA LEU C 296 -23.86 -23.08 -13.74
C LEU C 296 -24.13 -21.64 -13.32
N SER C 297 -24.73 -21.44 -12.16
CA SER C 297 -25.05 -20.09 -11.71
C SER C 297 -23.81 -19.35 -11.25
N GLU C 298 -22.88 -20.03 -10.59
CA GLU C 298 -21.61 -19.37 -10.30
C GLU C 298 -20.92 -18.92 -11.58
N THR C 299 -21.05 -19.72 -12.64
CA THR C 299 -20.47 -19.35 -13.92
C THR C 299 -21.13 -18.09 -14.47
N LYS C 300 -22.46 -18.09 -14.55
CA LYS C 300 -23.17 -16.90 -15.01
C LYS C 300 -22.78 -15.69 -14.20
N CYS C 301 -22.63 -15.85 -12.89
CA CYS C 301 -22.35 -14.71 -12.03
C CYS C 301 -20.94 -14.17 -12.28
N THR C 302 -19.95 -15.05 -12.35
CA THR C 302 -18.60 -14.57 -12.62
C THR C 302 -18.44 -14.05 -14.03
N LEU C 303 -19.34 -14.43 -14.93
CA LEU C 303 -19.32 -13.91 -16.29
C LEU C 303 -20.13 -12.64 -16.44
N LYS C 304 -20.93 -12.27 -15.44
CA LYS C 304 -21.78 -11.09 -15.52
C LYS C 304 -22.72 -11.19 -16.71
N SER C 305 -23.22 -12.38 -16.97
CA SER C 305 -24.09 -12.60 -18.11
C SER C 305 -25.11 -13.68 -17.79
N PHE C 306 -26.21 -13.65 -18.54
CA PHE C 306 -27.22 -14.70 -18.48
C PHE C 306 -27.06 -15.70 -19.60
N THR C 307 -25.90 -15.70 -20.26
CA THR C 307 -25.67 -16.59 -21.39
C THR C 307 -24.16 -16.76 -21.52
N VAL C 308 -23.67 -17.90 -21.07
CA VAL C 308 -22.25 -18.23 -21.19
C VAL C 308 -22.07 -19.09 -22.42
N GLU C 309 -21.10 -18.73 -23.25
CA GLU C 309 -20.80 -19.52 -24.43
C GLU C 309 -19.97 -20.74 -24.03
N LYS C 310 -20.07 -21.78 -24.84
CA LYS C 310 -19.38 -23.04 -24.55
C LYS C 310 -17.92 -22.81 -24.24
N GLY C 311 -17.45 -23.41 -23.15
CA GLY C 311 -16.07 -23.28 -22.75
C GLY C 311 -15.84 -23.92 -21.41
N ILE C 312 -14.77 -23.51 -20.75
CA ILE C 312 -14.48 -23.96 -19.40
C ILE C 312 -14.00 -22.78 -18.59
N TYR C 313 -14.85 -22.26 -17.73
CA TYR C 313 -14.56 -21.06 -16.96
C TYR C 313 -14.16 -21.43 -15.54
N GLN C 314 -13.23 -20.69 -14.98
CA GLN C 314 -12.83 -20.89 -13.60
C GLN C 314 -13.67 -19.98 -12.72
N THR C 315 -14.26 -20.54 -11.68
CA THR C 315 -15.19 -19.80 -10.83
C THR C 315 -14.73 -19.67 -9.39
N SER C 316 -14.43 -20.79 -8.74
CA SER C 316 -14.25 -20.78 -7.29
C SER C 316 -12.90 -21.34 -6.90
N ASN C 317 -12.73 -21.63 -5.61
CA ASN C 317 -11.48 -22.22 -5.12
C ASN C 317 -11.81 -23.24 -4.04
N PHE C 318 -11.77 -24.51 -4.41
CA PHE C 318 -11.90 -25.56 -3.41
C PHE C 318 -10.78 -25.44 -2.40
N ARG C 319 -11.10 -25.68 -1.13
CA ARG C 319 -10.10 -25.59 -0.07
C ARG C 319 -10.57 -26.40 1.11
N VAL C 320 -9.89 -27.53 1.38
CA VAL C 320 -10.30 -28.38 2.47
C VAL C 320 -10.12 -27.63 3.77
N GLN C 321 -11.12 -27.69 4.64
CA GLN C 321 -10.85 -26.85 5.81
C GLN C 321 -10.30 -27.70 6.95
N PRO C 322 -9.38 -27.13 7.72
CA PRO C 322 -8.79 -27.89 8.83
C PRO C 322 -9.85 -28.39 9.79
N THR C 323 -9.84 -29.69 10.02
CA THR C 323 -10.93 -30.31 10.79
C THR C 323 -10.76 -30.10 12.28
N GLU C 324 -9.72 -30.68 12.87
CA GLU C 324 -9.55 -30.61 14.31
C GLU C 324 -8.15 -30.10 14.62
N SER C 325 -8.02 -29.46 15.78
CA SER C 325 -6.70 -29.01 16.21
C SER C 325 -5.94 -30.14 16.88
N ILE C 326 -4.63 -29.94 17.00
CA ILE C 326 -3.76 -30.91 17.64
C ILE C 326 -2.59 -30.14 18.24
N VAL C 327 -2.06 -30.66 19.33
CA VAL C 327 -1.00 -29.97 20.08
C VAL C 327 -0.08 -31.03 20.67
N ARG C 328 1.21 -30.92 20.38
CA ARG C 328 2.17 -31.92 20.82
C ARG C 328 3.38 -31.24 21.43
N PHE C 329 3.60 -31.49 22.71
CA PHE C 329 4.69 -30.98 23.51
C PHE C 329 5.47 -32.16 24.07
N PRO C 330 6.70 -31.95 24.52
CA PRO C 330 7.50 -33.09 25.01
C PRO C 330 6.87 -33.73 26.23
N ASN C 331 7.42 -34.89 26.60
CA ASN C 331 6.94 -35.60 27.77
C ASN C 331 7.01 -34.72 29.00
N ILE C 332 5.91 -34.65 29.76
CA ILE C 332 5.88 -33.81 30.94
C ILE C 332 6.62 -34.52 32.06
N THR C 333 7.94 -34.33 32.13
CA THR C 333 8.77 -34.99 33.12
C THR C 333 9.57 -33.94 33.86
N ASN C 334 10.55 -34.38 34.66
CA ASN C 334 11.38 -33.46 35.43
C ASN C 334 10.52 -32.62 36.37
N LEU C 335 9.54 -33.27 36.98
CA LEU C 335 8.55 -32.56 37.79
C LEU C 335 9.20 -31.88 38.98
N CYS C 336 8.66 -30.73 39.36
CA CYS C 336 9.24 -29.97 40.46
C CYS C 336 9.10 -30.75 41.77
N PRO C 337 10.12 -30.76 42.62
CA PRO C 337 10.06 -31.52 43.87
C PRO C 337 9.29 -30.79 44.97
N PHE C 338 8.06 -30.39 44.66
CA PHE C 338 7.23 -29.75 45.67
C PHE C 338 6.83 -30.72 46.77
N GLY C 339 6.91 -32.02 46.50
CA GLY C 339 6.69 -32.98 47.57
C GLY C 339 7.71 -32.83 48.68
N GLU C 340 8.94 -32.51 48.33
CA GLU C 340 9.99 -32.31 49.33
C GLU C 340 9.62 -31.20 50.31
N VAL C 341 9.24 -30.03 49.80
CA VAL C 341 8.93 -28.90 50.67
C VAL C 341 7.60 -29.08 51.38
N PHE C 342 6.55 -29.44 50.66
CA PHE C 342 5.23 -29.53 51.28
C PHE C 342 5.15 -30.70 52.24
N ASN C 343 5.50 -31.91 51.78
CA ASN C 343 5.39 -33.11 52.58
C ASN C 343 6.63 -33.37 53.42
N ALA C 344 7.38 -32.33 53.78
CA ALA C 344 8.59 -32.51 54.56
C ALA C 344 8.27 -33.11 55.92
N THR C 345 9.22 -33.86 56.47
CA THR C 345 9.04 -34.39 57.82
C THR C 345 9.56 -33.43 58.87
N ARG C 346 10.57 -32.63 58.53
CA ARG C 346 11.21 -31.71 59.46
C ARG C 346 10.95 -30.28 58.97
N PHE C 347 9.95 -29.63 59.55
CA PHE C 347 9.68 -28.25 59.22
C PHE C 347 10.60 -27.34 60.05
N ALA C 348 10.75 -26.11 59.59
CA ALA C 348 11.63 -25.14 60.23
C ALA C 348 10.82 -24.18 61.10
N SER C 349 11.41 -23.77 62.21
CA SER C 349 10.75 -22.84 63.11
C SER C 349 10.61 -21.48 62.47
N VAL C 350 9.73 -20.65 63.05
CA VAL C 350 9.39 -19.39 62.40
C VAL C 350 10.42 -18.30 62.69
N TYR C 351 11.13 -18.37 63.82
CA TYR C 351 12.20 -17.41 64.05
C TYR C 351 13.37 -17.63 63.11
N ALA C 352 13.44 -18.78 62.45
CA ALA C 352 14.42 -19.04 61.42
C ALA C 352 13.71 -19.34 60.12
N TRP C 353 12.72 -18.52 59.78
CA TRP C 353 11.86 -18.80 58.64
C TRP C 353 12.68 -18.97 57.36
N ASN C 354 12.24 -19.90 56.53
CA ASN C 354 13.07 -20.51 55.51
C ASN C 354 12.92 -19.79 54.17
N ARG C 355 13.66 -20.27 53.18
CA ARG C 355 13.58 -19.78 51.80
C ARG C 355 14.29 -20.79 50.93
N LYS C 356 13.79 -20.97 49.70
CA LYS C 356 14.34 -21.96 48.80
C LYS C 356 14.10 -21.53 47.36
N ARG C 357 15.18 -21.22 46.65
CA ARG C 357 15.08 -20.87 45.23
C ARG C 357 14.94 -22.15 44.42
N ILE C 358 13.90 -22.23 43.60
CA ILE C 358 13.62 -23.40 42.78
C ILE C 358 13.67 -22.98 41.32
N SER C 359 14.55 -23.62 40.55
CA SER C 359 14.74 -23.32 39.14
C SER C 359 14.64 -24.61 38.33
N ASN C 360 14.77 -24.45 37.00
CA ASN C 360 14.63 -25.50 35.99
C ASN C 360 13.55 -26.51 36.38
N CYS C 361 12.40 -26.00 36.80
CA CYS C 361 11.28 -26.82 37.23
C CYS C 361 10.13 -26.72 36.25
N VAL C 362 9.35 -27.80 36.19
CA VAL C 362 8.00 -27.73 35.67
C VAL C 362 7.07 -27.82 36.88
N ALA C 363 6.36 -26.74 37.16
CA ALA C 363 5.61 -26.60 38.40
C ALA C 363 4.12 -26.67 38.09
N ASP C 364 3.52 -27.82 38.37
CA ASP C 364 2.09 -27.99 38.22
C ASP C 364 1.41 -27.48 39.48
N TYR C 365 1.05 -26.20 39.46
CA TYR C 365 0.42 -25.60 40.63
C TYR C 365 -0.94 -26.23 40.91
N SER C 366 -1.62 -26.72 39.88
CA SER C 366 -2.98 -27.21 40.06
C SER C 366 -3.01 -28.59 40.71
N VAL C 367 -1.98 -29.41 40.54
CA VAL C 367 -2.00 -30.73 41.16
C VAL C 367 -1.93 -30.62 42.67
N LEU C 368 -1.49 -29.48 43.20
CA LEU C 368 -1.59 -29.21 44.63
C LEU C 368 -2.71 -28.26 44.97
N TYR C 369 -3.17 -27.45 44.00
CA TYR C 369 -4.36 -26.64 44.24
C TYR C 369 -5.58 -27.52 44.45
N ASN C 370 -5.66 -28.64 43.74
CA ASN C 370 -6.72 -29.62 43.91
C ASN C 370 -6.27 -30.72 44.86
N SER C 371 -5.90 -30.32 46.07
CA SER C 371 -5.45 -31.26 47.10
C SER C 371 -6.38 -31.36 48.29
N ALA C 372 -7.13 -30.30 48.61
CA ALA C 372 -8.10 -30.29 49.70
C ALA C 372 -7.46 -30.55 51.05
N SER C 373 -6.13 -30.68 51.08
CA SER C 373 -5.39 -30.77 52.33
C SER C 373 -4.96 -29.41 52.83
N PHE C 374 -5.39 -28.34 52.18
CA PHE C 374 -5.01 -26.99 52.55
C PHE C 374 -6.16 -26.29 53.26
N SER C 375 -5.80 -25.34 54.12
CA SER C 375 -6.82 -24.49 54.74
C SER C 375 -7.20 -23.33 53.84
N THR C 376 -6.26 -22.86 53.01
CA THR C 376 -6.54 -21.76 52.11
C THR C 376 -5.44 -21.69 51.06
N PHE C 377 -5.85 -21.35 49.84
CA PHE C 377 -4.94 -21.04 48.74
C PHE C 377 -5.22 -19.59 48.37
N LYS C 378 -4.64 -18.69 49.14
CA LYS C 378 -4.96 -17.26 49.06
C LYS C 378 -3.92 -16.59 48.18
N CYS C 379 -4.11 -16.69 46.87
CA CYS C 379 -3.18 -16.09 45.93
C CYS C 379 -3.23 -14.58 46.01
N TYR C 380 -2.08 -13.95 45.77
CA TYR C 380 -1.95 -12.51 45.85
C TYR C 380 -1.17 -12.04 44.63
N GLY C 381 -1.85 -11.34 43.73
CA GLY C 381 -1.23 -10.90 42.49
C GLY C 381 -1.75 -11.69 41.30
N VAL C 382 -2.08 -12.96 41.52
CA VAL C 382 -2.57 -13.84 40.47
C VAL C 382 -3.71 -14.68 41.04
N SER C 383 -4.26 -15.58 40.21
CA SER C 383 -5.39 -16.44 40.53
C SER C 383 -4.91 -17.82 40.97
N PRO C 384 -5.75 -18.56 41.72
CA PRO C 384 -5.35 -19.93 42.09
C PRO C 384 -5.06 -20.81 40.89
N THR C 385 -6.00 -20.91 39.96
CA THR C 385 -5.73 -21.49 38.66
C THR C 385 -4.99 -20.45 37.81
N LYS C 386 -4.84 -20.73 36.53
CA LYS C 386 -4.18 -19.79 35.60
C LYS C 386 -2.76 -19.48 36.06
N LEU C 387 -2.11 -20.44 36.71
CA LEU C 387 -0.69 -20.38 37.01
C LEU C 387 0.14 -21.24 36.07
N ASN C 388 -0.40 -22.40 35.66
CA ASN C 388 0.31 -23.30 34.76
C ASN C 388 0.69 -22.62 33.45
N ASP C 389 0.04 -21.52 33.11
CA ASP C 389 0.39 -20.72 31.95
C ASP C 389 1.28 -19.54 32.31
N LEU C 390 2.12 -19.70 33.32
CA LEU C 390 3.07 -18.68 33.73
C LEU C 390 4.48 -19.24 33.71
N CYS C 391 5.44 -18.36 33.44
CA CYS C 391 6.84 -18.75 33.32
C CYS C 391 7.67 -17.74 34.10
N PHE C 392 8.04 -18.09 35.32
CA PHE C 392 8.82 -17.22 36.18
C PHE C 392 10.28 -17.65 36.18
N THR C 393 11.12 -16.80 36.75
CA THR C 393 12.53 -17.16 36.86
C THR C 393 12.75 -18.15 37.99
N ASN C 394 12.28 -17.82 39.19
CA ASN C 394 12.43 -18.70 40.34
C ASN C 394 11.25 -18.52 41.27
N VAL C 395 11.02 -19.54 42.11
CA VAL C 395 10.00 -19.48 43.14
C VAL C 395 10.66 -19.78 44.48
N TYR C 396 10.07 -19.22 45.54
CA TYR C 396 10.66 -19.27 46.88
C TYR C 396 9.71 -19.96 47.83
N ALA C 397 10.14 -21.07 48.41
CA ALA C 397 9.31 -21.92 49.26
C ALA C 397 9.71 -21.75 50.72
N ASP C 398 9.01 -20.88 51.43
CA ASP C 398 9.20 -20.72 52.86
C ASP C 398 8.52 -21.86 53.60
N SER C 399 9.19 -22.42 54.60
CA SER C 399 8.69 -23.62 55.29
C SER C 399 8.74 -23.39 56.80
N PHE C 400 7.70 -22.76 57.34
CA PHE C 400 7.60 -22.52 58.77
C PHE C 400 6.17 -22.76 59.22
N VAL C 401 5.98 -22.81 60.53
CA VAL C 401 4.69 -23.12 61.13
C VAL C 401 4.28 -21.99 62.06
N ILE C 402 2.99 -21.69 62.08
CA ILE C 402 2.44 -20.61 62.88
C ILE C 402 1.17 -21.11 63.54
N ARG C 403 0.43 -20.22 64.21
CA ARG C 403 -0.85 -20.59 64.78
C ARG C 403 -1.96 -20.23 63.79
N GLY C 404 -3.20 -20.54 64.19
CA GLY C 404 -4.32 -20.37 63.28
C GLY C 404 -4.53 -18.92 62.87
N ASP C 405 -4.66 -18.02 63.85
CA ASP C 405 -4.94 -16.63 63.52
C ASP C 405 -3.75 -15.97 62.83
N GLU C 406 -2.55 -16.51 63.02
CA GLU C 406 -1.40 -15.96 62.32
C GLU C 406 -1.46 -16.24 60.83
N VAL C 407 -2.29 -17.18 60.39
CA VAL C 407 -2.58 -17.30 58.97
C VAL C 407 -3.21 -16.02 58.45
N ARG C 408 -4.29 -15.59 59.11
CA ARG C 408 -4.88 -14.30 58.77
C ARG C 408 -3.87 -13.18 58.91
N GLN C 409 -2.95 -13.29 59.87
CA GLN C 409 -1.87 -12.32 59.96
C GLN C 409 -1.06 -12.28 58.67
N ILE C 410 -0.76 -13.44 58.11
CA ILE C 410 0.01 -13.51 56.87
C ILE C 410 -0.87 -13.03 55.72
N ALA C 411 -0.53 -11.88 55.15
CA ALA C 411 -1.23 -11.26 54.04
C ALA C 411 -0.42 -10.04 53.60
N PRO C 412 -0.60 -9.55 52.37
CA PRO C 412 0.28 -8.47 51.88
C PRO C 412 0.13 -7.19 52.69
N GLY C 413 1.26 -6.68 53.18
CA GLY C 413 1.27 -5.42 53.89
C GLY C 413 0.40 -5.37 55.12
N GLN C 414 0.58 -6.31 56.04
CA GLN C 414 -0.29 -6.43 57.20
C GLN C 414 0.32 -5.75 58.42
N THR C 415 -0.46 -5.74 59.51
CA THR C 415 0.00 -5.27 60.80
C THR C 415 -0.35 -6.34 61.83
N GLY C 416 0.66 -7.09 62.26
CA GLY C 416 0.42 -8.19 63.17
C GLY C 416 1.70 -8.91 63.52
N LYS C 417 1.79 -9.41 64.76
CA LYS C 417 3.05 -9.89 65.35
C LYS C 417 3.94 -10.61 64.35
N ILE C 418 3.40 -11.59 63.64
CA ILE C 418 4.25 -12.36 62.72
C ILE C 418 4.59 -11.53 61.49
N ALA C 419 3.60 -10.84 60.91
CA ALA C 419 3.87 -10.00 59.75
C ALA C 419 4.78 -8.82 60.08
N ASP C 420 5.05 -8.59 61.37
CA ASP C 420 5.88 -7.47 61.79
C ASP C 420 7.24 -7.89 62.32
N TYR C 421 7.40 -9.13 62.78
CA TYR C 421 8.67 -9.53 63.36
C TYR C 421 9.20 -10.87 62.87
N ASN C 422 8.46 -11.61 62.05
CA ASN C 422 8.95 -12.89 61.57
C ASN C 422 9.05 -12.98 60.06
N TYR C 423 8.02 -12.58 59.33
CA TYR C 423 8.00 -12.77 57.89
C TYR C 423 7.20 -11.62 57.27
N LYS C 424 7.91 -10.56 56.90
CA LYS C 424 7.26 -9.32 56.45
C LYS C 424 7.06 -9.40 54.95
N LEU C 425 5.84 -9.75 54.54
CA LEU C 425 5.51 -9.73 53.13
C LEU C 425 5.65 -8.32 52.58
N PRO C 426 6.23 -8.15 51.40
CA PRO C 426 6.07 -6.88 50.69
C PRO C 426 4.64 -6.72 50.22
N ASP C 427 4.25 -5.46 50.01
CA ASP C 427 2.86 -5.21 49.61
C ASP C 427 2.61 -5.62 48.16
N ASP C 428 3.65 -5.75 47.35
CA ASP C 428 3.54 -6.23 45.97
C ASP C 428 3.91 -7.70 45.85
N PHE C 429 3.59 -8.49 46.88
CA PHE C 429 3.96 -9.90 46.89
C PHE C 429 3.15 -10.68 45.86
N THR C 430 3.86 -11.37 44.97
CA THR C 430 3.25 -12.12 43.89
C THR C 430 3.37 -13.60 44.23
N GLY C 431 2.31 -14.17 44.78
CA GLY C 431 2.33 -15.58 45.13
C GLY C 431 1.04 -16.01 45.77
N CYS C 432 1.09 -17.15 46.46
CA CYS C 432 -0.10 -17.72 47.08
C CYS C 432 0.31 -18.36 48.41
N VAL C 433 -0.10 -17.75 49.51
CA VAL C 433 0.09 -18.38 50.81
C VAL C 433 -0.75 -19.64 50.87
N ILE C 434 -0.15 -20.73 51.36
CA ILE C 434 -0.77 -22.05 51.35
C ILE C 434 -0.58 -22.63 52.74
N ALA C 435 -1.55 -22.41 53.62
CA ALA C 435 -1.46 -22.84 55.00
C ALA C 435 -2.50 -23.91 55.29
N TRP C 436 -2.17 -24.80 56.22
CA TRP C 436 -3.08 -25.86 56.62
C TRP C 436 -2.69 -26.34 58.01
N ASN C 437 -3.72 -26.68 58.79
CA ASN C 437 -3.50 -27.12 60.16
C ASN C 437 -2.64 -28.38 60.20
N SER C 438 -1.89 -28.52 61.29
CA SER C 438 -1.15 -29.75 61.54
C SER C 438 -1.34 -30.21 62.98
N ASN C 439 -2.47 -29.85 63.59
CA ASN C 439 -2.78 -30.34 64.93
C ASN C 439 -2.90 -31.86 64.96
N ASN C 440 -3.16 -32.48 63.81
CA ASN C 440 -3.11 -33.94 63.74
C ASN C 440 -1.70 -34.44 63.54
N LEU C 441 -0.79 -33.61 63.02
CA LEU C 441 0.52 -34.06 62.59
C LEU C 441 1.63 -33.54 63.50
N ASP C 442 1.78 -32.22 63.64
CA ASP C 442 2.89 -31.69 64.43
C ASP C 442 2.58 -31.58 65.91
N SER C 443 1.33 -31.44 66.29
CA SER C 443 0.99 -31.39 67.71
C SER C 443 1.38 -32.69 68.40
N LYS C 444 1.58 -32.60 69.70
CA LYS C 444 2.02 -33.73 70.50
C LYS C 444 1.66 -33.46 71.95
N VAL C 445 1.38 -34.53 72.69
CA VAL C 445 0.94 -34.39 74.08
C VAL C 445 1.98 -33.61 74.87
N GLY C 446 1.49 -32.86 75.87
CA GLY C 446 2.36 -32.01 76.67
C GLY C 446 2.79 -30.75 75.96
N GLY C 447 2.70 -30.75 74.62
CA GLY C 447 3.11 -29.59 73.85
C GLY C 447 4.23 -29.88 72.87
N ASN C 448 4.48 -28.95 71.96
CA ASN C 448 5.55 -29.04 70.97
C ASN C 448 6.37 -27.75 71.09
N TYR C 449 7.36 -27.78 71.98
CA TYR C 449 8.09 -26.58 72.38
C TYR C 449 9.24 -26.24 71.44
N ASN C 450 9.28 -26.80 70.24
CA ASN C 450 10.40 -26.59 69.34
C ASN C 450 10.29 -25.32 68.51
N TYR C 451 9.18 -24.60 68.60
CA TYR C 451 8.95 -23.43 67.76
C TYR C 451 9.11 -22.16 68.57
N LEU C 452 9.89 -21.22 68.05
CA LEU C 452 10.09 -19.92 68.65
C LEU C 452 9.68 -18.85 67.67
N TYR C 453 8.82 -17.94 68.09
CA TYR C 453 8.49 -16.78 67.28
C TYR C 453 9.16 -15.54 67.85
N ARG C 454 9.48 -14.60 66.96
CA ARG C 454 10.25 -13.43 67.36
C ARG C 454 9.39 -12.59 68.29
N LEU C 455 9.62 -12.75 69.59
CA LEU C 455 8.73 -12.18 70.60
C LEU C 455 8.64 -10.67 70.46
N PHE C 456 9.74 -9.98 70.70
CA PHE C 456 9.77 -8.52 70.59
C PHE C 456 11.08 -8.08 69.96
N ARG C 457 11.02 -6.99 69.22
CA ARG C 457 12.20 -6.34 68.67
C ARG C 457 11.84 -4.90 68.32
N LYS C 458 12.87 -4.06 68.19
CA LYS C 458 12.68 -2.62 68.14
C LYS C 458 11.83 -2.19 66.95
N SER C 459 11.98 -2.85 65.81
CA SER C 459 11.36 -2.36 64.59
C SER C 459 10.99 -3.52 63.68
N ASN C 460 10.07 -3.24 62.75
CA ASN C 460 9.67 -4.20 61.74
C ASN C 460 10.80 -4.45 60.75
N LEU C 461 10.62 -5.46 59.91
CA LEU C 461 11.66 -5.89 59.00
C LEU C 461 11.48 -5.28 57.61
N LYS C 462 12.53 -5.38 56.80
CA LYS C 462 12.41 -5.17 55.38
C LYS C 462 11.57 -6.29 54.78
N PRO C 463 11.09 -6.14 53.55
CA PRO C 463 10.38 -7.24 52.90
C PRO C 463 11.27 -8.47 52.78
N PHE C 464 10.74 -9.62 53.24
CA PHE C 464 11.43 -10.91 53.19
C PHE C 464 12.72 -10.91 54.01
N GLU C 465 12.85 -9.99 54.96
CA GLU C 465 14.06 -9.91 55.76
C GLU C 465 14.13 -11.09 56.72
N ARG C 466 15.20 -11.87 56.62
CA ARG C 466 15.38 -13.07 57.44
C ARG C 466 16.21 -12.69 58.65
N ASP C 467 15.53 -12.38 59.75
CA ASP C 467 16.20 -12.00 61.00
C ASP C 467 16.35 -13.22 61.88
N ILE C 468 17.60 -13.62 62.12
CA ILE C 468 17.91 -14.74 63.01
C ILE C 468 18.75 -14.32 64.20
N SER C 469 19.22 -13.07 64.23
CA SER C 469 20.08 -12.62 65.32
C SER C 469 19.37 -12.72 66.66
N THR C 470 20.06 -13.32 67.63
CA THR C 470 19.50 -13.56 68.96
C THR C 470 20.01 -12.54 69.98
N GLU C 471 20.30 -11.32 69.54
CA GLU C 471 20.73 -10.26 70.44
C GLU C 471 19.62 -9.96 71.44
N ILE C 472 19.86 -10.28 72.72
CA ILE C 472 18.84 -10.10 73.74
C ILE C 472 18.38 -8.65 73.76
N TYR C 473 17.06 -8.47 73.94
CA TYR C 473 16.44 -7.16 73.81
C TYR C 473 17.10 -6.14 74.73
N GLN C 474 17.51 -5.02 74.13
CA GLN C 474 18.06 -3.89 74.88
C GLN C 474 16.98 -2.85 75.07
N ALA C 475 16.78 -2.43 76.31
CA ALA C 475 15.77 -1.43 76.65
C ALA C 475 16.05 -0.95 78.07
N GLY C 476 15.39 0.13 78.45
CA GLY C 476 15.75 0.84 79.67
C GLY C 476 16.82 1.89 79.39
N SER C 477 18.00 1.72 79.99
CA SER C 477 19.10 2.61 79.71
CA SER C 477 19.10 2.61 79.71
C SER C 477 20.46 1.92 79.68
N THR C 478 20.51 0.60 79.82
CA THR C 478 21.78 -0.12 79.88
C THR C 478 21.72 -1.38 79.05
N PRO C 479 22.84 -1.78 78.45
CA PRO C 479 22.93 -3.11 77.86
C PRO C 479 22.79 -4.18 78.93
N CYS C 480 22.32 -5.36 78.53
CA CYS C 480 22.01 -6.39 79.51
C CYS C 480 23.24 -7.19 79.91
N ASN C 481 24.13 -7.48 78.96
CA ASN C 481 25.29 -8.35 79.18
C ASN C 481 24.84 -9.72 79.71
N GLY C 482 23.83 -10.28 79.04
CA GLY C 482 23.39 -11.64 79.35
C GLY C 482 22.48 -11.89 80.52
N VAL C 483 22.49 -10.99 81.51
CA VAL C 483 21.70 -11.22 82.73
C VAL C 483 20.21 -11.05 82.47
N GLU C 484 19.83 -10.28 81.44
CA GLU C 484 18.44 -10.06 81.08
C GLU C 484 17.66 -9.44 82.25
N GLY C 485 18.06 -8.22 82.60
CA GLY C 485 17.42 -7.49 83.67
C GLY C 485 16.10 -6.88 83.25
N PHE C 486 15.69 -5.86 83.99
CA PHE C 486 14.46 -5.14 83.69
C PHE C 486 14.55 -4.49 82.32
N ASN C 487 13.47 -4.58 81.55
CA ASN C 487 13.35 -4.14 80.18
C ASN C 487 14.26 -4.94 79.24
N CYS C 488 15.03 -5.90 79.76
CA CYS C 488 15.86 -6.79 78.94
C CYS C 488 15.14 -8.13 78.83
N TYR C 489 14.99 -8.62 77.60
CA TYR C 489 14.20 -9.80 77.36
C TYR C 489 14.79 -10.57 76.19
N PHE C 490 14.34 -11.81 76.01
CA PHE C 490 14.70 -12.58 74.85
C PHE C 490 13.86 -12.15 73.64
N PRO C 491 14.47 -12.08 72.46
CA PRO C 491 13.69 -11.71 71.27
C PRO C 491 12.77 -12.81 70.75
N LEU C 492 12.77 -13.98 71.37
CA LEU C 492 12.02 -15.13 70.88
C LEU C 492 11.18 -15.71 72.00
N GLN C 493 10.10 -16.40 71.62
CA GLN C 493 9.20 -17.04 72.57
C GLN C 493 8.79 -18.40 72.06
N SER C 494 8.91 -19.42 72.91
CA SER C 494 8.55 -20.77 72.52
C SER C 494 7.03 -20.92 72.38
N TYR C 495 6.62 -21.77 71.45
CA TYR C 495 5.20 -22.02 71.25
C TYR C 495 4.66 -23.05 72.24
N GLY C 496 5.17 -24.28 72.16
CA GLY C 496 4.61 -25.37 72.94
C GLY C 496 3.21 -25.71 72.49
N PHE C 497 3.07 -26.18 71.25
CA PHE C 497 1.75 -26.47 70.68
C PHE C 497 1.04 -27.56 71.46
N GLN C 498 0.01 -27.21 72.18
CA GLN C 498 -0.77 -28.21 72.90
C GLN C 498 -1.85 -28.76 71.99
N PRO C 499 -2.00 -30.08 71.90
CA PRO C 499 -2.96 -30.64 70.92
C PRO C 499 -4.40 -30.28 71.20
N THR C 500 -4.72 -29.81 72.40
CA THR C 500 -6.07 -29.40 72.74
C THR C 500 -6.28 -27.90 72.63
N ASN C 501 -5.29 -27.16 72.15
CA ASN C 501 -5.47 -25.73 71.95
C ASN C 501 -6.47 -25.46 70.86
N GLY C 502 -7.14 -24.31 70.96
CA GLY C 502 -8.15 -23.95 69.98
C GLY C 502 -7.55 -23.67 68.62
N VAL C 503 -8.43 -23.42 67.65
CA VAL C 503 -8.01 -23.17 66.28
C VAL C 503 -7.08 -21.96 66.22
N GLY C 504 -7.23 -21.02 67.16
CA GLY C 504 -6.35 -19.88 67.21
C GLY C 504 -4.94 -20.21 67.67
N TYR C 505 -4.74 -21.39 68.25
CA TYR C 505 -3.43 -21.81 68.73
C TYR C 505 -3.00 -23.15 68.15
N GLN C 506 -3.65 -23.62 67.10
CA GLN C 506 -3.24 -24.91 66.56
C GLN C 506 -2.19 -24.72 65.47
N PRO C 507 -1.25 -25.65 65.33
CA PRO C 507 -0.18 -25.48 64.33
C PRO C 507 -0.72 -25.61 62.92
N TYR C 508 -0.49 -24.57 62.13
CA TYR C 508 -0.87 -24.53 60.72
C TYR C 508 0.42 -24.37 59.92
N ARG C 509 1.04 -25.49 59.54
CA ARG C 509 2.21 -25.42 58.70
C ARG C 509 1.91 -24.60 57.45
N VAL C 510 2.61 -23.48 57.29
CA VAL C 510 2.38 -22.57 56.18
C VAL C 510 3.58 -22.64 55.25
N VAL C 511 3.32 -22.53 53.95
CA VAL C 511 4.37 -22.49 52.94
C VAL C 511 3.93 -21.49 51.89
N VAL C 512 4.61 -20.36 51.81
CA VAL C 512 4.25 -19.26 50.92
C VAL C 512 5.24 -19.21 49.78
N LEU C 513 4.73 -19.07 48.57
CA LEU C 513 5.55 -19.05 47.37
C LEU C 513 5.54 -17.66 46.75
N SER C 514 6.65 -17.29 46.13
CA SER C 514 6.81 -16.00 45.48
C SER C 514 7.33 -16.20 44.07
N PHE C 515 7.12 -15.19 43.23
CA PHE C 515 7.43 -15.27 41.82
C PHE C 515 8.35 -14.11 41.44
N GLU C 516 9.51 -14.43 40.91
CA GLU C 516 10.51 -13.45 40.51
C GLU C 516 10.68 -13.51 39.00
N LEU C 517 10.70 -12.34 38.36
CA LEU C 517 10.90 -12.25 36.91
C LEU C 517 11.96 -11.21 36.62
N LEU C 518 13.10 -11.65 36.12
CA LEU C 518 14.23 -10.76 35.85
C LEU C 518 14.54 -10.70 34.35
N ALA C 520 16.54 -12.13 31.85
CA ALA C 520 16.83 -13.52 32.15
C ALA C 520 15.72 -14.43 31.63
N PRO C 521 16.06 -15.69 31.34
CA PRO C 521 15.06 -16.64 30.86
C PRO C 521 14.36 -17.37 31.99
N ALA C 522 13.09 -17.69 31.74
CA ALA C 522 12.25 -18.33 32.75
C ALA C 522 12.50 -19.83 32.72
N THR C 523 12.91 -20.38 33.87
CA THR C 523 13.22 -21.79 33.97
C THR C 523 12.11 -22.59 34.65
N VAL C 524 11.08 -21.92 35.19
CA VAL C 524 9.97 -22.62 35.82
C VAL C 524 8.68 -22.26 35.08
N CYS C 525 7.96 -23.29 34.65
CA CYS C 525 6.71 -23.12 33.93
C CYS C 525 5.81 -24.31 34.22
N GLY C 526 4.51 -24.06 34.26
CA GLY C 526 3.55 -25.12 34.42
C GLY C 526 3.57 -26.04 33.22
N PRO C 527 3.16 -27.29 33.40
CA PRO C 527 3.21 -28.25 32.30
C PRO C 527 2.31 -27.81 31.15
N LYS C 528 2.44 -28.49 30.02
CA LYS C 528 1.59 -28.22 28.87
C LYS C 528 0.96 -29.53 28.41
N LYS C 529 -0.33 -29.49 28.14
CA LYS C 529 -1.02 -30.67 27.64
C LYS C 529 -0.46 -31.09 26.29
N SER C 530 -0.72 -32.34 25.94
CA SER C 530 -0.30 -32.88 24.65
C SER C 530 -1.36 -33.88 24.22
N THR C 531 -2.14 -33.51 23.20
CA THR C 531 -3.28 -34.32 22.80
C THR C 531 -2.80 -35.60 22.13
N ASN C 532 -3.76 -36.36 21.62
CA ASN C 532 -3.41 -37.52 20.82
C ASN C 532 -2.95 -37.08 19.44
N LEU C 533 -2.42 -38.03 18.67
CA LEU C 533 -1.83 -37.75 17.37
C LEU C 533 -2.73 -38.28 16.27
N VAL C 534 -3.16 -37.39 15.38
CA VAL C 534 -4.04 -37.74 14.27
C VAL C 534 -3.24 -37.62 12.98
N LYS C 535 -3.39 -38.60 12.11
CA LYS C 535 -2.67 -38.62 10.84
C LYS C 535 -3.66 -38.68 9.67
N ASN C 536 -3.22 -38.14 8.54
CA ASN C 536 -3.98 -38.18 7.29
C ASN C 536 -5.29 -37.40 7.40
N LYS C 537 -5.25 -36.23 8.04
CA LYS C 537 -6.40 -35.35 8.11
C LYS C 537 -5.91 -33.92 8.14
N CYS C 538 -6.53 -33.04 7.36
CA CYS C 538 -6.12 -31.64 7.37
C CYS C 538 -6.45 -31.07 8.74
N VAL C 539 -5.42 -30.92 9.57
CA VAL C 539 -5.54 -30.49 10.95
C VAL C 539 -4.80 -29.18 11.10
N ASN C 540 -5.01 -28.54 12.25
CA ASN C 540 -4.29 -27.32 12.59
C ASN C 540 -3.31 -27.69 13.70
N PHE C 541 -2.14 -28.18 13.31
CA PHE C 541 -1.21 -28.72 14.28
C PHE C 541 -0.52 -27.60 15.04
N ASN C 542 0.08 -27.97 16.17
CA ASN C 542 0.93 -27.07 16.94
C ASN C 542 1.95 -27.95 17.67
N PHE C 543 3.09 -28.15 17.04
CA PHE C 543 4.19 -28.80 17.72
C PHE C 543 4.92 -27.76 18.55
N ASN C 544 5.76 -28.24 19.48
CA ASN C 544 6.13 -27.48 20.67
C ASN C 544 6.29 -25.98 20.42
N GLY C 545 6.99 -25.63 19.35
CA GLY C 545 7.11 -24.22 19.03
C GLY C 545 6.27 -23.78 17.85
N LEU C 546 6.25 -24.58 16.79
CA LEU C 546 5.72 -24.14 15.50
C LEU C 546 4.28 -24.56 15.33
N THR C 547 3.56 -23.79 14.53
CA THR C 547 2.14 -23.99 14.25
C THR C 547 1.98 -24.24 12.75
N GLY C 548 0.72 -24.27 12.31
CA GLY C 548 0.41 -24.44 10.90
C GLY C 548 -0.54 -25.59 10.68
N THR C 549 -1.05 -25.65 9.44
CA THR C 549 -2.06 -26.62 9.06
C THR C 549 -1.52 -27.51 7.96
N GLY C 550 -1.83 -28.80 8.05
CA GLY C 550 -1.35 -29.74 7.06
C GLY C 550 -1.90 -31.12 7.34
N VAL C 551 -1.27 -32.12 6.73
CA VAL C 551 -1.71 -33.51 6.83
C VAL C 551 -0.50 -34.33 7.24
N LEU C 552 -0.46 -34.74 8.50
CA LEU C 552 0.71 -35.42 9.03
C LEU C 552 0.70 -36.88 8.63
N THR C 553 1.71 -37.31 7.90
CA THR C 553 1.85 -38.70 7.47
C THR C 553 3.15 -39.26 8.00
N GLU C 554 3.15 -40.53 8.36
CA GLU C 554 4.39 -41.17 8.81
C GLU C 554 5.40 -41.19 7.67
N SER C 555 6.56 -40.60 7.92
CA SER C 555 7.57 -40.42 6.89
C SER C 555 8.67 -41.46 7.04
N ASN C 556 9.74 -41.30 6.26
CA ASN C 556 10.95 -42.08 6.40
C ASN C 556 12.18 -41.20 6.39
N LYS C 557 12.02 -39.88 6.54
CA LYS C 557 13.16 -39.00 6.67
C LYS C 557 13.85 -39.23 8.00
N LYS C 558 15.16 -39.36 7.97
CA LYS C 558 15.94 -39.72 9.15
C LYS C 558 16.68 -38.47 9.64
N PHE C 559 16.05 -37.74 10.55
CA PHE C 559 16.70 -36.57 11.12
C PHE C 559 17.98 -36.97 11.86
N LEU C 560 18.72 -35.99 12.24
CA LEU C 560 19.83 -36.22 13.15
C LEU C 560 19.36 -36.15 14.59
N PRO C 561 20.06 -36.86 15.48
CA PRO C 561 19.58 -37.00 16.86
C PRO C 561 19.11 -35.74 17.57
N PHE C 562 19.48 -34.57 17.08
CA PHE C 562 19.12 -33.34 17.76
C PHE C 562 18.18 -32.45 16.98
N GLN C 563 17.93 -32.73 15.71
CA GLN C 563 17.18 -31.81 14.88
C GLN C 563 15.72 -31.81 15.29
N GLN C 564 14.97 -30.81 14.84
CA GLN C 564 13.56 -30.79 15.21
C GLN C 564 12.61 -30.59 14.05
N PHE C 565 12.99 -29.84 13.03
CA PHE C 565 12.12 -29.66 11.88
C PHE C 565 12.78 -30.23 10.65
N GLY C 566 12.16 -29.95 9.51
CA GLY C 566 12.84 -30.00 8.23
C GLY C 566 12.42 -28.79 7.43
N ARG C 567 13.06 -28.59 6.29
CA ARG C 567 12.65 -27.47 5.47
C ARG C 567 12.88 -27.80 4.00
N ASP C 568 12.21 -27.03 3.15
CA ASP C 568 12.24 -27.20 1.71
C ASP C 568 13.18 -26.18 1.10
N ILE C 569 13.41 -26.33 -0.21
CA ILE C 569 14.35 -25.49 -0.92
C ILE C 569 13.95 -24.02 -0.86
N ALA C 570 12.70 -23.73 -0.50
CA ALA C 570 12.23 -22.36 -0.34
C ALA C 570 11.97 -22.01 1.12
N ASP C 571 12.49 -22.81 2.05
CA ASP C 571 12.34 -22.58 3.48
C ASP C 571 10.87 -22.55 3.90
N THR C 572 10.19 -23.66 3.61
CA THR C 572 8.86 -23.96 4.12
C THR C 572 8.95 -25.27 4.89
N THR C 573 8.22 -25.36 5.99
CA THR C 573 8.29 -26.56 6.82
C THR C 573 7.86 -27.77 6.01
N ASP C 574 8.59 -28.87 6.19
CA ASP C 574 8.35 -30.08 5.42
C ASP C 574 8.35 -31.34 6.26
N ALA C 575 8.84 -31.29 7.49
CA ALA C 575 8.82 -32.45 8.36
C ALA C 575 8.96 -31.96 9.78
N VAL C 576 8.39 -32.70 10.71
CA VAL C 576 8.47 -32.35 12.13
C VAL C 576 8.72 -33.62 12.92
N ARG C 577 9.57 -33.53 13.93
CA ARG C 577 9.89 -34.66 14.77
C ARG C 577 8.90 -34.70 15.92
N ASP C 578 8.17 -35.78 16.04
CA ASP C 578 7.11 -35.88 17.03
C ASP C 578 7.72 -35.87 18.43
N PRO C 579 7.48 -34.83 19.24
CA PRO C 579 8.26 -34.66 20.47
C PRO C 579 7.90 -35.61 21.59
N GLN C 580 6.97 -36.55 21.39
CA GLN C 580 6.71 -37.57 22.40
C GLN C 580 7.29 -38.91 21.99
N THR C 581 6.94 -39.39 20.81
CA THR C 581 7.57 -40.56 20.22
C THR C 581 8.38 -40.09 19.02
N LEU C 582 9.69 -40.29 19.07
CA LEU C 582 10.56 -39.71 18.07
C LEU C 582 10.41 -40.41 16.74
N GLU C 583 9.27 -40.20 16.08
CA GLU C 583 8.99 -40.71 14.76
C GLU C 583 8.72 -39.53 13.84
N ILE C 584 9.54 -39.39 12.81
CA ILE C 584 9.60 -38.17 12.02
C ILE C 584 8.43 -38.14 11.06
N LEU C 585 7.55 -37.16 11.21
CA LEU C 585 6.40 -37.01 10.34
C LEU C 585 6.74 -36.14 9.13
N ASP C 586 6.05 -36.39 8.04
CA ASP C 586 6.04 -35.46 6.92
C ASP C 586 4.95 -34.44 7.14
N ILE C 587 4.78 -33.53 6.19
CA ILE C 587 3.72 -32.53 6.26
C ILE C 587 3.29 -32.19 4.84
N THR C 588 1.99 -32.30 4.58
CA THR C 588 1.44 -32.02 3.29
C THR C 588 0.40 -30.91 3.42
N PRO C 589 0.52 -29.82 2.68
CA PRO C 589 -0.53 -28.79 2.72
C PRO C 589 -1.83 -29.38 2.22
N CYS C 590 -2.85 -29.36 3.08
CA CYS C 590 -4.09 -30.01 2.73
C CYS C 590 -4.73 -29.33 1.52
N SER C 591 -5.28 -30.15 0.63
CA SER C 591 -5.43 -29.76 -0.76
C SER C 591 -6.27 -28.52 -0.93
N PHE C 592 -5.84 -27.66 -1.84
CA PHE C 592 -6.63 -26.58 -2.39
C PHE C 592 -6.64 -26.73 -3.90
N GLY C 593 -7.09 -25.70 -4.59
CA GLY C 593 -7.07 -25.70 -6.04
C GLY C 593 -8.30 -25.06 -6.64
N GLY C 594 -8.11 -24.48 -7.82
CA GLY C 594 -9.23 -23.84 -8.49
C GLY C 594 -10.28 -24.83 -8.89
N VAL C 595 -11.46 -24.30 -9.20
CA VAL C 595 -12.60 -25.08 -9.62
C VAL C 595 -13.11 -24.49 -10.93
N SER C 596 -13.26 -25.33 -11.94
CA SER C 596 -13.67 -24.84 -13.24
C SER C 596 -14.94 -25.54 -13.67
N VAL C 597 -15.82 -24.80 -14.33
CA VAL C 597 -17.13 -25.29 -14.72
C VAL C 597 -17.13 -25.51 -16.21
N ILE C 598 -17.25 -26.76 -16.62
CA ILE C 598 -17.23 -27.14 -18.03
C ILE C 598 -18.67 -27.17 -18.52
N THR C 599 -18.99 -26.31 -19.48
CA THR C 599 -20.37 -26.21 -19.93
C THR C 599 -20.47 -26.02 -21.42
N PRO C 600 -21.31 -26.78 -22.10
CA PRO C 600 -21.80 -26.32 -23.39
C PRO C 600 -22.57 -25.03 -23.16
N GLY C 601 -22.54 -24.14 -24.15
CA GLY C 601 -23.21 -22.87 -23.99
C GLY C 601 -24.64 -23.02 -23.52
N THR C 602 -25.16 -22.06 -22.75
CA THR C 602 -26.55 -22.15 -22.34
C THR C 602 -27.48 -22.25 -23.54
N ASN C 603 -27.01 -21.85 -24.71
CA ASN C 603 -27.79 -22.02 -25.92
C ASN C 603 -28.12 -23.48 -26.19
N THR C 604 -27.36 -24.41 -25.64
CA THR C 604 -27.56 -25.82 -25.90
C THR C 604 -28.28 -26.51 -24.75
N SER C 605 -27.75 -26.41 -23.55
CA SER C 605 -28.38 -27.04 -22.41
C SER C 605 -27.90 -26.40 -21.12
N ASN C 606 -28.64 -26.64 -20.04
CA ASN C 606 -28.31 -26.16 -18.71
C ASN C 606 -27.46 -27.15 -17.94
N GLU C 607 -26.72 -27.99 -18.63
CA GLU C 607 -25.90 -29.02 -18.00
C GLU C 607 -24.49 -28.49 -17.84
N VAL C 608 -23.79 -29.00 -16.83
CA VAL C 608 -22.40 -28.64 -16.57
C VAL C 608 -21.65 -29.88 -16.08
N ALA C 609 -20.37 -29.70 -15.84
CA ALA C 609 -19.55 -30.74 -15.23
C ALA C 609 -18.33 -30.06 -14.64
N VAL C 610 -18.18 -30.17 -13.36
CA VAL C 610 -17.18 -29.42 -12.62
C VAL C 610 -15.86 -30.16 -12.66
N LEU C 611 -14.76 -29.41 -12.60
CA LEU C 611 -13.41 -29.96 -12.67
C LEU C 611 -12.59 -29.41 -11.51
N TYR C 612 -12.65 -30.08 -10.36
CA TYR C 612 -11.81 -29.68 -9.25
C TYR C 612 -10.35 -29.85 -9.63
N GLN C 613 -9.59 -28.77 -9.66
CA GLN C 613 -8.24 -28.80 -10.19
C GLN C 613 -7.28 -29.40 -9.17
N ASP C 614 -6.62 -30.49 -9.58
CA ASP C 614 -5.57 -31.12 -8.80
C ASP C 614 -6.04 -31.61 -7.44
N VAL C 615 -6.99 -32.55 -7.40
CA VAL C 615 -7.32 -33.31 -6.21
C VAL C 615 -7.36 -34.78 -6.59
N ASN C 616 -7.15 -35.64 -5.60
CA ASN C 616 -7.11 -37.08 -5.87
C ASN C 616 -8.51 -37.64 -6.09
N CYS C 617 -9.53 -36.79 -6.06
CA CYS C 617 -10.89 -37.13 -6.46
C CYS C 617 -11.60 -37.95 -5.39
N THR C 618 -11.00 -38.09 -4.22
CA THR C 618 -11.69 -38.63 -3.06
C THR C 618 -11.98 -37.58 -2.00
N GLU C 619 -11.64 -36.32 -2.26
CA GLU C 619 -11.74 -35.28 -1.26
C GLU C 619 -12.89 -34.31 -1.49
N VAL C 620 -13.42 -34.27 -2.71
CA VAL C 620 -14.50 -33.35 -3.03
C VAL C 620 -15.75 -33.68 -2.21
N ASN C 641 -19.44 -41.56 -13.86
CA ASN C 641 -20.00 -40.28 -13.43
C ASN C 641 -18.95 -39.42 -12.78
N VAL C 642 -17.89 -40.05 -12.28
CA VAL C 642 -16.79 -39.35 -11.62
C VAL C 642 -15.51 -39.84 -12.28
N PHE C 643 -15.02 -39.08 -13.24
CA PHE C 643 -13.80 -39.41 -13.96
C PHE C 643 -12.63 -38.68 -13.29
N GLN C 644 -11.52 -39.38 -13.13
CA GLN C 644 -10.30 -38.78 -12.59
C GLN C 644 -9.28 -38.68 -13.70
N THR C 645 -8.83 -37.46 -13.99
CA THR C 645 -7.85 -37.21 -15.04
C THR C 645 -6.59 -36.63 -14.44
N ARG C 646 -5.58 -36.44 -15.28
CA ARG C 646 -4.33 -35.86 -14.81
C ARG C 646 -4.45 -34.38 -14.48
N ALA C 647 -5.59 -33.77 -14.74
CA ALA C 647 -5.79 -32.36 -14.41
C ALA C 647 -6.56 -32.16 -13.12
N GLY C 648 -7.50 -33.03 -12.81
CA GLY C 648 -8.25 -32.91 -11.56
C GLY C 648 -9.19 -34.05 -11.34
N CYS C 649 -10.35 -33.78 -10.77
CA CYS C 649 -11.37 -34.81 -10.54
C CYS C 649 -12.62 -34.38 -11.28
N LEU C 650 -12.68 -34.69 -12.58
CA LEU C 650 -13.78 -34.24 -13.42
C LEU C 650 -15.08 -34.88 -12.95
N ILE C 651 -16.02 -34.07 -12.51
CA ILE C 651 -17.25 -34.53 -11.91
C ILE C 651 -18.39 -34.25 -12.87
N GLY C 652 -19.19 -35.26 -13.17
CA GLY C 652 -20.39 -35.08 -13.94
C GLY C 652 -20.26 -35.31 -15.43
N ALA C 653 -19.16 -35.93 -15.88
CA ALA C 653 -18.96 -36.20 -17.29
C ALA C 653 -18.50 -37.63 -17.46
N GLU C 654 -19.17 -38.37 -18.34
CA GLU C 654 -18.77 -39.73 -18.62
C GLU C 654 -17.38 -39.76 -19.23
N HIS C 655 -16.76 -40.94 -19.20
CA HIS C 655 -15.45 -41.15 -19.80
C HIS C 655 -15.60 -42.19 -20.89
N VAL C 656 -15.40 -41.78 -22.13
CA VAL C 656 -15.62 -42.64 -23.28
C VAL C 656 -14.29 -43.13 -23.80
N ASN C 657 -14.34 -44.26 -24.50
CA ASN C 657 -13.16 -44.85 -25.12
C ASN C 657 -12.97 -44.39 -26.56
N ASN C 658 -13.86 -43.56 -27.08
CA ASN C 658 -13.71 -43.01 -28.42
C ASN C 658 -12.74 -41.83 -28.37
N SER C 659 -12.71 -41.06 -29.46
CA SER C 659 -11.86 -39.88 -29.54
C SER C 659 -12.30 -39.01 -30.70
N TYR C 660 -12.47 -37.72 -30.45
CA TYR C 660 -12.86 -36.78 -31.48
C TYR C 660 -11.97 -35.55 -31.34
N GLU C 661 -12.19 -34.55 -32.18
CA GLU C 661 -11.42 -33.32 -32.08
C GLU C 661 -11.68 -32.67 -30.72
N CYS C 662 -10.82 -31.72 -30.36
CA CYS C 662 -10.92 -31.09 -29.05
C CYS C 662 -12.01 -30.03 -29.08
N ASP C 663 -13.03 -30.20 -28.25
CA ASP C 663 -14.15 -29.29 -28.19
C ASP C 663 -14.00 -28.28 -27.07
N ILE C 664 -13.86 -28.76 -25.83
CA ILE C 664 -13.59 -27.89 -24.69
C ILE C 664 -12.32 -28.39 -24.03
N PRO C 665 -11.22 -27.65 -24.11
CA PRO C 665 -9.94 -28.18 -23.64
C PRO C 665 -9.88 -28.22 -22.12
N ILE C 666 -9.56 -29.39 -21.57
CA ILE C 666 -9.43 -29.57 -20.14
C ILE C 666 -7.97 -29.48 -19.73
N GLY C 667 -7.16 -30.36 -20.26
CA GLY C 667 -5.75 -30.42 -19.93
C GLY C 667 -5.24 -31.84 -20.04
N ALA C 668 -3.92 -31.96 -20.13
CA ALA C 668 -3.25 -33.25 -20.15
C ALA C 668 -3.79 -34.16 -21.24
N GLY C 669 -4.31 -33.61 -22.31
CA GLY C 669 -4.76 -34.40 -23.43
C GLY C 669 -6.21 -34.78 -23.42
N ILE C 670 -6.98 -34.28 -22.47
CA ILE C 670 -8.41 -34.56 -22.39
C ILE C 670 -9.16 -33.36 -22.94
N CYS C 671 -10.26 -33.63 -23.62
CA CYS C 671 -11.16 -32.58 -24.07
C CYS C 671 -12.57 -33.08 -23.91
N ALA C 672 -13.45 -32.25 -23.35
CA ALA C 672 -14.80 -32.66 -23.05
C ALA C 672 -15.78 -32.00 -24.00
N SER C 673 -16.89 -32.69 -24.28
CA SER C 673 -17.87 -32.17 -25.22
C SER C 673 -19.25 -32.68 -24.88
N TYR C 674 -20.26 -31.99 -25.40
CA TYR C 674 -21.66 -32.34 -25.17
C TYR C 674 -22.17 -33.10 -26.37
N GLN C 675 -22.37 -34.41 -26.20
CA GLN C 675 -22.81 -35.26 -27.30
C GLN C 675 -23.75 -36.33 -26.77
N THR C 676 -24.50 -36.93 -27.68
CA THR C 676 -25.38 -38.03 -27.33
C THR C 676 -24.58 -39.29 -27.03
N SER C 689 -31.32 -36.75 -22.93
CA SER C 689 -30.80 -37.91 -23.61
C SER C 689 -29.28 -37.77 -23.78
N GLN C 690 -28.87 -36.60 -24.27
CA GLN C 690 -27.46 -36.32 -24.46
C GLN C 690 -26.80 -36.08 -23.10
N SER C 691 -25.51 -35.80 -23.11
CA SER C 691 -24.75 -35.67 -21.87
C SER C 691 -23.43 -35.00 -22.21
N ILE C 692 -22.51 -34.99 -21.23
CA ILE C 692 -21.19 -34.40 -21.39
C ILE C 692 -20.16 -35.52 -21.28
N ILE C 693 -19.41 -35.74 -22.36
CA ILE C 693 -18.42 -36.80 -22.40
C ILE C 693 -17.03 -36.19 -22.32
N ALA C 694 -16.11 -36.94 -21.73
CA ALA C 694 -14.70 -36.56 -21.65
C ALA C 694 -13.88 -37.67 -22.28
N TYR C 695 -13.13 -37.33 -23.32
CA TYR C 695 -12.37 -38.32 -24.07
C TYR C 695 -10.92 -37.88 -24.11
N THR C 696 -10.13 -38.56 -24.94
CA THR C 696 -8.76 -38.17 -25.22
C THR C 696 -8.71 -37.62 -26.63
N MET C 697 -8.37 -36.34 -26.76
CA MET C 697 -8.47 -35.69 -28.06
C MET C 697 -7.66 -36.43 -29.10
N SER C 698 -8.30 -36.72 -30.22
CA SER C 698 -7.61 -37.27 -31.37
C SER C 698 -6.91 -36.16 -32.11
N LEU C 699 -5.96 -36.53 -32.96
CA LEU C 699 -5.18 -35.56 -33.69
C LEU C 699 -5.58 -35.42 -35.14
N GLY C 700 -6.39 -36.33 -35.65
CA GLY C 700 -6.78 -36.34 -37.05
C GLY C 700 -6.80 -37.76 -37.56
N ALA C 701 -7.57 -37.97 -38.62
CA ALA C 701 -7.68 -39.30 -39.19
C ALA C 701 -6.34 -39.72 -39.75
N GLU C 702 -5.68 -40.65 -39.07
CA GLU C 702 -4.34 -41.03 -39.47
C GLU C 702 -4.33 -41.55 -40.90
N ASN C 703 -3.16 -41.47 -41.52
CA ASN C 703 -3.05 -41.72 -42.95
C ASN C 703 -1.68 -42.31 -43.23
N SER C 704 -1.61 -43.17 -44.24
CA SER C 704 -0.38 -43.85 -44.60
C SER C 704 -0.20 -43.69 -46.11
N VAL C 705 0.59 -42.71 -46.52
CA VAL C 705 0.83 -42.48 -47.93
C VAL C 705 1.42 -43.73 -48.57
N ALA C 706 0.98 -44.01 -49.79
CA ALA C 706 1.41 -45.21 -50.50
C ALA C 706 2.76 -44.95 -51.12
N TYR C 707 3.79 -45.09 -50.31
CA TYR C 707 5.15 -44.80 -50.73
C TYR C 707 5.81 -46.03 -51.34
N SER C 708 6.61 -45.81 -52.37
CA SER C 708 7.41 -46.84 -52.99
C SER C 708 8.75 -46.22 -53.37
N ASN C 709 9.50 -46.89 -54.23
CA ASN C 709 10.69 -46.28 -54.80
C ASN C 709 10.50 -45.90 -56.26
N ASN C 710 9.35 -46.19 -56.85
CA ASN C 710 9.07 -45.74 -58.19
C ASN C 710 7.61 -45.34 -58.39
N SER C 711 6.95 -44.84 -57.35
CA SER C 711 5.54 -44.49 -57.43
C SER C 711 5.39 -43.02 -57.06
N ILE C 712 5.08 -42.19 -58.07
CA ILE C 712 4.83 -40.76 -57.86
C ILE C 712 3.37 -40.49 -58.10
N ALA C 713 2.81 -39.55 -57.34
CA ALA C 713 1.45 -39.09 -57.55
C ALA C 713 1.50 -37.67 -58.09
N ILE C 714 0.57 -37.36 -58.98
CA ILE C 714 0.55 -36.06 -59.64
C ILE C 714 -0.89 -35.56 -59.72
N PRO C 715 -1.17 -34.32 -59.37
CA PRO C 715 -2.53 -33.81 -59.49
C PRO C 715 -2.91 -33.60 -60.94
N THR C 716 -4.21 -33.72 -61.20
CA THR C 716 -4.72 -33.49 -62.55
C THR C 716 -5.63 -32.27 -62.56
N ASN C 717 -6.34 -32.06 -61.46
CA ASN C 717 -7.27 -30.97 -61.30
C ASN C 717 -6.87 -30.11 -60.11
N PHE C 718 -7.47 -28.94 -60.00
CA PHE C 718 -7.09 -27.99 -58.96
C PHE C 718 -8.29 -27.19 -58.50
N THR C 719 -8.16 -26.59 -57.32
CA THR C 719 -9.19 -25.72 -56.78
C THR C 719 -8.56 -24.45 -56.23
N ILE C 720 -9.20 -23.33 -56.50
CA ILE C 720 -8.67 -22.01 -56.15
C ILE C 720 -9.39 -21.57 -54.89
N SER C 721 -8.85 -21.92 -53.73
CA SER C 721 -9.47 -21.50 -52.49
C SER C 721 -9.31 -20.00 -52.32
N VAL C 722 -10.15 -19.43 -51.45
CA VAL C 722 -9.99 -18.04 -51.04
C VAL C 722 -10.22 -17.95 -49.55
N THR C 723 -9.15 -17.95 -48.78
CA THR C 723 -9.26 -18.02 -47.34
C THR C 723 -9.36 -16.59 -46.78
N THR C 724 -9.14 -16.43 -45.48
CA THR C 724 -9.15 -15.14 -44.84
C THR C 724 -8.05 -15.12 -43.79
N GLU C 725 -7.69 -13.94 -43.34
CA GLU C 725 -6.66 -13.83 -42.30
C GLU C 725 -6.81 -12.47 -41.63
N ILE C 726 -7.40 -12.47 -40.45
CA ILE C 726 -7.75 -11.23 -39.77
C ILE C 726 -6.65 -10.85 -38.81
N LEU C 727 -6.11 -9.64 -38.95
CA LEU C 727 -5.07 -9.18 -38.06
C LEU C 727 -5.47 -7.87 -37.40
N PRO C 728 -5.23 -7.70 -36.11
CA PRO C 728 -5.44 -6.40 -35.50
C PRO C 728 -4.30 -5.46 -35.84
N VAL C 729 -4.62 -4.18 -35.93
CA VAL C 729 -3.61 -3.19 -36.31
C VAL C 729 -3.52 -2.01 -35.35
N SER C 730 -4.54 -1.68 -34.58
CA SER C 730 -4.42 -0.52 -33.71
C SER C 730 -5.44 -0.60 -32.59
N MET C 731 -5.02 -0.22 -31.39
CA MET C 731 -5.93 -0.05 -30.27
C MET C 731 -6.64 1.30 -30.41
N THR C 732 -7.35 1.71 -29.38
CA THR C 732 -7.93 3.05 -29.34
C THR C 732 -6.94 3.99 -28.67
N LYS C 733 -6.72 5.15 -29.28
CA LYS C 733 -5.77 6.10 -28.74
C LYS C 733 -6.37 6.75 -27.51
N THR C 734 -5.97 6.29 -26.33
CA THR C 734 -6.50 6.80 -25.07
C THR C 734 -5.48 7.72 -24.41
N SER C 735 -5.97 8.51 -23.46
CA SER C 735 -5.12 9.33 -22.62
C SER C 735 -5.88 9.63 -21.33
N VAL C 736 -5.13 9.71 -20.23
CA VAL C 736 -5.72 9.77 -18.90
C VAL C 736 -5.08 10.92 -18.15
N ASP C 737 -5.84 11.97 -17.89
CA ASP C 737 -5.34 13.11 -17.13
C ASP C 737 -5.16 12.67 -15.69
N CYS C 738 -3.90 12.42 -15.32
CA CYS C 738 -3.57 11.93 -13.99
C CYS C 738 -4.27 12.74 -12.91
N THR C 739 -4.23 14.06 -13.01
CA THR C 739 -4.77 14.87 -11.93
C THR C 739 -6.28 14.74 -11.84
N MET C 740 -6.99 14.95 -12.94
CA MET C 740 -8.44 14.83 -12.86
C MET C 740 -8.87 13.41 -12.51
N TYR C 741 -8.01 12.42 -12.68
CA TYR C 741 -8.37 11.09 -12.23
C TYR C 741 -8.13 10.93 -10.73
N ILE C 742 -6.89 11.17 -10.29
CA ILE C 742 -6.53 10.90 -8.90
C ILE C 742 -7.24 11.85 -7.95
N CYS C 743 -7.14 13.15 -8.22
CA CYS C 743 -7.60 14.16 -7.27
C CYS C 743 -8.62 15.10 -7.89
N GLY C 744 -9.65 14.56 -8.50
CA GLY C 744 -10.60 15.37 -9.23
C GLY C 744 -11.20 16.52 -8.45
N ASP C 745 -10.82 17.74 -8.80
CA ASP C 745 -11.45 18.96 -8.27
C ASP C 745 -11.27 19.09 -6.76
N SER C 746 -10.05 18.87 -6.29
CA SER C 746 -9.73 19.04 -4.87
C SER C 746 -8.34 19.67 -4.79
N THR C 747 -8.29 20.96 -4.46
CA THR C 747 -7.01 21.65 -4.37
C THR C 747 -6.10 20.99 -3.33
N GLU C 748 -6.68 20.55 -2.22
CA GLU C 748 -5.88 19.87 -1.20
C GLU C 748 -5.27 18.59 -1.75
N CYS C 749 -6.05 17.81 -2.49
CA CYS C 749 -5.53 16.58 -3.05
C CYS C 749 -4.47 16.86 -4.10
N SER C 750 -4.65 17.92 -4.89
CA SER C 750 -3.62 18.26 -5.87
C SER C 750 -2.32 18.66 -5.19
N ASN C 751 -2.42 19.47 -4.14
CA ASN C 751 -1.23 19.88 -3.41
C ASN C 751 -0.52 18.68 -2.82
N LEU C 752 -1.27 17.73 -2.26
CA LEU C 752 -0.64 16.50 -1.77
C LEU C 752 0.03 15.75 -2.89
N LEU C 753 -0.67 15.61 -4.02
CA LEU C 753 -0.16 14.82 -5.13
C LEU C 753 1.17 15.37 -5.63
N LEU C 754 1.33 16.69 -5.60
CA LEU C 754 2.58 17.26 -6.06
C LEU C 754 3.79 16.78 -5.26
N GLN C 755 3.58 16.21 -4.08
CA GLN C 755 4.69 15.68 -3.29
C GLN C 755 5.14 14.31 -3.77
N TYR C 756 4.46 13.72 -4.74
CA TYR C 756 4.78 12.37 -5.17
C TYR C 756 5.71 12.34 -6.37
N GLY C 757 6.13 13.48 -6.87
CA GLY C 757 7.09 13.50 -7.94
C GLY C 757 6.49 13.69 -9.31
N SER C 758 7.12 13.09 -10.32
CA SER C 758 6.73 13.27 -11.72
C SER C 758 5.96 12.07 -12.26
N PHE C 759 5.24 11.35 -11.40
CA PHE C 759 4.49 10.20 -11.87
C PHE C 759 3.41 10.62 -12.85
N CYS C 760 2.82 11.79 -12.64
CA CYS C 760 1.82 12.29 -13.56
C CYS C 760 2.37 12.43 -14.96
N THR C 761 3.47 13.17 -15.11
CA THR C 761 4.05 13.34 -16.43
C THR C 761 4.55 12.04 -17.00
N GLN C 762 5.07 11.15 -16.16
CA GLN C 762 5.51 9.84 -16.64
C GLN C 762 4.37 9.10 -17.31
N LEU C 763 3.23 8.99 -16.62
CA LEU C 763 2.10 8.25 -17.18
C LEU C 763 1.56 8.93 -18.42
N ASN C 764 1.46 10.26 -18.40
CA ASN C 764 0.96 10.96 -19.58
C ASN C 764 1.87 10.75 -20.77
N ARG C 765 3.18 10.77 -20.56
CA ARG C 765 4.09 10.57 -21.67
C ARG C 765 4.01 9.15 -22.20
N ALA C 766 3.85 8.17 -21.32
CA ALA C 766 3.71 6.79 -21.79
C ALA C 766 2.46 6.63 -22.66
N LEU C 767 1.34 7.14 -22.16
CA LEU C 767 0.11 6.99 -22.93
C LEU C 767 0.15 7.79 -24.23
N THR C 768 0.84 8.91 -24.25
CA THR C 768 0.95 9.64 -25.51
C THR C 768 1.84 8.90 -26.50
N GLY C 769 2.91 8.29 -26.01
CA GLY C 769 3.73 7.46 -26.89
C GLY C 769 2.93 6.37 -27.55
N ILE C 770 2.10 5.68 -26.76
CA ILE C 770 1.23 4.65 -27.33
C ILE C 770 0.28 5.26 -28.35
N ALA C 771 -0.38 6.36 -27.99
CA ALA C 771 -1.37 6.95 -28.86
C ALA C 771 -0.80 7.42 -30.17
N VAL C 772 0.49 7.76 -30.22
CA VAL C 772 1.10 8.11 -31.50
C VAL C 772 1.52 6.87 -32.26
N GLU C 773 2.05 5.88 -31.53
CA GLU C 773 2.41 4.63 -32.17
C GLU C 773 1.24 4.04 -32.95
N GLN C 774 0.01 4.26 -32.49
CA GLN C 774 -1.14 3.71 -33.20
C GLN C 774 -1.27 4.31 -34.60
N ASP C 775 -1.17 5.63 -34.70
CA ASP C 775 -1.18 6.26 -36.01
C ASP C 775 -0.05 5.75 -36.86
N LYS C 776 1.12 5.55 -36.26
CA LYS C 776 2.24 5.02 -37.03
C LYS C 776 1.91 3.62 -37.55
N ASN C 777 1.25 2.80 -36.74
CA ASN C 777 0.89 1.45 -37.15
C ASN C 777 -0.01 1.47 -38.37
N THR C 778 -1.12 2.20 -38.28
CA THR C 778 -2.04 2.21 -39.41
C THR C 778 -1.39 2.79 -40.64
N GLN C 779 -0.55 3.82 -40.47
CA GLN C 779 0.17 4.38 -41.61
C GLN C 779 1.03 3.33 -42.27
N GLU C 780 1.76 2.55 -41.49
CA GLU C 780 2.67 1.56 -42.08
C GLU C 780 1.91 0.43 -42.73
N VAL C 781 0.77 0.05 -42.17
CA VAL C 781 0.05 -1.09 -42.73
C VAL C 781 -0.61 -0.70 -44.05
N PHE C 782 -1.25 0.46 -44.10
CA PHE C 782 -2.03 0.79 -45.29
C PHE C 782 -1.31 1.72 -46.26
N ALA C 783 -0.70 2.79 -45.78
CA ALA C 783 -0.20 3.81 -46.69
C ALA C 783 1.08 3.35 -47.39
N GLN C 784 1.00 2.27 -48.15
CA GLN C 784 2.14 1.78 -48.89
C GLN C 784 2.10 2.14 -50.35
N VAL C 785 1.00 2.73 -50.81
CA VAL C 785 0.81 3.04 -52.22
C VAL C 785 1.01 4.52 -52.41
N LYS C 786 1.84 4.90 -53.38
CA LYS C 786 2.21 6.30 -53.54
C LYS C 786 1.06 7.11 -54.09
N GLN C 787 0.27 6.54 -54.97
CA GLN C 787 -0.86 7.21 -55.58
C GLN C 787 -2.16 6.59 -55.10
N ILE C 788 -3.27 7.04 -55.67
CA ILE C 788 -4.57 6.48 -55.38
C ILE C 788 -5.14 6.02 -56.71
N TYR C 789 -4.96 4.75 -57.03
CA TYR C 789 -5.43 4.26 -58.32
C TYR C 789 -6.94 4.11 -58.33
N LYS C 790 -7.49 4.02 -59.53
CA LYS C 790 -8.92 3.88 -59.69
C LYS C 790 -9.19 2.87 -60.79
N THR C 791 -10.05 1.90 -60.53
CA THR C 791 -10.40 0.93 -61.54
C THR C 791 -11.09 1.64 -62.71
N PRO C 792 -10.94 1.11 -63.92
CA PRO C 792 -11.71 1.66 -65.03
C PRO C 792 -13.18 1.34 -64.87
N PRO C 793 -14.06 2.17 -65.41
CA PRO C 793 -15.50 1.89 -65.26
C PRO C 793 -15.93 0.57 -65.87
N ILE C 794 -15.20 0.10 -66.88
CA ILE C 794 -15.47 -1.21 -67.47
C ILE C 794 -15.05 -2.29 -66.49
N LYS C 795 -15.43 -3.53 -66.75
CA LYS C 795 -15.12 -4.64 -65.85
C LYS C 795 -14.65 -5.85 -66.65
N ASP C 796 -13.77 -5.61 -67.62
CA ASP C 796 -13.22 -6.68 -68.45
C ASP C 796 -12.02 -7.28 -67.71
N PHE C 797 -12.29 -8.27 -66.86
CA PHE C 797 -11.24 -8.95 -66.13
C PHE C 797 -11.22 -10.43 -66.51
N GLY C 798 -11.27 -10.71 -67.81
CA GLY C 798 -11.21 -12.08 -68.27
C GLY C 798 -12.24 -13.00 -67.68
N GLY C 799 -13.41 -12.47 -67.32
CA GLY C 799 -14.45 -13.27 -66.70
C GLY C 799 -14.40 -13.33 -65.20
N PHE C 800 -13.61 -12.49 -64.55
CA PHE C 800 -13.51 -12.48 -63.10
C PHE C 800 -14.43 -11.42 -62.54
N ASN C 801 -14.84 -11.59 -61.29
CA ASN C 801 -15.83 -10.74 -60.67
C ASN C 801 -15.32 -10.23 -59.32
N PHE C 802 -15.12 -8.92 -59.22
CA PHE C 802 -14.63 -8.30 -58.00
C PHE C 802 -15.65 -7.36 -57.37
N SER C 803 -16.90 -7.42 -57.80
CA SER C 803 -17.90 -6.49 -57.30
C SER C 803 -18.10 -6.60 -55.80
N GLN C 804 -17.77 -7.73 -55.20
CA GLN C 804 -17.96 -7.88 -53.76
C GLN C 804 -16.89 -7.17 -52.97
N ILE C 805 -15.75 -6.84 -53.56
CA ILE C 805 -14.66 -6.22 -52.84
C ILE C 805 -14.33 -4.81 -53.31
N LEU C 806 -14.64 -4.46 -54.54
CA LEU C 806 -14.38 -3.10 -54.97
C LEU C 806 -15.45 -2.16 -54.41
N PRO C 807 -15.12 -0.90 -54.19
CA PRO C 807 -16.04 -0.01 -53.48
C PRO C 807 -17.32 0.22 -54.28
N ASP C 808 -18.35 0.65 -53.57
CA ASP C 808 -19.61 1.09 -54.14
C ASP C 808 -19.93 2.48 -53.61
N PRO C 809 -20.38 3.41 -54.45
CA PRO C 809 -20.57 4.80 -53.99
C PRO C 809 -21.85 5.02 -53.20
N SER C 810 -22.72 4.04 -53.10
CA SER C 810 -24.03 4.20 -52.49
C SER C 810 -24.00 4.02 -50.97
N LYS C 811 -22.85 4.23 -50.34
CA LYS C 811 -22.76 4.11 -48.89
C LYS C 811 -21.98 5.28 -48.30
N SER C 813 -19.58 6.78 -46.73
CA SER C 813 -18.53 5.78 -46.51
C SER C 813 -18.42 4.86 -47.71
N LYS C 814 -17.58 5.24 -48.67
CA LYS C 814 -17.48 4.49 -49.91
C LYS C 814 -16.73 3.18 -49.70
N ARG C 815 -17.30 2.29 -48.90
CA ARG C 815 -16.73 0.98 -48.66
C ARG C 815 -17.37 -0.04 -49.58
N SER C 816 -16.89 -1.26 -49.51
CA SER C 816 -17.40 -2.34 -50.34
C SER C 816 -18.27 -3.27 -49.51
N PHE C 817 -18.82 -4.28 -50.16
CA PHE C 817 -19.73 -5.20 -49.48
C PHE C 817 -19.04 -5.88 -48.32
N ILE C 818 -17.90 -6.52 -48.57
CA ILE C 818 -17.25 -7.28 -47.51
C ILE C 818 -16.69 -6.35 -46.46
N GLU C 819 -16.29 -5.15 -46.85
CA GLU C 819 -15.93 -4.17 -45.83
C GLU C 819 -17.09 -3.90 -44.91
N ASP C 820 -18.30 -3.77 -45.46
CA ASP C 820 -19.48 -3.58 -44.62
C ASP C 820 -19.66 -4.76 -43.69
N LEU C 821 -19.79 -5.96 -44.26
CA LEU C 821 -19.98 -7.16 -43.45
C LEU C 821 -18.98 -7.22 -42.30
N LEU C 822 -17.74 -6.80 -42.55
CA LEU C 822 -16.77 -6.75 -41.47
C LEU C 822 -17.13 -5.66 -40.47
N PHE C 823 -17.54 -4.50 -40.95
CA PHE C 823 -17.76 -3.37 -40.05
C PHE C 823 -18.97 -3.57 -39.16
N ASN C 824 -19.93 -4.39 -39.57
CA ASN C 824 -21.11 -4.61 -38.74
C ASN C 824 -20.89 -5.69 -37.70
N LYS C 825 -20.01 -6.65 -37.95
CA LYS C 825 -19.82 -7.76 -37.04
C LYS C 825 -18.99 -7.40 -35.81
N VAL C 826 -18.59 -6.15 -35.65
CA VAL C 826 -17.75 -5.73 -34.53
C VAL C 826 -18.47 -4.64 -33.77
N THR C 827 -18.73 -4.87 -32.49
CA THR C 827 -19.44 -3.92 -31.65
C THR C 827 -18.66 -3.65 -30.36
N LYS C 854 -15.82 8.38 -18.23
CA LYS C 854 -15.86 9.49 -19.17
C LYS C 854 -15.76 10.79 -18.41
N PHE C 855 -15.81 10.68 -17.09
CA PHE C 855 -15.86 11.84 -16.23
C PHE C 855 -14.49 12.24 -15.70
N ASN C 856 -13.47 11.43 -15.90
CA ASN C 856 -12.24 11.59 -15.15
C ASN C 856 -11.01 11.68 -16.06
N GLY C 857 -11.08 12.53 -17.08
CA GLY C 857 -9.96 12.70 -17.96
C GLY C 857 -9.78 11.62 -18.99
N LEU C 858 -10.59 10.56 -18.95
CA LEU C 858 -10.40 9.43 -19.83
C LEU C 858 -10.87 9.80 -21.23
N THR C 859 -10.11 10.67 -21.87
CA THR C 859 -10.39 11.04 -23.24
C THR C 859 -9.99 9.91 -24.17
N VAL C 860 -10.67 9.82 -25.31
CA VAL C 860 -10.37 8.84 -26.34
C VAL C 860 -10.12 9.61 -27.62
N LEU C 861 -8.86 9.84 -27.95
CA LEU C 861 -8.52 10.57 -29.15
C LEU C 861 -9.01 9.81 -30.38
N PRO C 862 -9.30 10.52 -31.47
CA PRO C 862 -9.69 9.85 -32.68
C PRO C 862 -8.48 9.46 -33.50
N PRO C 863 -8.58 8.44 -34.34
CA PRO C 863 -7.45 8.08 -35.18
C PRO C 863 -7.24 9.11 -36.27
N LEU C 864 -5.97 9.38 -36.59
CA LEU C 864 -5.68 10.39 -37.59
C LEU C 864 -6.29 10.04 -38.93
N LEU C 865 -6.39 8.76 -39.26
CA LEU C 865 -6.97 8.30 -40.52
C LEU C 865 -8.40 7.87 -40.29
N THR C 866 -9.34 8.51 -40.98
CA THR C 866 -10.73 8.13 -40.82
C THR C 866 -11.04 6.85 -41.59
N ASP C 867 -12.18 6.24 -41.27
CA ASP C 867 -12.56 5.01 -41.94
C ASP C 867 -12.72 5.21 -43.43
N GLU C 868 -13.20 6.36 -43.85
CA GLU C 868 -13.32 6.61 -45.28
C GLU C 868 -11.96 6.66 -45.95
N MET C 869 -10.96 7.22 -45.28
CA MET C 869 -9.63 7.27 -45.87
C MET C 869 -8.99 5.91 -45.88
N ILE C 870 -9.18 5.12 -44.84
CA ILE C 870 -8.69 3.74 -44.87
C ILE C 870 -9.32 2.99 -46.02
N ALA C 871 -10.62 3.21 -46.26
CA ALA C 871 -11.28 2.54 -47.36
C ALA C 871 -10.72 3.02 -48.69
N GLN C 872 -10.38 4.30 -48.81
CA GLN C 872 -9.74 4.77 -50.02
C GLN C 872 -8.40 4.10 -50.23
N TYR C 873 -7.65 3.89 -49.15
CA TYR C 873 -6.34 3.26 -49.27
C TYR C 873 -6.46 1.82 -49.72
N THR C 874 -7.37 1.06 -49.10
CA THR C 874 -7.52 -0.32 -49.53
C THR C 874 -8.10 -0.41 -50.93
N SER C 875 -8.96 0.52 -51.33
CA SER C 875 -9.40 0.52 -52.72
C SER C 875 -8.26 0.83 -53.65
N ALA C 876 -7.33 1.69 -53.24
CA ALA C 876 -6.17 1.97 -54.08
C ALA C 876 -5.32 0.73 -54.25
N LEU C 877 -4.98 0.06 -53.14
CA LEU C 877 -4.18 -1.15 -53.24
C LEU C 877 -4.88 -2.20 -54.07
N LEU C 878 -6.19 -2.33 -53.90
CA LEU C 878 -6.94 -3.34 -54.61
C LEU C 878 -6.99 -3.06 -56.10
N ALA C 879 -7.19 -1.80 -56.48
CA ALA C 879 -7.24 -1.49 -57.91
C ALA C 879 -5.86 -1.56 -58.55
N GLY C 880 -4.84 -1.14 -57.82
CA GLY C 880 -3.49 -1.31 -58.33
C GLY C 880 -3.16 -2.76 -58.58
N THR C 881 -3.52 -3.64 -57.63
CA THR C 881 -3.32 -5.07 -57.85
C THR C 881 -4.08 -5.54 -59.08
N ILE C 882 -5.38 -5.27 -59.11
CA ILE C 882 -6.23 -5.80 -60.18
C ILE C 882 -5.74 -5.37 -61.55
N THR C 883 -5.24 -4.14 -61.68
CA THR C 883 -4.88 -3.65 -63.00
C THR C 883 -3.39 -3.70 -63.29
N SER C 884 -2.53 -4.03 -62.33
CA SER C 884 -1.11 -4.00 -62.62
C SER C 884 -0.26 -5.08 -61.96
N GLY C 885 -0.84 -6.03 -61.24
CA GLY C 885 -0.02 -7.05 -60.61
C GLY C 885 0.84 -6.50 -59.49
N TRP C 886 2.13 -6.82 -59.54
CA TRP C 886 3.13 -6.36 -58.58
C TRP C 886 3.83 -5.08 -59.02
N THR C 887 3.66 -4.69 -60.28
CA THR C 887 4.43 -3.58 -60.80
C THR C 887 4.12 -2.29 -60.06
N PHE C 888 2.91 -2.15 -59.55
CA PHE C 888 2.57 -0.91 -58.87
C PHE C 888 3.21 -0.81 -57.50
N GLY C 889 3.81 -1.88 -57.00
CA GLY C 889 4.61 -1.77 -55.80
C GLY C 889 6.07 -1.73 -56.18
N ALA C 890 6.34 -2.19 -57.39
CA ALA C 890 7.71 -2.12 -57.90
C ALA C 890 8.10 -0.72 -58.35
N GLY C 891 7.14 0.11 -58.71
CA GLY C 891 7.47 1.41 -59.27
C GLY C 891 6.30 2.14 -59.88
N ALA C 892 6.43 2.53 -61.14
CA ALA C 892 5.30 3.09 -61.86
C ALA C 892 4.35 1.97 -62.24
N ALA C 893 3.07 2.14 -61.91
CA ALA C 893 2.09 1.10 -62.15
C ALA C 893 1.87 0.90 -63.64
N LEU C 894 2.19 -0.29 -64.13
CA LEU C 894 2.02 -0.63 -65.54
C LEU C 894 0.84 -1.57 -65.68
N GLN C 895 -0.10 -1.23 -66.56
CA GLN C 895 -1.27 -2.08 -66.70
C GLN C 895 -0.93 -3.36 -67.43
N ILE C 896 -1.78 -4.36 -67.27
CA ILE C 896 -1.62 -5.65 -67.92
C ILE C 896 -2.94 -6.40 -67.86
N PRO C 897 -3.39 -7.02 -68.95
CA PRO C 897 -4.67 -7.72 -68.94
C PRO C 897 -4.71 -8.77 -67.86
N PHE C 898 -5.82 -8.82 -67.13
CA PHE C 898 -5.88 -9.69 -65.95
C PHE C 898 -5.68 -11.15 -66.30
N ALA C 899 -6.10 -11.58 -67.48
CA ALA C 899 -5.83 -12.95 -67.88
C ALA C 899 -4.34 -13.20 -67.94
N MET C 900 -3.59 -12.28 -68.54
CA MET C 900 -2.15 -12.46 -68.58
C MET C 900 -1.55 -12.35 -67.19
N GLN C 901 -2.11 -11.51 -66.34
CA GLN C 901 -1.55 -11.40 -65.00
C GLN C 901 -1.71 -12.70 -64.25
N MET C 902 -2.88 -13.33 -64.35
CA MET C 902 -3.04 -14.63 -63.72
C MET C 902 -2.15 -15.67 -64.39
N ALA C 903 -1.87 -15.51 -65.68
CA ALA C 903 -0.92 -16.42 -66.30
C ALA C 903 0.45 -16.29 -65.65
N TYR C 904 0.86 -15.06 -65.36
CA TYR C 904 2.15 -14.86 -64.71
C TYR C 904 2.12 -15.37 -63.28
N ARG C 905 1.01 -15.18 -62.58
CA ARG C 905 0.92 -15.68 -61.22
C ARG C 905 0.96 -17.20 -61.18
N PHE C 906 0.34 -17.84 -62.16
CA PHE C 906 0.42 -19.28 -62.28
C PHE C 906 1.86 -19.69 -62.56
N ASN C 907 2.39 -19.27 -63.69
CA ASN C 907 3.75 -19.57 -64.09
C ASN C 907 4.72 -19.33 -62.94
N GLY C 908 4.39 -18.43 -62.03
CA GLY C 908 5.24 -18.20 -60.88
C GLY C 908 5.26 -19.33 -59.89
N ILE C 909 4.25 -20.21 -59.89
CA ILE C 909 4.21 -21.30 -58.93
C ILE C 909 4.50 -22.64 -59.58
N GLY C 910 5.05 -22.65 -60.79
CA GLY C 910 5.38 -23.89 -61.45
C GLY C 910 4.21 -24.58 -62.12
N VAL C 911 3.35 -23.80 -62.78
CA VAL C 911 2.23 -24.33 -63.56
C VAL C 911 2.18 -23.50 -64.82
N THR C 912 2.49 -24.12 -65.96
CA THR C 912 2.66 -23.37 -67.20
C THR C 912 1.40 -22.61 -67.57
N GLN C 913 1.59 -21.53 -68.32
CA GLN C 913 0.51 -20.59 -68.59
C GLN C 913 -0.63 -21.23 -69.35
N ASN C 914 -0.33 -22.24 -70.17
CA ASN C 914 -1.37 -22.85 -70.99
C ASN C 914 -2.46 -23.46 -70.12
N VAL C 915 -2.14 -23.85 -68.89
CA VAL C 915 -3.16 -24.41 -68.00
C VAL C 915 -4.26 -23.39 -67.75
N LEU C 916 -3.87 -22.19 -67.30
CA LEU C 916 -4.86 -21.14 -67.12
C LEU C 916 -5.52 -20.75 -68.43
N TYR C 917 -4.72 -20.59 -69.49
CA TYR C 917 -5.31 -20.13 -70.73
C TYR C 917 -6.31 -21.11 -71.30
N GLU C 918 -6.21 -22.38 -70.91
CA GLU C 918 -7.21 -23.35 -71.34
C GLU C 918 -8.39 -23.41 -70.37
N ASN C 919 -8.15 -23.27 -69.07
CA ASN C 919 -9.21 -23.41 -68.08
C ASN C 919 -9.64 -22.07 -67.49
N GLN C 920 -9.54 -21.01 -68.29
CA GLN C 920 -9.85 -19.67 -67.79
C GLN C 920 -11.25 -19.56 -67.23
N LYS C 921 -12.25 -20.07 -67.94
CA LYS C 921 -13.62 -19.92 -67.45
C LYS C 921 -13.85 -20.76 -66.19
N LEU C 922 -13.28 -21.97 -66.16
CA LEU C 922 -13.36 -22.78 -64.96
C LEU C 922 -12.73 -22.06 -63.77
N ILE C 923 -11.57 -21.45 -63.97
CA ILE C 923 -10.88 -20.78 -62.89
C ILE C 923 -11.66 -19.56 -62.43
N ALA C 924 -12.19 -18.78 -63.37
CA ALA C 924 -13.00 -17.63 -63.00
C ALA C 924 -14.22 -18.06 -62.20
N ASN C 925 -14.88 -19.14 -62.61
CA ASN C 925 -16.04 -19.61 -61.88
C ASN C 925 -15.64 -20.03 -60.46
N GLN C 926 -14.53 -20.76 -60.32
CA GLN C 926 -14.12 -21.20 -59.01
C GLN C 926 -13.79 -20.02 -58.10
N PHE C 927 -13.11 -19.00 -58.64
CA PHE C 927 -12.75 -17.85 -57.84
C PHE C 927 -14.00 -17.07 -57.42
N ASN C 928 -14.92 -16.84 -58.35
CA ASN C 928 -16.13 -16.11 -57.99
C ASN C 928 -16.95 -16.88 -56.96
N SER C 929 -17.05 -18.20 -57.11
CA SER C 929 -17.78 -18.99 -56.14
C SER C 929 -17.11 -18.94 -54.77
N ALA C 930 -15.78 -18.91 -54.73
CA ALA C 930 -15.09 -18.83 -53.45
C ALA C 930 -15.33 -17.48 -52.78
N ILE C 931 -15.31 -16.40 -53.56
CA ILE C 931 -15.63 -15.09 -52.97
C ILE C 931 -17.03 -15.10 -52.40
N GLY C 932 -17.98 -15.67 -53.16
CA GLY C 932 -19.34 -15.76 -52.64
C GLY C 932 -19.42 -16.56 -51.35
N LYS C 933 -18.67 -17.65 -51.27
CA LYS C 933 -18.66 -18.44 -50.05
C LYS C 933 -18.12 -17.64 -48.88
N ILE C 934 -17.09 -16.83 -49.12
CA ILE C 934 -16.57 -15.98 -48.05
C ILE C 934 -17.63 -14.99 -47.60
N GLN C 935 -18.34 -14.40 -48.56
CA GLN C 935 -19.43 -13.49 -48.22
C GLN C 935 -20.43 -14.18 -47.30
N ASP C 936 -20.84 -15.39 -47.68
CA ASP C 936 -21.79 -16.15 -46.86
C ASP C 936 -21.23 -16.44 -45.48
N SER C 937 -19.97 -16.89 -45.41
CA SER C 937 -19.39 -17.24 -44.12
C SER C 937 -19.35 -16.05 -43.19
N LEU C 938 -18.91 -14.90 -43.70
CA LEU C 938 -18.84 -13.71 -42.86
C LEU C 938 -20.24 -13.27 -42.45
N SER C 939 -21.19 -13.25 -43.38
CA SER C 939 -22.53 -12.80 -43.05
C SER C 939 -23.25 -13.75 -42.11
N SER C 940 -22.82 -15.01 -42.03
CA SER C 940 -23.51 -15.97 -41.18
C SER C 940 -22.86 -16.07 -39.79
N THR C 941 -21.58 -16.42 -39.74
CA THR C 941 -20.93 -16.61 -38.44
C THR C 941 -20.07 -15.40 -38.10
N ALA C 942 -19.94 -15.15 -36.79
CA ALA C 942 -19.16 -14.03 -36.28
C ALA C 942 -17.98 -14.47 -35.44
N SER C 943 -17.74 -15.77 -35.29
CA SER C 943 -16.56 -16.26 -34.60
C SER C 943 -15.30 -16.15 -35.45
N ALA C 944 -15.37 -15.47 -36.59
CA ALA C 944 -14.21 -15.22 -37.42
C ALA C 944 -13.44 -13.98 -36.98
N LEU C 945 -14.16 -12.91 -36.65
CA LEU C 945 -13.55 -11.64 -36.25
C LEU C 945 -13.22 -11.62 -34.76
N GLY C 946 -13.01 -12.78 -34.17
CA GLY C 946 -12.59 -12.84 -32.79
C GLY C 946 -11.29 -12.09 -32.55
N LYS C 947 -10.43 -12.02 -33.55
CA LYS C 947 -9.12 -11.41 -33.32
C LYS C 947 -9.22 -9.90 -33.12
N LEU C 948 -10.21 -9.24 -33.73
CA LEU C 948 -10.42 -7.82 -33.45
C LEU C 948 -11.36 -7.61 -32.28
N GLN C 949 -12.38 -8.47 -32.15
CA GLN C 949 -13.28 -8.34 -31.03
C GLN C 949 -12.56 -8.55 -29.71
N ASP C 950 -11.52 -9.38 -29.71
CA ASP C 950 -10.75 -9.58 -28.49
C ASP C 950 -10.01 -8.32 -28.09
N VAL C 951 -9.43 -7.61 -29.06
CA VAL C 951 -8.73 -6.37 -28.75
C VAL C 951 -9.71 -5.35 -28.20
N VAL C 952 -10.86 -5.22 -28.85
CA VAL C 952 -11.83 -4.22 -28.40
C VAL C 952 -12.32 -4.56 -26.99
N ASN C 953 -12.64 -5.82 -26.74
CA ASN C 953 -13.13 -6.20 -25.43
C ASN C 953 -12.06 -6.04 -24.36
N GLN C 954 -10.80 -6.35 -24.70
CA GLN C 954 -9.74 -6.21 -23.71
C GLN C 954 -9.54 -4.76 -23.31
N ASN C 955 -9.52 -3.87 -24.29
CA ASN C 955 -9.39 -2.45 -23.95
C ASN C 955 -10.59 -1.97 -23.14
N ALA C 956 -11.79 -2.40 -23.51
CA ALA C 956 -12.97 -2.01 -22.76
C ALA C 956 -12.89 -2.47 -21.31
N GLN C 957 -12.54 -3.73 -21.10
CA GLN C 957 -12.49 -4.25 -19.74
C GLN C 957 -11.40 -3.56 -18.94
N ALA C 958 -10.27 -3.26 -19.55
CA ALA C 958 -9.21 -2.58 -18.81
C ALA C 958 -9.65 -1.17 -18.41
N LEU C 959 -10.26 -0.44 -19.33
CA LEU C 959 -10.73 0.90 -18.99
C LEU C 959 -11.81 0.85 -17.91
N ASN C 960 -12.71 -0.12 -17.97
CA ASN C 960 -13.76 -0.17 -16.97
C ASN C 960 -13.21 -0.58 -15.62
N THR C 961 -12.22 -1.47 -15.58
CA THR C 961 -11.57 -1.76 -14.32
C THR C 961 -10.87 -0.52 -13.78
N LEU C 962 -10.26 0.27 -14.66
CA LEU C 962 -9.65 1.51 -14.22
C LEU C 962 -10.67 2.43 -13.57
N VAL C 963 -11.85 2.54 -14.16
CA VAL C 963 -12.87 3.41 -13.58
C VAL C 963 -13.37 2.85 -12.26
N LYS C 964 -13.63 1.54 -12.20
CA LYS C 964 -14.12 0.95 -10.97
C LYS C 964 -13.10 0.97 -9.86
N GLN C 965 -11.82 1.14 -10.18
CA GLN C 965 -10.88 1.31 -9.09
C GLN C 965 -11.06 2.63 -8.36
N LEU C 966 -11.99 3.47 -8.79
CA LEU C 966 -12.23 4.74 -8.10
C LEU C 966 -13.04 4.54 -6.83
N SER C 967 -13.95 3.59 -6.81
CA SER C 967 -14.83 3.36 -5.69
C SER C 967 -14.21 2.48 -4.63
N SER C 968 -12.89 2.43 -4.54
CA SER C 968 -12.22 1.60 -3.57
C SER C 968 -11.58 2.46 -2.49
N ASN C 969 -11.53 1.92 -1.28
CA ASN C 969 -11.06 2.66 -0.11
C ASN C 969 -9.57 2.55 0.11
N PHE C 970 -8.99 1.39 -0.19
CA PHE C 970 -7.57 1.13 0.01
C PHE C 970 -7.15 1.29 1.46
N GLY C 971 -8.10 1.31 2.38
CA GLY C 971 -7.82 1.59 3.77
C GLY C 971 -8.23 2.98 4.22
N ALA C 972 -9.08 3.66 3.47
CA ALA C 972 -9.52 5.00 3.81
C ALA C 972 -10.86 4.92 4.53
N ILE C 973 -11.47 6.08 4.75
CA ILE C 973 -12.75 6.16 5.44
C ILE C 973 -13.87 5.96 4.44
N SER C 974 -13.95 6.87 3.47
CA SER C 974 -14.93 6.77 2.40
C SER C 974 -14.23 7.08 1.09
N SER C 975 -14.65 6.41 0.03
CA SER C 975 -13.97 6.50 -1.24
C SER C 975 -14.33 7.74 -2.02
N VAL C 976 -14.88 8.76 -1.38
CA VAL C 976 -15.23 10.01 -2.03
C VAL C 976 -14.40 11.13 -1.40
N LEU C 977 -13.73 11.88 -2.26
CA LEU C 977 -12.77 12.86 -1.77
C LEU C 977 -13.45 14.02 -1.07
N ASN C 978 -14.53 14.55 -1.66
CA ASN C 978 -15.27 15.60 -0.99
C ASN C 978 -15.85 15.11 0.33
N ASP C 979 -16.25 13.84 0.39
CA ASP C 979 -16.77 13.28 1.63
C ASP C 979 -15.69 13.29 2.70
N ILE C 980 -14.49 12.82 2.37
CA ILE C 980 -13.41 12.82 3.36
C ILE C 980 -13.11 14.24 3.80
N LEU C 981 -12.96 15.15 2.84
CA LEU C 981 -12.56 16.51 3.17
C LEU C 981 -13.61 17.21 4.02
N SER C 982 -14.89 16.92 3.79
CA SER C 982 -15.93 17.55 4.58
C SER C 982 -16.03 16.92 5.97
N ARG C 983 -16.02 15.59 6.03
CA ARG C 983 -16.18 14.92 7.32
C ARG C 983 -15.03 15.27 8.27
N LEU C 984 -13.81 15.24 7.78
CA LEU C 984 -12.67 15.39 8.67
C LEU C 984 -11.98 16.73 8.49
N ASP C 985 -11.13 17.05 9.45
CA ASP C 985 -10.27 18.21 9.44
C ASP C 985 -8.99 17.88 8.67
N PRO C 986 -8.34 18.89 8.11
CA PRO C 986 -7.13 18.66 7.30
C PRO C 986 -6.11 17.76 7.99
N PRO C 987 -5.83 17.93 9.30
CA PRO C 987 -4.81 17.09 9.94
C PRO C 987 -4.99 15.58 9.77
N GLU C 988 -6.21 15.13 9.45
CA GLU C 988 -6.46 13.72 9.19
C GLU C 988 -6.95 13.46 7.78
N ALA C 989 -7.66 14.41 7.18
CA ALA C 989 -7.96 14.33 5.77
C ALA C 989 -6.70 14.12 4.96
N GLU C 990 -5.57 14.65 5.42
CA GLU C 990 -4.33 14.43 4.69
C GLU C 990 -3.96 12.95 4.67
N VAL C 991 -4.13 12.26 5.80
CA VAL C 991 -3.77 10.84 5.83
C VAL C 991 -4.74 10.03 4.99
N GLN C 992 -6.04 10.24 5.19
CA GLN C 992 -7.03 9.49 4.41
C GLN C 992 -6.83 9.72 2.92
N ILE C 993 -6.67 10.98 2.52
CA ILE C 993 -6.38 11.30 1.14
C ILE C 993 -5.14 10.55 0.68
N ASP C 994 -4.01 10.76 1.35
CA ASP C 994 -2.77 10.12 0.94
C ASP C 994 -2.94 8.64 0.71
N ARG C 995 -3.79 7.97 1.49
CA ARG C 995 -4.07 6.57 1.19
C ARG C 995 -4.84 6.43 -0.11
N LEU C 996 -5.86 7.26 -0.32
CA LEU C 996 -6.58 7.21 -1.59
C LEU C 996 -5.64 7.46 -2.76
N ILE C 997 -4.69 8.37 -2.59
CA ILE C 997 -3.76 8.71 -3.66
C ILE C 997 -2.83 7.54 -3.94
N THR C 998 -2.28 6.94 -2.89
CA THR C 998 -1.47 5.74 -3.08
C THR C 998 -2.23 4.72 -3.92
N GLY C 999 -3.47 4.44 -3.53
CA GLY C 999 -4.23 3.42 -4.23
C GLY C 999 -4.53 3.78 -5.67
N ARG C 1000 -5.00 4.99 -5.90
CA ARG C 1000 -5.39 5.37 -7.27
C ARG C 1000 -4.17 5.48 -8.16
N LEU C 1001 -3.05 5.98 -7.63
CA LEU C 1001 -1.83 6.04 -8.41
C LEU C 1001 -1.33 4.66 -8.77
N GLN C 1002 -1.42 3.71 -7.83
CA GLN C 1002 -1.01 2.36 -8.15
C GLN C 1002 -1.92 1.75 -9.20
N SER C 1003 -3.21 2.07 -9.15
CA SER C 1003 -4.12 1.57 -10.17
C SER C 1003 -3.80 2.17 -11.53
N LEU C 1004 -3.45 3.45 -11.58
CA LEU C 1004 -3.06 4.06 -12.83
C LEU C 1004 -1.79 3.42 -13.39
N GLN C 1005 -0.80 3.18 -12.53
CA GLN C 1005 0.41 2.52 -12.98
C GLN C 1005 0.10 1.16 -13.55
N THR C 1006 -0.75 0.39 -12.88
CA THR C 1006 -1.13 -0.91 -13.39
C THR C 1006 -1.75 -0.81 -14.76
N TYR C 1007 -2.68 0.13 -14.92
CA TYR C 1007 -3.36 0.25 -16.20
C TYR C 1007 -2.39 0.68 -17.30
N VAL C 1008 -1.51 1.63 -17.00
CA VAL C 1008 -0.57 2.09 -18.02
C VAL C 1008 0.38 0.98 -18.41
N THR C 1009 0.80 0.16 -17.46
CA THR C 1009 1.70 -0.93 -17.80
C THR C 1009 0.99 -1.98 -18.65
N GLN C 1010 -0.26 -2.29 -18.32
CA GLN C 1010 -1.02 -3.20 -19.17
C GLN C 1010 -1.13 -2.63 -20.57
N GLN C 1011 -1.37 -1.32 -20.69
CA GLN C 1011 -1.47 -0.73 -22.02
C GLN C 1011 -0.15 -0.80 -22.74
N LEU C 1012 0.96 -0.60 -22.04
CA LEU C 1012 2.26 -0.66 -22.69
C LEU C 1012 2.51 -2.04 -23.27
N ILE C 1013 2.25 -3.08 -22.49
CA ILE C 1013 2.49 -4.43 -23.00
C ILE C 1013 1.53 -4.76 -24.12
N ARG C 1014 0.26 -4.39 -23.98
CA ARG C 1014 -0.71 -4.69 -25.02
C ARG C 1014 -0.38 -3.94 -26.30
N ALA C 1015 0.12 -2.71 -26.19
CA ALA C 1015 0.51 -1.97 -27.38
C ALA C 1015 1.73 -2.57 -28.01
N ALA C 1016 2.63 -3.15 -27.22
CA ALA C 1016 3.75 -3.87 -27.83
C ALA C 1016 3.24 -5.05 -28.63
N GLU C 1017 2.29 -5.80 -28.09
CA GLU C 1017 1.74 -6.93 -28.84
C GLU C 1017 1.05 -6.46 -30.11
N ILE C 1018 0.28 -5.37 -30.03
CA ILE C 1018 -0.40 -4.88 -31.22
C ILE C 1018 0.60 -4.35 -32.23
N ARG C 1019 1.74 -3.81 -31.79
CA ARG C 1019 2.73 -3.38 -32.76
C ARG C 1019 3.38 -4.57 -33.44
N ALA C 1020 3.61 -5.65 -32.71
CA ALA C 1020 4.08 -6.86 -33.36
C ALA C 1020 3.11 -7.31 -34.44
N SER C 1021 1.82 -7.31 -34.11
CA SER C 1021 0.83 -7.73 -35.11
C SER C 1021 0.71 -6.74 -36.25
N ALA C 1022 0.95 -5.46 -35.99
CA ALA C 1022 0.84 -4.47 -37.05
C ALA C 1022 2.02 -4.55 -38.00
N ASN C 1023 3.22 -4.82 -37.49
CA ASN C 1023 4.35 -5.04 -38.39
C ASN C 1023 4.18 -6.33 -39.17
N LEU C 1024 3.61 -7.36 -38.53
CA LEU C 1024 3.33 -8.58 -39.28
C LEU C 1024 2.33 -8.31 -40.39
N ALA C 1025 1.30 -7.53 -40.12
CA ALA C 1025 0.34 -7.22 -41.17
C ALA C 1025 0.96 -6.35 -42.25
N ALA C 1026 1.86 -5.45 -41.87
CA ALA C 1026 2.52 -4.62 -42.87
C ALA C 1026 3.35 -5.46 -43.81
N THR C 1027 4.19 -6.34 -43.26
CA THR C 1027 5.01 -7.17 -44.14
C THR C 1027 4.15 -8.16 -44.91
N LYS C 1028 3.04 -8.58 -44.33
CA LYS C 1028 2.13 -9.46 -45.06
C LYS C 1028 1.54 -8.74 -46.26
N MET C 1029 1.16 -7.48 -46.08
CA MET C 1029 0.63 -6.73 -47.21
C MET C 1029 1.70 -6.52 -48.27
N SER C 1030 2.89 -6.10 -47.85
CA SER C 1030 3.93 -5.80 -48.83
C SER C 1030 4.35 -7.03 -49.60
N GLU C 1031 4.40 -8.19 -48.94
CA GLU C 1031 4.91 -9.37 -49.60
C GLU C 1031 3.82 -10.24 -50.19
N CYS C 1032 2.56 -9.96 -49.91
CA CYS C 1032 1.46 -10.80 -50.34
C CYS C 1032 0.51 -10.09 -51.27
N VAL C 1033 0.15 -8.84 -51.00
CA VAL C 1033 -0.65 -8.06 -51.94
C VAL C 1033 0.23 -7.56 -53.07
N LEU C 1034 1.19 -6.71 -52.74
CA LEU C 1034 2.05 -6.05 -53.70
C LEU C 1034 2.92 -7.01 -54.48
N GLY C 1035 2.77 -8.30 -54.27
CA GLY C 1035 3.57 -9.25 -55.00
C GLY C 1035 3.02 -10.65 -54.79
N GLN C 1036 3.79 -11.62 -55.26
CA GLN C 1036 3.45 -13.01 -55.07
C GLN C 1036 4.53 -13.63 -54.19
N SER C 1037 4.12 -14.51 -53.28
CA SER C 1037 5.03 -15.04 -52.29
C SER C 1037 5.33 -16.50 -52.55
N LYS C 1038 6.45 -16.94 -51.99
CA LYS C 1038 6.84 -18.34 -52.01
C LYS C 1038 7.30 -18.77 -50.62
N ARG C 1039 6.79 -18.09 -49.60
CA ARG C 1039 6.97 -18.53 -48.22
C ARG C 1039 5.77 -19.38 -47.85
N VAL C 1040 5.99 -20.69 -47.70
CA VAL C 1040 4.88 -21.61 -47.55
C VAL C 1040 4.04 -21.22 -46.35
N ASP C 1041 2.72 -21.33 -46.51
CA ASP C 1041 1.75 -21.03 -45.46
C ASP C 1041 1.94 -19.65 -44.84
N PHE C 1042 2.65 -18.76 -45.52
CA PHE C 1042 2.68 -17.38 -45.07
C PHE C 1042 1.50 -16.61 -45.61
N CYS C 1043 0.94 -17.05 -46.72
CA CYS C 1043 -0.16 -16.38 -47.40
C CYS C 1043 -1.32 -17.34 -47.62
N GLY C 1044 -1.73 -18.01 -46.56
CA GLY C 1044 -2.86 -18.91 -46.64
C GLY C 1044 -2.47 -20.29 -47.12
N LYS C 1045 -3.19 -21.32 -46.67
CA LYS C 1045 -2.82 -22.69 -46.99
C LYS C 1045 -2.88 -22.92 -48.49
N GLY C 1046 -1.75 -23.28 -49.08
CA GLY C 1046 -1.67 -23.62 -50.48
C GLY C 1046 -0.66 -22.78 -51.20
N TYR C 1047 -0.38 -23.19 -52.43
CA TYR C 1047 0.39 -22.34 -53.32
C TYR C 1047 -0.31 -21.01 -53.47
N HIS C 1048 0.47 -19.93 -53.45
CA HIS C 1048 -0.10 -18.60 -53.36
C HIS C 1048 -0.20 -17.95 -54.72
N LEU C 1049 -1.28 -17.20 -54.95
CA LEU C 1049 -1.52 -16.53 -56.22
C LEU C 1049 -1.61 -15.03 -56.09
N MET C 1050 -2.40 -14.51 -55.18
CA MET C 1050 -2.52 -13.07 -54.95
C MET C 1050 -3.44 -12.87 -53.75
N SER C 1051 -3.38 -11.69 -53.17
CA SER C 1051 -4.25 -11.36 -52.06
C SER C 1051 -4.86 -10.00 -52.30
N PHE C 1052 -6.01 -9.77 -51.66
CA PHE C 1052 -6.72 -8.50 -51.77
C PHE C 1052 -7.01 -8.03 -50.35
N PRO C 1053 -6.52 -6.87 -49.94
CA PRO C 1053 -6.79 -6.40 -48.59
C PRO C 1053 -8.22 -5.94 -48.48
N GLN C 1054 -8.70 -5.90 -47.25
CA GLN C 1054 -9.98 -5.30 -46.94
C GLN C 1054 -9.85 -4.64 -45.58
N SER C 1055 -10.42 -3.46 -45.44
CA SER C 1055 -10.34 -2.79 -44.16
C SER C 1055 -11.25 -3.46 -43.15
N ALA C 1056 -11.09 -3.10 -41.90
CA ALA C 1056 -11.91 -3.62 -40.82
C ALA C 1056 -11.65 -2.75 -39.60
N PRO C 1057 -12.58 -2.67 -38.66
CA PRO C 1057 -12.39 -1.75 -37.54
C PRO C 1057 -11.19 -2.14 -36.71
N HIS C 1058 -10.14 -1.31 -36.74
CA HIS C 1058 -8.90 -1.59 -36.05
C HIS C 1058 -8.29 -2.90 -36.54
N GLY C 1059 -8.01 -2.96 -37.82
CA GLY C 1059 -7.36 -4.15 -38.33
C GLY C 1059 -7.69 -4.39 -39.78
N VAL C 1060 -6.85 -5.18 -40.43
CA VAL C 1060 -6.97 -5.47 -41.84
C VAL C 1060 -7.39 -6.92 -41.99
N VAL C 1061 -7.99 -7.23 -43.13
CA VAL C 1061 -8.51 -8.56 -43.40
C VAL C 1061 -8.16 -8.90 -44.83
N PHE C 1062 -7.34 -9.92 -45.02
CA PHE C 1062 -6.88 -10.31 -46.34
C PHE C 1062 -7.76 -11.42 -46.90
N LEU C 1063 -7.79 -11.50 -48.22
CA LEU C 1063 -8.45 -12.61 -48.91
C LEU C 1063 -7.39 -13.31 -49.74
N HIS C 1064 -6.67 -14.23 -49.11
CA HIS C 1064 -5.58 -14.94 -49.79
C HIS C 1064 -6.14 -15.86 -50.85
N VAL C 1065 -6.00 -15.50 -52.12
CA VAL C 1065 -6.39 -16.39 -53.21
C VAL C 1065 -5.24 -17.36 -53.45
N THR C 1066 -5.45 -18.64 -53.17
CA THR C 1066 -4.42 -19.64 -53.28
C THR C 1066 -4.83 -20.73 -54.25
N TYR C 1067 -3.86 -21.54 -54.66
CA TYR C 1067 -4.07 -22.58 -55.65
C TYR C 1067 -3.77 -23.92 -55.01
N VAL C 1068 -4.78 -24.78 -54.91
CA VAL C 1068 -4.69 -26.01 -54.15
C VAL C 1068 -4.92 -27.19 -55.09
N PRO C 1069 -4.00 -28.13 -55.19
CA PRO C 1069 -4.18 -29.27 -56.11
C PRO C 1069 -5.27 -30.20 -55.64
N ALA C 1070 -5.96 -30.83 -56.60
CA ALA C 1070 -7.20 -31.53 -56.27
C ALA C 1070 -7.15 -33.03 -56.48
N GLN C 1071 -6.92 -33.51 -57.70
CA GLN C 1071 -7.16 -34.91 -58.03
C GLN C 1071 -5.92 -35.53 -58.65
N GLU C 1072 -5.52 -36.69 -58.15
CA GLU C 1072 -4.23 -37.28 -58.47
C GLU C 1072 -4.39 -38.71 -58.95
N LYS C 1073 -3.30 -39.24 -59.51
CA LYS C 1073 -3.24 -40.61 -60.01
C LYS C 1073 -1.90 -41.21 -59.63
N ASN C 1074 -1.92 -42.48 -59.23
CA ASN C 1074 -0.72 -43.14 -58.70
C ASN C 1074 0.14 -43.61 -59.87
N PHE C 1075 0.80 -42.66 -60.52
CA PHE C 1075 1.63 -42.99 -61.66
C PHE C 1075 2.91 -43.70 -61.23
N THR C 1076 3.54 -44.37 -62.19
CA THR C 1076 4.82 -45.02 -61.97
C THR C 1076 5.91 -44.20 -62.65
N THR C 1077 6.98 -43.91 -61.92
CA THR C 1077 8.02 -43.04 -62.43
C THR C 1077 9.38 -43.68 -62.43
N ALA C 1078 10.38 -42.89 -62.78
CA ALA C 1078 11.77 -43.31 -62.81
C ALA C 1078 12.63 -42.06 -62.98
N PRO C 1079 13.77 -41.98 -62.31
CA PRO C 1079 14.55 -40.73 -62.35
C PRO C 1079 14.95 -40.31 -63.76
N ALA C 1080 15.37 -41.24 -64.60
CA ALA C 1080 15.87 -40.89 -65.93
C ALA C 1080 15.64 -42.06 -66.87
N ILE C 1081 16.00 -41.86 -68.14
CA ILE C 1081 15.86 -42.90 -69.15
C ILE C 1081 17.10 -42.91 -70.04
N CYS C 1082 17.54 -44.11 -70.41
CA CYS C 1082 18.63 -44.31 -71.35
C CYS C 1082 18.06 -44.73 -72.70
N HIS C 1083 18.51 -44.08 -73.75
CA HIS C 1083 18.06 -44.39 -75.10
C HIS C 1083 19.18 -44.73 -76.05
N ASP C 1084 20.30 -44.01 -75.98
CA ASP C 1084 21.45 -44.25 -76.84
C ASP C 1084 22.71 -44.37 -76.01
N GLY C 1085 22.64 -45.13 -74.92
CA GLY C 1085 23.76 -45.33 -74.04
C GLY C 1085 23.99 -44.21 -73.05
N LYS C 1086 23.25 -43.11 -73.14
CA LYS C 1086 23.38 -41.97 -72.24
C LYS C 1086 22.07 -41.74 -71.50
N ALA C 1087 22.19 -41.21 -70.30
CA ALA C 1087 21.03 -40.97 -69.45
C ALA C 1087 20.41 -39.63 -69.76
N HIS C 1088 19.09 -39.55 -69.67
CA HIS C 1088 18.33 -38.36 -70.00
C HIS C 1088 17.52 -37.92 -68.78
N PHE C 1089 17.80 -36.76 -68.30
CA PHE C 1089 17.03 -36.20 -67.21
C PHE C 1089 16.08 -35.13 -67.72
N PRO C 1090 14.90 -34.98 -67.13
CA PRO C 1090 13.95 -34.00 -67.64
C PRO C 1090 14.42 -32.58 -67.37
N ARG C 1091 14.21 -31.70 -68.35
CA ARG C 1091 14.59 -30.31 -68.18
C ARG C 1091 13.79 -29.67 -67.05
N GLU C 1092 12.47 -29.64 -67.19
CA GLU C 1092 11.58 -29.16 -66.14
C GLU C 1092 10.34 -30.05 -66.15
N GLY C 1093 10.37 -31.09 -65.35
CA GLY C 1093 9.30 -32.05 -65.30
C GLY C 1093 9.77 -33.33 -64.65
N VAL C 1094 8.95 -34.37 -64.78
CA VAL C 1094 9.21 -35.64 -64.12
C VAL C 1094 8.72 -36.77 -65.03
N PHE C 1095 9.56 -37.78 -65.20
CA PHE C 1095 9.26 -38.88 -66.10
C PHE C 1095 8.25 -39.81 -65.45
N VAL C 1096 7.03 -39.84 -65.96
CA VAL C 1096 6.00 -40.74 -65.49
C VAL C 1096 5.75 -41.80 -66.55
N SER C 1097 5.02 -42.85 -66.15
CA SER C 1097 4.72 -43.94 -67.05
C SER C 1097 3.37 -44.53 -66.65
N ASN C 1098 2.40 -44.48 -67.54
CA ASN C 1098 1.06 -44.93 -67.19
C ASN C 1098 0.88 -46.43 -67.33
N GLY C 1099 1.87 -47.15 -67.85
CA GLY C 1099 1.77 -48.58 -67.96
C GLY C 1099 2.33 -49.14 -69.24
N THR C 1100 2.32 -48.34 -70.30
CA THR C 1100 2.85 -48.77 -71.58
C THR C 1100 3.89 -47.81 -72.15
N HIS C 1101 3.71 -46.51 -71.97
CA HIS C 1101 4.61 -45.51 -72.51
C HIS C 1101 5.27 -44.75 -71.39
N TRP C 1102 5.98 -43.69 -71.75
CA TRP C 1102 6.65 -42.83 -70.80
C TRP C 1102 6.45 -41.39 -71.22
N PHE C 1103 6.15 -40.54 -70.24
CA PHE C 1103 5.80 -39.16 -70.54
C PHE C 1103 6.50 -38.24 -69.55
N VAL C 1104 6.90 -37.09 -70.04
CA VAL C 1104 7.39 -36.00 -69.21
C VAL C 1104 6.23 -35.05 -68.97
N THR C 1105 6.10 -34.58 -67.74
CA THR C 1105 5.01 -33.68 -67.38
C THR C 1105 5.46 -32.75 -66.28
N GLN C 1106 4.94 -31.52 -66.30
CA GLN C 1106 5.21 -30.59 -65.23
C GLN C 1106 4.70 -31.18 -63.91
N ARG C 1107 5.35 -30.79 -62.82
CA ARG C 1107 5.17 -31.50 -61.56
C ARG C 1107 3.76 -31.33 -61.02
N ASN C 1108 3.27 -30.10 -60.94
CA ASN C 1108 2.07 -29.79 -60.18
C ASN C 1108 0.79 -29.91 -61.01
N PHE C 1109 0.85 -30.47 -62.20
CA PHE C 1109 -0.35 -30.61 -63.03
C PHE C 1109 -0.09 -31.70 -64.06
N TYR C 1110 -0.85 -32.78 -63.99
CA TYR C 1110 -0.64 -33.88 -64.93
C TYR C 1110 -1.01 -33.45 -66.34
N GLU C 1111 0.01 -33.23 -67.17
CA GLU C 1111 -0.19 -32.92 -68.58
C GLU C 1111 0.91 -33.59 -69.38
N PRO C 1112 0.74 -34.87 -69.70
CA PRO C 1112 1.83 -35.65 -70.26
C PRO C 1112 2.27 -35.15 -71.63
N GLN C 1113 3.53 -35.38 -71.94
CA GLN C 1113 4.12 -35.05 -73.24
C GLN C 1113 5.11 -36.13 -73.60
N ILE C 1114 5.21 -36.41 -74.90
CA ILE C 1114 6.16 -37.41 -75.37
C ILE C 1114 7.58 -36.93 -75.08
N ILE C 1115 8.47 -37.87 -74.78
CA ILE C 1115 9.80 -37.51 -74.31
C ILE C 1115 10.71 -37.25 -75.49
N THR C 1116 10.65 -36.03 -76.04
CA THR C 1116 11.58 -35.63 -77.08
C THR C 1116 12.90 -35.21 -76.46
N THR C 1117 13.94 -35.16 -77.28
CA THR C 1117 15.21 -34.69 -76.76
C THR C 1117 15.22 -33.20 -76.47
N ASP C 1118 14.12 -32.51 -76.70
CA ASP C 1118 13.98 -31.12 -76.28
C ASP C 1118 13.50 -31.00 -74.84
N ASN C 1119 12.64 -31.92 -74.39
CA ASN C 1119 12.16 -31.90 -73.03
C ASN C 1119 13.20 -32.37 -72.03
N THR C 1120 14.25 -33.04 -72.48
CA THR C 1120 15.27 -33.55 -71.60
C THR C 1120 16.64 -33.01 -71.99
N PHE C 1121 17.65 -33.42 -71.23
CA PHE C 1121 19.02 -33.04 -71.52
C PHE C 1121 19.92 -34.22 -71.15
N VAL C 1122 20.82 -34.59 -72.06
CA VAL C 1122 21.62 -35.78 -71.87
C VAL C 1122 22.66 -35.55 -70.80
N SER C 1123 23.08 -36.63 -70.15
CA SER C 1123 24.16 -36.57 -69.18
C SER C 1123 24.68 -37.97 -68.84
N GLY C 1124 25.99 -38.15 -68.91
CA GLY C 1124 26.63 -39.39 -68.51
C GLY C 1124 26.13 -40.58 -69.31
N ASN C 1125 26.08 -41.73 -68.64
CA ASN C 1125 25.66 -42.98 -69.24
C ASN C 1125 24.82 -43.75 -68.24
N CYS C 1126 24.38 -44.94 -68.64
CA CYS C 1126 23.46 -45.74 -67.83
C CYS C 1126 24.11 -46.46 -66.68
N ASP C 1127 25.36 -46.12 -66.33
CA ASP C 1127 26.03 -46.86 -65.27
C ASP C 1127 25.78 -46.23 -63.90
N VAL C 1128 25.86 -44.91 -63.81
CA VAL C 1128 25.85 -44.24 -62.52
C VAL C 1128 24.46 -44.19 -61.91
N VAL C 1129 23.47 -43.69 -62.66
CA VAL C 1129 22.16 -43.41 -62.07
C VAL C 1129 21.47 -44.71 -61.66
N ILE C 1130 20.72 -44.63 -60.56
CA ILE C 1130 20.04 -45.78 -59.98
C ILE C 1130 18.59 -45.76 -60.41
N GLY C 1131 18.07 -46.94 -60.78
CA GLY C 1131 16.67 -47.03 -61.12
C GLY C 1131 16.29 -46.44 -62.46
N ILE C 1132 17.27 -46.22 -63.34
CA ILE C 1132 16.95 -45.75 -64.68
C ILE C 1132 16.24 -46.84 -65.45
N VAL C 1133 15.38 -46.43 -66.39
CA VAL C 1133 14.58 -47.36 -67.17
C VAL C 1133 14.82 -47.08 -68.65
N ASN C 1134 14.88 -48.14 -69.44
CA ASN C 1134 15.07 -47.99 -70.88
C ASN C 1134 13.81 -47.45 -71.53
N ASN C 1135 14.00 -46.58 -72.53
CA ASN C 1135 12.91 -46.15 -73.38
C ASN C 1135 13.52 -45.41 -74.57
N THR C 1136 12.64 -44.96 -75.47
CA THR C 1136 13.07 -44.34 -76.72
C THR C 1136 12.80 -42.84 -76.65
N VAL C 1137 13.87 -42.06 -76.64
CA VAL C 1137 13.75 -40.60 -76.69
C VAL C 1137 13.56 -40.19 -78.15
N TYR C 1138 12.35 -39.75 -78.49
CA TYR C 1138 12.06 -39.26 -79.82
C TYR C 1138 12.89 -38.00 -80.11
N ASP C 1139 13.13 -37.75 -81.39
CA ASP C 1139 13.93 -36.61 -81.81
C ASP C 1139 13.24 -35.89 -82.96
N PRO C 1140 12.92 -34.60 -82.80
CA PRO C 1140 12.23 -33.87 -83.88
C PRO C 1140 13.07 -33.68 -85.13
N LEU C 1141 14.37 -33.93 -85.08
CA LEU C 1141 15.23 -33.74 -86.25
C LEU C 1141 15.14 -34.90 -87.22
N GLN C 1142 14.66 -36.06 -86.78
CA GLN C 1142 14.61 -37.23 -87.66
C GLN C 1142 13.68 -37.05 -88.86
N PRO C 1143 12.47 -36.50 -88.73
CA PRO C 1143 11.64 -36.32 -89.94
C PRO C 1143 12.28 -35.41 -90.97
N GLU C 1144 12.84 -34.28 -90.52
CA GLU C 1144 13.47 -33.37 -91.45
C GLU C 1144 14.75 -33.94 -92.04
N LEU C 1145 15.44 -34.81 -91.30
CA LEU C 1145 16.65 -35.42 -91.83
C LEU C 1145 16.32 -36.50 -92.85
N ASP C 1146 15.25 -37.26 -92.62
CA ASP C 1146 14.83 -38.27 -93.58
C ASP C 1146 14.28 -37.62 -94.85
N SER C 1147 13.26 -36.79 -94.71
CA SER C 1147 12.65 -36.12 -95.85
C SER C 1147 13.61 -35.10 -96.45
N VAL D 2 10.25 3.06 86.79
CA VAL D 2 9.00 2.88 86.08
C VAL D 2 8.07 4.03 86.46
N GLN D 3 8.67 5.17 86.78
CA GLN D 3 7.92 6.35 87.18
C GLN D 3 7.20 6.91 85.96
N LEU D 4 5.92 6.60 85.82
CA LEU D 4 5.08 7.05 84.71
C LEU D 4 3.96 7.91 85.28
N VAL D 5 3.90 9.16 84.86
CA VAL D 5 2.94 10.13 85.39
C VAL D 5 2.11 10.69 84.23
N GLU D 6 0.82 10.35 84.23
CA GLU D 6 -0.10 10.81 83.21
C GLU D 6 -0.52 12.25 83.47
N SER D 7 -1.02 12.91 82.42
CA SER D 7 -1.47 14.29 82.51
C SER D 7 -2.28 14.70 81.28
N GLY D 8 -3.44 15.32 81.48
CA GLY D 8 -4.18 15.86 80.36
C GLY D 8 -5.69 15.71 80.39
N GLY D 9 -6.23 15.07 81.43
CA GLY D 9 -7.66 14.83 81.50
C GLY D 9 -8.48 16.11 81.61
N GLY D 10 -9.80 15.94 81.54
CA GLY D 10 -10.71 17.07 81.64
C GLY D 10 -12.13 16.66 81.32
N LEU D 11 -12.94 17.66 80.96
CA LEU D 11 -14.31 17.44 80.52
C LEU D 11 -14.53 18.15 79.19
N ILE D 12 -15.05 17.39 78.21
CA ILE D 12 -15.05 17.82 76.82
C ILE D 12 -16.44 17.68 76.23
N GLN D 13 -16.87 18.72 75.52
CA GLN D 13 -18.06 18.69 74.70
C GLN D 13 -17.75 18.05 73.35
N PRO D 14 -18.76 17.55 72.63
CA PRO D 14 -18.48 16.84 71.38
C PRO D 14 -17.72 17.70 70.38
N GLY D 15 -16.51 17.26 70.05
CA GLY D 15 -15.66 17.94 69.08
C GLY D 15 -14.22 18.11 69.54
N GLY D 16 -14.01 18.30 70.84
CA GLY D 16 -12.68 18.54 71.36
C GLY D 16 -11.76 17.34 71.24
N SER D 17 -10.55 17.50 71.79
CA SER D 17 -9.57 16.43 71.75
C SER D 17 -8.58 16.59 72.89
N LEU D 18 -8.50 15.56 73.74
CA LEU D 18 -7.54 15.49 74.83
C LEU D 18 -6.31 14.75 74.38
N ARG D 19 -5.14 15.25 74.81
CA ARG D 19 -3.85 14.64 74.49
C ARG D 19 -3.17 14.33 75.82
N LEU D 20 -3.25 13.08 76.26
CA LEU D 20 -2.60 12.69 77.49
C LEU D 20 -1.09 12.70 77.30
N SER D 21 -0.37 12.73 78.43
CA SER D 21 1.09 12.79 78.41
C SER D 21 1.60 11.96 79.58
N CYS D 22 1.87 10.68 79.32
CA CYS D 22 2.43 9.78 80.33
C CYS D 22 3.94 9.79 80.17
N ALA D 23 4.63 10.41 81.13
CA ALA D 23 6.08 10.39 81.13
C ALA D 23 6.59 8.96 81.18
N ALA D 24 7.70 8.71 80.49
CA ALA D 24 8.27 7.38 80.42
C ALA D 24 9.68 7.37 80.98
N SER D 25 9.85 7.97 82.17
CA SER D 25 11.17 8.10 82.76
C SER D 25 11.81 6.74 83.01
N GLY D 26 11.07 5.83 83.66
CA GLY D 26 11.67 4.59 84.12
C GLY D 26 11.84 3.53 83.06
N PHE D 27 11.09 3.62 81.96
CA PHE D 27 11.05 2.55 80.98
C PHE D 27 10.95 3.14 79.58
N THR D 28 11.84 2.69 78.69
CA THR D 28 11.81 3.17 77.32
C THR D 28 10.49 2.83 76.64
N VAL D 29 9.93 3.81 75.94
CA VAL D 29 8.82 3.55 75.02
C VAL D 29 9.30 3.36 73.59
N SER D 30 10.52 3.80 73.26
CA SER D 30 11.13 3.51 71.98
C SER D 30 11.84 2.16 72.06
N SER D 31 11.81 1.41 70.96
CA SER D 31 12.33 0.05 70.93
C SER D 31 11.66 -0.80 71.99
N ASN D 32 10.39 -0.50 72.27
CA ASN D 32 9.64 -1.17 73.33
C ASN D 32 8.16 -1.14 72.96
N TYR D 33 7.31 -1.47 73.92
CA TYR D 33 5.89 -1.58 73.69
C TYR D 33 5.14 -0.82 74.78
N MET D 34 3.86 -0.56 74.54
CA MET D 34 3.04 0.17 75.49
C MET D 34 1.58 0.02 75.11
N SER D 35 0.69 0.07 76.11
CA SER D 35 -0.74 -0.03 75.91
C SER D 35 -1.45 1.05 76.73
N TRP D 36 -2.58 1.50 76.21
CA TRP D 36 -3.46 2.44 76.88
C TRP D 36 -4.79 1.79 77.19
N VAL D 37 -5.33 2.09 78.37
CA VAL D 37 -6.60 1.52 78.83
C VAL D 37 -7.38 2.58 79.60
N ARG D 38 -8.65 2.29 79.85
CA ARG D 38 -9.50 3.09 80.71
C ARG D 38 -10.54 2.18 81.34
N GLN D 39 -11.11 2.61 82.45
CA GLN D 39 -12.08 1.82 83.21
C GLN D 39 -13.29 2.68 83.56
N ALA D 40 -14.47 2.20 83.19
CA ALA D 40 -15.69 2.87 83.63
C ALA D 40 -15.91 2.63 85.12
N PRO D 41 -16.33 3.65 85.87
CA PRO D 41 -16.53 3.46 87.31
C PRO D 41 -17.48 2.31 87.63
N GLY D 42 -16.96 1.27 88.25
CA GLY D 42 -17.75 0.09 88.52
C GLY D 42 -17.81 -0.90 87.38
N LYS D 43 -16.68 -1.15 86.71
CA LYS D 43 -16.64 -2.02 85.55
C LYS D 43 -15.22 -2.54 85.37
N GLY D 44 -15.10 -3.68 84.71
CA GLY D 44 -13.80 -4.18 84.30
C GLY D 44 -13.13 -3.23 83.34
N LEU D 45 -11.91 -3.54 82.92
CA LEU D 45 -11.15 -2.59 82.13
C LEU D 45 -11.64 -2.54 80.69
N GLU D 46 -11.26 -1.47 80.01
CA GLU D 46 -11.58 -1.28 78.60
C GLU D 46 -10.29 -0.91 77.88
N TRP D 47 -9.74 -1.86 77.13
CA TRP D 47 -8.58 -1.57 76.31
C TRP D 47 -8.98 -0.54 75.26
N VAL D 48 -8.19 0.53 75.17
CA VAL D 48 -8.47 1.59 74.21
C VAL D 48 -7.38 1.77 73.17
N SER D 49 -6.15 1.34 73.43
CA SER D 49 -5.07 1.58 72.49
C SER D 49 -3.86 0.73 72.85
N VAL D 50 -3.02 0.51 71.84
CA VAL D 50 -1.71 -0.11 72.01
C VAL D 50 -0.74 0.59 71.06
N ILE D 51 0.55 0.47 71.34
CA ILE D 51 1.58 0.93 70.44
C ILE D 51 2.74 -0.06 70.49
N TYR D 52 2.96 -0.78 69.39
CA TYR D 52 4.00 -1.78 69.33
C TYR D 52 5.36 -1.09 69.22
N SER D 53 6.42 -1.88 69.02
CA SER D 53 7.72 -1.29 68.79
C SER D 53 7.88 -0.79 67.36
N GLY D 54 7.22 -1.45 66.41
CA GLY D 54 7.27 -1.01 65.03
C GLY D 54 6.22 0.02 64.71
N GLY D 55 5.72 0.71 65.74
CA GLY D 55 4.68 1.70 65.57
C GLY D 55 3.29 1.17 65.34
N SER D 56 3.11 -0.15 65.35
CA SER D 56 1.80 -0.73 65.16
C SER D 56 0.84 -0.26 66.24
N THR D 57 -0.43 -0.13 65.87
CA THR D 57 -1.46 0.39 66.77
C THR D 57 -2.75 -0.39 66.58
N TYR D 58 -3.51 -0.50 67.67
CA TYR D 58 -4.81 -1.13 67.65
C TYR D 58 -5.70 -0.42 68.66
N TYR D 59 -7.00 -0.41 68.38
CA TYR D 59 -7.99 0.13 69.30
C TYR D 59 -9.18 -0.82 69.35
N ALA D 60 -10.00 -0.66 70.39
CA ALA D 60 -11.18 -1.48 70.56
C ALA D 60 -12.29 -0.98 69.62
N ASP D 61 -13.51 -1.50 69.81
CA ASP D 61 -14.61 -1.17 68.91
C ASP D 61 -14.94 0.32 68.94
N SER D 62 -15.37 0.82 70.10
CA SER D 62 -15.85 2.19 70.21
C SER D 62 -14.79 3.24 69.94
N VAL D 63 -13.51 2.88 70.00
CA VAL D 63 -12.44 3.86 69.90
C VAL D 63 -11.65 3.74 68.60
N LYS D 64 -11.78 2.64 67.86
CA LYS D 64 -11.09 2.52 66.59
C LYS D 64 -11.72 3.45 65.56
N GLY D 65 -10.86 4.13 64.79
CA GLY D 65 -11.29 5.15 63.87
C GLY D 65 -11.29 6.54 64.43
N ARG D 66 -11.40 6.69 65.75
CA ARG D 66 -11.37 8.00 66.40
C ARG D 66 -10.17 8.16 67.32
N PHE D 67 -9.95 7.20 68.21
CA PHE D 67 -8.81 7.29 69.12
C PHE D 67 -7.51 7.21 68.34
N THR D 68 -6.57 8.10 68.67
CA THR D 68 -5.29 8.18 67.98
C THR D 68 -4.20 8.33 69.03
N ILE D 69 -3.44 7.27 69.25
CA ILE D 69 -2.31 7.30 70.18
C ILE D 69 -1.05 7.65 69.40
N SER D 70 -0.18 8.41 70.03
CA SER D 70 1.14 8.70 69.48
C SER D 70 2.08 8.98 70.65
N ARG D 71 3.35 9.17 70.33
CA ARG D 71 4.36 9.50 71.33
C ARG D 71 5.61 9.98 70.60
N ASP D 72 6.43 10.75 71.31
CA ASP D 72 7.66 11.24 70.72
C ASP D 72 8.64 10.10 70.49
N ASN D 73 9.75 10.41 69.81
CA ASN D 73 10.72 9.38 69.45
C ASN D 73 11.37 8.78 70.69
N SER D 74 11.68 9.61 71.67
CA SER D 74 12.36 9.16 72.88
C SER D 74 11.32 8.77 73.93
N LYS D 75 11.78 8.58 75.17
CA LYS D 75 10.92 8.17 76.28
C LYS D 75 10.34 9.37 77.03
N ASN D 76 10.14 10.50 76.35
CA ASN D 76 9.60 11.67 77.03
C ASN D 76 8.16 11.45 77.46
N THR D 77 7.27 11.21 76.50
CA THR D 77 5.84 11.34 76.72
C THR D 77 5.13 10.18 76.02
N LEU D 78 3.80 10.16 76.12
CA LEU D 78 2.96 9.14 75.54
C LEU D 78 1.53 9.67 75.52
N TYR D 79 0.88 9.66 74.36
CA TYR D 79 -0.36 10.38 74.16
C TYR D 79 -1.54 9.43 73.99
N LEU D 80 -2.74 10.03 73.99
CA LEU D 80 -3.98 9.34 73.63
C LEU D 80 -4.97 10.41 73.18
N GLN D 81 -5.07 10.60 71.87
CA GLN D 81 -5.96 11.60 71.29
C GLN D 81 -7.28 10.96 70.89
N MET D 82 -8.36 11.71 71.06
CA MET D 82 -9.71 11.23 70.77
C MET D 82 -10.43 12.21 69.87
N ASN D 83 -11.46 11.71 69.18
CA ASN D 83 -12.28 12.52 68.30
C ASN D 83 -13.72 12.00 68.32
N SER D 84 -14.66 12.92 68.08
CA SER D 84 -16.10 12.61 68.01
C SER D 84 -16.58 11.98 69.33
N LEU D 85 -16.52 12.79 70.38
CA LEU D 85 -16.89 12.36 71.72
C LEU D 85 -18.40 12.45 71.90
N ARG D 86 -18.97 11.42 72.54
CA ARG D 86 -20.38 11.38 72.88
C ARG D 86 -20.54 11.25 74.39
N ALA D 87 -21.78 11.17 74.85
CA ALA D 87 -22.06 11.12 76.28
C ALA D 87 -21.69 9.78 76.91
N GLU D 88 -21.27 8.81 76.10
CA GLU D 88 -21.04 7.45 76.57
C GLU D 88 -19.67 7.23 77.17
N ASP D 89 -18.75 8.20 77.05
CA ASP D 89 -17.33 7.94 77.23
C ASP D 89 -16.76 8.52 78.52
N THR D 90 -17.52 8.50 79.61
CA THR D 90 -17.01 8.93 80.91
C THR D 90 -16.46 7.72 81.65
N ALA D 91 -15.16 7.75 81.95
CA ALA D 91 -14.48 6.63 82.59
C ALA D 91 -13.12 7.11 83.09
N VAL D 92 -12.78 6.71 84.31
CA VAL D 92 -11.49 7.10 84.87
C VAL D 92 -10.36 6.44 84.08
N TYR D 93 -9.33 7.20 83.76
CA TYR D 93 -8.22 6.71 82.96
C TYR D 93 -7.10 6.19 83.84
N TYR D 94 -6.40 5.18 83.34
CA TYR D 94 -5.18 4.67 83.96
C TYR D 94 -4.26 4.18 82.85
N CYS D 95 -2.96 4.34 83.05
CA CYS D 95 -1.97 3.88 82.10
C CYS D 95 -1.50 2.49 82.50
N ALA D 96 -1.23 1.65 81.51
CA ALA D 96 -0.92 0.24 81.72
C ALA D 96 0.37 -0.10 80.98
N ARG D 97 1.48 -0.16 81.72
CA ARG D 97 2.70 -0.72 81.16
C ARG D 97 2.46 -2.17 80.76
N GLY D 98 2.71 -2.48 79.50
CA GLY D 98 2.40 -3.78 78.95
C GLY D 98 1.95 -3.67 77.51
N GLU D 99 1.83 -4.84 76.87
CA GLU D 99 1.41 -4.90 75.49
C GLU D 99 0.68 -6.21 75.27
N GLY D 100 -0.64 -6.13 75.08
CA GLY D 100 -1.37 -7.33 74.76
C GLY D 100 -1.35 -8.35 75.89
N TRP D 101 -1.91 -9.52 75.56
CA TRP D 101 -2.00 -10.60 76.53
C TRP D 101 -0.62 -11.11 76.91
N GLU D 102 0.14 -11.62 75.94
CA GLU D 102 1.53 -11.95 76.21
C GLU D 102 2.28 -10.69 76.63
N LEU D 103 3.30 -10.89 77.47
CA LEU D 103 3.91 -9.79 78.21
C LEU D 103 2.76 -9.07 78.92
N PRO D 104 2.25 -9.65 80.00
CA PRO D 104 1.04 -9.11 80.66
C PRO D 104 1.21 -7.69 81.17
N TYR D 105 0.13 -7.12 81.69
CA TYR D 105 0.16 -5.81 82.29
C TYR D 105 0.43 -5.95 83.79
N ASP D 106 1.64 -5.58 84.21
CA ASP D 106 2.04 -5.68 85.61
C ASP D 106 2.33 -4.30 86.19
N TYR D 107 3.15 -3.52 85.50
CA TYR D 107 3.44 -2.15 85.88
C TYR D 107 2.33 -1.25 85.36
N TRP D 108 2.01 -0.20 86.11
CA TRP D 108 0.87 0.66 85.78
C TRP D 108 1.24 2.12 86.03
N GLY D 109 0.32 3.00 85.63
CA GLY D 109 0.47 4.43 85.84
C GLY D 109 -0.19 4.88 87.13
N GLN D 110 -0.25 6.20 87.29
CA GLN D 110 -0.80 6.78 88.51
C GLN D 110 -2.28 7.11 88.40
N GLY D 111 -2.79 7.32 87.19
CA GLY D 111 -4.21 7.54 86.99
C GLY D 111 -4.64 8.99 86.89
N THR D 112 -5.18 9.38 85.73
CA THR D 112 -5.73 10.70 85.51
C THR D 112 -7.24 10.60 85.34
N LEU D 113 -7.98 11.36 86.15
CA LEU D 113 -9.43 11.36 86.08
C LEU D 113 -9.88 12.08 84.82
N VAL D 114 -10.46 11.33 83.88
CA VAL D 114 -10.94 11.89 82.62
C VAL D 114 -12.43 11.60 82.50
N THR D 115 -13.21 12.64 82.20
CA THR D 115 -14.66 12.54 82.12
C THR D 115 -15.13 13.15 80.81
N VAL D 116 -15.86 12.37 80.02
CA VAL D 116 -16.41 12.82 78.74
C VAL D 116 -17.92 12.75 78.81
N SER D 117 -18.59 13.84 78.47
CA SER D 117 -20.04 13.89 78.47
C SER D 117 -20.56 14.91 77.45
N VAL E 2 -42.31 27.20 72.95
CA VAL E 2 -41.30 27.05 71.91
C VAL E 2 -40.10 27.95 72.20
N GLN E 3 -38.91 27.36 72.23
CA GLN E 3 -37.69 28.06 72.59
C GLN E 3 -36.72 28.09 71.43
N LEU E 4 -35.91 29.15 71.37
CA LEU E 4 -34.76 29.23 70.46
C LEU E 4 -33.64 29.87 71.27
N VAL E 5 -32.86 29.03 71.94
CA VAL E 5 -31.78 29.48 72.81
C VAL E 5 -30.46 29.30 72.08
N GLU E 6 -29.65 30.35 72.07
CA GLU E 6 -28.39 30.39 71.34
C GLU E 6 -27.25 30.66 72.31
N SER E 7 -26.15 29.93 72.14
CA SER E 7 -24.99 30.06 72.99
C SER E 7 -23.74 30.28 72.14
N GLY E 8 -22.70 30.83 72.76
CA GLY E 8 -21.42 31.01 72.11
C GLY E 8 -20.78 32.37 72.30
N GLY E 9 -21.26 33.22 73.20
CA GLY E 9 -20.65 34.53 73.39
C GLY E 9 -19.20 34.42 73.86
N GLY E 10 -18.47 35.51 73.67
CA GLY E 10 -17.08 35.55 74.07
C GLY E 10 -16.33 36.64 73.32
N LEU E 11 -15.05 36.74 73.66
CA LEU E 11 -14.15 37.73 73.09
C LEU E 11 -13.19 37.04 72.12
N ILE E 12 -13.21 37.46 70.86
CA ILE E 12 -12.30 36.93 69.85
C ILE E 12 -11.62 38.09 69.13
N GLN E 13 -10.48 37.78 68.50
CA GLN E 13 -9.67 38.80 67.87
C GLN E 13 -10.44 39.46 66.72
N PRO E 14 -10.05 40.68 66.32
CA PRO E 14 -10.76 41.36 65.23
C PRO E 14 -10.53 40.61 63.91
N GLY E 15 -11.57 39.94 63.45
CA GLY E 15 -11.43 38.99 62.36
C GLY E 15 -11.15 37.57 62.80
N GLY E 16 -11.54 37.20 64.02
CA GLY E 16 -11.33 35.86 64.50
C GLY E 16 -12.53 34.95 64.27
N SER E 17 -12.37 33.69 64.67
CA SER E 17 -13.38 32.68 64.45
C SER E 17 -14.04 32.26 65.76
N LEU E 18 -15.35 32.00 65.70
CA LEU E 18 -16.08 31.44 66.82
C LEU E 18 -17.40 30.90 66.31
N ARG E 19 -17.80 29.74 66.81
CA ARG E 19 -18.96 29.02 66.31
C ARG E 19 -20.13 29.18 67.29
N LEU E 20 -21.33 29.30 66.74
CA LEU E 20 -22.56 29.43 67.51
C LEU E 20 -23.51 28.27 67.19
N SER E 21 -24.60 28.20 67.95
CA SER E 21 -25.61 27.17 67.78
C SER E 21 -26.92 27.70 68.34
N CYS E 22 -28.00 26.98 68.02
CA CYS E 22 -29.31 27.31 68.58
C CYS E 22 -30.22 26.10 68.43
N ALA E 23 -30.59 25.48 69.55
CA ALA E 23 -31.45 24.30 69.52
C ALA E 23 -32.91 24.72 69.43
N ALA E 24 -33.61 24.22 68.41
CA ALA E 24 -35.03 24.50 68.25
C ALA E 24 -35.86 23.40 68.88
N SER E 25 -37.06 23.76 69.32
CA SER E 25 -37.90 22.86 70.10
C SER E 25 -39.19 22.47 69.38
N GLY E 26 -40.01 23.46 68.99
CA GLY E 26 -41.37 23.20 68.55
C GLY E 26 -41.52 22.41 67.27
N PHE E 27 -40.44 22.10 66.57
CA PHE E 27 -40.51 21.39 65.28
C PHE E 27 -39.14 20.80 64.99
N THR E 28 -38.96 20.33 63.77
CA THR E 28 -37.66 19.90 63.26
C THR E 28 -37.13 20.94 62.29
N VAL E 29 -35.92 21.46 62.57
CA VAL E 29 -35.33 22.49 61.72
C VAL E 29 -35.16 22.02 60.28
N SER E 30 -35.19 20.72 60.04
CA SER E 30 -35.04 20.16 58.71
C SER E 30 -36.35 20.10 57.94
N SER E 31 -37.36 20.87 58.35
CA SER E 31 -38.67 20.84 57.69
C SER E 31 -39.20 22.20 57.29
N ASN E 32 -38.73 23.29 57.88
CA ASN E 32 -39.20 24.62 57.54
C ASN E 32 -38.04 25.52 57.17
N TYR E 33 -38.30 26.82 57.04
CA TYR E 33 -37.27 27.80 56.73
C TYR E 33 -36.87 28.54 58.01
N MET E 34 -35.63 29.00 58.04
CA MET E 34 -35.12 29.79 59.15
C MET E 34 -34.14 30.81 58.62
N SER E 35 -34.00 31.92 59.34
CA SER E 35 -33.18 33.02 58.88
C SER E 35 -32.30 33.53 60.02
N TRP E 36 -31.09 33.93 59.68
CA TRP E 36 -30.15 34.56 60.61
C TRP E 36 -30.28 36.08 60.49
N VAL E 37 -30.51 36.74 61.62
CA VAL E 37 -30.76 38.18 61.64
C VAL E 37 -29.99 38.79 62.80
N ARG E 38 -29.32 39.91 62.53
CA ARG E 38 -28.61 40.69 63.53
C ARG E 38 -29.31 42.02 63.76
N GLN E 39 -28.88 42.74 64.79
CA GLN E 39 -29.46 44.04 65.14
C GLN E 39 -28.34 44.96 65.64
N ALA E 40 -27.87 45.84 64.75
CA ALA E 40 -26.87 46.82 65.15
C ALA E 40 -27.42 47.67 66.31
N PRO E 41 -26.58 47.98 67.30
CA PRO E 41 -27.08 48.64 68.51
C PRO E 41 -27.74 49.97 68.19
N GLY E 42 -28.96 50.15 68.68
CA GLY E 42 -29.73 51.35 68.39
C GLY E 42 -30.21 51.46 66.96
N LYS E 43 -30.13 50.39 66.18
CA LYS E 43 -30.51 50.38 64.78
C LYS E 43 -31.58 49.32 64.54
N GLY E 44 -32.15 49.35 63.33
CA GLY E 44 -33.13 48.35 62.95
C GLY E 44 -32.48 47.06 62.49
N LEU E 45 -33.21 45.96 62.66
CA LEU E 45 -32.71 44.64 62.34
C LEU E 45 -32.55 44.47 60.83
N GLU E 46 -32.08 43.30 60.44
CA GLU E 46 -31.80 43.05 59.03
C GLU E 46 -31.69 41.55 58.79
N TRP E 47 -32.39 41.06 57.76
CA TRP E 47 -32.15 39.72 57.27
C TRP E 47 -30.72 39.60 56.77
N VAL E 48 -30.11 38.44 56.98
CA VAL E 48 -28.77 38.15 56.51
C VAL E 48 -28.73 36.90 55.63
N SER E 49 -29.33 35.82 56.11
CA SER E 49 -29.32 34.56 55.38
C SER E 49 -30.70 33.90 55.54
N VAL E 50 -30.87 32.76 54.88
CA VAL E 50 -32.04 31.93 55.09
C VAL E 50 -31.66 30.50 54.79
N ILE E 51 -32.24 29.57 55.55
CA ILE E 51 -32.02 28.15 55.36
C ILE E 51 -33.40 27.49 55.28
N TYR E 52 -33.80 27.13 54.07
CA TYR E 52 -35.15 26.67 53.82
C TYR E 52 -35.34 25.23 54.31
N SER E 53 -36.47 24.64 53.97
CA SER E 53 -36.69 23.23 54.28
C SER E 53 -35.72 22.35 53.51
N GLY E 54 -35.52 22.64 52.23
CA GLY E 54 -34.54 21.94 51.44
C GLY E 54 -33.15 22.49 51.63
N GLY E 55 -32.91 23.13 52.77
CA GLY E 55 -31.64 23.77 53.03
C GLY E 55 -31.26 24.82 52.01
N SER E 56 -32.24 25.50 51.43
CA SER E 56 -31.96 26.49 50.41
C SER E 56 -31.15 27.63 51.01
N THR E 57 -30.00 27.93 50.41
CA THR E 57 -29.05 28.87 50.96
C THR E 57 -29.22 30.24 50.32
N TYR E 58 -29.27 31.27 51.17
CA TYR E 58 -29.23 32.65 50.74
C TYR E 58 -28.23 33.38 51.62
N TYR E 59 -27.68 34.48 51.08
CA TYR E 59 -26.62 35.22 51.76
C TYR E 59 -26.84 36.71 51.60
N ALA E 60 -26.59 37.45 52.66
CA ALA E 60 -26.52 38.90 52.55
C ALA E 60 -25.22 39.31 51.89
N ASP E 61 -25.16 40.56 51.45
CA ASP E 61 -23.96 41.05 50.78
C ASP E 61 -22.77 41.14 51.72
N SER E 62 -23.01 41.28 53.02
CA SER E 62 -21.94 41.45 54.01
C SER E 62 -21.55 40.15 54.70
N VAL E 63 -22.15 39.02 54.30
CA VAL E 63 -21.88 37.74 54.93
C VAL E 63 -21.34 36.73 53.91
N LYS E 64 -21.12 37.18 52.67
CA LYS E 64 -20.62 36.31 51.62
C LYS E 64 -19.24 35.77 51.95
N GLY E 65 -19.11 34.44 52.03
CA GLY E 65 -17.83 33.80 52.23
C GLY E 65 -17.20 33.97 53.58
N ARG E 66 -17.82 34.73 54.49
CA ARG E 66 -17.29 34.94 55.83
C ARG E 66 -17.88 33.96 56.83
N PHE E 67 -19.20 33.87 56.92
CA PHE E 67 -19.86 32.99 57.86
C PHE E 67 -20.37 31.76 57.13
N THR E 68 -20.14 30.58 57.71
CA THR E 68 -20.63 29.32 57.16
C THR E 68 -21.98 29.04 57.82
N ILE E 69 -23.04 29.60 57.23
CA ILE E 69 -24.39 29.24 57.66
C ILE E 69 -24.61 27.75 57.40
N SER E 70 -25.41 27.12 58.25
CA SER E 70 -25.70 25.70 58.10
C SER E 70 -26.90 25.36 58.99
N ARG E 71 -27.16 24.06 59.09
CA ARG E 71 -28.24 23.52 59.90
C ARG E 71 -27.73 22.26 60.60
N ASP E 72 -28.47 21.78 61.59
CA ASP E 72 -28.11 20.56 62.31
C ASP E 72 -29.36 19.72 62.52
N ASN E 73 -29.28 18.45 62.14
CA ASN E 73 -30.39 17.50 62.32
C ASN E 73 -30.24 16.63 63.54
N SER E 74 -29.04 16.56 64.12
CA SER E 74 -28.85 15.80 65.34
C SER E 74 -29.61 16.45 66.49
N LYS E 75 -29.29 17.70 66.79
CA LYS E 75 -29.88 18.40 67.94
C LYS E 75 -30.88 19.47 67.53
N ASN E 76 -31.46 19.37 66.33
CA ASN E 76 -32.52 20.27 65.89
C ASN E 76 -32.07 21.73 66.00
N THR E 77 -31.03 22.06 65.24
CA THR E 77 -30.27 23.29 65.47
C THR E 77 -29.94 23.98 64.17
N LEU E 78 -30.07 25.31 64.17
CA LEU E 78 -29.51 26.15 63.12
C LEU E 78 -28.08 26.51 63.50
N TYR E 79 -27.14 26.10 62.66
CA TYR E 79 -25.72 26.30 62.93
C TYR E 79 -25.19 27.49 62.14
N LEU E 80 -24.12 28.09 62.68
CA LEU E 80 -23.46 29.23 62.06
C LEU E 80 -21.97 29.15 62.40
N GLN E 81 -21.19 28.57 61.49
CA GLN E 81 -19.73 28.58 61.61
C GLN E 81 -19.25 29.93 61.05
N MET E 82 -19.31 30.94 61.91
CA MET E 82 -19.05 32.31 61.51
C MET E 82 -17.60 32.68 61.82
N ASN E 83 -16.77 32.74 60.77
CA ASN E 83 -15.35 33.05 60.88
C ASN E 83 -15.07 34.45 60.34
N SER E 84 -14.05 35.08 60.93
CA SER E 84 -13.56 36.38 60.49
C SER E 84 -14.67 37.44 60.52
N LEU E 85 -15.22 37.67 61.70
CA LEU E 85 -16.29 38.63 61.85
C LEU E 85 -15.74 40.06 61.83
N ARG E 86 -16.56 40.99 61.34
CA ARG E 86 -16.24 42.40 61.39
C ARG E 86 -17.03 43.07 62.51
N ALA E 87 -16.61 44.29 62.85
CA ALA E 87 -17.31 45.05 63.89
C ALA E 87 -18.78 45.29 63.51
N GLU E 88 -19.07 45.33 62.21
CA GLU E 88 -20.45 45.47 61.76
C GLU E 88 -21.30 44.25 62.13
N ASP E 89 -20.67 43.16 62.55
CA ASP E 89 -21.37 41.97 63.01
C ASP E 89 -21.51 41.94 64.53
N THR E 90 -21.05 42.98 65.22
CA THR E 90 -21.18 43.07 66.67
C THR E 90 -22.63 43.39 67.00
N ALA E 91 -23.40 42.36 67.35
CA ALA E 91 -24.82 42.51 67.62
C ALA E 91 -25.29 41.23 68.28
N VAL E 92 -26.60 41.13 68.49
CA VAL E 92 -27.22 39.93 69.02
C VAL E 92 -27.91 39.22 67.87
N TYR E 93 -27.56 37.95 67.68
CA TYR E 93 -27.91 37.21 66.46
C TYR E 93 -29.24 36.50 66.66
N TYR E 94 -30.32 37.13 66.20
CA TYR E 94 -31.67 36.58 66.32
C TYR E 94 -31.95 35.69 65.12
N CYS E 95 -31.87 34.37 65.30
CA CYS E 95 -32.22 33.44 64.24
C CYS E 95 -33.70 33.13 64.31
N ALA E 96 -34.41 33.37 63.20
CA ALA E 96 -35.87 33.30 63.17
C ALA E 96 -36.34 32.40 62.04
N ARG E 97 -37.47 31.72 62.25
CA ARG E 97 -37.99 30.74 61.31
C ARG E 97 -38.90 31.40 60.29
N GLY E 98 -38.80 30.95 59.03
CA GLY E 98 -39.66 31.38 57.95
C GLY E 98 -38.86 31.91 56.78
N GLU E 99 -39.55 32.53 55.84
CA GLU E 99 -38.93 33.15 54.68
C GLU E 99 -39.32 34.62 54.59
N GLY E 100 -38.70 35.32 53.64
CA GLY E 100 -38.80 36.77 53.60
C GLY E 100 -40.20 37.28 53.33
N TRP E 101 -40.91 36.69 52.37
CA TRP E 101 -42.21 37.19 51.96
C TRP E 101 -43.38 36.31 52.38
N GLU E 102 -43.11 35.10 52.87
CA GLU E 102 -44.14 34.23 53.40
C GLU E 102 -43.70 33.72 54.76
N LEU E 103 -44.68 33.29 55.57
CA LEU E 103 -44.41 32.77 56.90
C LEU E 103 -43.57 33.75 57.71
N PRO E 104 -44.17 34.83 58.20
CA PRO E 104 -43.39 35.88 58.87
C PRO E 104 -42.73 35.35 60.13
N TYR E 105 -41.58 35.95 60.48
CA TYR E 105 -40.74 35.45 61.55
C TYR E 105 -41.34 35.76 62.91
N ASP E 106 -42.41 35.06 63.29
CA ASP E 106 -43.06 35.31 64.56
C ASP E 106 -42.26 34.81 65.74
N TYR E 107 -41.27 33.95 65.52
CA TYR E 107 -40.46 33.37 66.58
C TYR E 107 -39.02 33.83 66.41
N TRP E 108 -38.47 34.44 67.46
CA TRP E 108 -37.18 35.09 67.42
C TRP E 108 -36.22 34.43 68.40
N GLY E 109 -35.02 34.13 67.93
CA GLY E 109 -34.02 33.53 68.77
C GLY E 109 -33.45 34.52 69.77
N GLN E 110 -32.66 33.98 70.70
CA GLN E 110 -32.07 34.78 71.77
C GLN E 110 -30.81 35.52 71.33
N GLY E 111 -29.79 34.78 70.89
CA GLY E 111 -28.60 35.40 70.33
C GLY E 111 -27.55 35.77 71.35
N THR E 112 -26.31 35.37 71.10
CA THR E 112 -25.19 35.64 71.99
C THR E 112 -24.23 36.61 71.30
N LEU E 113 -23.76 37.61 72.06
CA LEU E 113 -22.86 38.62 71.53
C LEU E 113 -21.47 38.05 71.35
N VAL E 114 -20.96 38.06 70.12
CA VAL E 114 -19.58 37.71 69.82
C VAL E 114 -18.97 38.89 69.08
N THR E 115 -18.02 39.56 69.74
CA THR E 115 -17.36 40.72 69.16
C THR E 115 -15.97 40.36 68.68
N VAL E 116 -15.47 41.16 67.74
CA VAL E 116 -14.16 40.95 67.14
C VAL E 116 -13.30 42.16 67.52
N SER E 117 -12.41 41.96 68.49
CA SER E 117 -11.56 43.04 69.00
C SER E 117 -10.38 42.46 69.75
N SER F 2 -18.73 -14.23 75.48
CA SER F 2 -17.67 -13.53 74.77
C SER F 2 -16.68 -12.90 75.75
N ALA F 3 -17.17 -11.97 76.56
CA ALA F 3 -16.35 -11.36 77.61
C ALA F 3 -16.32 -12.27 78.82
N LEU F 4 -15.28 -12.11 79.64
CA LEU F 4 -15.10 -12.96 80.81
C LEU F 4 -16.12 -12.62 81.88
N THR F 5 -17.39 -12.83 81.59
CA THR F 5 -18.44 -12.51 82.55
C THR F 5 -18.48 -13.53 83.67
N GLN F 6 -18.72 -13.07 84.88
CA GLN F 6 -18.67 -13.88 86.09
C GLN F 6 -19.79 -13.46 87.03
N PRO F 7 -20.08 -14.26 88.05
CA PRO F 7 -20.91 -13.78 89.16
C PRO F 7 -20.17 -12.70 89.93
N PRO F 8 -20.68 -11.47 89.93
CA PRO F 8 -19.88 -10.36 90.47
C PRO F 8 -19.67 -10.42 91.98
N SER F 9 -20.39 -11.27 92.70
CA SER F 9 -20.29 -11.31 94.14
C SER F 9 -20.14 -12.75 94.62
N ALA F 10 -18.97 -13.08 95.15
CA ALA F 10 -18.72 -14.36 95.79
C ALA F 10 -18.08 -14.13 97.15
N SER F 11 -18.63 -14.78 98.17
CA SER F 11 -18.29 -14.50 99.55
C SER F 11 -17.73 -15.75 100.20
N GLY F 12 -17.49 -15.66 101.51
CA GLY F 12 -16.98 -16.78 102.26
C GLY F 12 -16.46 -16.31 103.60
N SER F 13 -16.09 -17.29 104.44
CA SER F 13 -15.66 -16.97 105.78
C SER F 13 -14.17 -16.61 105.80
N PRO F 14 -13.78 -15.70 106.70
CA PRO F 14 -12.36 -15.36 106.84
C PRO F 14 -11.56 -16.57 107.31
N GLY F 15 -10.44 -16.82 106.63
CA GLY F 15 -9.62 -17.98 106.89
C GLY F 15 -9.86 -19.14 105.94
N GLN F 16 -11.13 -19.40 105.60
CA GLN F 16 -11.46 -20.46 104.66
C GLN F 16 -11.23 -19.95 103.23
N SER F 17 -11.63 -20.74 102.24
CA SER F 17 -11.37 -20.42 100.85
C SER F 17 -12.64 -19.91 100.17
N VAL F 18 -12.44 -19.19 99.07
CA VAL F 18 -13.53 -18.69 98.24
C VAL F 18 -13.15 -18.85 96.78
N THR F 19 -14.10 -19.27 95.96
CA THR F 19 -13.91 -19.45 94.53
C THR F 19 -14.48 -18.26 93.78
N ILE F 20 -13.62 -17.54 93.06
CA ILE F 20 -14.02 -16.43 92.20
C ILE F 20 -13.84 -16.89 90.77
N SER F 21 -14.95 -17.05 90.06
CA SER F 21 -14.93 -17.63 88.72
C SER F 21 -14.62 -16.58 87.66
N CYS F 22 -14.38 -17.06 86.45
CA CYS F 22 -14.09 -16.18 85.30
C CYS F 22 -14.50 -16.94 84.05
N THR F 23 -15.66 -16.61 83.50
CA THR F 23 -16.31 -17.43 82.49
C THR F 23 -16.40 -16.68 81.16
N GLY F 24 -16.00 -17.35 80.08
CA GLY F 24 -16.16 -16.82 78.73
C GLY F 24 -16.35 -18.00 77.78
N THR F 25 -16.23 -17.73 76.49
CA THR F 25 -16.45 -18.75 75.47
C THR F 25 -15.15 -19.51 75.17
N SER F 26 -15.31 -20.72 74.64
CA SER F 26 -14.17 -21.56 74.33
C SER F 26 -13.33 -21.05 73.18
N SER F 27 -13.78 -20.02 72.46
CA SER F 27 -12.99 -19.47 71.38
C SER F 27 -11.63 -18.98 71.88
N ASP F 28 -11.58 -18.50 73.12
CA ASP F 28 -10.31 -18.08 73.72
C ASP F 28 -9.93 -18.91 74.94
N VAL F 29 -10.81 -19.02 75.94
CA VAL F 29 -10.42 -19.61 77.22
C VAL F 29 -9.97 -21.06 77.07
N GLY F 30 -10.44 -21.74 76.03
CA GLY F 30 -9.97 -23.09 75.72
C GLY F 30 -9.05 -23.12 74.52
N GLY F 31 -8.37 -22.02 74.23
CA GLY F 31 -7.48 -21.91 73.08
C GLY F 31 -6.03 -21.62 73.43
N TYR F 32 -5.78 -20.68 74.34
CA TYR F 32 -4.45 -20.19 74.59
C TYR F 32 -3.77 -20.97 75.73
N LYS F 33 -2.55 -20.55 76.06
CA LYS F 33 -1.84 -20.98 77.26
C LYS F 33 -1.93 -19.95 78.37
N TYR F 34 -2.37 -18.72 78.05
CA TYR F 34 -2.21 -17.58 78.95
C TYR F 34 -3.56 -17.01 79.31
N VAL F 35 -3.88 -16.99 80.60
CA VAL F 35 -5.00 -16.22 81.13
C VAL F 35 -4.51 -15.47 82.37
N SER F 36 -4.94 -14.23 82.50
CA SER F 36 -4.49 -13.35 83.58
C SER F 36 -5.68 -12.93 84.43
N TRP F 37 -5.45 -12.87 85.75
CA TRP F 37 -6.48 -12.49 86.68
C TRP F 37 -6.17 -11.11 87.26
N TYR F 38 -7.22 -10.42 87.72
CA TYR F 38 -7.10 -9.04 88.15
C TYR F 38 -7.90 -8.82 89.43
N GLN F 39 -7.50 -7.80 90.18
CA GLN F 39 -8.15 -7.42 91.42
C GLN F 39 -7.83 -5.96 91.70
N GLN F 40 -8.78 -5.26 92.31
CA GLN F 40 -8.59 -3.85 92.62
C GLN F 40 -9.20 -3.54 93.98
N HIS F 41 -8.36 -3.11 94.92
CA HIS F 41 -8.89 -2.46 96.11
C HIS F 41 -9.50 -1.12 95.71
N PRO F 42 -10.64 -0.74 96.30
CA PRO F 42 -11.36 0.47 95.83
C PRO F 42 -10.46 1.68 95.69
N GLY F 43 -10.28 2.13 94.45
CA GLY F 43 -9.40 3.23 94.13
C GLY F 43 -8.03 2.82 93.63
N LYS F 44 -7.57 1.63 94.00
CA LYS F 44 -6.26 1.16 93.58
C LYS F 44 -6.22 0.97 92.06
N ALA F 45 -5.02 1.13 91.49
CA ALA F 45 -4.83 0.85 90.08
C ALA F 45 -5.19 -0.60 89.79
N PRO F 46 -5.64 -0.89 88.56
CA PRO F 46 -5.94 -2.29 88.21
C PRO F 46 -4.73 -3.18 88.40
N LYS F 47 -4.83 -4.09 89.38
CA LYS F 47 -3.71 -4.96 89.74
C LYS F 47 -3.96 -6.35 89.18
N LEU F 48 -3.09 -6.80 88.28
CA LEU F 48 -3.12 -8.17 87.82
C LEU F 48 -2.89 -9.11 89.01
N MET F 49 -3.45 -10.32 88.91
CA MET F 49 -3.26 -11.30 89.96
C MET F 49 -2.45 -12.50 89.50
N ILE F 50 -2.92 -13.25 88.51
CA ILE F 50 -2.25 -14.48 88.09
C ILE F 50 -2.25 -14.58 86.57
N TYR F 51 -1.14 -14.18 85.96
CA TYR F 51 -0.93 -14.40 84.53
C TYR F 51 -0.16 -15.69 84.34
N GLU F 52 -0.38 -16.32 83.18
CA GLU F 52 0.26 -17.60 82.88
C GLU F 52 0.03 -18.58 84.03
N VAL F 53 -1.24 -19.00 84.15
CA VAL F 53 -1.88 -19.39 85.40
C VAL F 53 -0.96 -20.16 86.34
N SER F 54 -0.03 -20.93 85.77
CA SER F 54 1.01 -21.57 86.58
C SER F 54 2.03 -20.58 87.12
N LYS F 55 1.93 -19.29 86.78
CA LYS F 55 2.89 -18.29 87.17
C LYS F 55 2.20 -17.11 87.85
N ARG F 56 3.00 -16.31 88.54
CA ARG F 56 2.57 -15.08 89.19
C ARG F 56 3.64 -14.01 88.97
N PRO F 57 3.42 -12.76 89.38
CA PRO F 57 4.51 -11.77 89.31
C PRO F 57 5.59 -12.03 90.36
N SER F 58 6.54 -11.11 90.47
CA SER F 58 7.75 -11.36 91.26
C SER F 58 7.41 -11.58 92.74
N GLY F 59 6.91 -10.55 93.41
CA GLY F 59 6.78 -10.61 94.86
C GLY F 59 5.37 -10.70 95.39
N VAL F 60 4.39 -10.83 94.49
CA VAL F 60 2.99 -10.90 94.92
C VAL F 60 2.77 -12.15 95.75
N PRO F 61 2.00 -12.09 96.86
CA PRO F 61 1.93 -13.24 97.79
C PRO F 61 1.30 -14.50 97.20
N ASP F 62 1.23 -15.56 98.01
CA ASP F 62 1.02 -16.91 97.54
C ASP F 62 -0.43 -17.37 97.57
N ARG F 63 -1.24 -16.88 98.50
CA ARG F 63 -2.60 -17.41 98.68
C ARG F 63 -3.51 -17.17 97.47
N PHE F 64 -2.98 -16.54 96.43
CA PHE F 64 -3.60 -16.37 95.12
C PHE F 64 -3.42 -17.62 94.28
N SER F 65 -3.49 -17.47 92.96
CA SER F 65 -3.34 -18.55 91.99
C SER F 65 -4.49 -19.53 91.97
N GLY F 66 -5.68 -19.05 91.61
CA GLY F 66 -6.73 -19.91 91.11
C GLY F 66 -6.37 -20.42 89.72
N SER F 67 -7.23 -21.29 89.21
CA SER F 67 -6.96 -22.02 87.98
C SER F 67 -8.00 -21.67 86.91
N LYS F 68 -7.92 -22.40 85.79
CA LYS F 68 -8.87 -22.29 84.70
C LYS F 68 -9.42 -23.67 84.39
N SER F 69 -10.70 -23.88 84.69
CA SER F 69 -11.34 -25.19 84.52
C SER F 69 -11.99 -25.24 83.14
N GLY F 70 -11.15 -25.43 82.12
CA GLY F 70 -11.65 -25.56 80.76
C GLY F 70 -12.30 -24.27 80.31
N ASN F 71 -13.58 -24.35 79.98
CA ASN F 71 -14.33 -23.22 79.45
C ASN F 71 -14.55 -22.12 80.48
N THR F 72 -14.29 -22.38 81.76
CA THR F 72 -14.57 -21.42 82.82
C THR F 72 -13.42 -21.41 83.82
N ALA F 73 -12.95 -20.22 84.17
CA ALA F 73 -11.87 -20.08 85.14
C ALA F 73 -12.43 -19.89 86.55
N SER F 74 -11.54 -19.94 87.53
CA SER F 74 -11.93 -19.83 88.93
C SER F 74 -10.71 -19.49 89.77
N LEU F 75 -10.78 -18.40 90.53
CA LEU F 75 -9.71 -18.03 91.44
C LEU F 75 -9.97 -18.63 92.82
N THR F 76 -8.99 -19.34 93.36
CA THR F 76 -9.09 -19.99 94.66
C THR F 76 -8.16 -19.27 95.63
N VAL F 77 -8.72 -18.38 96.44
CA VAL F 77 -7.98 -17.66 97.47
C VAL F 77 -8.11 -18.45 98.77
N SER F 78 -6.96 -18.86 99.32
CA SER F 78 -6.91 -19.61 100.55
C SER F 78 -6.45 -18.72 101.70
N GLY F 79 -6.88 -19.06 102.90
CA GLY F 79 -6.52 -18.30 104.07
C GLY F 79 -7.00 -16.86 104.01
N LEU F 80 -8.32 -16.68 104.04
CA LEU F 80 -8.90 -15.35 103.94
C LEU F 80 -8.59 -14.54 105.19
N GLN F 81 -7.82 -13.47 105.03
CA GLN F 81 -7.45 -12.59 106.12
C GLN F 81 -8.15 -11.25 105.95
N ALA F 82 -8.05 -10.41 106.98
CA ALA F 82 -8.73 -9.12 106.98
C ALA F 82 -8.28 -8.18 105.88
N GLU F 83 -7.17 -8.48 105.20
CA GLU F 83 -6.73 -7.69 104.05
C GLU F 83 -7.18 -8.28 102.73
N ASP F 84 -7.95 -9.36 102.75
CA ASP F 84 -8.44 -10.01 101.55
C ASP F 84 -9.84 -9.56 101.15
N GLU F 85 -10.18 -8.28 101.36
CA GLU F 85 -11.44 -7.70 100.92
C GLU F 85 -11.16 -6.69 99.82
N ALA F 86 -11.70 -6.92 98.63
CA ALA F 86 -11.38 -6.08 97.47
C ALA F 86 -12.40 -6.36 96.37
N ASP F 87 -12.10 -5.83 95.18
CA ASP F 87 -12.84 -6.11 93.95
C ASP F 87 -11.93 -6.88 93.01
N TYR F 88 -12.50 -7.85 92.29
CA TYR F 88 -11.72 -8.75 91.46
C TYR F 88 -12.15 -8.62 90.00
N TYR F 89 -11.23 -8.94 89.09
CA TYR F 89 -11.47 -8.83 87.65
C TYR F 89 -10.68 -9.90 86.92
N CYS F 90 -10.94 -10.02 85.62
CA CYS F 90 -10.31 -11.01 84.77
C CYS F 90 -9.80 -10.36 83.50
N SER F 91 -8.91 -11.05 82.79
CA SER F 91 -8.31 -10.49 81.58
C SER F 91 -7.69 -11.60 80.75
N SER F 92 -7.90 -11.53 79.44
CA SER F 92 -7.23 -12.42 78.48
C SER F 92 -7.47 -11.86 77.08
N TYR F 93 -7.16 -12.68 76.07
CA TYR F 93 -7.10 -12.23 74.68
C TYR F 93 -8.18 -12.88 73.83
N GLU F 94 -8.79 -12.08 72.95
CA GLU F 94 -9.81 -12.56 72.03
C GLU F 94 -9.15 -13.42 70.94
N GLY F 95 -9.91 -13.85 69.95
CA GLY F 95 -9.35 -14.53 68.80
C GLY F 95 -9.35 -13.68 67.55
N SER F 96 -9.34 -12.36 67.72
CA SER F 96 -9.41 -11.46 66.58
C SER F 96 -8.62 -10.19 66.87
N ASN F 97 -7.99 -9.67 65.80
CA ASN F 97 -7.36 -8.35 65.73
C ASN F 97 -6.70 -7.89 67.03
N ASN F 98 -5.91 -8.79 67.65
CA ASN F 98 -5.14 -8.51 68.86
C ASN F 98 -6.03 -8.16 70.04
N PHE F 99 -7.34 -8.36 69.95
CA PHE F 99 -8.26 -7.87 70.95
C PHE F 99 -8.03 -8.55 72.30
N VAL F 100 -7.76 -7.74 73.32
CA VAL F 100 -7.61 -8.23 74.69
C VAL F 100 -8.93 -8.04 75.42
N VAL F 101 -9.38 -9.09 76.09
CA VAL F 101 -10.68 -9.09 76.75
C VAL F 101 -10.47 -8.95 78.24
N PHE F 102 -11.58 -8.67 78.95
CA PHE F 102 -11.54 -8.47 80.39
C PHE F 102 -12.79 -9.06 80.99
N GLY F 103 -12.89 -8.98 82.33
CA GLY F 103 -14.01 -9.52 83.06
C GLY F 103 -15.07 -8.47 83.37
N GLY F 104 -16.28 -8.95 83.64
CA GLY F 104 -17.40 -8.07 83.94
C GLY F 104 -17.34 -7.39 85.28
N GLY F 105 -16.38 -7.74 86.13
CA GLY F 105 -16.23 -7.11 87.42
C GLY F 105 -16.76 -7.95 88.56
N THR F 106 -15.85 -8.64 89.26
CA THR F 106 -16.22 -9.50 90.38
C THR F 106 -15.89 -8.77 91.68
N LYS F 107 -16.90 -8.11 92.26
CA LYS F 107 -16.72 -7.52 93.57
C LYS F 107 -16.66 -8.63 94.61
N LEU F 108 -15.45 -8.94 95.07
CA LEU F 108 -15.26 -9.94 96.12
C LEU F 108 -15.78 -9.37 97.43
N THR F 109 -17.00 -9.75 97.80
CA THR F 109 -17.63 -9.28 99.02
C THR F 109 -17.32 -10.28 100.14
N VAL F 110 -16.26 -10.01 100.89
CA VAL F 110 -15.93 -10.84 102.04
C VAL F 110 -16.75 -10.39 103.23
N LEU F 111 -17.44 -11.33 103.88
CA LEU F 111 -18.30 -11.00 105.00
C LEU F 111 -17.50 -10.31 106.11
N GLY F 112 -18.03 -9.20 106.61
CA GLY F 112 -17.38 -8.45 107.67
C GLY F 112 -17.73 -9.00 109.04
N SER G 2 -35.26 51.95 48.06
CA SER G 2 -36.01 50.80 48.56
C SER G 2 -36.32 50.95 50.04
N ALA G 3 -35.98 52.12 50.59
CA ALA G 3 -36.20 52.36 52.01
C ALA G 3 -37.68 52.55 52.30
N LEU G 4 -38.25 51.62 53.05
CA LEU G 4 -39.66 51.67 53.45
C LEU G 4 -39.81 52.75 54.51
N THR G 5 -40.34 53.91 54.12
CA THR G 5 -40.51 55.00 55.06
C THR G 5 -41.49 54.60 56.16
N GLN G 6 -41.28 55.16 57.34
CA GLN G 6 -42.06 54.85 58.53
C GLN G 6 -41.81 55.95 59.53
N PRO G 7 -42.83 56.40 60.24
CA PRO G 7 -42.66 57.46 61.25
C PRO G 7 -41.66 57.03 62.31
N PRO G 8 -40.72 57.90 62.68
CA PRO G 8 -39.77 57.55 63.74
C PRO G 8 -40.42 57.59 65.11
N SER G 9 -41.21 58.64 65.35
CA SER G 9 -41.92 58.82 66.62
C SER G 9 -43.33 59.30 66.30
N ALA G 10 -44.29 58.38 66.30
CA ALA G 10 -45.68 58.70 66.01
C ALA G 10 -46.39 58.96 67.33
N SER G 11 -46.48 60.22 67.72
CA SER G 11 -47.08 60.62 68.98
C SER G 11 -48.58 60.43 68.93
N GLY G 12 -49.16 60.06 70.06
CA GLY G 12 -50.58 59.78 70.11
C GLY G 12 -51.15 59.89 71.50
N SER G 13 -52.46 60.07 71.54
CA SER G 13 -53.25 60.16 72.76
C SER G 13 -53.93 58.82 73.04
N PRO G 14 -54.49 58.64 74.23
CA PRO G 14 -55.28 57.43 74.48
C PRO G 14 -56.60 57.46 73.72
N GLY G 15 -57.03 56.29 73.28
CA GLY G 15 -58.25 56.18 72.50
C GLY G 15 -58.16 56.84 71.15
N GLN G 16 -56.95 57.22 70.76
CA GLN G 16 -56.66 57.94 69.53
C GLN G 16 -56.07 56.97 68.49
N SER G 17 -56.20 57.33 67.22
CA SER G 17 -55.72 56.52 66.11
C SER G 17 -54.36 57.06 65.65
N VAL G 18 -53.36 56.18 65.59
CA VAL G 18 -52.03 56.52 65.12
C VAL G 18 -51.76 55.73 63.85
N THR G 19 -51.35 56.42 62.79
CA THR G 19 -51.14 55.80 61.50
C THR G 19 -49.64 55.57 61.24
N ILE G 20 -49.32 54.39 60.72
CA ILE G 20 -47.94 53.97 60.49
C ILE G 20 -47.81 53.62 59.01
N SER G 21 -46.72 54.06 58.39
CA SER G 21 -46.52 53.86 56.97
C SER G 21 -45.39 52.87 56.69
N CYS G 22 -45.49 52.18 55.55
CA CYS G 22 -44.41 51.37 54.97
C CYS G 22 -44.35 51.77 53.50
N THR G 23 -43.64 52.86 53.22
CA THR G 23 -43.66 53.49 51.90
C THR G 23 -42.25 53.59 51.36
N GLY G 24 -42.08 53.22 50.09
CA GLY G 24 -40.78 53.28 49.44
C GLY G 24 -40.99 53.58 47.96
N THR G 25 -39.94 53.34 47.17
CA THR G 25 -40.00 53.60 45.73
C THR G 25 -41.05 52.72 45.07
N SER G 26 -41.40 53.09 43.83
CA SER G 26 -42.37 52.31 43.06
C SER G 26 -41.81 50.97 42.59
N SER G 27 -40.50 50.78 42.67
CA SER G 27 -39.89 49.55 42.15
C SER G 27 -40.35 48.33 42.93
N ASP G 28 -40.49 48.46 44.25
CA ASP G 28 -40.76 47.31 45.11
C ASP G 28 -42.10 47.40 45.82
N VAL G 29 -42.35 48.44 46.61
CA VAL G 29 -43.53 48.46 47.46
C VAL G 29 -44.79 48.79 46.66
N GLY G 30 -44.66 49.50 45.54
CA GLY G 30 -45.78 49.66 44.64
C GLY G 30 -45.98 48.46 43.73
N GLY G 31 -44.94 47.67 43.53
CA GLY G 31 -44.98 46.52 42.63
C GLY G 31 -45.39 45.25 43.36
N TYR G 32 -44.66 44.86 44.39
CA TYR G 32 -44.87 43.60 45.09
C TYR G 32 -45.90 43.77 46.19
N LYS G 33 -46.97 42.98 46.14
CA LYS G 33 -48.05 43.05 47.12
C LYS G 33 -47.84 42.08 48.27
N TYR G 34 -46.68 42.14 48.91
CA TYR G 34 -46.35 41.26 50.02
C TYR G 34 -45.68 42.05 51.14
N VAL G 35 -46.30 43.16 51.53
CA VAL G 35 -45.81 43.97 52.64
C VAL G 35 -46.17 43.28 53.96
N SER G 36 -45.30 43.44 54.95
CA SER G 36 -45.53 42.91 56.28
C SER G 36 -45.08 43.94 57.31
N TRP G 37 -45.77 43.95 58.45
CA TRP G 37 -45.55 44.94 59.49
C TRP G 37 -45.18 44.26 60.80
N TYR G 38 -44.57 45.01 61.71
CA TYR G 38 -44.13 44.48 62.98
C TYR G 38 -44.19 45.56 64.06
N GLN G 39 -44.37 45.12 65.30
CA GLN G 39 -44.06 45.90 66.48
C GLN G 39 -42.78 45.37 67.10
N GLN G 40 -42.27 46.10 68.09
CA GLN G 40 -41.02 45.70 68.74
C GLN G 40 -40.98 46.33 70.12
N HIS G 41 -41.18 45.52 71.16
CA HIS G 41 -41.09 46.01 72.52
C HIS G 41 -39.67 46.52 72.78
N PRO G 42 -39.52 47.48 73.70
CA PRO G 42 -38.18 48.02 73.99
C PRO G 42 -37.24 46.92 74.45
N GLY G 43 -36.12 46.79 73.75
CA GLY G 43 -35.15 45.75 74.03
C GLY G 43 -35.54 44.37 73.54
N LYS G 44 -36.79 44.17 73.12
CA LYS G 44 -37.25 42.90 72.58
C LYS G 44 -37.00 42.85 71.08
N ALA G 45 -36.89 41.63 70.56
CA ALA G 45 -36.92 41.43 69.12
C ALA G 45 -38.28 41.86 68.58
N PRO G 46 -38.37 42.17 67.29
CA PRO G 46 -39.66 42.57 66.72
C PRO G 46 -40.72 41.49 66.90
N LYS G 47 -41.97 41.94 66.98
CA LYS G 47 -43.12 41.04 67.03
C LYS G 47 -43.98 41.25 65.80
N LEU G 48 -44.28 40.17 65.10
CA LEU G 48 -45.14 40.25 63.92
C LEU G 48 -46.48 40.87 64.29
N MET G 49 -46.80 42.00 63.68
CA MET G 49 -48.09 42.65 63.87
C MET G 49 -49.03 42.43 62.70
N ILE G 50 -48.53 42.63 61.47
CA ILE G 50 -49.32 42.39 60.26
C ILE G 50 -48.44 41.76 59.21
N TYR G 51 -48.99 40.77 58.50
CA TYR G 51 -48.40 40.19 57.31
C TYR G 51 -49.54 39.87 56.34
N GLU G 52 -49.29 40.04 55.05
CA GLU G 52 -50.33 39.89 54.04
C GLU G 52 -51.48 40.85 54.35
N VAL G 53 -51.17 42.13 54.13
CA VAL G 53 -51.66 43.26 54.91
C VAL G 53 -53.10 43.09 55.39
N SER G 54 -53.99 42.61 54.53
CA SER G 54 -55.35 42.39 54.99
C SER G 54 -55.46 41.22 55.96
N LYS G 55 -54.37 40.55 56.30
CA LYS G 55 -54.37 39.46 57.26
C LYS G 55 -53.67 39.88 58.55
N ARG G 56 -54.24 39.49 59.68
CA ARG G 56 -53.65 39.72 60.99
C ARG G 56 -53.51 38.39 61.73
N PRO G 57 -52.52 38.28 62.62
CA PRO G 57 -52.36 37.03 63.38
C PRO G 57 -53.50 36.79 64.36
N SER G 58 -53.38 35.72 65.15
CA SER G 58 -54.47 35.23 65.98
C SER G 58 -54.92 36.24 67.04
N GLY G 59 -54.06 36.54 68.00
CA GLY G 59 -54.44 37.34 69.15
C GLY G 59 -53.83 38.72 69.26
N VAL G 60 -53.25 39.25 68.18
CA VAL G 60 -52.61 40.57 68.21
C VAL G 60 -53.68 41.65 68.28
N PRO G 61 -53.36 42.85 68.74
CA PRO G 61 -54.37 43.92 68.79
C PRO G 61 -54.92 44.23 67.41
N ASP G 62 -56.25 44.15 67.29
CA ASP G 62 -56.94 44.34 66.02
C ASP G 62 -56.91 45.79 65.54
N ARG G 63 -56.34 46.71 66.31
CA ARG G 63 -56.25 48.10 65.89
C ARG G 63 -55.42 48.28 64.63
N PHE G 64 -54.62 47.28 64.27
CA PHE G 64 -53.59 47.38 63.24
C PHE G 64 -54.11 47.15 61.83
N SER G 65 -53.18 46.90 60.91
CA SER G 65 -53.48 46.45 59.54
C SER G 65 -54.29 47.48 58.76
N GLY G 66 -53.64 48.60 58.45
CA GLY G 66 -54.18 49.56 57.52
C GLY G 66 -54.26 49.03 56.10
N SER G 67 -54.19 49.92 55.10
CA SER G 67 -54.34 49.50 53.71
C SER G 67 -53.15 49.98 52.89
N LYS G 68 -53.22 49.75 51.58
CA LYS G 68 -52.15 50.08 50.66
C LYS G 68 -52.76 50.49 49.32
N SER G 69 -52.15 51.50 48.69
CA SER G 69 -52.59 51.95 47.38
C SER G 69 -51.36 52.48 46.64
N GLY G 70 -50.74 51.62 45.86
CA GLY G 70 -49.50 51.97 45.19
C GLY G 70 -48.31 51.71 46.08
N ASN G 71 -47.44 52.70 46.21
CA ASN G 71 -46.23 52.56 47.03
C ASN G 71 -46.47 52.90 48.50
N THR G 72 -47.61 53.48 48.83
CA THR G 72 -47.89 53.95 50.19
C THR G 72 -48.68 52.88 50.95
N ALA G 73 -47.98 51.81 51.34
CA ALA G 73 -48.56 50.83 52.25
C ALA G 73 -48.69 51.48 53.63
N SER G 74 -49.90 51.49 54.17
CA SER G 74 -50.19 52.23 55.38
C SER G 74 -50.80 51.33 56.44
N LEU G 75 -50.66 51.76 57.70
CA LEU G 75 -51.14 51.03 58.87
C LEU G 75 -51.67 52.03 59.88
N THR G 76 -52.91 51.84 60.31
CA THR G 76 -53.51 52.67 61.35
C THR G 76 -53.57 51.87 62.65
N VAL G 77 -53.34 52.55 63.78
CA VAL G 77 -53.39 51.93 65.10
C VAL G 77 -54.22 52.83 66.00
N SER G 78 -55.38 52.32 66.43
CA SER G 78 -56.35 53.10 67.20
C SER G 78 -56.42 52.63 68.63
N GLY G 79 -56.95 53.49 69.50
CA GLY G 79 -57.11 53.17 70.91
C GLY G 79 -55.80 52.80 71.58
N LEU G 80 -54.90 53.77 71.73
CA LEU G 80 -53.57 53.50 72.24
C LEU G 80 -53.62 53.08 73.71
N GLN G 81 -52.56 52.40 74.14
CA GLN G 81 -52.41 51.94 75.52
C GLN G 81 -50.93 51.96 75.88
N ALA G 82 -50.63 51.49 77.09
CA ALA G 82 -49.26 51.54 77.59
C ALA G 82 -48.35 50.56 76.86
N GLU G 83 -48.90 49.47 76.32
CA GLU G 83 -48.08 48.51 75.59
C GLU G 83 -47.70 49.02 74.21
N ASP G 84 -48.21 50.16 73.78
CA ASP G 84 -47.80 50.77 72.52
C ASP G 84 -46.53 51.60 72.65
N GLU G 85 -45.94 51.69 73.84
CA GLU G 85 -44.64 52.34 74.01
C GLU G 85 -43.55 51.35 73.56
N ALA G 86 -43.52 51.12 72.25
CA ALA G 86 -42.66 50.11 71.66
C ALA G 86 -42.21 50.56 70.29
N ASP G 87 -41.24 49.85 69.71
CA ASP G 87 -40.75 50.14 68.38
C ASP G 87 -41.59 49.39 67.34
N TYR G 88 -41.62 49.94 66.12
CA TYR G 88 -42.45 49.39 65.06
C TYR G 88 -41.70 49.49 63.74
N TYR G 89 -41.32 48.34 63.17
CA TYR G 89 -40.67 48.28 61.87
C TYR G 89 -41.56 47.51 60.89
N CYS G 90 -41.19 47.57 59.61
CA CYS G 90 -41.91 46.88 58.56
C CYS G 90 -40.92 46.35 57.53
N SER G 91 -41.29 45.25 56.88
CA SER G 91 -40.45 44.64 55.85
C SER G 91 -41.29 44.16 54.70
N SER G 92 -40.69 44.15 53.50
CA SER G 92 -41.40 43.78 52.30
C SER G 92 -40.46 43.06 51.34
N TYR G 93 -41.04 42.32 50.40
CA TYR G 93 -40.29 41.56 49.42
C TYR G 93 -39.86 42.47 48.26
N GLU G 94 -38.59 42.37 47.89
CA GLU G 94 -38.03 43.12 46.79
C GLU G 94 -37.99 42.33 45.48
N GLY G 95 -38.37 41.06 45.52
CA GLY G 95 -38.45 40.27 44.30
C GLY G 95 -37.12 39.95 43.66
N SER G 96 -36.03 40.01 44.42
CA SER G 96 -34.71 39.69 43.90
C SER G 96 -33.82 39.31 45.07
N ASN G 97 -33.17 38.14 44.97
CA ASN G 97 -32.28 37.62 46.00
C ASN G 97 -32.99 37.38 47.33
N ASN G 98 -34.33 37.44 47.34
CA ASN G 98 -35.13 37.41 48.56
C ASN G 98 -34.72 38.49 49.54
N PHE G 99 -33.99 39.50 49.07
CA PHE G 99 -33.55 40.59 49.92
C PHE G 99 -34.74 41.43 50.32
N VAL G 100 -34.84 41.75 51.61
CA VAL G 100 -35.94 42.54 52.15
C VAL G 100 -35.38 43.76 52.84
N VAL G 101 -36.24 44.75 53.06
CA VAL G 101 -35.86 46.02 53.66
C VAL G 101 -36.61 46.16 54.98
N PHE G 102 -35.91 46.61 56.02
CA PHE G 102 -36.52 46.86 57.31
C PHE G 102 -37.08 48.27 57.37
N GLY G 103 -38.09 48.46 58.20
CA GLY G 103 -38.80 49.73 58.29
C GLY G 103 -38.00 50.84 58.93
N GLY G 104 -38.69 51.89 59.39
CA GLY G 104 -38.03 53.03 59.98
C GLY G 104 -37.88 52.95 61.49
N GLY G 105 -38.80 52.26 62.15
CA GLY G 105 -38.79 52.19 63.60
C GLY G 105 -39.65 53.27 64.20
N THR G 106 -40.76 52.89 64.82
CA THR G 106 -41.76 53.85 65.31
C THR G 106 -41.89 53.71 66.82
N LYS G 107 -41.57 54.77 67.54
CA LYS G 107 -41.75 54.82 68.99
C LYS G 107 -43.04 55.59 69.27
N LEU G 108 -44.12 54.86 69.52
CA LEU G 108 -45.42 55.50 69.71
C LEU G 108 -45.49 56.18 71.07
N THR G 109 -45.03 57.43 71.14
CA THR G 109 -45.08 58.20 72.39
C THR G 109 -46.54 58.45 72.76
N VAL G 110 -47.02 57.74 73.77
CA VAL G 110 -48.43 57.83 74.20
C VAL G 110 -48.54 58.92 75.25
N LEU G 111 -49.29 59.96 74.94
CA LEU G 111 -49.51 61.05 75.88
C LEU G 111 -50.64 60.71 76.85
N GLY G 112 -50.81 61.57 77.86
CA GLY G 112 -51.85 61.37 78.85
C GLY G 112 -51.36 61.47 80.28
C1 NAG H . 23.94 -41.17 5.84
C2 NAG H . 25.12 -41.39 4.90
C3 NAG H . 25.24 -42.87 4.54
C4 NAG H . 25.15 -43.77 5.76
C5 NAG H . 24.00 -43.37 6.69
C6 NAG H . 24.03 -44.06 8.03
C7 NAG H . 26.00 -40.35 2.86
C8 NAG H . 25.69 -39.51 1.68
N2 NAG H . 24.99 -40.59 3.70
O3 NAG H . 26.47 -43.09 3.86
O4 NAG H . 24.92 -45.10 5.28
O5 NAG H . 24.08 -41.96 6.97
O6 NAG H . 22.85 -43.77 8.79
O7 NAG H . 27.12 -40.81 3.06
C1 NAG H . 25.65 -46.13 5.98
C2 NAG H . 25.25 -47.47 5.34
C3 NAG H . 25.99 -48.61 6.03
C4 NAG H . 27.48 -48.35 6.02
C5 NAG H . 27.79 -46.97 6.60
C6 NAG H . 29.25 -46.60 6.53
C7 NAG H . 22.93 -47.08 4.61
C8 NAG H . 21.48 -47.40 4.84
N2 NAG H . 23.81 -47.68 5.43
O3 NAG H . 25.69 -49.83 5.37
O4 NAG H . 28.16 -49.34 6.78
O5 NAG H . 27.07 -45.97 5.88
O6 NAG H . 29.82 -46.45 7.82
O7 NAG H . 23.29 -46.29 3.74
C1 NAG I . 34.17 -35.22 -52.18
C2 NAG I . 35.26 -35.97 -52.94
C3 NAG I . 35.29 -37.44 -52.54
C4 NAG I . 35.42 -37.57 -51.03
C5 NAG I . 34.34 -36.74 -50.33
C6 NAG I . 34.52 -36.68 -48.83
C7 NAG I . 34.03 -36.28 -55.07
C8 NAG I . 34.05 -36.05 -56.54
N2 NAG I . 35.09 -35.84 -54.39
O3 NAG I . 36.39 -38.08 -53.17
O4 NAG I . 35.26 -38.95 -50.68
O5 NAG I . 34.38 -35.39 -50.80
O6 NAG I . 35.87 -36.39 -48.49
O7 NAG I . 33.08 -36.84 -54.51
C1 NAG I . 36.32 -39.43 -49.83
C2 NAG I . 35.72 -40.50 -48.92
C3 NAG I . 36.78 -41.05 -47.99
C4 NAG I . 37.96 -41.56 -48.79
C5 NAG I . 38.48 -40.47 -49.73
C6 NAG I . 39.57 -40.96 -50.66
C7 NAG I . 33.33 -40.03 -48.58
C8 NAG I . 32.30 -39.44 -47.67
N2 NAG I . 34.60 -39.96 -48.15
O3 NAG I . 36.23 -42.11 -47.22
O4 NAG I . 39.02 -41.96 -47.91
O5 NAG I . 37.41 -39.99 -50.56
O6 NAG I . 40.13 -42.19 -50.19
O7 NAG I . 33.03 -40.55 -49.65
C1 NAG J . 19.97 -46.62 -39.68
C2 NAG J . 20.12 -47.82 -40.64
C3 NAG J . 20.44 -49.09 -39.85
C4 NAG J . 21.63 -48.86 -38.92
C5 NAG J . 21.38 -47.65 -38.04
C6 NAG J . 22.54 -47.32 -37.15
C7 NAG J . 18.85 -48.78 -42.50
C8 NAG J . 17.52 -48.84 -43.19
N2 NAG J . 18.92 -47.99 -41.42
O3 NAG J . 20.72 -50.15 -40.76
O4 NAG J . 21.83 -50.01 -38.10
O5 NAG J . 21.14 -46.51 -38.87
O6 NAG J . 23.09 -48.49 -36.56
O7 NAG J . 19.81 -49.42 -42.89
C1 FUC J . 22.74 -48.53 -35.16
C2 FUC J . 21.93 -49.81 -34.89
C3 FUC J . 22.79 -51.02 -35.19
C4 FUC J . 24.04 -50.99 -34.31
C5 FUC J . 24.79 -49.66 -34.52
C6 FUC J . 25.91 -49.48 -33.51
O2 FUC J . 20.72 -49.84 -35.64
O3 FUC J . 22.09 -52.21 -34.88
O4 FUC J . 23.69 -51.11 -32.95
O5 FUC J . 23.92 -48.53 -34.37
C1 NAG K . 38.21 -11.74 -82.68
C2 NAG K . 39.01 -10.53 -82.28
C3 NAG K . 38.65 -9.34 -83.15
C4 NAG K . 38.82 -9.69 -84.62
C5 NAG K . 38.08 -10.99 -84.96
C6 NAG K . 38.36 -11.48 -86.35
C7 NAG K . 39.68 -10.60 -79.92
C8 NAG K . 39.33 -10.19 -78.51
N2 NAG K . 38.82 -10.22 -80.86
O3 NAG K . 39.47 -8.24 -82.79
O4 NAG K . 38.27 -8.66 -85.43
O5 NAG K . 38.46 -12.04 -84.06
O6 NAG K . 38.83 -12.82 -86.34
O7 NAG K . 40.70 -11.23 -80.18
C1 NAG K . 39.27 -7.72 -85.89
C2 NAG K . 38.56 -6.40 -86.16
C3 NAG K . 39.55 -5.32 -86.58
C4 NAG K . 40.65 -5.19 -85.55
C5 NAG K . 41.30 -6.55 -85.30
C6 NAG K . 42.32 -6.51 -84.18
C7 NAG K . 37.72 -6.94 -88.43
C8 NAG K . 36.50 -7.03 -89.29
N2 NAG K . 37.50 -6.55 -87.16
O3 NAG K . 38.87 -4.08 -86.74
O4 NAG K . 41.63 -4.26 -85.99
O5 NAG K . 40.31 -7.51 -84.92
O6 NAG K . 41.71 -6.15 -82.94
O7 NAG K . 38.84 -7.19 -88.86
C1 NAG L . -43.48 20.44 -3.59
C2 NAG L . -44.54 19.51 -4.17
C3 NAG L . -44.94 19.97 -5.57
C4 NAG L . -45.29 21.45 -5.58
C5 NAG L . -44.21 22.27 -4.88
C6 NAG L . -44.59 23.72 -4.67
C7 NAG L . -43.80 17.41 -3.10
C8 NAG L . -43.35 16.00 -3.34
N2 NAG L . -44.09 18.12 -4.19
O3 NAG L . -46.04 19.20 -6.02
O4 NAG L . -45.38 21.87 -6.93
O5 NAG L . -43.96 21.74 -3.57
O6 NAG L . -43.50 24.59 -4.92
O7 NAG L . -43.89 17.88 -1.97
C1 NAG L . -46.58 22.61 -7.22
C2 NAG L . -46.46 23.10 -8.65
C3 NAG L . -47.70 23.91 -9.05
C4 NAG L . -48.95 23.08 -8.79
C5 NAG L . -48.97 22.56 -7.36
C6 NAG L . -50.12 21.61 -7.11
C7 NAG L . -44.76 24.98 -8.41
C8 NAG L . -45.61 25.67 -7.39
N2 NAG L . -45.22 23.81 -8.94
O3 NAG L . -47.61 24.26 -10.43
O4 NAG L . -50.11 23.87 -9.01
O5 NAG L . -47.76 21.82 -7.07
O6 NAG L . -50.71 21.16 -8.31
O7 NAG L . -43.68 25.44 -8.77
C1 NAG M . -7.39 -16.58 -87.35
C2 NAG M . -8.74 -15.89 -87.44
C3 NAG M . -9.86 -16.92 -87.56
C4 NAG M . -9.58 -17.89 -88.71
C5 NAG M . -8.19 -18.48 -88.57
C6 NAG M . -7.80 -19.32 -89.76
C7 NAG M . -8.40 -13.82 -86.16
C8 NAG M . -8.73 -13.08 -84.91
N2 NAG M . -8.97 -15.03 -86.30
O3 NAG M . -11.10 -16.26 -87.75
O4 NAG M . -10.53 -18.94 -88.71
O5 NAG M . -7.21 -17.44 -88.47
O6 NAG M . -7.57 -18.47 -90.88
O7 NAG M . -7.65 -13.36 -87.02
C1 NAG M . -11.52 -18.71 -89.73
C2 NAG M . -11.86 -20.03 -90.43
C3 NAG M . -12.98 -19.82 -91.44
C4 NAG M . -14.18 -19.16 -90.78
C5 NAG M . -13.75 -17.87 -90.09
C6 NAG M . -14.86 -17.21 -89.31
C7 NAG M . -10.28 -21.86 -90.88
C8 NAG M . -9.06 -22.28 -91.63
N2 NAG M . -10.69 -20.60 -91.08
O3 NAG M . -13.35 -21.07 -92.01
O4 NAG M . -15.18 -18.88 -91.75
O5 NAG M . -12.70 -18.15 -89.15
O6 NAG M . -14.63 -17.29 -87.91
O7 NAG M . -10.87 -22.62 -90.11
C1 FUC M . -6.96 -19.20 -91.96
C2 FUC M . -6.88 -18.21 -93.12
C3 FUC M . -5.88 -17.10 -92.80
C4 FUC M . -4.52 -17.69 -92.47
C5 FUC M . -4.64 -18.70 -91.34
C6 FUC M . -3.37 -19.48 -91.09
O2 FUC M . -8.15 -17.67 -93.44
O3 FUC M . -5.72 -16.25 -93.93
O4 FUC M . -4.01 -18.34 -93.63
O5 FUC M . -5.68 -19.68 -91.60
C1 NAG N . 17.62 5.81 -69.83
C2 NAG N . 17.85 6.68 -71.06
C3 NAG N . 19.24 7.33 -71.03
C4 NAG N . 19.48 8.02 -69.69
C5 NAG N . 19.12 7.11 -68.52
C6 NAG N . 19.14 7.83 -67.19
C7 NAG N . 18.24 4.95 -72.86
C8 NAG N . 19.37 4.35 -72.08
N2 NAG N . 17.59 6.01 -72.33
O3 NAG N . 19.34 8.27 -72.09
O4 NAG N . 20.86 8.34 -69.60
O5 NAG N . 17.80 6.58 -68.67
O6 NAG N . 18.00 8.65 -67.04
O7 NAG N . 17.90 4.49 -73.95
C1 NAG N . 21.03 9.76 -69.51
C2 NAG N . 22.53 10.01 -69.37
C3 NAG N . 22.82 11.50 -69.30
C4 NAG N . 22.17 12.22 -70.47
C5 NAG N . 20.69 11.86 -70.58
C6 NAG N . 20.04 12.42 -71.82
C7 NAG N . 22.71 9.53 -66.94
C8 NAG N . 23.41 8.70 -65.91
N2 NAG N . 23.09 9.32 -68.21
O3 NAG N . 24.22 11.72 -69.31
O4 NAG N . 22.30 13.63 -70.32
O5 NAG N . 20.54 10.44 -70.65
O6 NAG N . 20.01 11.46 -72.87
O7 NAG N . 21.85 10.35 -66.65
C1 NAG O . 34.79 8.06 -56.01
C2 NAG O . 35.87 8.35 -57.05
C3 NAG O . 36.90 9.32 -56.48
C4 NAG O . 36.23 10.57 -55.91
C5 NAG O . 35.11 10.16 -54.94
C6 NAG O . 34.30 11.34 -54.45
C7 NAG O . 36.77 6.84 -58.76
C8 NAG O . 37.46 5.53 -59.01
N2 NAG O . 36.53 7.12 -57.47
O3 NAG O . 37.82 9.70 -57.50
O4 NAG O . 37.20 11.35 -55.23
O5 NAG O . 34.20 9.28 -55.59
O6 NAG O . 33.83 12.13 -55.54
O7 NAG O . 36.45 7.59 -59.66
C1 NAG O . 37.14 12.71 -55.72
C2 NAG O . 37.61 13.63 -54.60
C3 NAG O . 37.54 15.08 -55.06
C4 NAG O . 38.32 15.25 -56.36
C5 NAG O . 37.88 14.22 -57.41
C6 NAG O . 38.73 14.25 -58.64
C7 NAG O . 37.28 12.76 -52.33
C8 NAG O . 36.34 12.65 -51.17
N2 NAG O . 36.83 13.43 -53.39
O3 NAG O . 38.07 15.93 -54.05
O4 NAG O . 38.11 16.56 -56.87
O5 NAG O . 37.97 12.89 -56.87
O6 NAG O . 39.42 13.01 -58.81
O7 NAG O . 38.40 12.25 -52.31
C1 NAG P . 7.63 -40.22 26.34
C2 NAG P . 8.83 -41.08 26.00
C3 NAG P . 8.37 -42.38 25.33
C4 NAG P . 7.26 -43.06 26.13
C5 NAG P . 6.18 -42.06 26.53
C6 NAG P . 5.18 -42.65 27.49
C7 NAG P . 10.51 -39.35 25.53
C8 NAG P . 11.40 -38.74 24.49
N2 NAG P . 9.74 -40.37 25.12
O3 NAG P . 9.48 -43.25 25.21
O4 NAG P . 6.64 -44.02 25.28
O5 NAG P . 6.76 -40.93 27.18
O6 NAG P . 4.48 -43.74 26.92
O7 NAG P . 10.49 -38.95 26.68
C1 NAG P . 6.97 -45.36 25.64
C2 NAG P . 5.82 -46.19 25.07
C3 NAG P . 6.33 -47.42 24.31
C4 NAG P . 7.53 -48.10 24.97
C5 NAG P . 8.53 -47.09 25.52
C6 NAG P . 9.94 -47.36 25.04
C7 NAG P . 5.11 -47.08 27.30
C8 NAG P . 3.91 -47.37 28.16
N2 NAG P . 4.83 -46.55 26.09
O3 NAG P . 6.68 -47.03 22.99
O4 NAG P . 7.08 -48.95 26.04
O5 NAG P . 8.17 -45.78 25.07
O6 NAG P . 10.45 -48.57 25.59
O7 NAG P . 6.24 -47.32 27.67
C1 NAG Q . 1.97 -35.86 50.36
C2 NAG Q . 1.96 -36.03 48.85
C3 NAG Q . 0.53 -36.21 48.35
C4 NAG Q . -0.15 -37.36 49.09
C5 NAG Q . 0.01 -37.20 50.61
C6 NAG Q . -0.48 -38.41 51.39
C7 NAG Q . 2.23 -33.64 48.29
C8 NAG Q . 3.05 -32.65 47.51
N2 NAG Q . 2.61 -34.92 48.18
O3 NAG Q . 0.56 -36.45 46.96
O4 NAG Q . -1.54 -37.38 48.79
O5 NAG Q . 1.38 -37.00 50.97
O6 NAG Q . -1.32 -39.26 50.61
O7 NAG Q . 1.27 -33.29 48.97
C1 NAG Q . -1.83 -38.33 47.73
C2 NAG Q . -2.40 -37.55 46.55
C3 NAG Q . -2.67 -38.49 45.37
C4 NAG Q . -1.43 -39.29 45.03
C5 NAG Q . -0.90 -40.00 46.28
C6 NAG Q . 0.40 -40.73 46.04
C7 NAG Q . -3.61 -35.63 47.49
C8 NAG Q . -4.96 -35.06 47.82
N2 NAG Q . -3.61 -36.84 46.92
O3 NAG Q . -3.10 -37.75 44.25
O4 NAG Q . -1.73 -40.26 44.03
O5 NAG Q . -0.65 -39.03 47.31
O6 NAG Q . 0.59 -41.00 44.65
O7 NAG Q . -2.57 -35.04 47.75
C1 NAG R . -12.04 -30.19 -62.12
C2 NAG R . -12.84 -30.77 -63.27
C3 NAG R . -14.03 -29.87 -63.58
C4 NAG R . -14.84 -29.60 -62.33
C5 NAG R . -13.95 -29.14 -61.19
C6 NAG R . -14.66 -29.05 -59.86
C7 NAG R . -11.80 -32.12 -65.04
C8 NAG R . -10.92 -32.11 -66.24
N2 NAG R . -12.01 -30.93 -64.46
O3 NAG R . -14.84 -30.46 -64.58
O4 NAG R . -15.80 -28.59 -62.63
O5 NAG R . -12.87 -30.06 -61.00
O6 NAG R . -15.41 -27.85 -59.74
O7 NAG R . -12.31 -33.15 -64.61
C1 NAG R . -17.13 -28.96 -62.21
C2 NAG R . -18.13 -28.11 -62.98
C3 NAG R . -19.54 -28.45 -62.53
C4 NAG R . -19.80 -29.94 -62.62
C5 NAG R . -18.67 -30.75 -61.98
C6 NAG R . -18.78 -32.23 -62.26
C7 NAG R . -17.41 -25.92 -63.80
C8 NAG R . -17.18 -24.48 -63.46
N2 NAG R . -17.85 -26.70 -62.80
O3 NAG R . -20.47 -27.74 -63.34
O4 NAG R . -21.01 -30.25 -61.95
O5 NAG R . -17.39 -30.34 -62.45
O6 NAG R . -17.83 -32.63 -63.25
O7 NAG R . -17.22 -26.36 -64.93
C1 BMA R . -22.04 -30.56 -62.91
C2 BMA R . -23.29 -31.03 -62.12
C3 BMA R . -24.47 -31.22 -63.06
C4 BMA R . -24.64 -30.03 -64.02
C5 BMA R . -23.32 -29.72 -64.73
C6 BMA R . -23.42 -28.52 -65.64
O2 BMA R . -23.67 -30.05 -61.18
O3 BMA R . -25.67 -31.41 -62.32
O4 BMA R . -25.62 -30.34 -65.00
O5 BMA R . -22.35 -29.44 -63.72
O6 BMA R . -24.71 -28.51 -66.22
C1 NAG S . -20.67 -10.33 -60.15
C2 NAG S . -21.67 -10.52 -61.29
C3 NAG S . -22.95 -9.72 -61.01
C4 NAG S . -23.49 -10.04 -59.63
C5 NAG S . -22.39 -9.88 -58.58
C6 NAG S . -22.83 -10.30 -57.20
C7 NAG S . -20.63 -8.90 -62.84
C8 NAG S . -20.07 -8.71 -64.22
N2 NAG S . -21.09 -10.13 -62.56
O3 NAG S . -23.91 -10.04 -62.00
O4 NAG S . -24.58 -9.17 -59.32
O5 NAG S . -21.28 -10.70 -58.93
O6 NAG S . -21.79 -10.10 -56.24
O7 NAG S . -20.66 -7.99 -62.03
C1 NAG S . -25.79 -9.93 -59.44
C2 NAG S . -26.74 -9.53 -58.31
C3 NAG S . -28.04 -10.32 -58.42
C4 NAG S . -28.65 -10.12 -59.80
C5 NAG S . -27.64 -10.45 -60.89
C6 NAG S . -28.15 -10.13 -62.27
C7 NAG S . -25.96 -8.70 -56.15
C8 NAG S . -25.33 -9.05 -54.83
N2 NAG S . -26.14 -9.70 -57.00
O3 NAG S . -28.94 -9.90 -57.40
O4 NAG S . -29.79 -10.95 -59.95
O5 NAG S . -26.43 -9.70 -60.70
O6 NAG S . -29.12 -9.09 -62.24
O7 NAG S . -26.30 -7.55 -56.41
C1 NAG T . 18.14 -51.78 -70.65
C2 NAG T . 17.95 -53.15 -70.00
C3 NAG T . 19.32 -53.77 -69.68
C4 NAG T . 20.21 -53.78 -70.92
C5 NAG T . 20.26 -52.40 -71.55
C6 NAG T . 20.97 -52.38 -72.88
C7 NAG T . 15.81 -53.07 -68.82
C8 NAG T . 15.12 -52.97 -67.49
N2 NAG T . 17.15 -53.06 -68.80
O3 NAG T . 19.14 -55.09 -69.20
O4 NAG T . 21.53 -54.16 -70.56
O5 NAG T . 18.94 -51.91 -71.80
O6 NAG T . 20.02 -52.26 -73.94
O7 NAG T . 15.18 -53.15 -69.86
C1 NAG T . 21.85 -55.46 -71.08
C2 NAG T . 23.38 -55.53 -71.20
C3 NAG T . 23.81 -56.93 -71.64
C4 NAG T . 23.21 -58.00 -70.75
C5 NAG T . 21.70 -57.83 -70.68
C6 NAG T . 21.03 -58.79 -69.73
C7 NAG T . 23.58 -54.43 -73.40
C8 NAG T . 24.23 -53.31 -74.16
N2 NAG T . 23.90 -54.52 -72.10
O3 NAG T . 25.23 -57.01 -71.60
O4 NAG T . 23.51 -59.29 -71.25
O5 NAG T . 21.38 -56.51 -70.22
O6 NAG T . 20.98 -58.27 -68.41
O7 NAG T . 22.80 -55.22 -73.94
C1 FUC T . 20.51 -52.99 -75.08
C2 FUC T . 19.28 -53.63 -75.76
C3 FUC T . 18.37 -52.54 -76.37
C4 FUC T . 19.19 -51.62 -77.27
C5 FUC T . 20.37 -51.06 -76.48
C6 FUC T . 21.29 -50.20 -77.34
O2 FUC T . 18.55 -54.48 -74.89
O3 FUC T . 17.35 -53.14 -77.16
O4 FUC T . 19.66 -52.35 -78.39
O5 FUC T . 21.17 -52.12 -75.96
C1 NAG U . 48.76 -13.83 14.18
C2 NAG U . 49.47 -13.37 12.92
C3 NAG U . 50.92 -13.02 13.21
C4 NAG U . 51.01 -12.01 14.34
C5 NAG U . 50.25 -12.53 15.56
C6 NAG U . 50.19 -11.52 16.68
C7 NAG U . 48.77 -14.19 10.71
C8 NAG U . 48.78 -15.34 9.76
N2 NAG U . 49.39 -14.39 11.88
O3 NAG U . 51.51 -12.47 12.04
O4 NAG U . 52.37 -11.79 14.70
O5 NAG U . 48.90 -12.83 15.20
O6 NAG U . 51.08 -10.43 16.44
O7 NAG U . 48.21 -13.13 10.45
C1 NAG V . 33.35 -34.17 41.85
C2 NAG V . 33.56 -34.55 43.31
C3 NAG V . 32.23 -34.84 43.99
C4 NAG V . 31.29 -33.66 43.82
C5 NAG V . 31.14 -33.32 42.34
C6 NAG V . 30.29 -32.10 42.11
C7 NAG V . 34.23 -36.90 42.93
C8 NAG V . 35.30 -37.92 43.18
N2 NAG V . 34.47 -35.68 43.43
O3 NAG V . 32.45 -35.10 45.37
O4 NAG V . 30.01 -33.96 44.36
O5 NAG V . 32.42 -33.06 41.77
O6 NAG V . 29.50 -31.79 43.26
O7 NAG V . 33.20 -37.17 42.33
C1 NAG W . 24.68 -7.04 31.63
C2 NAG W . 24.30 -6.56 33.03
C3 NAG W . 23.01 -5.76 32.98
C4 NAG W . 23.10 -4.64 31.96
C5 NAG W . 23.52 -5.20 30.61
C6 NAG W . 23.74 -4.14 29.56
C7 NAG W . 25.23 -8.20 34.61
C8 NAG W . 24.92 -9.34 35.52
N2 NAG W . 24.18 -7.68 33.95
O3 NAG W . 22.76 -5.21 34.27
O4 NAG W . 21.84 -4.00 31.82
O5 NAG W . 24.76 -5.91 30.74
O6 NAG W . 22.91 -3.00 29.80
O7 NAG W . 26.36 -7.75 34.47
C1 NAG X . 35.69 34.18 11.40
C2 NAG X . 37.01 33.83 10.73
C3 NAG X . 37.30 34.79 9.58
C4 NAG X . 36.11 34.83 8.62
C5 NAG X . 34.82 35.12 9.37
C6 NAG X . 33.60 35.02 8.49
C7 NAG X . 38.37 32.80 12.50
C8 NAG X . 39.55 32.97 13.41
N2 NAG X . 38.11 33.82 11.69
O3 NAG X . 38.47 34.39 8.90
O4 NAG X . 36.32 35.85 7.64
O5 NAG X . 34.64 34.18 10.43
O6 NAG X . 33.87 34.26 7.33
O7 NAG X . 37.69 31.78 12.50
C1 NAG Y . 18.19 30.97 34.23
C2 NAG Y . 19.69 31.09 34.07
C3 NAG Y . 20.34 29.71 34.10
C4 NAG Y . 19.91 28.95 35.35
C5 NAG Y . 18.39 28.95 35.48
C6 NAG Y . 17.91 28.35 36.78
C7 NAG Y . 21.21 32.40 32.62
C8 NAG Y . 21.38 33.05 31.29
N2 NAG Y . 20.03 31.78 32.83
O3 NAG Y . 21.76 29.84 34.08
O4 NAG Y . 20.37 27.61 35.27
O5 NAG Y . 17.89 30.29 35.44
O6 NAG Y . 18.14 29.22 37.87
O7 NAG Y . 22.09 32.41 33.47
C1 NAG Z . 35.50 -31.03 -14.77
C2 NAG Z . 35.67 -32.13 -13.71
C3 NAG Z . 35.90 -33.48 -14.39
C4 NAG Z . 34.81 -33.76 -15.41
C5 NAG Z . 34.71 -32.60 -16.39
C6 NAG Z . 33.60 -32.74 -17.39
C7 NAG Z . 36.71 -30.88 -11.86
C8 NAG Z . 37.94 -30.72 -11.02
N2 NAG Z . 36.77 -31.83 -12.81
O3 NAG Z . 35.92 -34.51 -13.41
O4 NAG Z . 35.10 -34.96 -16.13
O5 NAG Z . 34.45 -31.39 -15.67
O6 NAG Z . 33.85 -31.98 -18.56
O7 NAG Z . 35.71 -30.20 -11.69
C1 NAG AA . 44.46 8.77 -12.65
C2 NAG AA . 44.91 8.74 -14.10
C3 NAG AA . 46.34 9.26 -14.21
C4 NAG AA . 46.44 10.65 -13.60
C5 NAG AA . 45.93 10.64 -12.17
C6 NAG AA . 45.86 12.01 -11.55
C7 NAG AA . 43.82 7.07 -15.50
C8 NAG AA . 43.84 5.66 -16.01
N2 NAG AA . 44.81 7.41 -14.67
O3 NAG AA . 46.73 9.29 -15.58
O4 NAG AA . 47.79 11.10 -13.62
O5 NAG AA . 44.59 10.10 -12.13
O6 NAG AA . 45.34 12.95 -12.47
O7 NAG AA . 42.94 7.86 -15.83
C1 NAG BA . 52.50 -6.18 -25.14
C2 NAG BA . 53.92 -6.60 -24.75
C3 NAG BA . 54.57 -5.52 -23.87
C4 NAG BA . 54.47 -4.16 -24.54
C5 NAG BA . 53.03 -3.86 -24.93
C6 NAG BA . 52.87 -2.58 -25.70
C7 NAG BA . 53.95 -9.06 -24.67
C8 NAG BA . 53.93 -10.26 -23.79
N2 NAG BA . 53.91 -7.87 -24.05
O3 NAG BA . 55.94 -5.85 -23.65
O4 NAG BA . 54.93 -3.15 -23.64
O5 NAG BA . 52.54 -4.91 -25.77
O6 NAG BA . 51.55 -2.42 -26.21
O7 NAG BA . 54.00 -9.15 -25.89
C1 NAG CA . 40.94 -6.37 -66.57
C2 NAG CA . 40.93 -5.07 -67.37
C3 NAG CA . 42.12 -5.02 -68.33
C4 NAG CA . 43.41 -5.28 -67.58
C5 NAG CA . 43.31 -6.56 -66.75
C6 NAG CA . 44.51 -6.78 -65.86
C7 NAG CA . 39.18 -5.79 -68.97
C8 NAG CA . 37.89 -5.42 -69.61
N2 NAG CA . 39.68 -4.90 -68.10
O3 NAG CA . 42.16 -3.74 -68.95
O4 NAG CA . 44.49 -5.40 -68.50
O5 NAG CA . 42.17 -6.49 -65.88
O6 NAG CA . 44.88 -5.59 -65.17
O7 NAG CA . 39.76 -6.84 -69.24
C1 NAG DA . 43.64 -19.34 -57.33
C2 NAG DA . 44.50 -18.10 -57.10
C3 NAG DA . 45.21 -18.17 -55.75
C4 NAG DA . 44.20 -18.44 -54.64
C5 NAG DA . 43.36 -19.66 -54.97
C6 NAG DA . 42.27 -19.93 -53.96
C7 NAG DA . 46.12 -16.82 -58.45
C8 NAG DA . 47.09 -16.85 -59.58
N2 NAG DA . 45.48 -17.97 -58.18
O3 NAG DA . 45.90 -16.96 -55.49
O4 NAG DA . 44.88 -18.65 -53.41
O5 NAG DA . 42.72 -19.48 -56.23
O6 NAG DA . 42.21 -21.30 -53.60
O7 NAG DA . 45.92 -15.79 -57.80
C1 NAG EA . -11.92 -6.75 -75.08
C2 NAG EA . -12.16 -7.87 -76.08
C3 NAG EA . -12.89 -7.34 -77.30
C4 NAG EA . -14.16 -6.59 -76.88
C5 NAG EA . -13.83 -5.54 -75.83
C6 NAG EA . -15.05 -4.85 -75.29
C7 NAG EA . -10.32 -9.48 -75.80
C8 NAG EA . -9.03 -9.99 -76.36
N2 NAG EA . -10.90 -8.49 -76.48
O3 NAG EA . -13.23 -8.42 -78.15
O4 NAG EA . -14.75 -5.97 -78.02
O5 NAG EA . -13.16 -6.15 -74.72
O6 NAG EA . -16.20 -5.13 -76.07
O7 NAG EA . -10.83 -9.95 -74.79
C1 NAG FA . -3.10 48.66 -19.75
C2 NAG FA . -3.77 49.97 -19.32
C3 NAG FA . -4.64 50.51 -20.45
C4 NAG FA . -3.84 50.60 -21.74
C5 NAG FA . -3.19 49.26 -22.06
C6 NAG FA . -2.28 49.31 -23.27
C7 NAG FA . -5.01 50.78 -17.35
C8 NAG FA . -5.80 50.39 -16.15
N2 NAG FA . -4.56 49.78 -18.11
O3 NAG FA . -5.12 51.79 -20.10
O4 NAG FA . -4.70 50.97 -22.81
O5 NAG FA . -2.37 48.86 -20.95
O6 NAG FA . -2.09 48.01 -23.82
O7 NAG FA . -4.78 51.95 -17.63
C1 NAG GA . 21.64 60.81 6.59
C2 NAG GA . 22.35 61.78 7.58
C3 NAG GA . 23.26 61.03 8.55
C4 NAG GA . 22.52 59.89 9.21
C5 NAG GA . 21.90 58.99 8.15
C6 NAG GA . 21.08 57.85 8.73
C7 NAG GA . 24.09 62.85 6.08
C8 NAG GA . 24.68 61.51 5.73
N2 NAG GA . 23.04 62.89 6.91
O3 NAG GA . 23.75 61.94 9.54
O4 NAG GA . 23.41 59.12 10.01
O5 NAG GA . 21.01 59.76 7.34
O6 NAG GA . 20.70 58.13 10.06
O7 NAG GA . 24.56 63.88 5.61
C1 NAG HA . -2.06 43.97 8.25
C2 NAG HA . -3.05 43.78 9.40
C3 NAG HA . -4.48 43.76 8.87
C4 NAG HA . -4.76 45.01 8.05
C5 NAG HA . -3.72 45.14 6.94
C6 NAG HA . -3.88 46.40 6.13
C7 NAG HA . -2.79 41.34 9.66
C8 NAG HA . -2.46 40.23 10.62
N2 NAG HA . -2.76 42.58 10.17
O3 NAG HA . -5.39 43.69 9.97
O4 NAG HA . -6.06 44.94 7.48
O5 NAG HA . -2.40 45.17 7.51
O6 NAG HA . -5.20 46.92 6.26
O7 NAG HA . -3.09 41.11 8.49
C1 NAG IA . 32.12 35.06 -18.09
C2 NAG IA . 31.79 35.13 -19.58
C3 NAG IA . 33.04 35.49 -20.37
C4 NAG IA . 33.65 36.78 -19.85
C5 NAG IA . 33.90 36.67 -18.34
C6 NAG IA . 34.37 37.98 -17.74
C7 NAG IA . 29.92 33.64 -20.06
C8 NAG IA . 29.51 32.30 -20.59
N2 NAG IA . 31.23 33.88 -20.06
O3 NAG IA . 32.70 35.63 -21.75
O4 NAG IA . 34.87 37.06 -20.51
O5 NAG IA . 32.70 36.30 -17.67
O6 NAG IA . 33.91 39.09 -18.49
O7 NAG IA . 29.10 34.44 -19.63
C1 NAG JA . -48.96 32.31 16.30
C2 NAG JA . -47.62 31.99 15.63
C3 NAG JA . -47.08 33.24 14.94
C4 NAG JA . -48.12 33.83 14.00
C5 NAG JA . -49.42 34.06 14.75
C6 NAG JA . -50.54 34.55 13.86
C7 NAG JA . -46.42 30.17 16.75
C8 NAG JA . -45.40 29.81 17.79
N2 NAG JA . -46.66 31.48 16.59
O3 NAG JA . -45.90 32.90 14.21
O4 NAG JA . -47.65 35.06 13.46
O5 NAG JA . -49.87 32.84 15.34
O6 NAG JA . -50.72 35.95 13.97
O7 NAG JA . -47.00 29.31 16.08
C1 NAG KA . 17.30 28.07 -36.66
C2 NAG KA . 18.19 27.49 -37.76
C3 NAG KA . 19.63 27.37 -37.25
C4 NAG KA . 20.12 28.72 -36.75
C5 NAG KA . 19.15 29.31 -35.73
C6 NAG KA . 19.50 30.72 -35.33
C7 NAG KA . 16.92 26.06 -39.28
C8 NAG KA . 16.49 24.67 -39.61
N2 NAG KA . 17.70 26.20 -38.20
O3 NAG KA . 20.46 26.88 -38.29
O4 NAG KA . 21.40 28.59 -36.16
O5 NAG KA . 17.82 29.36 -36.27
O6 NAG KA . 20.86 31.02 -35.61
O7 NAG KA . 16.56 27.03 -39.96
C1 NAG LA . -22.51 23.38 -29.95
C2 NAG LA . -23.27 22.30 -30.73
C3 NAG LA . -24.53 22.88 -31.37
C4 NAG LA . -25.38 23.58 -30.32
C5 NAG LA . -24.54 24.64 -29.62
C6 NAG LA . -25.30 25.34 -28.51
C7 NAG LA . -21.46 20.81 -31.47
C8 NAG LA . -20.69 20.29 -32.63
N2 NAG LA . -22.42 21.69 -31.74
O3 NAG LA . -25.28 21.84 -31.99
O4 NAG LA . -26.52 24.18 -30.93
O5 NAG LA . -23.40 24.03 -29.03
O6 NAG LA . -24.61 25.26 -27.27
O7 NAG LA . -21.22 20.44 -30.31
C1 NAG MA . -14.17 26.60 -49.55
C2 NAG MA . -15.46 26.02 -50.15
C3 NAG MA . -16.66 26.77 -49.62
C4 NAG MA . -16.66 26.80 -48.10
C5 NAG MA . -15.32 27.33 -47.57
C6 NAG MA . -15.20 27.24 -46.08
C7 NAG MA . -15.24 27.12 -52.35
C8 NAG MA . -15.25 26.90 -53.84
N2 NAG MA . -15.42 26.02 -51.60
O3 NAG MA . -17.86 26.17 -50.09
O4 NAG MA . -17.71 27.63 -47.62
O5 NAG MA . -14.25 26.56 -48.13
O6 NAG MA . -13.83 27.24 -45.68
O7 NAG MA . -15.09 28.24 -51.87
C1 NAG NA . -1.45 5.47 -72.73
C2 NAG NA . -2.95 5.63 -72.56
C3 NAG NA . -3.25 6.83 -71.67
C4 NAG NA . -2.50 6.70 -70.36
C5 NAG NA . -1.02 6.49 -70.61
C6 NAG NA . -0.22 6.26 -69.36
C7 NAG NA . -4.92 5.56 -74.03
C8 NAG NA . -5.43 5.75 -75.43
N2 NAG NA . -3.61 5.77 -73.84
O3 NAG NA . -4.65 6.92 -71.43
O4 NAG NA . -2.69 7.88 -69.58
O5 NAG NA . -0.83 5.34 -71.44
O6 NAG NA . 0.62 7.37 -69.05
O7 NAG NA . -5.66 5.24 -73.10
C1 NAG OA . 6.77 -1.69 -85.36
C2 NAG OA . 7.57 -0.44 -85.73
C3 NAG OA . 8.06 -0.52 -87.17
C4 NAG OA . 8.86 -1.80 -87.37
C5 NAG OA . 8.05 -3.01 -86.93
C6 NAG OA . 8.85 -4.29 -86.97
C7 NAG OA . 5.67 1.09 -86.16
C8 NAG OA . 5.03 2.39 -85.77
N2 NAG OA . 6.80 0.78 -85.51
O3 NAG OA . 8.86 0.61 -87.47
O4 NAG OA . 9.20 -1.94 -88.74
O5 NAG OA . 7.60 -2.85 -85.58
O6 NAG OA . 10.19 -4.05 -87.37
O7 NAG OA . 5.17 0.36 -87.01
C1 NAG PA . -36.37 -28.45 2.82
C2 NAG PA . -37.63 -29.19 3.29
C3 NAG PA . -37.66 -30.62 2.74
C4 NAG PA . -37.44 -30.62 1.23
C5 NAG PA . -36.16 -29.85 0.88
C6 NAG PA . -35.95 -29.72 -0.60
C7 NAG PA . -36.85 -29.75 5.57
C8 NAG PA . -37.15 -29.65 7.02
N2 NAG PA . -37.74 -29.19 4.74
O3 NAG PA . -38.92 -31.19 3.04
O4 NAG PA . -37.32 -31.95 0.77
O5 NAG PA . -36.26 -28.52 1.41
O6 NAG PA . -36.97 -28.94 -1.21
O7 NAG PA . -35.84 -30.31 5.14
C1 NAG QA . -58.55 1.14 13.26
C2 NAG QA . -59.84 1.91 13.54
C3 NAG QA . -59.54 3.39 13.70
C4 NAG QA . -58.50 3.59 14.79
C5 NAG QA . -57.25 2.72 14.53
C6 NAG QA . -56.27 2.74 15.68
C7 NAG QA . -61.65 0.66 12.46
C8 NAG QA . -62.60 0.60 11.30
N2 NAG QA . -60.81 1.70 12.48
O3 NAG QA . -60.73 4.08 14.04
O4 NAG QA . -58.09 4.96 14.83
O5 NAG QA . -57.63 1.36 14.34
O6 NAG QA . -56.72 1.90 16.74
O7 NAG QA . -61.65 -0.19 13.34
C1 NAG RA . -43.09 3.66 30.01
C2 NAG RA . -41.86 4.26 30.67
C3 NAG RA . -41.80 3.86 32.13
C4 NAG RA . -43.11 4.20 32.83
C5 NAG RA . -44.30 3.67 32.05
C6 NAG RA . -45.63 4.15 32.61
C7 NAG RA . -39.72 4.73 29.54
C8 NAG RA . -38.53 4.15 28.85
N2 NAG RA . -40.64 3.87 29.97
O3 NAG RA . -40.71 4.51 32.76
O4 NAG RA . -43.12 3.65 34.13
O5 NAG RA . -44.26 4.11 30.69
O6 NAG RA . -45.47 5.36 33.31
O7 NAG RA . -39.85 5.94 29.71
C1 NAG SA . -30.25 -6.00 19.92
C2 NAG SA . -29.15 -5.35 20.77
C3 NAG SA . -28.01 -6.34 21.02
C4 NAG SA . -28.56 -7.63 21.61
C5 NAG SA . -29.63 -8.20 20.71
C6 NAG SA . -30.29 -9.44 21.25
C7 NAG SA . -29.22 -2.96 20.22
C8 NAG SA . -28.55 -1.84 19.50
N2 NAG SA . -28.64 -4.16 20.12
O3 NAG SA . -27.07 -5.76 21.90
O4 NAG SA . -27.50 -8.59 21.76
O5 NAG SA . -30.67 -7.23 20.53
O6 NAG SA . -31.30 -9.93 20.37
O7 NAG SA . -30.25 -2.79 20.87
C1 NAG TA . -41.65 0.03 -20.53
C2 NAG TA . -42.00 -1.41 -20.87
C3 NAG TA . -42.97 -1.47 -22.06
C4 NAG TA . -44.18 -0.58 -21.80
C5 NAG TA . -43.71 0.83 -21.46
C6 NAG TA . -44.86 1.75 -21.11
C7 NAG TA . -39.96 -1.96 -22.16
C8 NAG TA . -38.81 -2.92 -22.29
N2 NAG TA . -40.81 -2.21 -21.15
O3 NAG TA . -43.39 -2.82 -22.26
O4 NAG TA . -45.01 -0.54 -22.95
O5 NAG TA . -42.85 0.79 -20.33
O6 NAG TA . -45.95 1.60 -22.00
O7 NAG TA . -40.12 -1.02 -22.93
C1 NAG UA . -29.33 -21.02 -30.01
C2 NAG UA . -29.79 -22.09 -30.98
C3 NAG UA . -30.71 -21.47 -32.03
C4 NAG UA . -31.87 -20.76 -31.34
C5 NAG UA . -31.35 -19.76 -30.29
C6 NAG UA . -32.44 -19.16 -29.45
C7 NAG UA . -28.44 -24.06 -31.54
C8 NAG UA . -27.23 -24.57 -32.24
N2 NAG UA . -28.66 -22.74 -31.62
O3 NAG UA . -31.21 -22.48 -32.88
O4 NAG UA . -32.64 -20.06 -32.30
O5 NAG UA . -30.45 -20.42 -29.38
O6 NAG UA . -32.32 -19.53 -28.08
O7 NAG UA . -29.20 -24.81 -30.92
C1 NAG VA . -5.93 -41.52 -4.05
C2 NAG VA . -4.48 -41.86 -4.42
C3 NAG VA . -4.23 -43.36 -4.26
C4 NAG VA . -4.62 -43.82 -2.87
C5 NAG VA . -6.08 -43.46 -2.60
C6 NAG VA . -6.54 -43.82 -1.22
C7 NAG VA . -3.25 -40.55 -6.08
C8 NAG VA . -3.07 -40.25 -7.54
N2 NAG VA . -4.18 -41.45 -5.79
O3 NAG VA . -2.85 -43.63 -4.49
O4 NAG VA . -4.46 -45.23 -2.74
O5 NAG VA . -6.23 -42.04 -2.74
O6 NAG VA . -6.38 -45.21 -0.95
O7 NAG VA . -2.57 -39.99 -5.22
C1 NAG WA . 12.52 -50.78 -55.73
C2 NAG WA . 13.49 -50.91 -56.89
C3 NAG WA . 13.32 -52.25 -57.58
C4 NAG WA . 13.43 -53.38 -56.57
C5 NAG WA . 12.48 -53.15 -55.39
C6 NAG WA . 12.66 -54.16 -54.30
C7 NAG WA . 14.11 -48.74 -57.85
C8 NAG WA . 13.81 -47.71 -58.89
N2 NAG WA . 13.32 -49.82 -57.84
O3 NAG WA . 14.30 -52.40 -58.60
O4 NAG WA . 13.13 -54.63 -57.18
O5 NAG WA . 12.72 -51.86 -54.81
O6 NAG WA . 13.62 -55.16 -54.66
O7 NAG WA . 15.04 -48.59 -57.05
C1 NAG XA . -1.48 -44.99 -71.40
C2 NAG XA . -2.94 -45.37 -71.57
C3 NAG XA . -3.17 -45.93 -72.97
C4 NAG XA . -2.71 -44.92 -74.01
C5 NAG XA . -1.27 -44.49 -73.75
C6 NAG XA . -0.83 -43.36 -74.64
C7 NAG XA . -2.86 -47.53 -70.36
C8 NAG XA . -3.45 -48.33 -69.24
N2 NAG XA . -3.37 -46.31 -70.54
O3 NAG XA . -4.56 -46.19 -73.14
O4 NAG XA . -2.78 -45.50 -75.31
O5 NAG XA . -1.12 -44.02 -72.39
O6 NAG XA . -1.71 -42.25 -74.53
O7 NAG XA . -1.95 -47.96 -71.06
#